data_8D1X
#
_entry.id   8D1X
#
_cell.length_a   96.610
_cell.length_b   93.250
_cell.length_c   179.470
_cell.angle_alpha   90.000
_cell.angle_beta   101.324
_cell.angle_gamma   90.000
#
_symmetry.space_group_name_H-M   'P 1 21 1'
#
loop_
_entity.id
_entity.type
_entity.pdbx_description
1 polymer 'Probable cytosol aminopeptidase'
2 non-polymer 'MANGANESE (II) ION'
3 non-polymer 'CHLORIDE ION'
4 non-polymer 'D(-)-TARTARIC ACID'
5 non-polymer 'ACETATE ION'
6 water water
#
_entity_poly.entity_id   1
_entity_poly.type   'polypeptide(L)'
_entity_poly.pdbx_seq_one_letter_code
;MAHHHHHHMEFSTKTEILQEQQAGAQLFVCADKAPEHNTAAHALFSALEEGQNFSDTKIPTDNGLQAVAVVRLEKTDRAA
LNKAAAEAAKWAQNQETVNVDVHAFDEAQAAAVAEAFAIAFGNAAYRFDRYKKEAKPAKFSQAVFHSAHEAAVKEALRVA
EAQVYGQSLCRDLGNAAPNECTPEFLARTAKAEAEKLGAHAKIIEKDYIKENMGSFWSVAKGSVEDPYLVELSYFGAADK
EAAPVVLVGKGITFDTGGISLKPGLNMDEMKFDMCGAATVISTFCAAVKLQLPINLIAIVATCENMPSGAANKPGDVVKS
MKGLTIEVLNTDAEGRLILCDALTYAEQFKPKAVIDVATLTGACIVALGHDVSGVMGNNQDLIDSLLAASYNVDDKAWQL
PLFETYKDQLKSNFADIPNIGTPGAGTITAATFLSYFTEGYPWAHLDIAGTAWKSGAEKGATGRPVPLLMNYLRNL
;
_entity_poly.pdbx_strand_id   A,B,C,D,E,F
#
# COMPACT_ATOMS: atom_id res chain seq x y z
N MET A 9 -39.49 1.88 28.34
CA MET A 9 -39.77 0.54 28.85
C MET A 9 -39.95 0.56 30.37
N GLU A 10 -41.03 -0.07 30.85
CA GLU A 10 -41.37 -0.10 32.27
C GLU A 10 -41.42 -1.54 32.76
N PHE A 11 -40.90 -1.76 33.97
CA PHE A 11 -40.86 -3.08 34.58
C PHE A 11 -41.61 -3.07 35.91
N SER A 12 -42.46 -4.08 36.11
CA SER A 12 -43.27 -4.22 37.31
C SER A 12 -43.23 -5.67 37.76
N THR A 13 -43.91 -5.96 38.86
CA THR A 13 -43.84 -7.27 39.50
C THR A 13 -45.23 -7.73 39.90
N LYS A 14 -45.45 -9.04 39.83
CA LYS A 14 -46.64 -9.66 40.40
C LYS A 14 -46.22 -10.90 41.16
N THR A 15 -47.04 -11.29 42.14
CA THR A 15 -46.75 -12.47 42.96
C THR A 15 -47.50 -13.70 42.50
N GLU A 16 -48.63 -13.53 41.81
CA GLU A 16 -49.44 -14.65 41.36
C GLU A 16 -48.71 -15.43 40.27
N ILE A 17 -49.17 -16.66 40.05
CA ILE A 17 -48.65 -17.45 38.94
C ILE A 17 -49.09 -16.79 37.65
N LEU A 18 -48.27 -16.90 36.62
CA LEU A 18 -48.66 -16.38 35.31
C LEU A 18 -49.81 -17.23 34.79
N GLN A 19 -50.99 -16.64 34.73
CA GLN A 19 -52.19 -17.37 34.35
C GLN A 19 -52.28 -17.53 32.84
N GLU A 20 -52.80 -18.68 32.40
CA GLU A 20 -52.87 -18.96 30.98
C GLU A 20 -53.80 -18.00 30.26
N GLN A 21 -54.79 -17.45 30.98
CA GLN A 21 -55.77 -16.54 30.42
C GLN A 21 -55.32 -15.09 30.48
N GLN A 22 -54.12 -14.83 31.01
CA GLN A 22 -53.58 -13.48 31.08
C GLN A 22 -53.38 -12.92 29.67
N ALA A 23 -53.76 -11.66 29.49
CA ALA A 23 -53.60 -11.01 28.20
C ALA A 23 -52.14 -10.61 27.97
N GLY A 24 -51.74 -10.61 26.71
CA GLY A 24 -50.41 -10.22 26.32
C GLY A 24 -49.51 -11.42 26.07
N ALA A 25 -48.26 -11.12 25.76
CA ALA A 25 -47.30 -12.18 25.51
C ALA A 25 -46.90 -12.84 26.82
N GLN A 26 -46.63 -14.14 26.74
CA GLN A 26 -46.32 -14.94 27.93
C GLN A 26 -44.98 -15.62 27.70
N LEU A 27 -44.04 -15.38 28.62
CA LEU A 27 -42.71 -15.97 28.57
C LEU A 27 -42.46 -16.73 29.87
N PHE A 28 -42.06 -17.99 29.76
CA PHE A 28 -41.81 -18.83 30.90
C PHE A 28 -40.32 -19.14 30.97
N VAL A 29 -39.63 -18.59 31.96
CA VAL A 29 -38.23 -18.90 32.18
C VAL A 29 -38.18 -20.19 32.98
N CYS A 30 -37.78 -21.28 32.34
CA CYS A 30 -37.77 -22.59 32.96
C CYS A 30 -36.35 -23.04 33.26
N ALA A 31 -36.25 -24.00 34.16
CA ALA A 31 -34.98 -24.63 34.46
C ALA A 31 -34.93 -25.96 33.75
N ASP A 32 -35.41 -27.01 34.40
CA ASP A 32 -35.48 -28.32 33.79
C ASP A 32 -36.89 -28.86 33.65
N LYS A 33 -37.87 -28.24 34.30
CA LYS A 33 -39.25 -28.69 34.25
C LYS A 33 -40.09 -27.82 33.32
N ALA A 34 -40.92 -28.46 32.50
CA ALA A 34 -41.82 -27.73 31.64
C ALA A 34 -42.85 -26.98 32.47
N PRO A 35 -43.34 -25.83 31.98
CA PRO A 35 -44.43 -25.15 32.67
C PRO A 35 -45.68 -26.03 32.72
N GLU A 36 -46.33 -26.06 33.89
CA GLU A 36 -47.36 -27.06 34.13
C GLU A 36 -48.72 -26.61 33.58
N HIS A 37 -49.16 -25.40 33.95
CA HIS A 37 -50.51 -24.98 33.62
C HIS A 37 -50.55 -23.96 32.50
N ASN A 38 -49.83 -24.25 31.43
CA ASN A 38 -49.92 -23.50 30.17
C ASN A 38 -49.73 -24.51 29.04
N THR A 39 -50.77 -24.74 28.25
CA THR A 39 -50.74 -25.80 27.25
C THR A 39 -49.68 -25.54 26.18
N ALA A 40 -49.68 -24.33 25.62
CA ALA A 40 -48.73 -24.01 24.55
C ALA A 40 -47.31 -24.00 25.08
N ALA A 41 -47.09 -23.42 26.27
CA ALA A 41 -45.75 -23.35 26.82
C ALA A 41 -45.22 -24.74 27.18
N HIS A 42 -46.10 -25.65 27.58
CA HIS A 42 -45.68 -27.03 27.83
C HIS A 42 -45.24 -27.71 26.54
N ALA A 43 -45.99 -27.50 25.45
CA ALA A 43 -45.63 -28.11 24.18
C ALA A 43 -44.30 -27.57 23.68
N LEU A 44 -44.08 -26.26 23.86
CA LEU A 44 -42.83 -25.65 23.44
C LEU A 44 -41.65 -26.25 24.20
N PHE A 45 -41.75 -26.34 25.53
CA PHE A 45 -40.65 -26.87 26.32
C PHE A 45 -40.39 -28.34 25.99
N SER A 46 -41.46 -29.12 25.82
CA SER A 46 -41.28 -30.54 25.55
C SER A 46 -40.60 -30.79 24.22
N ALA A 47 -40.69 -29.85 23.28
CA ALA A 47 -40.14 -30.03 21.94
C ALA A 47 -38.73 -29.48 21.77
N LEU A 48 -38.14 -28.93 22.83
CA LEU A 48 -36.82 -28.32 22.71
C LEU A 48 -35.76 -29.36 22.32
N GLU A 49 -34.91 -29.01 21.37
CA GLU A 49 -33.90 -29.91 20.83
C GLU A 49 -32.65 -29.87 21.72
N GLU A 50 -31.52 -30.36 21.20
CA GLU A 50 -30.36 -30.55 22.05
C GLU A 50 -29.75 -29.23 22.49
N GLY A 51 -29.50 -28.32 21.55
CA GLY A 51 -28.94 -27.04 21.91
C GLY A 51 -29.92 -25.91 22.02
N GLN A 52 -31.21 -26.17 21.79
CA GLN A 52 -32.23 -25.14 21.80
C GLN A 52 -32.56 -24.74 23.25
N ASN A 53 -32.60 -23.43 23.51
CA ASN A 53 -32.94 -22.90 24.82
C ASN A 53 -34.01 -21.83 24.77
N PHE A 54 -34.51 -21.51 23.58
CA PHE A 54 -35.61 -20.59 23.39
C PHE A 54 -36.52 -21.14 22.29
N SER A 55 -37.82 -20.95 22.47
CA SER A 55 -38.80 -21.37 21.48
C SER A 55 -40.04 -20.52 21.68
N ASP A 56 -40.70 -20.16 20.58
CA ASP A 56 -41.89 -19.31 20.67
C ASP A 56 -42.94 -19.78 19.68
N THR A 57 -44.18 -19.35 19.93
CA THR A 57 -45.29 -19.65 19.04
C THR A 57 -46.36 -18.57 19.20
N LYS A 58 -47.33 -18.57 18.29
CA LYS A 58 -48.43 -17.61 18.30
C LYS A 58 -49.74 -18.37 18.29
N ILE A 59 -50.51 -18.26 19.37
CA ILE A 59 -51.72 -19.06 19.57
C ILE A 59 -52.94 -18.24 19.14
N PRO A 60 -53.83 -18.78 18.30
CA PRO A 60 -55.06 -18.06 17.96
C PRO A 60 -56.01 -18.03 19.16
N THR A 61 -56.44 -16.83 19.53
CA THR A 61 -57.44 -16.61 20.57
C THR A 61 -58.56 -15.74 20.02
N ASP A 62 -59.56 -15.50 20.87
CA ASP A 62 -60.64 -14.60 20.49
C ASP A 62 -60.18 -13.15 20.48
N ASN A 63 -59.09 -12.84 21.17
CA ASN A 63 -58.53 -11.50 21.21
C ASN A 63 -57.28 -11.37 20.34
N GLY A 64 -57.13 -12.23 19.35
CA GLY A 64 -56.02 -12.17 18.43
C GLY A 64 -55.03 -13.28 18.64
N LEU A 65 -53.85 -13.11 18.05
CA LEU A 65 -52.76 -14.06 18.22
C LEU A 65 -52.02 -13.74 19.51
N GLN A 66 -51.83 -14.74 20.35
CA GLN A 66 -51.13 -14.57 21.62
C GLN A 66 -49.76 -15.22 21.51
N ALA A 67 -48.74 -14.48 21.91
CA ALA A 67 -47.36 -14.95 21.80
C ALA A 67 -46.97 -15.67 23.08
N VAL A 68 -46.51 -16.90 22.93
CA VAL A 68 -46.07 -17.72 24.05
C VAL A 68 -44.66 -18.21 23.74
N ALA A 69 -43.77 -18.10 24.72
CA ALA A 69 -42.40 -18.52 24.55
C ALA A 69 -41.89 -19.12 25.86
N VAL A 70 -40.86 -19.97 25.74
CA VAL A 70 -40.19 -20.55 26.90
C VAL A 70 -38.69 -20.34 26.74
N VAL A 71 -38.00 -20.27 27.87
CA VAL A 71 -36.55 -20.21 27.92
C VAL A 71 -36.09 -21.33 28.84
N ARG A 72 -35.07 -22.07 28.42
CA ARG A 72 -34.49 -23.13 29.24
C ARG A 72 -33.13 -22.69 29.76
N LEU A 73 -33.02 -22.57 31.08
CA LEU A 73 -31.77 -22.23 31.76
C LEU A 73 -31.26 -23.46 32.49
N GLU A 74 -30.29 -24.16 31.90
CA GLU A 74 -29.68 -25.27 32.61
C GLU A 74 -28.57 -24.80 33.54
N LYS A 75 -27.67 -23.94 33.05
CA LYS A 75 -26.57 -23.43 33.86
C LYS A 75 -27.00 -22.18 34.61
N THR A 76 -26.17 -21.77 35.57
CA THR A 76 -26.52 -20.68 36.47
C THR A 76 -25.62 -19.46 36.34
N ASP A 77 -24.49 -19.57 35.63
CA ASP A 77 -23.55 -18.46 35.55
C ASP A 77 -24.16 -17.27 34.83
N ARG A 78 -23.63 -16.09 35.12
CA ARG A 78 -24.18 -14.88 34.53
C ARG A 78 -24.03 -14.86 33.01
N ALA A 79 -22.96 -15.44 32.49
CA ALA A 79 -22.76 -15.46 31.04
C ALA A 79 -23.87 -16.23 30.34
N ALA A 80 -24.19 -17.43 30.84
CA ALA A 80 -25.30 -18.20 30.28
C ALA A 80 -26.63 -17.48 30.48
N LEU A 81 -26.78 -16.79 31.61
CA LEU A 81 -27.99 -16.04 31.89
C LEU A 81 -28.15 -14.90 30.88
N ASN A 82 -27.07 -14.12 30.67
CA ASN A 82 -27.11 -13.05 29.69
C ASN A 82 -27.45 -13.58 28.30
N LYS A 83 -26.90 -14.74 27.94
CA LYS A 83 -27.11 -15.29 26.61
C LYS A 83 -28.57 -15.68 26.42
N ALA A 84 -29.18 -16.32 27.41
CA ALA A 84 -30.59 -16.65 27.32
C ALA A 84 -31.44 -15.39 27.25
N ALA A 85 -31.09 -14.39 28.07
CA ALA A 85 -31.87 -13.15 28.09
C ALA A 85 -31.78 -12.42 26.76
N ALA A 86 -30.62 -12.45 26.10
CA ALA A 86 -30.51 -11.77 24.82
C ALA A 86 -31.37 -12.42 23.76
N GLU A 87 -31.37 -13.75 23.69
CA GLU A 87 -32.18 -14.46 22.71
C GLU A 87 -33.67 -14.19 22.92
N ALA A 88 -34.10 -14.18 24.17
CA ALA A 88 -35.51 -13.90 24.44
C ALA A 88 -35.85 -12.45 24.13
N ALA A 89 -34.89 -11.54 24.31
CA ALA A 89 -35.17 -10.12 24.10
C ALA A 89 -35.41 -9.80 22.64
N LYS A 90 -34.75 -10.50 21.71
CA LYS A 90 -35.05 -10.27 20.30
C LYS A 90 -36.49 -10.63 19.96
N TRP A 91 -37.08 -11.55 20.73
CA TRP A 91 -38.50 -11.87 20.57
C TRP A 91 -39.36 -10.88 21.33
N ALA A 92 -38.89 -10.44 22.51
CA ALA A 92 -39.72 -9.60 23.36
C ALA A 92 -39.88 -8.19 22.79
N GLN A 93 -38.94 -7.73 21.97
CA GLN A 93 -39.03 -6.37 21.48
C GLN A 93 -40.22 -6.17 20.55
N ASN A 94 -40.79 -7.25 20.01
CA ASN A 94 -41.96 -7.17 19.15
C ASN A 94 -43.26 -7.43 19.90
N GLN A 95 -43.23 -7.52 21.22
CA GLN A 95 -44.42 -7.77 22.03
C GLN A 95 -44.68 -6.52 22.87
N GLU A 96 -45.89 -5.98 22.77
CA GLU A 96 -46.21 -4.77 23.52
C GLU A 96 -46.13 -5.01 25.03
N THR A 97 -46.64 -6.15 25.49
CA THR A 97 -46.64 -6.51 26.89
C THR A 97 -46.09 -7.91 27.04
N VAL A 98 -45.09 -8.07 27.89
CA VAL A 98 -44.49 -9.38 28.16
C VAL A 98 -44.66 -9.69 29.64
N ASN A 99 -45.36 -10.77 29.95
CA ASN A 99 -45.44 -11.29 31.30
C ASN A 99 -44.44 -12.43 31.44
N VAL A 100 -43.47 -12.25 32.33
CA VAL A 100 -42.37 -13.20 32.52
C VAL A 100 -42.61 -13.95 33.82
N ASP A 101 -42.60 -15.28 33.75
CA ASP A 101 -42.73 -16.12 34.94
C ASP A 101 -41.34 -16.62 35.34
N VAL A 102 -40.95 -16.36 36.59
CA VAL A 102 -39.68 -16.81 37.11
C VAL A 102 -39.92 -17.55 38.43
N HIS A 103 -41.06 -18.22 38.55
CA HIS A 103 -41.38 -18.94 39.78
C HIS A 103 -40.51 -20.18 39.98
N ALA A 104 -39.82 -20.64 38.95
CA ALA A 104 -39.03 -21.86 39.05
C ALA A 104 -37.71 -21.64 39.76
N PHE A 105 -37.53 -20.51 40.44
CA PHE A 105 -36.24 -20.16 41.00
C PHE A 105 -36.41 -19.65 42.43
N ASP A 106 -35.37 -19.85 43.23
CA ASP A 106 -35.37 -19.31 44.59
C ASP A 106 -35.19 -17.79 44.54
N GLU A 107 -35.13 -17.18 45.73
CA GLU A 107 -35.05 -15.73 45.80
C GLU A 107 -33.83 -15.20 45.04
N ALA A 108 -32.67 -15.84 45.23
CA ALA A 108 -31.45 -15.32 44.65
C ALA A 108 -31.43 -15.46 43.14
N GLN A 109 -31.82 -16.63 42.62
CA GLN A 109 -31.83 -16.83 41.18
C GLN A 109 -32.90 -15.98 40.50
N ALA A 110 -34.07 -15.85 41.15
CA ALA A 110 -35.16 -15.09 40.55
C ALA A 110 -34.78 -13.62 40.36
N ALA A 111 -34.10 -13.05 41.34
CA ALA A 111 -33.62 -11.68 41.18
C ALA A 111 -32.59 -11.57 40.07
N ALA A 112 -31.68 -12.55 39.98
CA ALA A 112 -30.66 -12.52 38.92
C ALA A 112 -31.31 -12.66 37.55
N VAL A 113 -32.25 -13.59 37.41
CA VAL A 113 -32.96 -13.79 36.15
C VAL A 113 -33.73 -12.52 35.78
N ALA A 114 -34.40 -11.91 36.76
CA ALA A 114 -35.15 -10.69 36.48
C ALA A 114 -34.24 -9.55 36.05
N GLU A 115 -33.09 -9.39 36.71
CA GLU A 115 -32.18 -8.32 36.33
C GLU A 115 -31.70 -8.49 34.89
N ALA A 116 -31.24 -9.69 34.54
CA ALA A 116 -30.66 -9.92 33.22
C ALA A 116 -31.71 -9.83 32.13
N PHE A 117 -32.93 -10.32 32.39
CA PHE A 117 -33.97 -10.27 31.38
C PHE A 117 -34.50 -8.86 31.19
N ALA A 118 -34.65 -8.11 32.29
CA ALA A 118 -35.06 -6.72 32.15
C ALA A 118 -34.00 -5.90 31.42
N ILE A 119 -32.71 -6.15 31.71
CA ILE A 119 -31.64 -5.44 31.00
C ILE A 119 -31.69 -5.78 29.52
N ALA A 120 -31.79 -7.07 29.19
CA ALA A 120 -31.87 -7.48 27.79
C ALA A 120 -33.08 -6.90 27.10
N PHE A 121 -34.22 -6.86 27.81
CA PHE A 121 -35.43 -6.29 27.23
C PHE A 121 -35.22 -4.82 26.90
N GLY A 122 -34.77 -4.04 27.88
CA GLY A 122 -34.60 -2.61 27.66
C GLY A 122 -33.62 -2.29 26.56
N ASN A 123 -32.48 -3.00 26.55
CA ASN A 123 -31.47 -2.72 25.53
C ASN A 123 -31.93 -3.13 24.13
N ALA A 124 -32.70 -4.21 24.02
CA ALA A 124 -33.15 -4.61 22.69
C ALA A 124 -34.18 -3.64 22.13
N ALA A 125 -34.99 -3.02 23.01
CA ALA A 125 -36.00 -2.06 22.60
C ALA A 125 -35.40 -0.72 22.20
N TYR A 126 -34.11 -0.52 22.43
CA TYR A 126 -33.46 0.73 22.05
C TYR A 126 -33.56 0.94 20.55
N ARG A 127 -33.83 2.18 20.14
CA ARG A 127 -33.78 2.57 18.74
C ARG A 127 -33.13 3.94 18.67
N PHE A 128 -32.38 4.17 17.60
CA PHE A 128 -31.81 5.49 17.30
C PHE A 128 -32.37 5.90 15.95
N ASP A 129 -33.62 6.37 15.96
CA ASP A 129 -34.30 6.82 14.75
C ASP A 129 -34.25 8.33 14.60
N ARG A 130 -33.33 8.99 15.31
CA ARG A 130 -33.36 10.45 15.46
C ARG A 130 -33.38 11.17 14.13
N TYR A 131 -32.62 10.69 13.15
CA TYR A 131 -32.48 11.40 11.89
C TYR A 131 -33.36 10.84 10.78
N LYS A 132 -34.20 9.86 11.08
CA LYS A 132 -34.93 9.15 10.03
C LYS A 132 -36.27 9.81 9.77
N LYS A 133 -36.72 9.73 8.51
CA LYS A 133 -37.99 10.35 8.13
C LYS A 133 -39.12 9.79 8.98
N GLU A 134 -39.31 8.48 8.95
CA GLU A 134 -40.31 7.80 9.76
C GLU A 134 -39.60 7.01 10.84
N ALA A 135 -40.04 7.21 12.09
CA ALA A 135 -39.55 6.42 13.20
C ALA A 135 -40.15 5.01 13.15
N LYS A 136 -39.31 3.99 13.35
CA LYS A 136 -39.78 2.62 13.44
C LYS A 136 -39.45 2.10 14.84
N PRO A 137 -40.20 2.53 15.85
CA PRO A 137 -39.92 2.08 17.22
C PRO A 137 -40.37 0.64 17.47
N ALA A 138 -39.84 0.07 18.53
CA ALA A 138 -40.22 -1.27 18.95
C ALA A 138 -41.57 -1.24 19.64
N LYS A 139 -42.30 -2.35 19.56
CA LYS A 139 -43.60 -2.41 20.21
C LYS A 139 -43.49 -2.59 21.71
N PHE A 140 -42.35 -3.09 22.20
CA PHE A 140 -42.21 -3.41 23.62
C PHE A 140 -42.37 -2.17 24.48
N SER A 141 -43.22 -2.27 25.48
CA SER A 141 -43.47 -1.16 26.39
C SER A 141 -43.42 -1.56 27.86
N GLN A 142 -43.92 -2.74 28.22
CA GLN A 142 -44.04 -3.15 29.62
C GLN A 142 -43.66 -4.61 29.77
N ALA A 143 -42.97 -4.92 30.87
CA ALA A 143 -42.67 -6.29 31.25
C ALA A 143 -43.07 -6.51 32.70
N VAL A 144 -43.74 -7.64 32.96
CA VAL A 144 -44.23 -7.97 34.29
C VAL A 144 -43.59 -9.27 34.73
N PHE A 145 -42.88 -9.24 35.85
CA PHE A 145 -42.15 -10.40 36.36
C PHE A 145 -42.93 -11.02 37.50
N HIS A 146 -43.36 -12.27 37.30
CA HIS A 146 -44.15 -13.03 38.26
C HIS A 146 -43.22 -13.82 39.17
N SER A 147 -43.26 -13.54 40.48
CA SER A 147 -42.37 -14.21 41.41
C SER A 147 -42.95 -14.11 42.81
N ALA A 148 -42.63 -15.08 43.65
CA ALA A 148 -43.02 -15.03 45.05
C ALA A 148 -42.02 -14.25 45.90
N HIS A 149 -40.95 -13.76 45.30
CA HIS A 149 -39.92 -13.00 45.99
C HIS A 149 -39.97 -11.56 45.48
N GLU A 150 -41.04 -10.87 45.83
CA GLU A 150 -41.30 -9.55 45.28
C GLU A 150 -40.21 -8.54 45.66
N ALA A 151 -39.75 -8.57 46.90
CA ALA A 151 -38.77 -7.58 47.36
C ALA A 151 -37.47 -7.66 46.57
N ALA A 152 -36.94 -8.88 46.40
CA ALA A 152 -35.66 -9.01 45.69
C ALA A 152 -35.81 -8.68 44.21
N VAL A 153 -36.94 -9.04 43.61
CA VAL A 153 -37.13 -8.76 42.18
C VAL A 153 -37.31 -7.26 41.94
N LYS A 154 -38.06 -6.58 42.82
CA LYS A 154 -38.24 -5.14 42.66
C LYS A 154 -36.90 -4.42 42.69
N GLU A 155 -36.01 -4.84 43.59
CA GLU A 155 -34.67 -4.25 43.64
C GLU A 155 -33.86 -4.62 42.41
N ALA A 156 -34.05 -5.84 41.91
CA ALA A 156 -33.39 -6.24 40.66
C ALA A 156 -33.82 -5.35 39.51
N LEU A 157 -35.11 -5.05 39.42
CA LEU A 157 -35.59 -4.19 38.34
C LEU A 157 -35.09 -2.77 38.51
N ARG A 158 -34.83 -2.34 39.75
CA ARG A 158 -34.28 -1.01 39.98
C ARG A 158 -32.86 -0.90 39.41
N VAL A 159 -32.04 -1.93 39.65
CA VAL A 159 -30.70 -1.94 39.06
C VAL A 159 -30.81 -2.02 37.54
N ALA A 160 -31.69 -2.88 37.05
CA ALA A 160 -31.84 -3.04 35.60
C ALA A 160 -32.27 -1.73 34.94
N GLU A 161 -33.22 -1.02 35.54
CA GLU A 161 -33.65 0.27 34.97
C GLU A 161 -32.50 1.25 34.93
N ALA A 162 -31.63 1.23 35.95
CA ALA A 162 -30.52 2.17 35.99
C ALA A 162 -29.47 1.83 34.94
N GLN A 163 -29.18 0.53 34.76
CA GLN A 163 -28.18 0.17 33.77
C GLN A 163 -28.68 0.45 32.35
N VAL A 164 -29.94 0.12 32.07
CA VAL A 164 -30.48 0.40 30.75
C VAL A 164 -30.54 1.91 30.50
N TYR A 165 -30.91 2.67 31.52
CA TYR A 165 -30.89 4.13 31.40
C TYR A 165 -29.50 4.61 31.00
N GLY A 166 -28.47 4.09 31.66
CA GLY A 166 -27.11 4.52 31.36
C GLY A 166 -26.66 4.04 29.98
N GLN A 167 -26.93 2.79 29.64
CA GLN A 167 -26.50 2.28 28.35
C GLN A 167 -27.18 3.01 27.20
N SER A 168 -28.45 3.39 27.41
CA SER A 168 -29.19 4.13 26.38
C SER A 168 -28.61 5.53 26.18
N LEU A 169 -28.34 6.24 27.27
CA LEU A 169 -27.70 7.53 27.14
C LEU A 169 -26.34 7.39 26.46
N CYS A 170 -25.56 6.39 26.87
CA CYS A 170 -24.26 6.17 26.24
C CYS A 170 -24.40 5.87 24.75
N ARG A 171 -25.37 5.01 24.38
CA ARG A 171 -25.55 4.70 22.97
C ARG A 171 -26.05 5.90 22.18
N ASP A 172 -26.93 6.71 22.78
CA ASP A 172 -27.40 7.91 22.09
C ASP A 172 -26.26 8.87 21.81
N LEU A 173 -25.33 9.03 22.76
CA LEU A 173 -24.23 9.97 22.56
C LEU A 173 -23.21 9.42 21.57
N GLY A 174 -22.97 8.12 21.59
CA GLY A 174 -22.05 7.53 20.64
C GLY A 174 -22.60 7.46 19.23
N ASN A 175 -23.90 7.18 19.10
CA ASN A 175 -24.50 7.03 17.78
C ASN A 175 -24.71 8.35 17.06
N ALA A 176 -24.83 9.46 17.81
CA ALA A 176 -25.11 10.76 17.20
C ALA A 176 -24.02 11.13 16.20
N ALA A 177 -24.43 11.83 15.15
CA ALA A 177 -23.48 12.26 14.15
C ALA A 177 -22.56 13.36 14.70
N PRO A 178 -21.29 13.38 14.27
CA PRO A 178 -20.36 14.36 14.83
C PRO A 178 -20.75 15.79 14.56
N ASN A 179 -21.52 16.07 13.51
CA ASN A 179 -21.95 17.45 13.30
C ASN A 179 -23.13 17.82 14.20
N GLU A 180 -23.79 16.86 14.84
CA GLU A 180 -24.69 17.18 15.94
C GLU A 180 -24.00 17.08 17.28
N CYS A 181 -23.38 15.93 17.56
CA CYS A 181 -22.65 15.72 18.81
C CYS A 181 -21.26 16.36 18.71
N THR A 182 -21.26 17.68 18.66
CA THR A 182 -20.05 18.49 18.76
C THR A 182 -19.60 18.52 20.21
N PRO A 183 -18.38 19.03 20.49
CA PRO A 183 -17.97 19.15 21.89
C PRO A 183 -18.95 19.94 22.73
N GLU A 184 -19.49 21.05 22.19
CA GLU A 184 -20.47 21.82 22.92
C GLU A 184 -21.73 20.99 23.19
N PHE A 185 -22.21 20.28 22.17
CA PHE A 185 -23.36 19.40 22.36
C PHE A 185 -23.10 18.41 23.48
N LEU A 186 -21.92 17.77 23.49
CA LEU A 186 -21.58 16.81 24.53
C LEU A 186 -21.57 17.47 25.89
N ALA A 187 -20.94 18.65 26.00
CA ALA A 187 -20.88 19.35 27.27
C ALA A 187 -22.29 19.76 27.73
N ARG A 188 -23.09 20.30 26.80
CA ARG A 188 -24.43 20.75 27.18
C ARG A 188 -25.31 19.57 27.57
N THR A 189 -25.14 18.43 26.91
CA THR A 189 -25.95 17.25 27.25
C THR A 189 -25.54 16.70 28.61
N ALA A 190 -24.24 16.63 28.89
CA ALA A 190 -23.78 16.13 30.18
C ALA A 190 -24.29 17.00 31.32
N LYS A 191 -24.26 18.33 31.14
CA LYS A 191 -24.74 19.23 32.18
C LYS A 191 -26.24 19.05 32.42
N ALA A 192 -27.01 18.90 31.33
CA ALA A 192 -28.46 18.79 31.48
C ALA A 192 -28.86 17.46 32.09
N GLU A 193 -28.19 16.37 31.69
CA GLU A 193 -28.53 15.06 32.23
C GLU A 193 -28.22 14.97 33.71
N ALA A 194 -27.06 15.50 34.11
CA ALA A 194 -26.70 15.50 35.52
C ALA A 194 -27.64 16.35 36.35
N GLU A 195 -28.02 17.52 35.81
CA GLU A 195 -28.88 18.42 36.59
C GLU A 195 -30.33 17.93 36.63
N LYS A 196 -30.77 17.18 35.62
CA LYS A 196 -32.12 16.60 35.69
C LYS A 196 -32.22 15.57 36.80
N LEU A 197 -31.11 14.94 37.18
CA LEU A 197 -31.11 13.96 38.27
C LEU A 197 -30.69 14.56 39.60
N GLY A 198 -30.49 15.87 39.67
CA GLY A 198 -30.14 16.53 40.90
C GLY A 198 -28.68 16.61 41.21
N ALA A 199 -27.81 16.24 40.27
CA ALA A 199 -26.38 16.37 40.47
C ALA A 199 -25.93 17.75 40.04
N HIS A 200 -24.63 18.02 40.17
CA HIS A 200 -24.09 19.32 39.84
C HIS A 200 -23.11 19.19 38.67
N ALA A 201 -22.95 20.29 37.93
CA ALA A 201 -22.15 20.29 36.72
C ALA A 201 -21.62 21.69 36.47
N LYS A 202 -20.34 21.77 36.08
CA LYS A 202 -19.78 23.02 35.62
C LYS A 202 -19.02 22.77 34.33
N ILE A 203 -19.08 23.74 33.43
CA ILE A 203 -18.45 23.66 32.12
C ILE A 203 -17.29 24.64 32.12
N ILE A 204 -16.07 24.12 32.02
CA ILE A 204 -14.87 24.92 31.84
C ILE A 204 -14.71 25.18 30.36
N GLU A 205 -14.35 26.41 29.99
CA GLU A 205 -14.33 26.82 28.59
C GLU A 205 -12.91 27.06 28.10
N LYS A 206 -12.80 27.51 26.85
CA LYS A 206 -11.52 27.46 26.12
C LYS A 206 -10.47 28.40 26.70
N ASP A 207 -10.88 29.49 27.35
CA ASP A 207 -9.91 30.40 27.93
C ASP A 207 -9.02 29.68 28.94
N TYR A 208 -9.65 28.97 29.88
CA TYR A 208 -8.89 28.19 30.87
C TYR A 208 -8.08 27.09 30.20
N ILE A 209 -8.63 26.49 29.15
CA ILE A 209 -7.98 25.35 28.52
C ILE A 209 -6.69 25.77 27.81
N LYS A 210 -6.76 26.83 27.02
CA LYS A 210 -5.56 27.32 26.33
C LYS A 210 -4.49 27.76 27.33
N GLU A 211 -4.90 28.29 28.48
CA GLU A 211 -3.97 28.86 29.46
C GLU A 211 -3.35 27.79 30.35
N ASN A 212 -4.13 26.80 30.78
CA ASN A 212 -3.69 25.86 31.79
C ASN A 212 -3.60 24.42 31.33
N MET A 213 -4.17 24.07 30.18
CA MET A 213 -4.19 22.69 29.71
C MET A 213 -3.64 22.67 28.29
N GLY A 214 -2.35 22.98 28.16
CA GLY A 214 -1.75 23.19 26.87
C GLY A 214 -1.76 21.95 25.98
N SER A 215 -1.62 20.76 26.58
CA SER A 215 -1.68 19.55 25.78
C SER A 215 -3.08 19.35 25.22
N PHE A 216 -4.10 19.44 26.08
CA PHE A 216 -5.48 19.44 25.64
C PHE A 216 -5.70 20.47 24.53
N TRP A 217 -5.20 21.68 24.73
CA TRP A 217 -5.48 22.76 23.79
C TRP A 217 -4.88 22.50 22.41
N SER A 218 -3.67 21.94 22.36
CA SER A 218 -3.02 21.76 21.07
C SER A 218 -3.79 20.80 20.17
N VAL A 219 -4.53 19.85 20.75
CA VAL A 219 -5.34 18.98 19.92
C VAL A 219 -6.53 19.74 19.37
N ALA A 220 -7.11 20.64 20.17
CA ALA A 220 -8.38 21.25 19.81
C ALA A 220 -8.20 22.46 18.90
N LYS A 221 -7.04 23.12 18.92
CA LYS A 221 -6.87 24.37 18.19
C LYS A 221 -7.12 24.21 16.70
N GLY A 222 -6.99 22.98 16.16
CA GLY A 222 -7.11 22.75 14.73
C GLY A 222 -8.51 22.67 14.18
N SER A 223 -9.55 22.75 15.02
CA SER A 223 -10.94 22.71 14.61
C SER A 223 -11.61 24.04 14.89
N VAL A 224 -12.70 24.31 14.18
CA VAL A 224 -13.50 25.50 14.46
C VAL A 224 -14.42 25.30 15.66
N GLU A 225 -14.54 24.07 16.14
CA GLU A 225 -15.38 23.79 17.30
C GLU A 225 -14.60 24.10 18.58
N ASP A 226 -15.20 24.84 19.48
CA ASP A 226 -14.55 25.16 20.74
C ASP A 226 -14.41 23.90 21.60
N PRO A 227 -13.35 23.82 22.41
CA PRO A 227 -13.21 22.72 23.36
C PRO A 227 -13.97 23.01 24.65
N TYR A 228 -14.25 21.93 25.39
CA TYR A 228 -14.92 22.05 26.67
C TYR A 228 -14.37 20.99 27.60
N LEU A 229 -14.34 21.33 28.89
CA LEU A 229 -14.07 20.38 29.96
C LEU A 229 -15.27 20.39 30.89
N VAL A 230 -15.89 19.23 31.08
CA VAL A 230 -17.11 19.08 31.86
C VAL A 230 -16.77 18.44 33.19
N GLU A 231 -17.31 18.99 34.27
CA GLU A 231 -17.12 18.48 35.62
C GLU A 231 -18.49 18.14 36.20
N LEU A 232 -18.77 16.85 36.41
CA LEU A 232 -20.02 16.41 37.01
C LEU A 232 -19.73 15.96 38.44
N SER A 233 -20.56 16.40 39.38
CA SER A 233 -20.34 16.18 40.81
C SER A 233 -21.58 15.57 41.46
N TYR A 234 -21.35 14.55 42.29
CA TYR A 234 -22.41 13.91 43.07
C TYR A 234 -21.84 13.46 44.40
N PHE A 235 -22.45 13.89 45.51
CA PHE A 235 -21.97 13.56 46.85
C PHE A 235 -23.08 12.79 47.56
N GLY A 236 -23.10 11.48 47.36
CA GLY A 236 -24.15 10.64 47.92
C GLY A 236 -23.70 9.75 49.05
N ALA A 237 -22.43 9.86 49.45
CA ALA A 237 -21.95 9.09 50.58
C ALA A 237 -22.39 9.74 51.89
N ALA A 238 -22.41 8.94 52.95
CA ALA A 238 -22.74 9.45 54.28
C ALA A 238 -21.81 10.59 54.68
N ASP A 239 -20.51 10.40 54.47
CA ASP A 239 -19.50 11.44 54.66
C ASP A 239 -19.41 12.21 53.34
N LYS A 240 -20.00 13.41 53.31
CA LYS A 240 -19.97 14.18 52.06
C LYS A 240 -18.60 14.74 51.75
N GLU A 241 -17.64 14.60 52.67
CA GLU A 241 -16.28 15.06 52.44
C GLU A 241 -15.32 13.89 52.25
N ALA A 242 -15.83 12.67 52.22
CA ALA A 242 -14.97 11.52 51.97
C ALA A 242 -14.41 11.55 50.56
N ALA A 243 -13.24 10.92 50.39
CA ALA A 243 -12.52 11.01 49.14
C ALA A 243 -13.35 10.44 48.00
N PRO A 244 -13.52 11.18 46.91
CA PRO A 244 -14.40 10.71 45.83
C PRO A 244 -13.70 9.79 44.84
N VAL A 245 -14.52 9.04 44.12
CA VAL A 245 -14.10 8.32 42.94
C VAL A 245 -14.28 9.24 41.75
N VAL A 246 -13.27 9.34 40.89
CA VAL A 246 -13.27 10.24 39.75
C VAL A 246 -13.22 9.41 38.48
N LEU A 247 -14.16 9.67 37.57
CA LEU A 247 -14.23 9.04 36.27
C LEU A 247 -13.78 10.06 35.22
N VAL A 248 -12.82 9.67 34.38
CA VAL A 248 -12.23 10.56 33.39
C VAL A 248 -12.51 9.97 32.01
N GLY A 249 -13.07 10.78 31.13
CA GLY A 249 -13.52 10.28 29.84
C GLY A 249 -12.96 11.06 28.66
N LYS A 250 -12.51 10.32 27.65
CA LYS A 250 -12.00 10.94 26.42
C LYS A 250 -13.16 11.29 25.51
N GLY A 251 -13.27 12.57 25.16
CA GLY A 251 -14.37 13.00 24.33
C GLY A 251 -13.99 13.59 22.99
N ILE A 252 -13.13 12.92 22.23
CA ILE A 252 -12.86 13.35 20.87
C ILE A 252 -14.11 13.06 20.05
N THR A 253 -14.94 14.08 19.83
CA THR A 253 -16.22 13.87 19.18
C THR A 253 -16.07 13.48 17.71
N PHE A 254 -14.95 13.83 17.08
CA PHE A 254 -14.54 13.15 15.87
C PHE A 254 -13.03 13.29 15.69
N ASP A 255 -12.40 12.21 15.26
CA ASP A 255 -10.96 12.13 15.08
C ASP A 255 -10.65 11.84 13.61
N THR A 256 -10.15 12.85 12.90
CA THR A 256 -9.65 12.64 11.55
C THR A 256 -8.20 12.18 11.56
N GLY A 257 -7.51 12.29 12.69
CA GLY A 257 -6.08 12.08 12.78
C GLY A 257 -5.27 13.36 12.78
N GLY A 258 -5.86 14.47 12.35
CA GLY A 258 -5.15 15.73 12.25
C GLY A 258 -4.25 15.73 11.03
N ILE A 259 -3.06 16.31 11.14
CA ILE A 259 -2.13 16.27 10.02
C ILE A 259 -1.70 14.84 9.73
N SER A 260 -1.55 14.03 10.78
CA SER A 260 -1.36 12.59 10.65
C SER A 260 -2.71 11.95 10.32
N LEU A 261 -3.19 12.27 9.12
CA LEU A 261 -4.57 11.98 8.74
C LEU A 261 -4.81 10.48 8.63
N LYS A 262 -6.01 10.06 9.00
CA LYS A 262 -6.43 8.66 8.97
C LYS A 262 -6.83 8.27 7.55
N PRO A 263 -6.73 6.99 7.21
CA PRO A 263 -7.30 6.54 5.93
C PRO A 263 -8.81 6.76 5.90
N GLY A 264 -9.35 6.91 4.68
CA GLY A 264 -10.77 7.21 4.52
C GLY A 264 -11.69 6.07 4.85
N LEU A 265 -11.22 4.83 4.73
CA LEU A 265 -12.05 3.65 4.96
C LEU A 265 -12.49 3.56 6.42
N ASN A 266 -13.80 3.42 6.64
CA ASN A 266 -14.41 3.21 7.95
C ASN A 266 -14.16 4.37 8.91
N MET A 267 -13.78 5.54 8.39
CA MET A 267 -13.48 6.65 9.29
C MET A 267 -14.73 7.18 9.97
N ASP A 268 -15.92 6.93 9.40
CA ASP A 268 -17.17 7.30 10.06
C ASP A 268 -17.23 6.76 11.48
N GLU A 269 -16.68 5.57 11.69
CA GLU A 269 -16.68 4.97 13.02
C GLU A 269 -15.84 5.75 14.02
N MET A 270 -15.10 6.76 13.57
CA MET A 270 -14.40 7.63 14.52
C MET A 270 -15.35 8.57 15.24
N LYS A 271 -16.63 8.58 14.88
CA LYS A 271 -17.61 9.27 15.70
C LYS A 271 -17.78 8.59 17.05
N PHE A 272 -17.27 7.37 17.21
CA PHE A 272 -17.32 6.66 18.47
C PHE A 272 -16.12 6.97 19.36
N ASP A 273 -15.26 7.91 18.95
CA ASP A 273 -14.07 8.22 19.73
C ASP A 273 -14.38 9.08 20.95
N MET A 274 -15.65 9.37 21.20
CA MET A 274 -16.09 9.98 22.45
C MET A 274 -16.86 9.00 23.32
N CYS A 275 -16.83 7.69 22.99
CA CYS A 275 -17.56 6.72 23.79
C CYS A 275 -16.99 6.61 25.20
N GLY A 276 -15.70 6.86 25.37
CA GLY A 276 -15.16 6.94 26.71
C GLY A 276 -15.81 8.07 27.49
N ALA A 277 -15.95 9.23 26.87
CA ALA A 277 -16.66 10.33 27.51
C ALA A 277 -18.11 9.95 27.76
N ALA A 278 -18.77 9.34 26.78
CA ALA A 278 -20.15 8.92 26.93
C ALA A 278 -20.29 7.89 28.06
N THR A 279 -19.37 6.94 28.13
CA THR A 279 -19.38 5.95 29.21
C THR A 279 -19.32 6.65 30.56
N VAL A 280 -18.43 7.63 30.70
CA VAL A 280 -18.22 8.31 31.97
C VAL A 280 -19.46 9.11 32.35
N ILE A 281 -20.01 9.87 31.41
CA ILE A 281 -21.21 10.67 31.65
C ILE A 281 -22.40 9.77 31.99
N SER A 282 -22.55 8.66 31.27
CA SER A 282 -23.72 7.80 31.48
C SER A 282 -23.63 7.03 32.79
N THR A 283 -22.44 6.50 33.10
CA THR A 283 -22.26 5.81 34.37
C THR A 283 -22.49 6.76 35.55
N PHE A 284 -21.97 7.98 35.43
CA PHE A 284 -22.23 8.99 36.46
C PHE A 284 -23.73 9.17 36.66
N CYS A 285 -24.46 9.39 35.57
CA CYS A 285 -25.91 9.58 35.68
C CYS A 285 -26.60 8.33 36.19
N ALA A 286 -26.14 7.16 35.76
CA ALA A 286 -26.71 5.91 36.26
C ALA A 286 -26.49 5.77 37.76
N ALA A 287 -25.31 6.18 38.25
CA ALA A 287 -25.05 6.12 39.68
C ALA A 287 -25.98 7.06 40.46
N VAL A 288 -26.17 8.28 39.96
CA VAL A 288 -27.06 9.22 40.64
C VAL A 288 -28.50 8.70 40.64
N LYS A 289 -28.93 8.09 39.54
CA LYS A 289 -30.27 7.53 39.47
C LYS A 289 -30.47 6.42 40.48
N LEU A 290 -29.43 5.59 40.70
CA LEU A 290 -29.51 4.55 41.71
C LEU A 290 -29.41 5.07 43.14
N GLN A 291 -29.08 6.34 43.32
CA GLN A 291 -28.86 6.90 44.66
C GLN A 291 -27.81 6.08 45.40
N LEU A 292 -26.71 5.82 44.71
CA LEU A 292 -25.63 5.04 45.30
C LEU A 292 -24.96 5.86 46.41
N PRO A 293 -24.57 5.22 47.51
CA PRO A 293 -23.97 5.94 48.66
C PRO A 293 -22.49 6.25 48.46
N ILE A 294 -22.16 6.96 47.37
CA ILE A 294 -20.77 7.24 47.02
C ILE A 294 -20.61 8.73 46.71
N ASN A 295 -19.37 9.19 46.80
CA ASN A 295 -18.97 10.50 46.28
C ASN A 295 -18.30 10.30 44.92
N LEU A 296 -18.88 10.88 43.88
CA LEU A 296 -18.47 10.60 42.50
C LEU A 296 -18.27 11.90 41.74
N ILE A 297 -17.16 11.98 41.00
CA ILE A 297 -16.85 13.09 40.12
C ILE A 297 -16.66 12.53 38.72
N ALA A 298 -17.27 13.17 37.73
CA ALA A 298 -17.07 12.81 36.34
C ALA A 298 -16.39 13.97 35.63
N ILE A 299 -15.27 13.69 34.98
CA ILE A 299 -14.51 14.68 34.23
C ILE A 299 -14.45 14.24 32.78
N VAL A 300 -14.84 15.12 31.87
CA VAL A 300 -14.82 14.84 30.45
C VAL A 300 -14.08 15.97 29.74
N ALA A 301 -13.03 15.63 29.02
CA ALA A 301 -12.35 16.56 28.13
C ALA A 301 -12.83 16.25 26.73
N THR A 302 -13.36 17.25 26.03
CA THR A 302 -13.95 17.02 24.73
C THR A 302 -13.48 18.08 23.74
N CYS A 303 -13.20 17.66 22.51
CA CYS A 303 -12.83 18.56 21.43
C CYS A 303 -12.86 17.77 20.13
N GLU A 304 -12.48 18.44 19.04
CA GLU A 304 -12.39 17.84 17.72
C GLU A 304 -10.94 17.83 17.26
N ASN A 305 -10.52 16.74 16.61
CA ASN A 305 -9.18 16.65 16.01
C ASN A 305 -9.32 16.75 14.49
N MET A 306 -9.11 17.96 13.96
CA MET A 306 -9.28 18.25 12.55
C MET A 306 -7.98 18.74 11.93
N PRO A 307 -7.80 18.55 10.63
CA PRO A 307 -6.66 19.17 9.93
C PRO A 307 -7.00 20.58 9.48
N SER A 308 -6.05 21.49 9.65
CA SER A 308 -6.25 22.89 9.26
C SER A 308 -4.89 23.56 9.18
N GLY A 309 -4.90 24.82 8.75
CA GLY A 309 -3.70 25.63 8.70
C GLY A 309 -3.13 26.01 10.06
N ALA A 310 -3.80 25.63 11.15
CA ALA A 310 -3.35 25.95 12.51
C ALA A 310 -3.32 24.71 13.39
N ALA A 311 -3.33 23.53 12.80
CA ALA A 311 -3.42 22.31 13.58
C ALA A 311 -2.06 21.92 14.16
N ASN A 312 -2.10 20.98 15.11
CA ASN A 312 -0.88 20.35 15.63
C ASN A 312 -0.02 19.78 14.50
N LYS A 313 1.29 20.09 14.54
CA LYS A 313 2.21 19.51 13.56
C LYS A 313 3.09 18.44 14.20
N PRO A 314 3.37 17.34 13.50
CA PRO A 314 4.31 16.36 14.03
C PRO A 314 5.67 17.00 14.32
N GLY A 315 6.18 16.74 15.52
CA GLY A 315 7.40 17.36 16.00
C GLY A 315 7.17 18.56 16.90
N ASP A 316 5.95 19.11 16.90
CA ASP A 316 5.60 20.15 17.85
C ASP A 316 5.87 19.67 19.27
N VAL A 317 6.29 20.60 20.13
CA VAL A 317 6.49 20.30 21.54
C VAL A 317 5.55 21.20 22.33
N VAL A 318 4.69 20.56 23.14
CA VAL A 318 3.65 21.28 23.87
C VAL A 318 3.85 21.03 25.36
N LYS A 319 3.44 22.00 26.16
CA LYS A 319 3.57 21.95 27.62
C LYS A 319 2.25 21.51 28.24
N SER A 320 2.27 20.35 28.87
CA SER A 320 1.08 19.81 29.51
C SER A 320 0.71 20.65 30.73
N MET A 321 -0.46 20.35 31.29
CA MET A 321 -0.88 21.01 32.53
C MET A 321 0.08 20.68 33.66
N LYS A 322 0.51 19.41 33.76
CA LYS A 322 1.43 19.01 34.82
C LYS A 322 2.74 19.78 34.74
N GLY A 323 3.20 20.09 33.54
CA GLY A 323 4.47 20.76 33.32
C GLY A 323 5.43 20.00 32.44
N LEU A 324 5.26 18.69 32.28
CA LEU A 324 6.09 17.94 31.34
C LEU A 324 5.84 18.42 29.92
N THR A 325 6.90 18.46 29.13
CA THR A 325 6.77 18.77 27.71
C THR A 325 6.62 17.47 26.93
N ILE A 326 5.68 17.48 25.99
CA ILE A 326 5.38 16.30 25.18
C ILE A 326 5.73 16.61 23.74
N GLU A 327 6.52 15.72 23.12
CA GLU A 327 6.79 15.83 21.69
C GLU A 327 5.71 15.07 20.95
N VAL A 328 4.89 15.80 20.20
CA VAL A 328 3.81 15.20 19.44
C VAL A 328 4.40 14.64 18.16
N LEU A 329 4.85 13.38 18.23
CA LEU A 329 5.43 12.74 17.05
C LEU A 329 4.35 12.36 16.04
N ASN A 330 3.18 11.98 16.53
CA ASN A 330 2.08 11.54 15.68
C ASN A 330 0.80 12.23 16.14
N THR A 331 0.20 13.04 15.25
CA THR A 331 -0.96 13.82 15.67
C THR A 331 -2.23 12.98 15.72
N ASP A 332 -2.17 11.72 15.27
CA ASP A 332 -3.31 10.83 15.43
C ASP A 332 -3.33 10.19 16.81
N ALA A 333 -2.24 10.25 17.56
CA ALA A 333 -2.23 9.84 18.96
C ALA A 333 -2.58 11.02 19.86
N GLU A 334 -3.80 11.52 19.69
CA GLU A 334 -4.23 12.76 20.31
C GLU A 334 -5.09 12.56 21.55
N GLY A 335 -5.73 11.41 21.71
CA GLY A 335 -6.48 11.15 22.92
C GLY A 335 -5.61 11.13 24.16
N ARG A 336 -4.38 10.62 24.03
CA ARG A 336 -3.40 10.73 25.11
C ARG A 336 -3.25 12.18 25.55
N LEU A 337 -3.25 13.10 24.58
CA LEU A 337 -2.90 14.49 24.83
C LEU A 337 -4.02 15.28 25.50
N ILE A 338 -5.27 14.81 25.43
CA ILE A 338 -6.35 15.47 26.16
C ILE A 338 -6.57 14.75 27.48
N LEU A 339 -6.23 13.45 27.52
CA LEU A 339 -6.42 12.69 28.75
C LEU A 339 -5.43 13.10 29.82
N CYS A 340 -4.16 13.26 29.45
CA CYS A 340 -3.13 13.52 30.46
C CYS A 340 -3.41 14.82 31.19
N ASP A 341 -3.95 15.82 30.49
CA ASP A 341 -4.32 17.06 31.17
C ASP A 341 -5.57 16.87 32.02
N ALA A 342 -6.55 16.11 31.54
CA ALA A 342 -7.72 15.82 32.34
C ALA A 342 -7.37 15.02 33.58
N LEU A 343 -6.38 14.12 33.46
CA LEU A 343 -5.91 13.35 34.61
C LEU A 343 -5.15 14.23 35.59
N THR A 344 -4.36 15.19 35.09
CA THR A 344 -3.74 16.16 35.98
C THR A 344 -4.81 17.01 36.65
N TYR A 345 -5.83 17.40 35.89
CA TYR A 345 -6.97 18.11 36.45
C TYR A 345 -7.64 17.31 37.56
N ALA A 346 -7.58 15.98 37.47
CA ALA A 346 -8.32 15.15 38.43
C ALA A 346 -7.68 15.18 39.81
N GLU A 347 -6.37 15.42 39.90
CA GLU A 347 -5.72 15.25 41.20
C GLU A 347 -6.04 16.37 42.17
N GLN A 348 -6.67 17.46 41.72
CA GLN A 348 -7.09 18.50 42.65
C GLN A 348 -8.22 18.03 43.57
N PHE A 349 -8.90 16.96 43.21
CA PHE A 349 -10.00 16.45 44.01
C PHE A 349 -9.53 15.50 45.09
N LYS A 350 -8.23 15.28 45.22
CA LYS A 350 -7.62 14.32 46.13
C LYS A 350 -8.39 12.99 46.10
N PRO A 351 -8.45 12.33 44.95
CA PRO A 351 -9.41 11.23 44.76
C PRO A 351 -9.01 9.94 45.46
N LYS A 352 -10.04 9.16 45.80
CA LYS A 352 -9.82 7.81 46.32
C LYS A 352 -9.37 6.87 45.20
N ALA A 353 -9.87 7.10 43.98
CA ALA A 353 -9.53 6.30 42.81
C ALA A 353 -9.88 7.09 41.57
N VAL A 354 -9.05 6.95 40.53
CA VAL A 354 -9.29 7.59 39.24
C VAL A 354 -9.33 6.49 38.20
N ILE A 355 -10.45 6.41 37.46
CA ILE A 355 -10.58 5.50 36.34
C ILE A 355 -10.83 6.33 35.10
N ASP A 356 -9.97 6.19 34.10
CA ASP A 356 -10.18 6.83 32.82
C ASP A 356 -10.69 5.80 31.82
N VAL A 357 -11.56 6.25 30.91
CA VAL A 357 -12.18 5.40 29.91
C VAL A 357 -11.95 6.05 28.55
N ALA A 358 -11.39 5.29 27.62
CA ALA A 358 -11.03 5.86 26.34
C ALA A 358 -11.00 4.80 25.26
N THR A 359 -11.50 5.18 24.08
CA THR A 359 -11.24 4.43 22.85
C THR A 359 -9.85 4.86 22.39
N LEU A 360 -8.82 4.29 23.02
CA LEU A 360 -7.48 4.87 22.94
C LEU A 360 -6.63 4.28 21.82
N THR A 361 -6.54 2.95 21.71
CA THR A 361 -5.61 2.34 20.77
C THR A 361 -6.33 1.27 19.94
N GLY A 362 -6.07 1.26 18.64
CA GLY A 362 -6.44 0.12 17.82
C GLY A 362 -5.67 -1.14 18.15
N ALA A 363 -4.51 -0.99 18.80
CA ALA A 363 -3.71 -2.15 19.18
C ALA A 363 -4.43 -3.00 20.22
N CYS A 364 -5.31 -2.39 21.02
CA CYS A 364 -6.04 -3.18 22.00
C CYS A 364 -6.91 -4.22 21.32
N ILE A 365 -7.49 -3.87 20.16
CA ILE A 365 -8.27 -4.83 19.40
C ILE A 365 -7.39 -5.96 18.89
N VAL A 366 -6.17 -5.64 18.48
CA VAL A 366 -5.22 -6.68 18.08
C VAL A 366 -4.87 -7.55 19.28
N ALA A 367 -4.76 -6.94 20.47
CA ALA A 367 -4.37 -7.68 21.66
C ALA A 367 -5.51 -8.54 22.20
N LEU A 368 -6.69 -7.95 22.42
CA LEU A 368 -7.76 -8.61 23.14
C LEU A 368 -9.05 -8.80 22.35
N GLY A 369 -9.20 -8.17 21.19
CA GLY A 369 -10.36 -8.38 20.35
C GLY A 369 -11.44 -7.34 20.54
N HIS A 370 -12.64 -7.70 20.08
CA HIS A 370 -13.78 -6.80 20.13
C HIS A 370 -14.72 -7.05 21.30
N ASP A 371 -14.45 -8.05 22.13
CA ASP A 371 -15.39 -8.43 23.18
C ASP A 371 -14.81 -8.33 24.58
N VAL A 372 -13.53 -7.95 24.70
CA VAL A 372 -12.85 -7.86 26.00
C VAL A 372 -12.15 -6.51 26.06
N SER A 373 -12.49 -5.70 27.06
CA SER A 373 -11.82 -4.42 27.26
C SER A 373 -10.47 -4.62 27.93
N GLY A 374 -9.55 -3.69 27.67
CA GLY A 374 -8.25 -3.71 28.31
C GLY A 374 -8.23 -2.88 29.59
N VAL A 375 -7.56 -3.41 30.61
CA VAL A 375 -7.39 -2.73 31.90
C VAL A 375 -5.90 -2.60 32.20
N MET A 376 -5.47 -1.40 32.56
CA MET A 376 -4.11 -1.15 33.04
C MET A 376 -4.19 -0.11 34.14
N GLY A 377 -3.21 -0.11 35.03
CA GLY A 377 -3.20 0.85 36.11
C GLY A 377 -1.96 0.71 36.96
N ASN A 378 -1.87 1.59 37.96
CA ASN A 378 -0.75 1.59 38.90
C ASN A 378 -1.14 1.07 40.28
N ASN A 379 -2.39 0.66 40.48
CA ASN A 379 -2.88 0.20 41.78
C ASN A 379 -3.58 -1.14 41.55
N GLN A 380 -2.97 -2.23 42.03
CA GLN A 380 -3.50 -3.55 41.72
C GLN A 380 -4.83 -3.81 42.43
N ASP A 381 -5.04 -3.19 43.59
CA ASP A 381 -6.33 -3.32 44.27
C ASP A 381 -7.44 -2.68 43.43
N LEU A 382 -7.14 -1.53 42.82
CA LEU A 382 -8.13 -0.90 41.95
C LEU A 382 -8.39 -1.75 40.71
N ILE A 383 -7.34 -2.30 40.11
CA ILE A 383 -7.51 -3.13 38.91
C ILE A 383 -8.32 -4.37 39.25
N ASP A 384 -8.04 -5.00 40.40
CA ASP A 384 -8.79 -6.18 40.80
C ASP A 384 -10.27 -5.85 41.04
N SER A 385 -10.55 -4.65 41.57
CA SER A 385 -11.94 -4.24 41.75
C SER A 385 -12.68 -4.16 40.42
N LEU A 386 -12.02 -3.60 39.40
CA LEU A 386 -12.65 -3.46 38.09
C LEU A 386 -12.85 -4.83 37.43
N LEU A 387 -11.86 -5.73 37.56
CA LEU A 387 -12.01 -7.08 37.03
C LEU A 387 -13.12 -7.82 37.77
N ALA A 388 -13.25 -7.59 39.08
CA ALA A 388 -14.33 -8.23 39.81
C ALA A 388 -15.68 -7.82 39.23
N ALA A 389 -15.87 -6.52 39.01
CA ALA A 389 -17.11 -6.06 38.41
C ALA A 389 -17.29 -6.63 37.01
N SER A 390 -16.20 -6.74 36.25
CA SER A 390 -16.23 -7.35 34.93
C SER A 390 -16.85 -8.74 34.98
N TYR A 391 -16.45 -9.54 35.96
CA TYR A 391 -16.97 -10.89 36.07
C TYR A 391 -18.40 -10.90 36.56
N ASN A 392 -18.79 -9.92 37.38
CA ASN A 392 -20.14 -9.90 37.95
C ASN A 392 -21.21 -9.75 36.88
N VAL A 393 -20.95 -8.95 35.86
CA VAL A 393 -21.94 -8.66 34.82
C VAL A 393 -21.57 -9.26 33.47
N ASP A 394 -20.45 -9.98 33.38
CA ASP A 394 -19.97 -10.55 32.11
C ASP A 394 -19.74 -9.44 31.07
N ASP A 395 -19.22 -8.30 31.53
CA ASP A 395 -18.69 -7.27 30.64
C ASP A 395 -17.17 -7.45 30.67
N LYS A 396 -16.68 -8.28 29.76
CA LYS A 396 -15.37 -8.88 29.95
C LYS A 396 -14.24 -7.86 29.83
N ALA A 397 -13.21 -8.07 30.66
CA ALA A 397 -12.03 -7.23 30.69
C ALA A 397 -10.84 -8.11 31.06
N TRP A 398 -9.65 -7.65 30.71
CA TRP A 398 -8.42 -8.36 31.02
C TRP A 398 -7.32 -7.34 31.27
N GLN A 399 -6.43 -7.65 32.19
CA GLN A 399 -5.37 -6.74 32.58
C GLN A 399 -4.18 -6.86 31.64
N LEU A 400 -3.60 -5.71 31.26
CA LEU A 400 -2.30 -5.70 30.63
C LEU A 400 -1.28 -5.05 31.56
N PRO A 401 -0.02 -5.50 31.53
CA PRO A 401 0.93 -5.07 32.55
C PRO A 401 1.55 -3.70 32.25
N LEU A 402 1.76 -2.92 33.30
CA LEU A 402 2.51 -1.66 33.19
C LEU A 402 3.92 -1.82 33.77
N PHE A 403 4.67 -2.77 33.21
CA PHE A 403 6.06 -2.95 33.58
C PHE A 403 6.84 -1.66 33.34
N GLU A 404 7.92 -1.47 34.10
CA GLU A 404 8.70 -0.26 33.94
C GLU A 404 9.50 -0.27 32.65
N THR A 405 9.76 -1.45 32.07
CA THR A 405 10.55 -1.52 30.85
C THR A 405 9.83 -0.90 29.65
N TYR A 406 8.50 -0.77 29.71
CA TYR A 406 7.80 -0.09 28.63
C TYR A 406 8.16 1.39 28.58
N LYS A 407 8.53 1.99 29.71
CA LYS A 407 8.98 3.37 29.68
C LYS A 407 10.22 3.52 28.81
N ASP A 408 10.98 2.44 28.60
CA ASP A 408 12.13 2.49 27.73
C ASP A 408 11.76 2.76 26.28
N GLN A 409 10.51 2.48 25.88
CA GLN A 409 10.07 2.74 24.52
C GLN A 409 9.64 4.19 24.30
N LEU A 410 9.64 5.02 25.34
CA LEU A 410 9.18 6.41 25.28
C LEU A 410 10.36 7.34 25.58
N LYS A 411 11.17 7.64 24.57
CA LYS A 411 12.31 8.54 24.71
C LYS A 411 12.26 9.62 23.65
N SER A 412 12.69 10.82 24.01
CA SER A 412 12.74 11.93 23.07
C SER A 412 13.98 12.78 23.32
N ASN A 413 14.64 13.16 22.23
CA ASN A 413 15.79 14.05 22.34
C ASN A 413 15.40 15.51 22.41
N PHE A 414 14.10 15.81 22.47
CA PHE A 414 13.65 17.20 22.36
C PHE A 414 12.69 17.58 23.48
N ALA A 415 11.86 16.65 23.92
CA ALA A 415 10.90 16.93 24.99
C ALA A 415 11.10 15.96 26.15
N ASP A 416 10.35 16.16 27.22
CA ASP A 416 10.41 15.24 28.34
C ASP A 416 9.94 13.85 27.96
N ILE A 417 8.84 13.75 27.21
CA ILE A 417 8.34 12.46 26.74
C ILE A 417 7.74 12.63 25.35
N PRO A 418 7.87 11.60 24.52
CA PRO A 418 7.15 11.59 23.24
C PRO A 418 5.73 11.09 23.44
N ASN A 419 4.85 11.48 22.52
CA ASN A 419 3.46 11.03 22.67
C ASN A 419 3.24 9.63 22.12
N ILE A 420 4.19 9.08 21.35
CA ILE A 420 4.15 7.68 20.94
C ILE A 420 5.50 7.05 21.26
N GLY A 421 5.50 5.73 21.35
CA GLY A 421 6.70 4.98 21.63
C GLY A 421 7.23 4.25 20.41
N THR A 422 8.39 3.63 20.61
CA THR A 422 8.93 2.73 19.59
C THR A 422 7.92 1.61 19.31
N PRO A 423 7.97 1.01 18.12
CA PRO A 423 6.92 0.05 17.75
C PRO A 423 6.83 -1.12 18.71
N GLY A 424 5.62 -1.63 18.89
CA GLY A 424 5.39 -2.77 19.76
C GLY A 424 4.64 -2.33 21.00
N ALA A 425 3.73 -3.19 21.47
CA ALA A 425 2.99 -2.98 22.71
C ALA A 425 2.25 -1.64 22.70
N GLY A 426 1.52 -1.38 21.61
CA GLY A 426 0.88 -0.09 21.41
C GLY A 426 -0.08 0.30 22.52
N THR A 427 -0.89 -0.65 22.98
CA THR A 427 -1.85 -0.35 24.04
C THR A 427 -1.15 -0.06 25.35
N ILE A 428 -0.13 -0.84 25.67
CA ILE A 428 0.60 -0.65 26.92
C ILE A 428 1.41 0.64 26.88
N THR A 429 2.02 0.95 25.73
CA THR A 429 2.81 2.18 25.61
C THR A 429 1.95 3.42 25.87
N ALA A 430 0.75 3.47 25.28
CA ALA A 430 -0.14 4.60 25.50
C ALA A 430 -0.55 4.70 26.97
N ALA A 431 -0.84 3.56 27.60
CA ALA A 431 -1.10 3.55 29.03
C ALA A 431 0.11 4.04 29.80
N THR A 432 1.33 3.67 29.36
CA THR A 432 2.55 4.13 30.01
C THR A 432 2.71 5.64 29.90
N PHE A 433 2.46 6.19 28.71
CA PHE A 433 2.43 7.64 28.56
C PHE A 433 1.53 8.28 29.62
N LEU A 434 0.29 7.79 29.72
CA LEU A 434 -0.66 8.35 30.68
C LEU A 434 -0.17 8.21 32.11
N SER A 435 0.56 7.13 32.41
CA SER A 435 0.97 6.86 33.78
C SER A 435 1.89 7.93 34.33
N TYR A 436 2.59 8.67 33.46
CA TYR A 436 3.44 9.74 33.93
C TYR A 436 2.63 10.85 34.59
N PHE A 437 1.32 10.89 34.37
CA PHE A 437 0.46 11.93 34.91
C PHE A 437 -0.43 11.43 36.03
N THR A 438 -0.35 10.14 36.39
CA THR A 438 -1.26 9.54 37.37
C THR A 438 -0.52 8.95 38.56
N GLU A 439 0.72 9.38 38.80
CA GLU A 439 1.51 8.78 39.86
C GLU A 439 1.04 9.20 41.24
N GLY A 440 0.14 10.18 41.34
CA GLY A 440 -0.29 10.73 42.60
C GLY A 440 -1.58 10.17 43.19
N TYR A 441 -2.19 9.17 42.57
CA TYR A 441 -3.41 8.60 43.08
C TYR A 441 -3.56 7.19 42.53
N PRO A 442 -4.37 6.34 43.15
CA PRO A 442 -4.66 5.03 42.55
C PRO A 442 -5.40 5.20 41.24
N TRP A 443 -4.87 4.59 40.19
CA TRP A 443 -5.36 4.88 38.85
C TRP A 443 -5.49 3.61 38.02
N ALA A 444 -6.54 3.57 37.21
CA ALA A 444 -6.73 2.50 36.24
C ALA A 444 -7.28 3.10 34.95
N HIS A 445 -7.03 2.40 33.86
CA HIS A 445 -7.30 2.87 32.50
C HIS A 445 -8.04 1.77 31.76
N LEU A 446 -9.19 2.12 31.18
CA LEU A 446 -10.02 1.18 30.43
C LEU A 446 -9.91 1.53 28.96
N ASP A 447 -9.26 0.67 28.18
CA ASP A 447 -9.14 0.86 26.74
C ASP A 447 -10.32 0.14 26.08
N ILE A 448 -11.29 0.91 25.60
CA ILE A 448 -12.53 0.37 25.10
C ILE A 448 -12.64 0.52 23.57
N ALA A 449 -11.50 0.63 22.89
CA ALA A 449 -11.53 0.83 21.43
C ALA A 449 -12.18 -0.33 20.70
N GLY A 450 -12.24 -1.51 21.30
CA GLY A 450 -12.84 -2.65 20.64
C GLY A 450 -14.26 -2.96 21.11
N THR A 451 -14.57 -2.64 22.36
CA THR A 451 -15.83 -3.01 22.98
C THR A 451 -16.89 -1.91 22.95
N ALA A 452 -16.52 -0.67 22.63
CA ALA A 452 -17.46 0.43 22.69
C ALA A 452 -18.43 0.46 21.51
N TRP A 453 -18.12 -0.22 20.41
CA TRP A 453 -19.06 -0.24 19.28
C TRP A 453 -18.82 -1.49 18.45
N LYS A 454 -19.80 -1.81 17.60
CA LYS A 454 -19.71 -2.90 16.66
C LYS A 454 -19.92 -2.36 15.25
N SER A 455 -19.60 -3.19 14.26
CA SER A 455 -19.63 -2.81 12.85
C SER A 455 -20.58 -3.71 12.07
N GLY A 456 -20.60 -3.48 10.76
CA GLY A 456 -21.41 -4.27 9.85
C GLY A 456 -22.86 -3.85 9.90
N ALA A 457 -23.75 -4.82 9.69
CA ALA A 457 -25.18 -4.51 9.59
C ALA A 457 -25.71 -3.89 10.87
N GLU A 458 -25.10 -4.20 12.01
CA GLU A 458 -25.57 -3.75 13.30
C GLU A 458 -24.70 -2.62 13.85
N LYS A 459 -24.09 -1.83 12.95
CA LYS A 459 -23.18 -0.78 13.36
C LYS A 459 -23.85 0.16 14.36
N GLY A 460 -23.19 0.38 15.48
CA GLY A 460 -23.70 1.29 16.48
C GLY A 460 -22.93 1.15 17.77
N ALA A 461 -23.21 2.05 18.69
CA ALA A 461 -22.60 2.00 20.00
C ALA A 461 -23.20 0.86 20.81
N THR A 462 -22.35 0.24 21.65
CA THR A 462 -22.78 -0.89 22.46
C THR A 462 -23.20 -0.49 23.85
N GLY A 463 -22.75 0.66 24.35
CA GLY A 463 -23.00 1.01 25.73
C GLY A 463 -21.98 0.41 26.68
N ARG A 464 -21.02 -0.38 26.17
CA ARG A 464 -19.99 -0.88 27.06
C ARG A 464 -18.88 0.16 27.22
N PRO A 465 -18.19 0.18 28.37
CA PRO A 465 -18.34 -0.70 29.52
C PRO A 465 -19.20 -0.14 30.65
N VAL A 466 -20.33 0.52 30.37
CA VAL A 466 -21.22 1.02 31.42
C VAL A 466 -21.62 -0.08 32.38
N PRO A 467 -21.94 -1.31 31.94
CA PRO A 467 -22.23 -2.37 32.93
C PRO A 467 -21.10 -2.60 33.92
N LEU A 468 -19.86 -2.71 33.45
CA LEU A 468 -18.73 -2.93 34.35
C LEU A 468 -18.59 -1.77 35.32
N LEU A 469 -18.52 -0.55 34.79
CA LEU A 469 -18.26 0.61 35.64
C LEU A 469 -19.35 0.78 36.68
N MET A 470 -20.62 0.60 36.29
CA MET A 470 -21.70 0.78 37.24
C MET A 470 -21.66 -0.30 38.32
N ASN A 471 -21.31 -1.54 37.95
CA ASN A 471 -21.19 -2.60 38.94
C ASN A 471 -20.04 -2.31 39.89
N TYR A 472 -18.93 -1.77 39.36
CA TYR A 472 -17.83 -1.34 40.22
C TYR A 472 -18.29 -0.32 41.26
N LEU A 473 -19.14 0.63 40.85
CA LEU A 473 -19.59 1.66 41.79
C LEU A 473 -20.50 1.07 42.84
N ARG A 474 -21.39 0.14 42.45
CA ARG A 474 -22.29 -0.47 43.40
C ARG A 474 -21.55 -1.27 44.46
N ASN A 475 -20.33 -1.74 44.15
CA ASN A 475 -19.55 -2.56 45.06
C ASN A 475 -18.47 -1.78 45.81
N LEU A 476 -18.46 -0.46 45.69
CA LEU A 476 -17.48 0.36 46.41
C LEU A 476 -17.65 0.20 47.92
N MET B 9 34.66 -20.45 28.24
CA MET B 9 34.27 -19.69 29.43
C MET B 9 33.99 -20.62 30.62
N GLU B 10 34.97 -20.76 31.51
CA GLU B 10 34.89 -21.60 32.71
C GLU B 10 34.80 -20.73 33.96
N PHE B 11 33.98 -21.16 34.92
CA PHE B 11 33.75 -20.44 36.17
C PHE B 11 34.19 -21.30 37.34
N SER B 12 34.95 -20.71 38.26
CA SER B 12 35.46 -21.40 39.43
C SER B 12 35.30 -20.51 40.66
N THR B 13 35.68 -21.03 41.82
CA THR B 13 35.47 -20.33 43.07
C THR B 13 36.70 -20.45 43.99
N LYS B 14 36.93 -19.40 44.78
CA LYS B 14 37.94 -19.38 45.83
C LYS B 14 37.32 -18.81 47.09
N THR B 15 37.92 -19.13 48.24
CA THR B 15 37.40 -18.67 49.51
C THR B 15 38.09 -17.40 50.04
N GLU B 16 39.33 -17.16 49.63
CA GLU B 16 40.08 -16.01 50.12
C GLU B 16 39.50 -14.70 49.60
N ILE B 17 39.87 -13.61 50.27
CA ILE B 17 39.52 -12.27 49.78
C ILE B 17 40.33 -11.97 48.54
N LEU B 18 39.75 -11.21 47.62
CA LEU B 18 40.46 -10.79 46.42
C LEU B 18 41.56 -9.81 46.82
N GLN B 19 42.81 -10.25 46.72
CA GLN B 19 43.94 -9.41 47.09
C GLN B 19 44.32 -8.50 45.94
N GLU B 20 44.78 -7.29 46.29
CA GLU B 20 45.10 -6.29 45.28
C GLU B 20 46.24 -6.74 44.36
N GLN B 21 47.06 -7.69 44.79
CA GLN B 21 48.20 -8.16 44.02
C GLN B 21 47.87 -9.28 43.04
N GLN B 22 46.62 -9.75 43.00
CA GLN B 22 46.24 -10.81 42.08
C GLN B 22 46.37 -10.36 40.63
N ALA B 23 46.92 -11.25 39.79
CA ALA B 23 47.07 -10.97 38.36
C ALA B 23 45.73 -11.13 37.65
N GLY B 24 45.55 -10.34 36.60
CA GLY B 24 44.33 -10.36 35.81
C GLY B 24 43.43 -9.20 36.18
N ALA B 25 42.26 -9.18 35.56
CA ALA B 25 41.30 -8.13 35.84
C ALA B 25 40.61 -8.37 37.18
N GLN B 26 40.26 -7.28 37.86
CA GLN B 26 39.71 -7.32 39.21
C GLN B 26 38.36 -6.59 39.18
N LEU B 27 37.31 -7.30 39.59
CA LEU B 27 35.96 -6.74 39.66
C LEU B 27 35.43 -6.88 41.09
N PHE B 28 34.98 -5.76 41.65
CA PHE B 28 34.44 -5.73 43.01
C PHE B 28 32.95 -5.43 42.96
N VAL B 29 32.13 -6.42 43.25
CA VAL B 29 30.70 -6.24 43.35
C VAL B 29 30.41 -5.78 44.78
N CYS B 30 30.07 -4.51 44.92
CA CYS B 30 29.86 -3.88 46.21
C CYS B 30 28.38 -3.62 46.43
N ALA B 31 28.03 -3.37 47.69
CA ALA B 31 26.67 -2.95 47.99
C ALA B 31 26.66 -1.45 48.23
N ASP B 32 26.91 -1.01 49.47
CA ASP B 32 26.99 0.40 49.77
C ASP B 32 28.35 0.84 50.28
N LYS B 33 29.22 -0.08 50.66
CA LYS B 33 30.54 0.25 51.18
C LYS B 33 31.58 0.05 50.10
N ALA B 34 32.54 0.98 50.02
CA ALA B 34 33.62 0.86 49.07
C ALA B 34 34.53 -0.31 49.42
N PRO B 35 35.15 -0.95 48.43
CA PRO B 35 36.13 -2.00 48.73
C PRO B 35 37.29 -1.44 49.53
N GLU B 36 37.71 -2.20 50.54
CA GLU B 36 38.65 -1.69 51.53
C GLU B 36 40.10 -1.80 51.06
N HIS B 37 40.49 -2.98 50.60
CA HIS B 37 41.90 -3.27 50.31
C HIS B 37 42.20 -3.23 48.82
N ASN B 38 41.68 -2.22 48.12
CA ASN B 38 42.07 -1.99 46.74
C ASN B 38 42.01 -0.49 46.49
N THR B 39 43.15 0.13 46.20
CA THR B 39 43.18 1.58 46.04
C THR B 39 42.37 2.02 44.83
N ALA B 40 42.59 1.36 43.69
CA ALA B 40 41.89 1.74 42.46
C ALA B 40 40.39 1.48 42.57
N ALA B 41 40.01 0.33 43.12
CA ALA B 41 38.59 0.03 43.25
C ALA B 41 37.91 0.96 44.25
N HIS B 42 38.63 1.42 45.27
CA HIS B 42 38.07 2.39 46.21
C HIS B 42 37.80 3.71 45.51
N ALA B 43 38.74 4.17 44.68
CA ALA B 43 38.56 5.43 43.98
C ALA B 43 37.37 5.37 43.02
N LEU B 44 37.19 4.24 42.33
CA LEU B 44 36.06 4.10 41.41
C LEU B 44 34.75 4.20 42.16
N PHE B 45 34.61 3.47 43.27
CA PHE B 45 33.37 3.49 44.02
C PHE B 45 33.07 4.88 44.60
N SER B 46 34.10 5.55 45.12
CA SER B 46 33.90 6.85 45.73
C SER B 46 33.44 7.90 44.72
N ALA B 47 33.77 7.70 43.44
CA ALA B 47 33.46 8.68 42.40
C ALA B 47 32.17 8.37 41.65
N LEU B 48 31.44 7.32 42.04
CA LEU B 48 30.21 6.96 41.34
C LEU B 48 29.17 8.07 41.48
N GLU B 49 28.52 8.40 40.36
CA GLU B 49 27.56 9.50 40.31
C GLU B 49 26.18 8.99 40.77
N GLU B 50 25.13 9.75 40.48
CA GLU B 50 23.82 9.44 41.06
C GLU B 50 23.26 8.14 40.50
N GLY B 51 23.23 8.01 39.18
CA GLY B 51 22.74 6.80 38.56
C GLY B 51 23.81 5.82 38.16
N GLN B 52 25.08 6.13 38.43
CA GLN B 52 26.18 5.27 38.02
C GLN B 52 26.25 4.04 38.91
N ASN B 53 26.35 2.86 38.30
CA ASN B 53 26.45 1.61 39.02
C ASN B 53 27.59 0.74 38.53
N PHE B 54 28.32 1.18 37.51
CA PHE B 54 29.50 0.48 37.05
C PHE B 54 30.57 1.50 36.71
N SER B 55 31.82 1.16 37.00
CA SER B 55 32.94 2.04 36.70
C SER B 55 34.18 1.17 36.55
N ASP B 56 35.02 1.50 35.58
CA ASP B 56 36.23 0.73 35.32
C ASP B 56 37.38 1.65 34.98
N THR B 57 38.60 1.12 35.14
CA THR B 57 39.82 1.84 34.82
C THR B 57 40.92 0.85 34.49
N LYS B 58 42.05 1.38 34.01
CA LYS B 58 43.21 0.59 33.67
C LYS B 58 44.40 1.13 34.45
N ILE B 59 44.94 0.32 35.35
CA ILE B 59 46.02 0.73 36.25
C ILE B 59 47.35 0.27 35.65
N PRO B 60 48.33 1.15 35.49
CA PRO B 60 49.65 0.71 35.00
C PRO B 60 50.39 -0.07 36.08
N THR B 61 50.80 -1.29 35.74
CA THR B 61 51.61 -2.12 36.61
C THR B 61 52.85 -2.59 35.86
N ASP B 62 53.73 -3.31 36.56
CA ASP B 62 54.93 -3.84 35.93
C ASP B 62 54.60 -4.98 34.97
N ASN B 63 53.42 -5.59 35.08
CA ASN B 63 52.98 -6.64 34.18
C ASN B 63 51.95 -6.16 33.17
N GLY B 64 51.92 -4.87 32.89
CA GLY B 64 51.02 -4.29 31.91
C GLY B 64 49.92 -3.46 32.55
N LEU B 65 48.90 -3.15 31.75
CA LEU B 65 47.74 -2.42 32.25
C LEU B 65 46.77 -3.41 32.90
N GLN B 66 46.36 -3.12 34.12
CA GLN B 66 45.45 -3.98 34.86
C GLN B 66 44.07 -3.34 34.91
N ALA B 67 43.05 -4.14 34.60
CA ALA B 67 41.68 -3.66 34.56
C ALA B 67 41.04 -3.80 35.94
N VAL B 68 40.49 -2.69 36.44
CA VAL B 68 39.83 -2.66 37.73
C VAL B 68 38.44 -2.08 37.53
N ALA B 69 37.43 -2.72 38.12
CA ALA B 69 36.05 -2.27 37.97
C ALA B 69 35.28 -2.48 39.26
N VAL B 70 34.21 -1.72 39.43
CA VAL B 70 33.30 -1.85 40.56
C VAL B 70 31.87 -1.91 40.03
N VAL B 71 31.01 -2.58 40.79
CA VAL B 71 29.56 -2.59 40.57
C VAL B 71 28.88 -2.23 41.87
N ARG B 72 27.93 -1.31 41.82
CA ARG B 72 27.15 -0.91 42.99
C ARG B 72 25.75 -1.49 42.87
N LEU B 73 25.39 -2.35 43.82
CA LEU B 73 24.05 -2.94 43.90
C LEU B 73 23.31 -2.28 45.05
N GLU B 74 22.44 -1.32 44.72
CA GLU B 74 21.60 -0.72 45.75
C GLU B 74 20.39 -1.60 46.05
N LYS B 75 19.69 -2.04 45.01
CA LYS B 75 18.52 -2.88 45.13
C LYS B 75 18.90 -4.37 45.16
N THR B 76 17.92 -5.19 45.52
CA THR B 76 18.12 -6.62 45.67
C THR B 76 17.32 -7.47 44.71
N ASP B 77 16.39 -6.88 43.95
CA ASP B 77 15.56 -7.66 43.02
C ASP B 77 16.40 -8.22 41.90
N ARG B 78 15.92 -9.33 41.31
CA ARG B 78 16.66 -9.96 40.22
C ARG B 78 16.75 -9.08 38.99
N ALA B 79 15.74 -8.25 38.74
CA ALA B 79 15.79 -7.35 37.60
C ALA B 79 16.92 -6.35 37.73
N ALA B 80 17.07 -5.74 38.91
CA ALA B 80 18.19 -4.85 39.15
C ALA B 80 19.52 -5.59 39.11
N LEU B 81 19.54 -6.83 39.60
CA LEU B 81 20.76 -7.64 39.57
C LEU B 81 21.18 -7.99 38.16
N ASN B 82 20.23 -8.50 37.35
CA ASN B 82 20.54 -8.82 35.96
C ASN B 82 21.05 -7.58 35.23
N LYS B 83 20.47 -6.42 35.53
CA LYS B 83 20.84 -5.19 34.82
C LYS B 83 22.28 -4.79 35.13
N ALA B 84 22.67 -4.85 36.41
CA ALA B 84 24.06 -4.56 36.77
C ALA B 84 25.01 -5.59 36.18
N ALA B 85 24.62 -6.86 36.19
CA ALA B 85 25.48 -7.91 35.64
C ALA B 85 25.69 -7.72 34.15
N ALA B 86 24.67 -7.28 33.43
CA ALA B 86 24.82 -7.05 32.00
C ALA B 86 25.80 -5.92 31.73
N GLU B 87 25.69 -4.83 32.49
CA GLU B 87 26.60 -3.71 32.35
C GLU B 87 28.03 -4.12 32.64
N ALA B 88 28.23 -4.95 33.66
CA ALA B 88 29.56 -5.45 33.97
C ALA B 88 30.05 -6.45 32.91
N ALA B 89 29.12 -7.19 32.30
CA ALA B 89 29.51 -8.21 31.32
C ALA B 89 30.08 -7.60 30.05
N LYS B 90 29.59 -6.42 29.64
CA LYS B 90 30.14 -5.80 28.45
C LYS B 90 31.61 -5.46 28.64
N TRP B 91 32.02 -5.22 29.88
CA TRP B 91 33.43 -5.00 30.21
C TRP B 91 34.18 -6.30 30.37
N ALA B 92 33.52 -7.35 30.90
CA ALA B 92 34.19 -8.59 31.22
C ALA B 92 34.58 -9.41 30.00
N GLN B 93 33.89 -9.21 28.87
CA GLN B 93 34.18 -10.00 27.67
C GLN B 93 35.54 -9.64 27.07
N ASN B 94 36.11 -8.49 27.42
CA ASN B 94 37.41 -8.08 26.91
C ASN B 94 38.55 -8.39 27.86
N GLN B 95 38.27 -9.11 28.96
CA GLN B 95 39.29 -9.46 29.94
C GLN B 95 39.45 -10.97 29.96
N GLU B 96 40.68 -11.43 29.76
CA GLU B 96 40.90 -12.88 29.72
C GLU B 96 40.52 -13.51 31.04
N THR B 97 40.89 -12.88 32.15
CA THR B 97 40.62 -13.38 33.48
C THR B 97 39.97 -12.26 34.29
N VAL B 98 38.82 -12.56 34.88
CA VAL B 98 38.12 -11.62 35.74
C VAL B 98 37.99 -12.24 37.13
N ASN B 99 38.59 -11.59 38.13
CA ASN B 99 38.42 -11.99 39.52
C ASN B 99 37.32 -11.12 40.11
N VAL B 100 36.25 -11.77 40.56
CA VAL B 100 35.06 -11.10 41.09
C VAL B 100 35.08 -11.26 42.60
N ASP B 101 34.98 -10.14 43.31
CA ASP B 101 34.84 -10.16 44.77
C ASP B 101 33.38 -9.97 45.12
N VAL B 102 32.81 -10.92 45.84
CA VAL B 102 31.41 -10.85 46.24
C VAL B 102 31.31 -11.07 47.74
N HIS B 103 32.34 -10.66 48.48
CA HIS B 103 32.36 -10.84 49.93
C HIS B 103 31.39 -9.91 50.66
N ALA B 104 30.86 -8.90 50.00
CA ALA B 104 29.97 -7.95 50.67
C ALA B 104 28.56 -8.48 50.86
N PHE B 105 28.33 -9.77 50.66
CA PHE B 105 26.98 -10.32 50.70
C PHE B 105 26.97 -11.61 51.50
N ASP B 106 25.83 -11.90 52.11
CA ASP B 106 25.66 -13.14 52.84
C ASP B 106 25.54 -14.30 51.84
N GLU B 107 25.36 -15.52 52.37
CA GLU B 107 25.38 -16.71 51.52
C GLU B 107 24.31 -16.66 50.43
N ALA B 108 23.08 -16.27 50.79
CA ALA B 108 22.01 -16.29 49.80
C ALA B 108 22.23 -15.23 48.74
N GLN B 109 22.64 -14.03 49.16
CA GLN B 109 22.89 -12.97 48.19
C GLN B 109 24.10 -13.27 47.34
N ALA B 110 25.15 -13.85 47.94
CA ALA B 110 26.37 -14.14 47.17
C ALA B 110 26.10 -15.17 46.08
N ALA B 111 25.29 -16.19 46.37
CA ALA B 111 24.95 -17.16 45.34
C ALA B 111 24.16 -16.51 44.22
N ALA B 112 23.24 -15.61 44.56
CA ALA B 112 22.46 -14.94 43.53
C ALA B 112 23.33 -14.04 42.66
N VAL B 113 24.25 -13.28 43.29
CA VAL B 113 25.13 -12.40 42.53
C VAL B 113 26.04 -13.21 41.59
N ALA B 114 26.60 -14.31 42.09
CA ALA B 114 27.48 -15.12 41.26
C ALA B 114 26.70 -15.72 40.08
N GLU B 115 25.48 -16.20 40.32
CA GLU B 115 24.69 -16.79 39.25
C GLU B 115 24.42 -15.78 38.14
N ALA B 116 23.96 -14.58 38.50
CA ALA B 116 23.60 -13.59 37.49
C ALA B 116 24.82 -13.10 36.74
N PHE B 117 25.95 -12.91 37.44
CA PHE B 117 27.14 -12.40 36.77
C PHE B 117 27.75 -13.45 35.87
N ALA B 118 27.77 -14.71 36.32
CA ALA B 118 28.27 -15.78 35.46
C ALA B 118 27.38 -15.94 34.23
N ILE B 119 26.05 -15.83 34.41
CA ILE B 119 25.14 -15.88 33.27
C ILE B 119 25.43 -14.73 32.31
N ALA B 120 25.53 -13.51 32.85
CA ALA B 120 25.83 -12.35 32.02
C ALA B 120 27.19 -12.48 31.33
N PHE B 121 28.20 -12.97 32.07
CA PHE B 121 29.53 -13.13 31.48
C PHE B 121 29.48 -14.11 30.31
N GLY B 122 28.91 -15.30 30.53
CA GLY B 122 28.90 -16.31 29.48
C GLY B 122 28.12 -15.87 28.25
N ASN B 123 26.97 -15.25 28.46
CA ASN B 123 26.16 -14.82 27.32
C ASN B 123 26.85 -13.71 26.53
N ALA B 124 27.58 -12.83 27.22
CA ALA B 124 28.26 -11.75 26.52
C ALA B 124 29.43 -12.27 25.71
N ALA B 125 30.06 -13.37 26.17
CA ALA B 125 31.17 -13.94 25.43
C ALA B 125 30.73 -14.70 24.19
N TYR B 126 29.42 -14.94 24.04
CA TYR B 126 28.92 -15.70 22.90
C TYR B 126 29.24 -14.97 21.59
N ARG B 127 29.66 -15.75 20.60
CA ARG B 127 29.89 -15.26 19.25
C ARG B 127 29.38 -16.29 18.27
N PHE B 128 28.90 -15.80 17.11
CA PHE B 128 28.51 -16.66 16.00
C PHE B 128 29.38 -16.29 14.79
N ASP B 129 30.62 -16.78 14.79
CA ASP B 129 31.56 -16.53 13.73
C ASP B 129 31.62 -17.67 12.71
N ARG B 130 30.61 -18.54 12.71
CA ARG B 130 30.68 -19.79 11.95
C ARG B 130 30.95 -19.55 10.48
N TYR B 131 30.30 -18.55 9.88
CA TYR B 131 30.40 -18.33 8.44
C TYR B 131 31.42 -17.26 8.06
N LYS B 132 32.13 -16.70 9.04
CA LYS B 132 33.03 -15.59 8.75
C LYS B 132 34.44 -16.08 8.46
N LYS B 133 35.16 -15.33 7.63
CA LYS B 133 36.51 -15.73 7.25
C LYS B 133 37.42 -15.83 8.47
N GLU B 134 37.56 -14.74 9.21
CA GLU B 134 38.34 -14.75 10.44
C GLU B 134 37.39 -14.66 11.63
N ALA B 135 37.53 -15.60 12.55
CA ALA B 135 36.78 -15.53 13.79
C ALA B 135 37.37 -14.45 14.68
N LYS B 136 36.51 -13.62 15.26
CA LYS B 136 36.92 -12.59 16.22
C LYS B 136 36.28 -12.95 17.54
N PRO B 137 36.82 -13.94 18.26
CA PRO B 137 36.21 -14.37 19.52
C PRO B 137 36.47 -13.37 20.63
N ALA B 138 35.72 -13.53 21.71
CA ALA B 138 35.93 -12.69 22.88
C ALA B 138 37.17 -13.14 23.63
N LYS B 139 37.81 -12.21 24.31
CA LYS B 139 39.00 -12.54 25.07
C LYS B 139 38.67 -13.29 26.35
N PHE B 140 37.43 -13.17 26.84
CA PHE B 140 37.03 -13.75 28.11
C PHE B 140 37.19 -15.26 28.11
N SER B 141 37.86 -15.79 29.12
CA SER B 141 38.07 -17.22 29.25
C SER B 141 37.73 -17.77 30.64
N GLN B 142 38.05 -17.04 31.71
CA GLN B 142 37.88 -17.54 33.06
C GLN B 142 37.37 -16.44 33.98
N ALA B 143 36.45 -16.80 34.87
CA ALA B 143 35.98 -15.93 35.94
C ALA B 143 36.05 -16.68 37.26
N VAL B 144 36.58 -16.02 38.29
CA VAL B 144 36.77 -16.61 39.60
C VAL B 144 36.00 -15.79 40.63
N PHE B 145 35.11 -16.43 41.36
CA PHE B 145 34.25 -15.75 42.32
C PHE B 145 34.78 -15.98 43.74
N HIS B 146 35.16 -14.89 44.39
CA HIS B 146 35.72 -14.91 45.74
C HIS B 146 34.61 -14.71 46.77
N SER B 147 34.40 -15.72 47.60
CA SER B 147 33.35 -15.69 48.60
C SER B 147 33.67 -16.71 49.67
N ALA B 148 33.19 -16.45 50.89
CA ALA B 148 33.33 -17.41 51.98
C ALA B 148 32.23 -18.47 51.98
N HIS B 149 31.29 -18.38 51.05
CA HIS B 149 30.18 -19.33 50.97
C HIS B 149 30.36 -20.16 49.71
N GLU B 150 31.41 -20.98 49.75
CA GLU B 150 31.84 -21.70 48.56
C GLU B 150 30.78 -22.68 48.09
N ALA B 151 30.08 -23.33 49.03
CA ALA B 151 29.08 -24.32 48.67
C ALA B 151 27.96 -23.70 47.83
N ALA B 152 27.42 -22.56 48.28
CA ALA B 152 26.30 -21.93 47.57
C ALA B 152 26.74 -21.37 46.23
N VAL B 153 27.95 -20.81 46.16
CA VAL B 153 28.44 -20.25 44.91
C VAL B 153 28.73 -21.37 43.91
N LYS B 154 29.28 -22.49 44.38
CA LYS B 154 29.52 -23.62 43.51
C LYS B 154 28.23 -24.10 42.85
N GLU B 155 27.14 -24.15 43.62
CA GLU B 155 25.85 -24.55 43.07
C GLU B 155 25.30 -23.49 42.12
N ALA B 156 25.48 -22.21 42.46
CA ALA B 156 25.03 -21.14 41.59
C ALA B 156 25.76 -21.18 40.25
N LEU B 157 27.07 -21.43 40.27
CA LEU B 157 27.80 -21.51 39.01
C LEU B 157 27.41 -22.74 38.21
N ARG B 158 26.99 -23.81 38.90
CA ARG B 158 26.51 -24.99 38.18
C ARG B 158 25.23 -24.68 37.42
N VAL B 159 24.31 -23.95 38.06
CA VAL B 159 23.10 -23.50 37.39
C VAL B 159 23.44 -22.55 36.24
N ALA B 160 24.35 -21.61 36.50
CA ALA B 160 24.72 -20.63 35.48
C ALA B 160 25.31 -21.32 34.24
N GLU B 161 26.21 -22.29 34.46
CA GLU B 161 26.80 -22.99 33.33
C GLU B 161 25.74 -23.73 32.52
N ALA B 162 24.69 -24.24 33.17
CA ALA B 162 23.64 -24.94 32.45
C ALA B 162 22.81 -23.98 31.63
N GLN B 163 22.48 -22.81 32.19
CA GLN B 163 21.67 -21.85 31.44
C GLN B 163 22.45 -21.27 30.28
N VAL B 164 23.73 -20.96 30.48
CA VAL B 164 24.54 -20.45 29.38
C VAL B 164 24.71 -21.53 28.30
N TYR B 165 24.89 -22.78 28.74
CA TYR B 165 24.95 -23.89 27.79
C TYR B 165 23.69 -23.94 26.93
N GLY B 166 22.53 -23.83 27.56
CA GLY B 166 21.28 -23.90 26.82
C GLY B 166 21.06 -22.71 25.92
N GLN B 167 21.30 -21.49 26.44
CA GLN B 167 21.07 -20.30 25.64
C GLN B 167 22.00 -20.25 24.43
N SER B 168 23.26 -20.70 24.60
CA SER B 168 24.19 -20.69 23.47
C SER B 168 23.75 -21.67 22.39
N LEU B 169 23.36 -22.89 22.79
CA LEU B 169 22.84 -23.83 21.81
C LEU B 169 21.59 -23.27 21.15
N CYS B 170 20.70 -22.66 21.93
CA CYS B 170 19.51 -22.05 21.37
C CYS B 170 19.86 -20.96 20.37
N ARG B 171 20.82 -20.09 20.74
CA ARG B 171 21.23 -19.03 19.83
C ARG B 171 21.95 -19.59 18.62
N ASP B 172 22.77 -20.64 18.81
CA ASP B 172 23.45 -21.24 17.67
C ASP B 172 22.46 -21.80 16.67
N LEU B 173 21.36 -22.38 17.15
CA LEU B 173 20.36 -22.94 16.25
C LEU B 173 19.52 -21.84 15.60
N GLY B 174 19.19 -20.78 16.35
CA GLY B 174 18.41 -19.69 15.78
C GLY B 174 19.21 -18.83 14.81
N ASN B 175 20.48 -18.57 15.13
CA ASN B 175 21.31 -17.72 14.27
C ASN B 175 21.71 -18.41 12.97
N ALA B 176 21.73 -19.75 12.94
CA ALA B 176 22.19 -20.47 11.77
C ALA B 176 21.37 -20.07 10.54
N ALA B 177 22.04 -20.02 9.40
CA ALA B 177 21.36 -19.70 8.16
C ALA B 177 20.40 -20.83 7.78
N PRO B 178 19.26 -20.49 7.17
CA PRO B 178 18.27 -21.54 6.85
C PRO B 178 18.78 -22.57 5.87
N ASN B 179 19.75 -22.24 5.02
CA ASN B 179 20.29 -23.25 4.13
C ASN B 179 21.27 -24.17 4.83
N GLU B 180 21.73 -23.83 6.03
CA GLU B 180 22.43 -24.82 6.85
C GLU B 180 21.48 -25.50 7.82
N CYS B 181 20.75 -24.72 8.61
CA CYS B 181 19.81 -25.24 9.58
C CYS B 181 18.50 -25.60 8.88
N THR B 182 18.59 -26.66 8.06
CA THR B 182 17.44 -27.27 7.43
C THR B 182 16.71 -28.12 8.47
N PRO B 183 15.50 -28.59 8.16
CA PRO B 183 14.81 -29.49 9.12
C PRO B 183 15.66 -30.70 9.49
N GLU B 184 16.37 -31.29 8.53
CA GLU B 184 17.24 -32.40 8.86
C GLU B 184 18.36 -31.96 9.80
N PHE B 185 18.96 -30.80 9.52
CA PHE B 185 20.01 -30.30 10.39
C PHE B 185 19.50 -30.16 11.83
N LEU B 186 18.33 -29.55 11.98
CA LEU B 186 17.75 -29.37 13.31
C LEU B 186 17.50 -30.72 13.99
N ALA B 187 16.95 -31.68 13.26
CA ALA B 187 16.67 -32.99 13.84
C ALA B 187 17.96 -33.70 14.22
N ARG B 188 18.94 -33.73 13.32
CA ARG B 188 20.17 -34.45 13.62
C ARG B 188 20.97 -33.76 14.73
N THR B 189 20.89 -32.42 14.79
CA THR B 189 21.58 -31.70 15.86
C THR B 189 20.96 -31.98 17.21
N ALA B 190 19.62 -31.98 17.28
CA ALA B 190 18.95 -32.28 18.53
C ALA B 190 19.27 -33.70 18.99
N LYS B 191 19.30 -34.64 18.03
CA LYS B 191 19.64 -36.02 18.35
C LYS B 191 21.06 -36.13 18.90
N ALA B 192 22.01 -35.40 18.29
CA ALA B 192 23.41 -35.51 18.71
C ALA B 192 23.64 -34.87 20.07
N GLU B 193 23.03 -33.71 20.32
CA GLU B 193 23.20 -33.06 21.63
C GLU B 193 22.56 -33.86 22.74
N ALA B 194 21.36 -34.39 22.51
CA ALA B 194 20.71 -35.17 23.56
C ALA B 194 21.51 -36.42 23.87
N GLU B 195 22.02 -37.09 22.84
CA GLU B 195 22.73 -38.35 23.08
C GLU B 195 24.10 -38.09 23.69
N LYS B 196 24.70 -36.93 23.40
CA LYS B 196 26.00 -36.59 23.99
C LYS B 196 25.89 -36.45 25.51
N LEU B 197 24.72 -36.09 26.02
CA LEU B 197 24.50 -35.93 27.45
C LEU B 197 23.89 -37.16 28.09
N GLY B 198 23.72 -38.25 27.34
CA GLY B 198 23.17 -39.47 27.86
C GLY B 198 21.66 -39.61 27.79
N ALA B 199 20.96 -38.70 27.11
CA ALA B 199 19.53 -38.83 26.91
C ALA B 199 19.26 -39.64 25.65
N HIS B 200 17.98 -39.81 25.32
CA HIS B 200 17.58 -40.61 24.17
C HIS B 200 16.87 -39.76 23.13
N ALA B 201 16.92 -40.22 21.88
CA ALA B 201 16.36 -39.49 20.75
C ALA B 201 15.97 -40.45 19.63
N LYS B 202 14.79 -40.23 19.06
CA LYS B 202 14.36 -40.93 17.86
C LYS B 202 13.79 -39.91 16.89
N ILE B 203 14.05 -40.11 15.60
CA ILE B 203 13.64 -39.18 14.57
C ILE B 203 12.57 -39.85 13.72
N ILE B 204 11.36 -39.32 13.77
CA ILE B 204 10.28 -39.77 12.91
C ILE B 204 10.41 -39.09 11.56
N GLU B 205 10.21 -39.86 10.49
CA GLU B 205 10.50 -39.38 9.15
C GLU B 205 9.21 -39.19 8.34
N LYS B 206 9.39 -38.81 7.07
CA LYS B 206 8.29 -38.25 6.29
C LYS B 206 7.19 -39.26 6.00
N ASP B 207 7.52 -40.54 5.89
CA ASP B 207 6.50 -41.55 5.62
C ASP B 207 5.45 -41.57 6.72
N TYR B 208 5.88 -41.63 7.97
CA TYR B 208 4.93 -41.60 9.08
C TYR B 208 4.16 -40.29 9.11
N ILE B 209 4.84 -39.18 8.80
CA ILE B 209 4.21 -37.87 8.90
C ILE B 209 3.11 -37.73 7.86
N LYS B 210 3.41 -38.09 6.61
CA LYS B 210 2.42 -38.01 5.55
C LYS B 210 1.21 -38.88 5.86
N GLU B 211 1.43 -40.02 6.53
CA GLU B 211 0.34 -40.95 6.77
C GLU B 211 -0.50 -40.56 7.97
N ASN B 212 0.14 -40.02 9.02
CA ASN B 212 -0.55 -39.81 10.29
C ASN B 212 -0.65 -38.36 10.73
N MET B 213 0.07 -37.44 10.10
CA MET B 213 0.07 -36.04 10.53
C MET B 213 -0.24 -35.16 9.31
N GLY B 214 -1.48 -35.25 8.83
CA GLY B 214 -1.85 -34.61 7.59
C GLY B 214 -1.74 -33.10 7.63
N SER B 215 -2.05 -32.50 8.77
CA SER B 215 -1.90 -31.04 8.90
C SER B 215 -0.43 -30.65 8.86
N PHE B 216 0.38 -31.34 9.66
CA PHE B 216 1.83 -31.21 9.57
C PHE B 216 2.31 -31.41 8.14
N TRP B 217 1.82 -32.47 7.48
CA TRP B 217 2.33 -32.79 6.15
C TRP B 217 1.98 -31.71 5.15
N SER B 218 0.78 -31.15 5.24
CA SER B 218 0.34 -30.15 4.26
C SER B 218 1.22 -28.92 4.28
N VAL B 219 1.85 -28.61 5.42
CA VAL B 219 2.76 -27.48 5.46
C VAL B 219 4.08 -27.83 4.79
N ALA B 220 4.54 -29.06 4.97
CA ALA B 220 5.88 -29.43 4.52
C ALA B 220 5.94 -29.84 3.05
N LYS B 221 4.83 -30.29 2.47
CA LYS B 221 4.87 -30.88 1.13
C LYS B 221 5.39 -29.88 0.09
N GLY B 222 5.22 -28.58 0.35
CA GLY B 222 5.56 -27.54 -0.62
C GLY B 222 7.03 -27.19 -0.73
N SER B 223 7.89 -27.80 0.08
CA SER B 223 9.32 -27.59 0.04
C SER B 223 10.02 -28.87 -0.41
N VAL B 224 11.24 -28.72 -0.92
CA VAL B 224 12.05 -29.89 -1.25
C VAL B 224 12.71 -30.52 -0.04
N GLU B 225 12.65 -29.86 1.11
CA GLU B 225 13.23 -30.38 2.34
C GLU B 225 12.26 -31.35 3.02
N ASP B 226 12.76 -32.53 3.38
CA ASP B 226 11.92 -33.50 4.06
C ASP B 226 11.58 -33.02 5.48
N PRO B 227 10.39 -33.35 5.97
CA PRO B 227 10.05 -33.01 7.36
C PRO B 227 10.56 -34.07 8.32
N TYR B 228 10.66 -33.66 9.58
CA TYR B 228 11.08 -34.58 10.64
C TYR B 228 10.34 -34.23 11.92
N LEU B 229 10.06 -35.27 12.72
CA LEU B 229 9.57 -35.11 14.08
C LEU B 229 10.59 -35.72 15.01
N VAL B 230 11.10 -34.91 15.95
CA VAL B 230 12.17 -35.32 16.86
C VAL B 230 11.59 -35.55 18.24
N GLU B 231 11.95 -36.67 18.85
CA GLU B 231 11.49 -37.04 20.18
C GLU B 231 12.70 -37.22 21.08
N LEU B 232 12.87 -36.34 22.06
CA LEU B 232 13.95 -36.41 23.02
C LEU B 232 13.38 -36.87 24.36
N SER B 233 14.05 -37.83 25.01
CA SER B 233 13.57 -38.46 26.23
C SER B 233 14.65 -38.42 27.29
N TYR B 234 14.25 -38.06 28.52
CA TYR B 234 15.14 -38.06 29.68
C TYR B 234 14.34 -38.51 30.88
N PHE B 235 14.80 -39.53 31.56
CA PHE B 235 14.09 -40.09 32.71
C PHE B 235 15.00 -39.98 33.93
N GLY B 236 14.90 -38.85 34.61
CA GLY B 236 15.75 -38.58 35.76
C GLY B 236 15.00 -38.62 37.08
N ALA B 237 13.71 -38.93 37.03
CA ALA B 237 12.95 -39.06 38.26
C ALA B 237 13.24 -40.39 38.93
N ALA B 238 12.97 -40.44 40.24
CA ALA B 238 13.12 -41.69 40.97
C ALA B 238 12.30 -42.81 40.31
N ASP B 239 11.02 -42.53 40.06
CA ASP B 239 10.17 -43.43 39.31
C ASP B 239 10.29 -43.10 37.83
N LYS B 240 10.96 -43.98 37.07
CA LYS B 240 11.13 -43.71 35.65
C LYS B 240 9.84 -43.89 34.86
N GLU B 241 8.76 -44.31 35.52
CA GLU B 241 7.45 -44.44 34.89
C GLU B 241 6.49 -43.37 35.36
N ALA B 242 6.95 -42.42 36.17
CA ALA B 242 6.10 -41.32 36.57
C ALA B 242 5.82 -40.42 35.37
N ALA B 243 4.71 -39.68 35.45
CA ALA B 243 4.23 -38.90 34.33
C ALA B 243 5.24 -37.83 33.93
N PRO B 244 5.61 -37.72 32.66
CA PRO B 244 6.63 -36.75 32.25
C PRO B 244 6.07 -35.37 31.96
N VAL B 245 6.96 -34.38 32.01
CA VAL B 245 6.69 -33.06 31.45
C VAL B 245 7.12 -33.10 29.98
N VAL B 246 6.26 -32.61 29.09
CA VAL B 246 6.51 -32.65 27.65
C VAL B 246 6.60 -31.24 27.11
N LEU B 247 7.68 -30.94 26.39
CA LEU B 247 7.90 -29.66 25.73
C LEU B 247 7.74 -29.85 24.22
N VAL B 248 6.92 -28.99 23.60
CA VAL B 248 6.60 -29.07 22.18
C VAL B 248 7.05 -27.78 21.50
N GLY B 249 7.83 -27.90 20.44
CA GLY B 249 8.44 -26.74 19.81
C GLY B 249 8.18 -26.65 18.33
N LYS B 250 7.86 -25.43 17.88
CA LYS B 250 7.64 -25.18 16.46
C LYS B 250 8.97 -25.01 15.74
N GLY B 251 9.22 -25.85 14.75
CA GLY B 251 10.48 -25.79 14.06
C GLY B 251 10.39 -25.46 12.58
N ILE B 252 9.60 -24.44 12.24
CA ILE B 252 9.59 -23.94 10.88
C ILE B 252 10.93 -23.28 10.64
N THR B 253 11.84 -24.00 9.99
CA THR B 253 13.21 -23.50 9.84
C THR B 253 13.30 -22.30 8.91
N PHE B 254 12.34 -22.13 8.01
CA PHE B 254 12.13 -20.84 7.37
C PHE B 254 10.68 -20.73 6.92
N ASP B 255 10.13 -19.54 7.08
CA ASP B 255 8.73 -19.25 6.77
C ASP B 255 8.67 -18.17 5.70
N THR B 256 8.36 -18.56 4.46
CA THR B 256 8.07 -17.56 3.43
C THR B 256 6.61 -17.13 3.42
N GLY B 257 5.72 -17.90 4.07
CA GLY B 257 4.29 -17.70 3.97
C GLY B 257 3.60 -18.67 3.02
N GLY B 258 4.34 -19.31 2.12
CA GLY B 258 3.73 -20.21 1.14
C GLY B 258 3.03 -19.41 0.05
N ILE B 259 1.86 -19.89 -0.38
CA ILE B 259 1.09 -19.16 -1.37
C ILE B 259 0.58 -17.84 -0.80
N SER B 260 0.25 -17.83 0.49
CA SER B 260 -0.03 -16.60 1.23
C SER B 260 1.30 -15.93 1.58
N LEU B 261 2.00 -15.48 0.53
CA LEU B 261 3.40 -15.08 0.62
C LEU B 261 3.57 -13.80 1.43
N LYS B 262 4.71 -13.73 2.14
CA LYS B 262 5.10 -12.61 3.01
C LYS B 262 5.75 -11.48 2.19
N PRO B 263 5.69 -10.25 2.70
CA PRO B 263 6.47 -9.17 2.09
C PRO B 263 7.97 -9.43 2.18
N GLY B 264 8.71 -8.82 1.25
CA GLY B 264 10.14 -9.06 1.17
C GLY B 264 10.94 -8.39 2.28
N LEU B 265 10.43 -7.30 2.85
CA LEU B 265 11.16 -6.56 3.86
C LEU B 265 11.31 -7.38 5.13
N ASN B 266 12.55 -7.50 5.61
CA ASN B 266 12.90 -8.14 6.88
C ASN B 266 12.58 -9.63 6.91
N MET B 267 12.39 -10.26 5.75
CA MET B 267 12.03 -11.67 5.75
C MET B 267 13.18 -12.56 6.21
N ASP B 268 14.43 -12.09 6.14
CA ASP B 268 15.55 -12.86 6.68
C ASP B 268 15.30 -13.30 8.12
N GLU B 269 14.69 -12.43 8.92
CA GLU B 269 14.42 -12.74 10.31
C GLU B 269 13.42 -13.88 10.48
N MET B 270 12.82 -14.37 9.38
CA MET B 270 11.99 -15.57 9.49
C MET B 270 12.80 -16.84 9.65
N LYS B 271 14.14 -16.75 9.60
CA LYS B 271 14.98 -17.86 10.02
C LYS B 271 14.86 -18.15 11.51
N PHE B 272 14.27 -17.23 12.27
CA PHE B 272 14.04 -17.39 13.70
C PHE B 272 12.71 -18.07 14.01
N ASP B 273 11.99 -18.54 12.99
CA ASP B 273 10.71 -19.16 13.26
C ASP B 273 10.82 -20.58 13.78
N MET B 274 12.05 -21.08 13.98
CA MET B 274 12.27 -22.34 14.66
C MET B 274 12.84 -22.13 16.06
N CYS B 275 12.84 -20.90 16.56
CA CYS B 275 13.37 -20.62 17.89
C CYS B 275 12.56 -21.36 18.95
N GLY B 276 11.27 -21.60 18.69
CA GLY B 276 10.50 -22.44 19.59
C GLY B 276 11.08 -23.84 19.68
N ALA B 277 11.44 -24.40 18.53
CA ALA B 277 12.14 -25.68 18.54
C ALA B 277 13.48 -25.56 19.25
N ALA B 278 14.22 -24.50 18.95
CA ALA B 278 15.51 -24.30 19.60
C ALA B 278 15.35 -24.13 21.11
N THR B 279 14.33 -23.37 21.54
CA THR B 279 14.08 -23.23 22.97
C THR B 279 13.86 -24.60 23.63
N VAL B 280 13.03 -25.44 23.00
CA VAL B 280 12.69 -26.72 23.59
C VAL B 280 13.90 -27.65 23.59
N ILE B 281 14.61 -27.74 22.45
CA ILE B 281 15.78 -28.62 22.36
C ILE B 281 16.83 -28.20 23.38
N SER B 282 17.04 -26.89 23.52
CA SER B 282 18.09 -26.39 24.41
C SER B 282 17.70 -26.54 25.87
N THR B 283 16.45 -26.20 26.21
CA THR B 283 16.00 -26.36 27.59
C THR B 283 16.05 -27.84 27.99
N PHE B 284 15.65 -28.73 27.08
CA PHE B 284 15.77 -30.15 27.35
C PHE B 284 17.21 -30.52 27.71
N CYS B 285 18.18 -30.12 26.87
CA CYS B 285 19.57 -30.47 27.11
C CYS B 285 20.09 -29.84 28.40
N ALA B 286 19.69 -28.61 28.69
CA ALA B 286 20.13 -27.98 29.93
C ALA B 286 19.65 -28.75 31.16
N ALA B 287 18.40 -29.23 31.13
CA ALA B 287 17.88 -30.00 32.26
C ALA B 287 18.68 -31.29 32.46
N VAL B 288 19.02 -31.97 31.36
CA VAL B 288 19.83 -33.17 31.47
C VAL B 288 21.22 -32.83 32.01
N LYS B 289 21.80 -31.72 31.55
CA LYS B 289 23.11 -31.29 32.05
C LYS B 289 23.04 -30.94 33.53
N LEU B 290 21.92 -30.38 33.97
CA LEU B 290 21.70 -30.16 35.40
C LEU B 290 21.39 -31.46 36.14
N GLN B 291 21.11 -32.54 35.41
CA GLN B 291 20.73 -33.81 36.02
C GLN B 291 19.52 -33.64 36.93
N LEU B 292 18.51 -32.94 36.44
CA LEU B 292 17.31 -32.67 37.21
C LEU B 292 16.53 -33.95 37.46
N PRO B 293 15.94 -34.13 38.66
CA PRO B 293 15.22 -35.37 39.00
C PRO B 293 13.81 -35.43 38.41
N ILE B 294 13.70 -35.26 37.09
CA ILE B 294 12.41 -35.18 36.42
C ILE B 294 12.41 -36.10 35.20
N ASN B 295 11.20 -36.47 34.77
CA ASN B 295 11.01 -37.15 33.50
C ASN B 295 10.57 -36.13 32.48
N LEU B 296 11.35 -35.98 31.40
CA LEU B 296 11.18 -34.89 30.45
C LEU B 296 11.16 -35.44 29.03
N ILE B 297 10.19 -34.99 28.24
CA ILE B 297 10.10 -35.34 26.83
C ILE B 297 10.09 -34.05 26.02
N ALA B 298 10.88 -34.01 24.95
CA ALA B 298 10.88 -32.88 24.04
C ALA B 298 10.40 -33.36 22.67
N ILE B 299 9.41 -32.68 22.12
CA ILE B 299 8.87 -33.00 20.80
C ILE B 299 9.05 -31.78 19.91
N VAL B 300 9.67 -31.98 18.75
CA VAL B 300 9.90 -30.91 17.79
C VAL B 300 9.42 -31.38 16.42
N ALA B 301 8.49 -30.65 15.82
CA ALA B 301 8.09 -30.84 14.44
C ALA B 301 8.78 -29.76 13.62
N THR B 302 9.52 -30.17 12.60
CA THR B 302 10.31 -29.22 11.83
C THR B 302 10.11 -29.48 10.34
N CYS B 303 10.01 -28.38 9.59
CA CYS B 303 9.86 -28.43 8.13
C CYS B 303 10.04 -27.01 7.59
N GLU B 304 9.89 -26.88 6.28
CA GLU B 304 9.96 -25.59 5.60
C GLU B 304 8.61 -25.25 4.99
N ASN B 305 8.25 -23.97 5.03
CA ASN B 305 7.02 -23.48 4.42
C ASN B 305 7.39 -22.72 3.15
N MET B 306 7.34 -23.41 2.01
CA MET B 306 7.77 -22.82 0.76
C MET B 306 6.63 -22.77 -0.25
N PRO B 307 6.67 -21.81 -1.18
CA PRO B 307 5.74 -21.83 -2.31
C PRO B 307 6.28 -22.69 -3.44
N SER B 308 5.37 -23.45 -4.04
CA SER B 308 5.75 -24.35 -5.12
C SER B 308 4.48 -24.77 -5.85
N GLY B 309 4.64 -25.54 -6.92
CA GLY B 309 3.50 -26.11 -7.62
C GLY B 309 2.78 -27.20 -6.84
N ALA B 310 3.28 -27.56 -5.65
CA ALA B 310 2.70 -28.60 -4.82
C ALA B 310 2.43 -28.10 -3.41
N ALA B 311 2.39 -26.80 -3.21
CA ALA B 311 2.26 -26.22 -1.88
C ALA B 311 0.80 -26.23 -1.44
N ASN B 312 0.60 -26.03 -0.14
CA ASN B 312 -0.71 -25.76 0.43
C ASN B 312 -1.38 -24.60 -0.28
N LYS B 313 -2.65 -24.79 -0.66
CA LYS B 313 -3.37 -23.68 -1.26
C LYS B 313 -4.41 -23.14 -0.29
N PRO B 314 -4.65 -21.83 -0.29
CA PRO B 314 -5.75 -21.27 0.51
C PRO B 314 -7.08 -21.91 0.12
N GLY B 315 -7.82 -22.36 1.12
CA GLY B 315 -9.05 -23.09 0.91
C GLY B 315 -8.92 -24.61 1.01
N ASP B 316 -7.69 -25.13 0.97
CA ASP B 316 -7.46 -26.54 1.22
C ASP B 316 -8.07 -26.95 2.56
N VAL B 317 -8.61 -28.16 2.61
CA VAL B 317 -9.12 -28.75 3.84
C VAL B 317 -8.29 -29.99 4.12
N VAL B 318 -7.66 -30.03 5.29
CA VAL B 318 -6.74 -31.10 5.63
C VAL B 318 -7.23 -31.79 6.90
N LYS B 319 -6.91 -33.07 7.03
CA LYS B 319 -7.31 -33.86 8.19
C LYS B 319 -6.14 -33.92 9.17
N SER B 320 -6.34 -33.35 10.36
CA SER B 320 -5.29 -33.37 11.38
C SER B 320 -5.10 -34.78 11.92
N MET B 321 -4.04 -34.93 12.71
CA MET B 321 -3.80 -36.20 13.39
C MET B 321 -4.93 -36.54 14.35
N LYS B 322 -5.43 -35.53 15.07
CA LYS B 322 -6.56 -35.77 15.97
C LYS B 322 -7.77 -36.27 15.21
N GLY B 323 -7.96 -35.80 13.97
CA GLY B 323 -9.10 -36.16 13.15
C GLY B 323 -9.93 -34.97 12.71
N LEU B 324 -9.85 -33.86 13.42
CA LEU B 324 -10.54 -32.66 12.97
C LEU B 324 -10.01 -32.21 11.62
N THR B 325 -10.90 -31.71 10.79
CA THR B 325 -10.51 -31.15 9.51
C THR B 325 -10.29 -29.65 9.66
N ILE B 326 -9.21 -29.17 9.05
CA ILE B 326 -8.81 -27.77 9.15
C ILE B 326 -8.91 -27.15 7.76
N GLU B 327 -9.58 -26.01 7.66
CA GLU B 327 -9.61 -25.21 6.44
C GLU B 327 -8.44 -24.23 6.46
N VAL B 328 -7.50 -24.41 5.54
CA VAL B 328 -6.33 -23.54 5.48
C VAL B 328 -6.73 -22.27 4.74
N LEU B 329 -7.25 -21.28 5.48
CA LEU B 329 -7.66 -20.04 4.84
C LEU B 329 -6.48 -19.19 4.44
N ASN B 330 -5.41 -19.22 5.24
CA ASN B 330 -4.21 -18.44 4.98
C ASN B 330 -3.00 -19.34 5.20
N THR B 331 -2.20 -19.54 4.16
CA THR B 331 -1.09 -20.47 4.27
C THR B 331 0.08 -19.92 5.05
N ASP B 332 0.05 -18.63 5.42
CA ASP B 332 1.09 -18.06 6.29
C ASP B 332 0.82 -18.32 7.76
N ALA B 333 -0.40 -18.73 8.12
CA ALA B 333 -0.65 -19.19 9.48
C ALA B 333 -0.44 -20.70 9.56
N GLU B 334 0.81 -21.09 9.28
CA GLU B 334 1.16 -22.49 9.11
C GLU B 334 1.83 -23.11 10.34
N GLY B 335 2.40 -22.30 11.23
CA GLY B 335 2.96 -22.85 12.45
C GLY B 335 1.90 -23.54 13.29
N ARG B 336 0.68 -22.98 13.31
CA ARG B 336 -0.45 -23.65 13.95
C ARG B 336 -0.60 -25.06 13.42
N LEU B 337 -0.37 -25.25 12.12
CA LEU B 337 -0.69 -26.50 11.46
C LEU B 337 0.31 -27.62 11.74
N ILE B 338 1.53 -27.31 12.18
CA ILE B 338 2.45 -28.38 12.54
C ILE B 338 2.35 -28.62 14.04
N LEU B 339 2.01 -27.56 14.79
CA LEU B 339 1.91 -27.65 16.24
C LEU B 339 0.74 -28.53 16.67
N CYS B 340 -0.42 -28.38 16.03
CA CYS B 340 -1.59 -29.13 16.45
C CYS B 340 -1.38 -30.63 16.32
N ASP B 341 -0.66 -31.05 15.28
CA ASP B 341 -0.36 -32.47 15.15
C ASP B 341 0.69 -32.89 16.16
N ALA B 342 1.67 -32.03 16.43
CA ALA B 342 2.66 -32.32 17.46
C ALA B 342 2.01 -32.39 18.83
N LEU B 343 1.02 -31.55 19.09
CA LEU B 343 0.32 -31.59 20.37
C LEU B 343 -0.51 -32.85 20.50
N THR B 344 -1.12 -33.31 19.40
CA THR B 344 -1.81 -34.59 19.41
C THR B 344 -0.84 -35.74 19.64
N TYR B 345 0.32 -35.69 18.98
CA TYR B 345 1.38 -36.67 19.19
C TYR B 345 1.80 -36.74 20.64
N ALA B 346 1.70 -35.63 21.37
CA ALA B 346 2.20 -35.59 22.73
C ALA B 346 1.33 -36.38 23.70
N GLU B 347 0.03 -36.53 23.41
CA GLU B 347 -0.85 -37.06 24.44
C GLU B 347 -0.67 -38.55 24.67
N GLN B 348 0.05 -39.25 23.78
CA GLN B 348 0.37 -40.66 24.02
C GLN B 348 1.32 -40.83 25.19
N PHE B 349 2.03 -39.77 25.59
CA PHE B 349 2.94 -39.86 26.71
C PHE B 349 2.23 -39.69 28.04
N LYS B 350 0.92 -39.54 28.02
CA LYS B 350 0.08 -39.29 29.20
C LYS B 350 0.75 -38.23 30.08
N PRO B 351 0.99 -37.04 29.55
CA PRO B 351 1.89 -36.11 30.23
C PRO B 351 1.26 -35.48 31.46
N LYS B 352 2.13 -35.15 32.42
CA LYS B 352 1.74 -34.37 33.58
C LYS B 352 1.41 -32.93 33.19
N ALA B 353 2.14 -32.40 32.22
CA ALA B 353 1.96 -31.04 31.73
C ALA B 353 2.60 -30.93 30.35
N VAL B 354 1.98 -30.16 29.46
CA VAL B 354 2.50 -29.90 28.13
C VAL B 354 2.69 -28.39 27.96
N ILE B 355 3.90 -27.98 27.64
CA ILE B 355 4.21 -26.59 27.34
C ILE B 355 4.74 -26.53 25.92
N ASP B 356 4.06 -25.80 25.05
CA ASP B 356 4.54 -25.58 23.70
C ASP B 356 5.11 -24.17 23.59
N VAL B 357 6.19 -24.05 22.80
CA VAL B 357 6.90 -22.80 22.62
C VAL B 357 6.98 -22.52 21.13
N ALA B 358 6.56 -21.32 20.71
CA ALA B 358 6.48 -21.01 19.30
C ALA B 358 6.58 -19.52 19.06
N THR B 359 7.28 -19.15 17.98
CA THR B 359 7.15 -17.81 17.41
C THR B 359 5.90 -17.83 16.54
N LEU B 360 4.75 -17.66 17.19
CA LEU B 360 3.50 -18.02 16.54
C LEU B 360 2.85 -16.86 15.79
N THR B 361 2.68 -15.72 16.45
CA THR B 361 1.92 -14.61 15.87
C THR B 361 2.68 -13.30 16.03
N GLY B 362 2.69 -12.50 14.95
CA GLY B 362 3.15 -11.13 15.06
C GLY B 362 2.25 -10.27 15.93
N ALA B 363 1.02 -10.70 16.17
CA ALA B 363 0.11 -9.95 17.03
C ALA B 363 0.61 -9.90 18.47
N CYS B 364 1.38 -10.90 18.90
CA CYS B 364 1.87 -10.89 20.27
C CYS B 364 2.79 -9.69 20.52
N ILE B 365 3.57 -9.29 19.50
CA ILE B 365 4.39 -8.09 19.65
C ILE B 365 3.52 -6.85 19.79
N VAL B 366 2.40 -6.80 19.05
CA VAL B 366 1.46 -5.69 19.20
C VAL B 366 0.86 -5.70 20.60
N ALA B 367 0.59 -6.90 21.14
CA ALA B 367 -0.04 -7.00 22.45
C ALA B 367 0.95 -6.70 23.56
N LEU B 368 2.10 -7.35 23.58
CA LEU B 368 2.99 -7.30 24.72
C LEU B 368 4.37 -6.72 24.43
N GLY B 369 4.77 -6.58 23.17
CA GLY B 369 6.05 -5.97 22.84
C GLY B 369 7.12 -7.00 22.57
N HIS B 370 8.37 -6.53 22.64
CA HIS B 370 9.54 -7.34 22.32
C HIS B 370 10.23 -7.90 23.55
N ASP B 371 9.74 -7.58 24.75
CA ASP B 371 10.44 -7.95 25.96
C ASP B 371 9.59 -8.80 26.90
N VAL B 372 8.35 -9.11 26.53
CA VAL B 372 7.42 -9.87 27.36
C VAL B 372 6.83 -10.99 26.51
N SER B 373 7.00 -12.23 26.94
CA SER B 373 6.41 -13.37 26.25
C SER B 373 4.94 -13.52 26.62
N GLY B 374 4.15 -14.07 25.70
CA GLY B 374 2.75 -14.34 25.97
C GLY B 374 2.56 -15.76 26.47
N VAL B 375 1.69 -15.90 27.49
CA VAL B 375 1.34 -17.21 28.05
C VAL B 375 -0.16 -17.37 27.95
N MET B 376 -0.59 -18.51 27.41
CA MET B 376 -1.99 -18.91 27.37
C MET B 376 -2.04 -20.40 27.62
N GLY B 377 -3.16 -20.87 28.15
CA GLY B 377 -3.26 -22.30 28.43
C GLY B 377 -4.64 -22.65 28.96
N ASN B 378 -4.81 -23.95 29.23
CA ASN B 378 -6.06 -24.45 29.76
C ASN B 378 -5.98 -24.80 31.24
N ASN B 379 -4.81 -24.64 31.86
CA ASN B 379 -4.60 -25.03 33.23
C ASN B 379 -3.93 -23.88 33.98
N GLN B 380 -4.67 -23.24 34.89
CA GLN B 380 -4.15 -22.04 35.54
C GLN B 380 -2.98 -22.35 36.47
N ASP B 381 -2.96 -23.56 37.05
CA ASP B 381 -1.83 -23.94 37.90
C ASP B 381 -0.56 -24.03 37.08
N LEU B 382 -0.64 -24.57 35.86
CA LEU B 382 0.53 -24.61 35.00
C LEU B 382 0.96 -23.20 34.57
N ILE B 383 -0.01 -22.35 34.24
CA ILE B 383 0.31 -20.98 33.86
C ILE B 383 0.93 -20.23 35.03
N ASP B 384 0.39 -20.41 36.24
CA ASP B 384 0.95 -19.73 37.40
C ASP B 384 2.37 -20.21 37.67
N SER B 385 2.64 -21.49 37.44
CA SER B 385 4.00 -22.00 37.59
C SER B 385 4.96 -21.32 36.63
N LEU B 386 4.56 -21.18 35.37
CA LEU B 386 5.42 -20.53 34.39
C LEU B 386 5.62 -19.06 34.69
N LEU B 387 4.57 -18.38 35.15
CA LEU B 387 4.70 -16.99 35.54
C LEU B 387 5.62 -16.85 36.74
N ALA B 388 5.58 -17.82 37.66
CA ALA B 388 6.48 -17.80 38.80
C ALA B 388 7.93 -17.86 38.36
N ALA B 389 8.26 -18.80 37.45
CA ALA B 389 9.62 -18.88 36.93
C ALA B 389 9.97 -17.62 36.14
N SER B 390 9.01 -17.07 35.41
CA SER B 390 9.22 -15.80 34.72
C SER B 390 9.71 -14.74 35.69
N TYR B 391 9.12 -14.67 36.87
CA TYR B 391 9.53 -13.66 37.85
C TYR B 391 10.86 -14.03 38.49
N ASN B 392 11.15 -15.34 38.64
CA ASN B 392 12.36 -15.77 39.33
C ASN B 392 13.62 -15.33 38.61
N VAL B 393 13.60 -15.34 37.28
CA VAL B 393 14.77 -15.02 36.48
C VAL B 393 14.62 -13.70 35.75
N ASP B 394 13.49 -13.00 35.92
CA ASP B 394 13.21 -11.76 35.20
C ASP B 394 13.24 -11.98 33.70
N ASP B 395 12.70 -13.11 33.26
CA ASP B 395 12.42 -13.36 31.85
C ASP B 395 10.91 -13.15 31.71
N LYS B 396 10.53 -11.91 31.41
CA LYS B 396 9.17 -11.46 31.67
C LYS B 396 8.15 -12.17 30.77
N ALA B 397 6.98 -12.43 31.35
CA ALA B 397 5.86 -13.05 30.65
C ALA B 397 4.56 -12.51 31.22
N TRP B 398 3.49 -12.65 30.45
CA TRP B 398 2.18 -12.18 30.87
C TRP B 398 1.11 -13.11 30.29
N GLN B 399 0.04 -13.35 31.06
CA GLN B 399 -1.02 -14.25 30.63
C GLN B 399 -2.05 -13.51 29.80
N LEU B 400 -2.47 -14.14 28.70
CA LEU B 400 -3.62 -13.68 27.93
C LEU B 400 -4.76 -14.69 28.03
N PRO B 401 -6.01 -14.23 28.04
CA PRO B 401 -7.12 -15.11 28.41
C PRO B 401 -7.55 -16.04 27.27
N LEU B 402 -7.92 -17.25 27.63
CA LEU B 402 -8.55 -18.16 26.68
C LEU B 402 -10.05 -18.28 26.95
N PHE B 403 -10.77 -17.17 26.88
CA PHE B 403 -12.23 -17.19 27.01
C PHE B 403 -12.86 -18.06 25.93
N GLU B 404 -14.02 -18.62 26.24
CA GLU B 404 -14.71 -19.43 25.23
C GLU B 404 -15.25 -18.58 24.10
N THR B 405 -15.42 -17.28 24.32
CA THR B 405 -15.93 -16.40 23.29
C THR B 405 -14.96 -16.20 22.13
N TYR B 406 -13.66 -16.45 22.34
CA TYR B 406 -12.72 -16.38 21.22
C TYR B 406 -12.96 -17.51 20.23
N LYS B 407 -13.51 -18.64 20.69
CA LYS B 407 -13.87 -19.71 19.76
C LYS B 407 -14.95 -19.26 18.78
N ASP B 408 -15.72 -18.22 19.13
CA ASP B 408 -16.72 -17.71 18.19
C ASP B 408 -16.08 -17.10 16.95
N GLN B 409 -14.81 -16.72 17.01
CA GLN B 409 -14.12 -16.16 15.86
C GLN B 409 -13.58 -17.23 14.92
N LEU B 410 -13.72 -18.51 15.26
CA LEU B 410 -13.19 -19.62 14.48
C LEU B 410 -14.37 -20.46 13.97
N LYS B 411 -14.97 -20.04 12.86
CA LYS B 411 -16.05 -20.78 12.23
C LYS B 411 -15.73 -20.98 10.76
N SER B 412 -16.13 -22.13 10.22
CA SER B 412 -15.94 -22.43 8.81
C SER B 412 -17.15 -23.20 8.32
N ASN B 413 -17.64 -22.85 7.13
CA ASN B 413 -18.73 -23.60 6.52
C ASN B 413 -18.27 -24.84 5.79
N PHE B 414 -16.99 -25.18 5.87
CA PHE B 414 -16.47 -26.28 5.06
C PHE B 414 -15.73 -27.30 5.89
N ALA B 415 -14.99 -26.88 6.91
CA ALA B 415 -14.23 -27.80 7.74
C ALA B 415 -14.65 -27.65 9.21
N ASP B 416 -14.08 -28.50 10.06
CA ASP B 416 -14.38 -28.42 11.48
C ASP B 416 -13.96 -27.09 12.08
N ILE B 417 -12.75 -26.62 11.74
CA ILE B 417 -12.28 -25.32 12.20
C ILE B 417 -11.42 -24.65 11.14
N PRO B 418 -11.45 -23.34 11.01
CA PRO B 418 -10.50 -22.64 10.14
C PRO B 418 -9.18 -22.41 10.86
N ASN B 419 -8.11 -22.22 10.07
CA ASN B 419 -6.81 -22.02 10.71
C ASN B 419 -6.58 -20.58 11.16
N ILE B 420 -7.40 -19.62 10.72
CA ILE B 420 -7.36 -18.26 11.24
C ILE B 420 -8.79 -17.86 11.57
N GLY B 421 -8.92 -16.85 12.42
CA GLY B 421 -10.21 -16.34 12.81
C GLY B 421 -10.52 -14.98 12.19
N THR B 422 -11.74 -14.52 12.47
CA THR B 422 -12.10 -13.16 12.11
C THR B 422 -11.13 -12.19 12.77
N PRO B 423 -10.95 -11.00 12.21
CA PRO B 423 -9.88 -10.10 12.70
C PRO B 423 -10.05 -9.75 14.17
N GLY B 424 -8.93 -9.55 14.85
CA GLY B 424 -8.89 -9.18 16.25
C GLY B 424 -8.34 -10.32 17.10
N ALA B 425 -7.56 -9.96 18.12
CA ALA B 425 -7.01 -10.90 19.10
C ALA B 425 -6.25 -12.02 18.40
N GLY B 426 -5.37 -11.63 17.48
CA GLY B 426 -4.68 -12.61 16.65
C GLY B 426 -3.92 -13.63 17.46
N THR B 427 -3.26 -13.18 18.55
CA THR B 427 -2.49 -14.08 19.39
C THR B 427 -3.39 -15.05 20.13
N ILE B 428 -4.48 -14.55 20.70
CA ILE B 428 -5.39 -15.40 21.46
C ILE B 428 -6.11 -16.36 20.53
N THR B 429 -6.48 -15.88 19.34
CA THR B 429 -7.15 -16.73 18.35
C THR B 429 -6.30 -17.93 17.95
N ALA B 430 -5.00 -17.72 17.74
CA ALA B 430 -4.11 -18.82 17.37
C ALA B 430 -4.01 -19.85 18.50
N ALA B 431 -3.88 -19.38 19.74
CA ALA B 431 -3.90 -20.30 20.88
C ALA B 431 -5.24 -21.00 20.99
N THR B 432 -6.33 -20.29 20.68
CA THR B 432 -7.64 -20.91 20.75
C THR B 432 -7.75 -22.06 19.74
N PHE B 433 -7.29 -21.84 18.51
CA PHE B 433 -7.16 -22.92 17.55
C PHE B 433 -6.39 -24.09 18.15
N LEU B 434 -5.23 -23.80 18.75
CA LEU B 434 -4.40 -24.84 19.37
C LEU B 434 -5.12 -25.53 20.52
N SER B 435 -5.98 -24.80 21.25
CA SER B 435 -6.64 -25.37 22.41
C SER B 435 -7.55 -26.54 22.04
N TYR B 436 -8.03 -26.60 20.79
CA TYR B 436 -8.85 -27.72 20.37
C TYR B 436 -8.08 -29.04 20.37
N PHE B 437 -6.75 -29.00 20.40
CA PHE B 437 -5.94 -30.21 20.34
C PHE B 437 -5.29 -30.56 21.67
N THR B 438 -5.52 -29.77 22.72
CA THR B 438 -4.85 -29.98 24.00
C THR B 438 -5.86 -30.19 25.12
N GLU B 439 -7.08 -30.60 24.80
CA GLU B 439 -8.10 -30.69 25.85
C GLU B 439 -7.85 -31.84 26.81
N GLY B 440 -6.91 -32.74 26.50
CA GLY B 440 -6.69 -33.92 27.30
C GLY B 440 -5.59 -33.87 28.33
N TYR B 441 -4.92 -32.73 28.52
CA TYR B 441 -3.85 -32.66 29.50
C TYR B 441 -3.66 -31.20 29.89
N PRO B 442 -3.03 -30.92 31.04
CA PRO B 442 -2.72 -29.53 31.39
C PRO B 442 -1.71 -28.94 30.42
N TRP B 443 -2.07 -27.80 29.82
CA TRP B 443 -1.36 -27.28 28.67
C TRP B 443 -1.17 -25.78 28.79
N ALA B 444 -0.02 -25.31 28.37
CA ALA B 444 0.28 -23.89 28.27
C ALA B 444 1.07 -23.63 27.00
N HIS B 445 0.95 -22.40 26.51
CA HIS B 445 1.49 -22.00 25.22
C HIS B 445 2.29 -20.72 25.39
N LEU B 446 3.53 -20.73 24.91
CA LEU B 446 4.42 -19.56 24.99
C LEU B 446 4.60 -18.99 23.61
N ASP B 447 4.07 -17.79 23.38
CA ASP B 447 4.29 -17.08 22.13
C ASP B 447 5.52 -16.20 22.30
N ILE B 448 6.62 -16.59 21.68
CA ILE B 448 7.90 -15.94 21.86
C ILE B 448 8.29 -15.15 20.62
N ALA B 449 7.30 -14.78 19.80
CA ALA B 449 7.56 -14.10 18.54
C ALA B 449 8.26 -12.76 18.74
N GLY B 450 8.16 -12.17 19.91
CA GLY B 450 8.80 -10.88 20.14
C GLY B 450 10.10 -10.98 20.92
N THR B 451 10.22 -12.01 21.76
CA THR B 451 11.34 -12.14 22.67
C THR B 451 12.44 -13.07 22.16
N ALA B 452 12.18 -13.84 21.11
CA ALA B 452 13.17 -14.82 20.67
C ALA B 452 14.33 -14.20 19.90
N TRP B 453 14.19 -12.99 19.36
CA TRP B 453 15.28 -12.36 18.64
C TRP B 453 15.12 -10.85 18.68
N LYS B 454 16.21 -10.15 18.38
CA LYS B 454 16.22 -8.70 18.23
C LYS B 454 16.75 -8.32 16.86
N SER B 455 16.58 -7.04 16.51
CA SER B 455 16.92 -6.54 15.20
C SER B 455 17.97 -5.43 15.29
N GLY B 456 18.28 -4.86 14.13
CA GLY B 456 19.20 -3.74 14.08
C GLY B 456 20.64 -4.17 14.21
N ALA B 457 21.45 -3.30 14.82
CA ALA B 457 22.88 -3.56 14.94
C ALA B 457 23.17 -4.85 15.70
N GLU B 458 22.27 -5.23 16.60
CA GLU B 458 22.46 -6.41 17.43
C GLU B 458 21.59 -7.57 16.98
N LYS B 459 21.28 -7.63 15.68
CA LYS B 459 20.39 -8.66 15.17
C LYS B 459 20.94 -10.04 15.51
N GLY B 460 20.11 -10.85 16.14
CA GLY B 460 20.49 -12.21 16.50
C GLY B 460 19.46 -12.82 17.43
N ALA B 461 19.63 -14.11 17.67
CA ALA B 461 18.75 -14.79 18.61
C ALA B 461 19.10 -14.39 20.03
N THR B 462 18.07 -14.33 20.88
CA THR B 462 18.25 -13.95 22.28
C THR B 462 18.40 -15.16 23.20
N GLY B 463 17.93 -16.33 22.78
CA GLY B 463 17.93 -17.48 23.64
C GLY B 463 16.77 -17.56 24.60
N ARG B 464 15.88 -16.57 24.60
CA ARG B 464 14.71 -16.60 25.45
C ARG B 464 13.60 -17.39 24.76
N PRO B 465 12.73 -18.05 25.54
CA PRO B 465 12.64 -18.07 27.00
C PRO B 465 13.33 -19.26 27.64
N VAL B 466 14.53 -19.67 27.22
CA VAL B 466 15.26 -20.74 27.93
C VAL B 466 15.42 -20.42 29.40
N PRO B 467 15.76 -19.19 29.82
CA PRO B 467 15.80 -18.92 31.28
C PRO B 467 14.49 -19.22 31.99
N LEU B 468 13.36 -18.79 31.43
CA LEU B 468 12.08 -19.08 32.04
C LEU B 468 11.83 -20.58 32.14
N LEU B 469 11.92 -21.27 31.00
CA LEU B 469 11.58 -22.69 30.96
C LEU B 469 12.48 -23.50 31.87
N MET B 470 13.78 -23.19 31.87
CA MET B 470 14.69 -23.97 32.70
C MET B 470 14.37 -23.77 34.18
N ASN B 471 13.97 -22.55 34.57
CA ASN B 471 13.61 -22.33 35.96
C ASN B 471 12.34 -23.09 36.33
N TYR B 472 11.36 -23.12 35.42
CA TYR B 472 10.17 -23.92 35.65
C TYR B 472 10.52 -25.38 35.93
N LEU B 473 11.52 -25.92 35.23
CA LEU B 473 11.92 -27.31 35.42
C LEU B 473 12.62 -27.49 36.76
N ARG B 474 13.47 -26.54 37.16
CA ARG B 474 14.14 -26.64 38.45
C ARG B 474 13.16 -26.59 39.61
N ASN B 475 11.99 -25.98 39.43
CA ASN B 475 11.03 -25.82 40.50
C ASN B 475 9.90 -26.86 40.45
N LEU B 476 10.02 -27.87 39.60
CA LEU B 476 9.01 -28.92 39.51
C LEU B 476 8.92 -29.68 40.83
N GLU C 10 22.12 -1.94 -46.62
CA GLU C 10 23.41 -1.76 -47.26
C GLU C 10 23.71 -0.27 -47.45
N PHE C 11 24.95 0.13 -47.18
CA PHE C 11 25.40 1.50 -47.29
C PHE C 11 26.57 1.58 -48.27
N SER C 12 26.49 2.54 -49.21
CA SER C 12 27.55 2.75 -50.19
C SER C 12 27.80 4.24 -50.33
N THR C 13 28.82 4.58 -51.13
CA THR C 13 29.22 5.97 -51.28
C THR C 13 29.54 6.24 -52.74
N LYS C 14 29.25 7.45 -53.19
CA LYS C 14 29.61 7.92 -54.52
C LYS C 14 30.20 9.32 -54.42
N THR C 15 30.96 9.71 -55.45
CA THR C 15 31.62 11.00 -55.46
C THR C 15 30.83 12.08 -56.20
N GLU C 16 29.97 11.73 -57.15
CA GLU C 16 29.24 12.75 -57.89
C GLU C 16 28.23 13.44 -56.99
N ILE C 17 27.85 14.67 -57.40
CA ILE C 17 26.81 15.40 -56.68
C ILE C 17 25.45 14.77 -56.94
N LEU C 18 24.55 14.87 -55.97
CA LEU C 18 23.20 14.36 -56.14
C LEU C 18 22.44 15.25 -57.14
N GLN C 19 22.21 14.73 -58.34
CA GLN C 19 21.50 15.45 -59.38
C GLN C 19 20.00 15.28 -59.22
N GLU C 20 19.26 16.32 -59.63
CA GLU C 20 17.81 16.34 -59.46
C GLU C 20 17.12 15.21 -60.24
N GLN C 21 17.78 14.67 -61.27
CA GLN C 21 17.20 13.63 -62.10
C GLN C 21 17.44 12.22 -61.56
N GLN C 22 18.13 12.09 -60.42
CA GLN C 22 18.38 10.79 -59.82
C GLN C 22 17.09 10.12 -59.36
N ALA C 23 16.99 8.81 -59.63
CA ALA C 23 15.86 8.03 -59.17
C ALA C 23 16.02 7.69 -57.69
N GLY C 24 14.88 7.60 -57.00
CA GLY C 24 14.84 7.26 -55.58
C GLY C 24 14.64 8.51 -54.72
N ALA C 25 14.62 8.28 -53.41
CA ALA C 25 14.44 9.36 -52.47
C ALA C 25 15.72 10.15 -52.31
N GLN C 26 15.59 11.46 -52.13
CA GLN C 26 16.71 12.38 -52.09
C GLN C 26 16.69 13.19 -50.81
N LEU C 27 17.78 13.15 -50.05
CA LEU C 27 17.92 13.89 -48.80
C LEU C 27 19.15 14.78 -48.88
N PHE C 28 18.97 16.06 -48.58
CA PHE C 28 20.04 17.05 -48.62
C PHE C 28 20.37 17.51 -47.21
N VAL C 29 21.53 17.12 -46.71
CA VAL C 29 22.01 17.54 -45.40
C VAL C 29 22.72 18.89 -45.57
N CYS C 30 22.09 19.95 -45.09
CA CYS C 30 22.59 21.31 -45.27
C CYS C 30 23.11 21.88 -43.96
N ALA C 31 23.93 22.94 -44.09
CA ALA C 31 24.41 23.68 -42.94
C ALA C 31 23.66 25.01 -42.90
N ASP C 32 24.12 26.04 -43.59
CA ASP C 32 23.43 27.32 -43.64
C ASP C 32 22.96 27.72 -45.03
N LYS C 33 23.45 27.07 -46.08
CA LYS C 33 23.07 27.37 -47.44
C LYS C 33 22.09 26.33 -47.97
N ALA C 34 21.07 26.80 -48.68
CA ALA C 34 20.11 25.90 -49.31
C ALA C 34 20.77 25.09 -50.42
N PRO C 35 20.27 23.88 -50.69
CA PRO C 35 20.79 23.11 -51.83
C PRO C 35 20.56 23.83 -53.15
N GLU C 36 21.57 23.77 -54.03
CA GLU C 36 21.58 24.57 -55.25
C GLU C 36 20.84 23.89 -56.41
N HIS C 37 21.16 22.63 -56.71
CA HIS C 37 20.67 21.96 -57.91
C HIS C 37 19.54 20.97 -57.61
N ASN C 38 18.60 21.37 -56.77
CA ASN C 38 17.36 20.60 -56.57
C ASN C 38 16.27 21.63 -56.27
N THR C 39 15.28 21.74 -57.17
CA THR C 39 14.30 22.80 -57.04
C THR C 39 13.45 22.65 -55.78
N ALA C 40 12.90 21.46 -55.55
CA ALA C 40 12.04 21.25 -54.40
C ALA C 40 12.80 21.40 -53.10
N ALA C 41 14.02 20.86 -53.03
CA ALA C 41 14.79 20.94 -51.80
C ALA C 41 15.14 22.38 -51.46
N HIS C 42 15.30 23.24 -52.46
CA HIS C 42 15.50 24.66 -52.17
C HIS C 42 14.24 25.25 -51.54
N ALA C 43 13.07 24.91 -52.08
CA ALA C 43 11.81 25.42 -51.53
C ALA C 43 11.61 24.96 -50.10
N LEU C 44 11.98 23.70 -49.80
CA LEU C 44 11.88 23.20 -48.44
C LEU C 44 12.78 23.98 -47.49
N PHE C 45 14.04 24.18 -47.89
CA PHE C 45 14.98 24.88 -47.02
C PHE C 45 14.56 26.32 -46.77
N SER C 46 14.07 27.00 -47.81
CA SER C 46 13.69 28.40 -47.66
C SER C 46 12.48 28.58 -46.76
N ALA C 47 11.65 27.56 -46.62
CA ALA C 47 10.44 27.65 -45.82
C ALA C 47 10.62 27.14 -44.39
N LEU C 48 11.84 26.74 -44.02
CA LEU C 48 12.07 26.20 -42.69
C LEU C 48 11.76 27.25 -41.63
N GLU C 49 11.04 26.84 -40.58
CA GLU C 49 10.53 27.76 -39.57
C GLU C 49 11.61 28.00 -38.51
N GLU C 50 11.20 28.53 -37.36
CA GLU C 50 12.17 28.97 -36.35
C GLU C 50 12.89 27.78 -35.73
N GLY C 51 12.13 26.79 -35.27
CA GLY C 51 12.70 25.58 -34.71
C GLY C 51 12.72 24.39 -35.64
N GLN C 52 12.25 24.53 -36.87
CA GLN C 52 12.19 23.41 -37.80
C GLN C 52 13.58 23.08 -38.34
N ASN C 53 13.93 21.80 -38.32
CA ASN C 53 15.20 21.33 -38.84
C ASN C 53 15.06 20.15 -39.76
N PHE C 54 13.84 19.68 -40.01
CA PHE C 54 13.58 18.66 -41.00
C PHE C 54 12.30 19.03 -41.73
N SER C 55 12.28 18.77 -43.04
CA SER C 55 11.11 19.01 -43.86
C SER C 55 11.19 18.11 -45.09
N ASP C 56 10.06 17.55 -45.49
CA ASP C 56 10.03 16.65 -46.62
C ASP C 56 8.78 16.92 -47.44
N THR C 57 8.80 16.43 -48.68
CA THR C 57 7.68 16.56 -49.59
C THR C 57 7.73 15.39 -50.57
N LYS C 58 6.65 15.27 -51.34
CA LYS C 58 6.52 14.22 -52.36
C LYS C 58 6.22 14.90 -53.69
N ILE C 59 7.15 14.82 -54.63
CA ILE C 59 7.05 15.50 -55.92
C ILE C 59 6.52 14.52 -56.95
N PRO C 60 5.48 14.87 -57.70
CA PRO C 60 4.99 13.99 -58.77
C PRO C 60 5.96 14.02 -59.95
N THR C 61 6.37 12.84 -60.40
CA THR C 61 7.22 12.68 -61.57
C THR C 61 6.54 11.76 -62.58
N ASP C 62 7.19 11.60 -63.74
CA ASP C 62 6.66 10.69 -64.75
C ASP C 62 6.80 9.24 -64.32
N ASN C 63 7.71 8.94 -63.38
CA ASN C 63 7.90 7.59 -62.85
C ASN C 63 7.32 7.45 -61.45
N GLY C 64 6.35 8.27 -61.08
CA GLY C 64 5.69 8.21 -59.79
C GLY C 64 6.03 9.39 -58.90
N LEU C 65 5.70 9.24 -57.62
CA LEU C 65 5.98 10.25 -56.61
C LEU C 65 7.40 10.10 -56.06
N GLN C 66 8.15 11.20 -56.05
CA GLN C 66 9.53 11.22 -55.59
C GLN C 66 9.62 11.92 -54.23
N ALA C 67 10.34 11.30 -53.30
CA ALA C 67 10.48 11.85 -51.95
C ALA C 67 11.70 12.76 -51.91
N VAL C 68 11.50 13.99 -51.49
CA VAL C 68 12.57 14.98 -51.35
C VAL C 68 12.51 15.54 -49.93
N ALA C 69 13.67 15.60 -49.28
CA ALA C 69 13.77 16.07 -47.91
C ALA C 69 15.06 16.84 -47.73
N VAL C 70 15.07 17.72 -46.72
CA VAL C 70 16.24 18.48 -46.33
C VAL C 70 16.43 18.37 -44.83
N VAL C 71 17.68 18.48 -44.38
CA VAL C 71 18.03 18.55 -42.97
C VAL C 71 18.93 19.75 -42.77
N ARG C 72 18.63 20.56 -41.74
CA ARG C 72 19.46 21.70 -41.39
C ARG C 72 20.24 21.40 -40.12
N LEU C 73 21.56 21.36 -40.22
CA LEU C 73 22.45 21.15 -39.09
C LEU C 73 23.11 22.50 -38.79
N GLU C 74 22.61 23.18 -37.76
CA GLU C 74 23.23 24.43 -37.34
C GLU C 74 24.46 24.17 -36.49
N LYS C 75 24.33 23.30 -35.48
CA LYS C 75 25.45 22.96 -34.64
C LYS C 75 26.20 21.76 -35.23
N THR C 76 27.41 21.54 -34.73
CA THR C 76 28.28 20.51 -35.25
C THR C 76 28.56 19.39 -34.26
N ASP C 77 28.16 19.55 -33.00
CA ASP C 77 28.42 18.53 -31.99
C ASP C 77 27.63 17.25 -32.30
N ARG C 78 28.14 16.13 -31.78
CA ARG C 78 27.54 14.84 -32.07
C ARG C 78 26.11 14.77 -31.53
N ALA C 79 25.82 15.43 -30.42
CA ALA C 79 24.48 15.42 -29.85
C ALA C 79 23.45 16.04 -30.77
N ALA C 80 23.75 17.22 -31.31
CA ALA C 80 22.86 17.83 -32.29
C ALA C 80 22.79 17.00 -33.56
N LEU C 81 23.91 16.38 -33.94
CA LEU C 81 23.94 15.56 -35.14
C LEU C 81 23.05 14.32 -35.01
N ASN C 82 23.20 13.60 -33.89
CA ASN C 82 22.36 12.42 -33.65
C ASN C 82 20.87 12.78 -33.67
N LYS C 83 20.51 13.94 -33.11
CA LYS C 83 19.10 14.32 -33.07
C LYS C 83 18.58 14.62 -34.46
N ALA C 84 19.36 15.35 -35.27
CA ALA C 84 18.95 15.61 -36.64
C ALA C 84 18.86 14.32 -37.44
N ALA C 85 19.83 13.41 -37.26
CA ALA C 85 19.81 12.13 -37.96
C ALA C 85 18.64 11.27 -37.53
N ALA C 86 18.27 11.32 -36.25
CA ALA C 86 17.14 10.52 -35.76
C ALA C 86 15.82 11.01 -36.35
N GLU C 87 15.66 12.34 -36.42
CA GLU C 87 14.46 12.92 -37.03
C GLU C 87 14.37 12.53 -38.49
N ALA C 88 15.49 12.54 -39.21
CA ALA C 88 15.48 12.15 -40.62
C ALA C 88 15.24 10.65 -40.79
N ALA C 89 15.68 9.84 -39.82
CA ALA C 89 15.55 8.40 -39.96
C ALA C 89 14.10 7.96 -39.94
N LYS C 90 13.24 8.69 -39.23
CA LYS C 90 11.82 8.36 -39.23
C LYS C 90 11.23 8.53 -40.62
N TRP C 91 11.82 9.39 -41.45
CA TRP C 91 11.38 9.54 -42.83
C TRP C 91 12.01 8.49 -43.74
N ALA C 92 13.28 8.13 -43.50
CA ALA C 92 14.01 7.26 -44.42
C ALA C 92 13.53 5.82 -44.36
N GLN C 93 12.95 5.39 -43.25
CA GLN C 93 12.55 3.99 -43.13
C GLN C 93 11.40 3.64 -44.06
N ASN C 94 10.66 4.64 -44.56
CA ASN C 94 9.60 4.42 -45.53
C ASN C 94 10.03 4.69 -46.95
N GLN C 95 11.33 4.88 -47.18
CA GLN C 95 11.88 5.11 -48.51
C GLN C 95 12.79 3.92 -48.83
N GLU C 96 12.52 3.25 -49.96
CA GLU C 96 13.31 2.08 -50.31
C GLU C 96 14.77 2.43 -50.53
N THR C 97 15.03 3.54 -51.23
CA THR C 97 16.38 4.00 -51.51
C THR C 97 16.50 5.46 -51.17
N VAL C 98 17.50 5.81 -50.35
CA VAL C 98 17.74 7.20 -49.96
C VAL C 98 19.13 7.59 -50.42
N ASN C 99 19.19 8.63 -51.26
CA ASN C 99 20.44 9.24 -51.67
C ASN C 99 20.67 10.45 -50.77
N VAL C 100 21.75 10.44 -50.01
CA VAL C 100 22.08 11.50 -49.05
C VAL C 100 23.22 12.31 -49.63
N ASP C 101 23.01 13.62 -49.73
CA ASP C 101 24.04 14.54 -50.20
C ASP C 101 24.69 15.23 -49.00
N VAL C 102 26.01 15.07 -48.87
CA VAL C 102 26.74 15.72 -47.78
C VAL C 102 27.94 16.45 -48.35
N HIS C 103 27.83 16.96 -49.58
CA HIS C 103 28.94 17.69 -50.18
C HIS C 103 29.17 19.05 -49.51
N ALA C 104 28.23 19.52 -48.71
CA ALA C 104 28.33 20.82 -48.06
C ALA C 104 29.24 20.81 -46.84
N PHE C 105 30.05 19.76 -46.66
CA PHE C 105 30.87 19.62 -45.46
C PHE C 105 32.28 19.20 -45.84
N ASP C 106 33.24 19.57 -44.99
CA ASP C 106 34.63 19.16 -45.19
C ASP C 106 34.80 17.67 -44.87
N GLU C 107 36.04 17.19 -44.97
CA GLU C 107 36.30 15.76 -44.79
C GLU C 107 35.85 15.27 -43.41
N ALA C 108 36.17 16.01 -42.36
CA ALA C 108 35.85 15.57 -41.00
C ALA C 108 34.35 15.63 -40.73
N GLN C 109 33.69 16.71 -41.15
CA GLN C 109 32.26 16.83 -40.90
C GLN C 109 31.47 15.82 -41.74
N ALA C 110 31.89 15.59 -42.99
CA ALA C 110 31.17 14.66 -43.84
C ALA C 110 31.24 13.23 -43.30
N ALA C 111 32.40 12.84 -42.77
CA ALA C 111 32.52 11.53 -42.14
C ALA C 111 31.63 11.42 -40.90
N ALA C 112 31.57 12.48 -40.09
CA ALA C 112 30.71 12.46 -38.92
C ALA C 112 29.24 12.42 -39.32
N VAL C 113 28.85 13.23 -40.31
CA VAL C 113 27.45 13.26 -40.75
C VAL C 113 27.03 11.93 -41.32
N ALA C 114 27.88 11.33 -42.16
CA ALA C 114 27.52 10.03 -42.74
C ALA C 114 27.41 8.94 -41.68
N GLU C 115 28.34 8.93 -40.72
CA GLU C 115 28.30 7.91 -39.66
C GLU C 115 27.00 8.01 -38.87
N ALA C 116 26.66 9.21 -38.42
CA ALA C 116 25.47 9.36 -37.58
C ALA C 116 24.20 9.07 -38.36
N PHE C 117 24.16 9.46 -39.64
CA PHE C 117 22.96 9.21 -40.42
C PHE C 117 22.83 7.74 -40.79
N ALA C 118 23.95 7.09 -41.11
CA ALA C 118 23.90 5.66 -41.38
C ALA C 118 23.49 4.89 -40.13
N ILE C 119 24.00 5.31 -38.96
CA ILE C 119 23.61 4.69 -37.71
C ILE C 119 22.11 4.91 -37.46
N ALA C 120 21.65 6.16 -37.63
CA ALA C 120 20.23 6.44 -37.42
C ALA C 120 19.36 5.65 -38.37
N PHE C 121 19.78 5.54 -39.64
CA PHE C 121 19.01 4.79 -40.63
C PHE C 121 18.90 3.31 -40.24
N GLY C 122 20.02 2.68 -39.92
CA GLY C 122 19.99 1.26 -39.59
C GLY C 122 19.14 0.96 -38.37
N ASN C 123 19.26 1.78 -37.32
CA ASN C 123 18.49 1.56 -36.10
C ASN C 123 17.00 1.81 -36.33
N ALA C 124 16.64 2.75 -37.19
CA ALA C 124 15.23 3.02 -37.45
C ALA C 124 14.57 1.92 -38.26
N ALA C 125 15.33 1.27 -39.15
CA ALA C 125 14.78 0.19 -39.95
C ALA C 125 14.60 -1.10 -39.16
N TYR C 126 15.12 -1.16 -37.94
CA TYR C 126 15.03 -2.35 -37.13
C TYR C 126 13.57 -2.73 -36.84
N ARG C 127 13.29 -4.03 -36.92
CA ARG C 127 12.00 -4.58 -36.51
C ARG C 127 12.24 -5.89 -35.78
N PHE C 128 11.38 -6.18 -34.81
CA PHE C 128 11.35 -7.47 -34.12
C PHE C 128 9.97 -8.07 -34.35
N ASP C 129 9.78 -8.65 -35.54
CA ASP C 129 8.52 -9.27 -35.95
C ASP C 129 8.53 -10.78 -35.72
N ARG C 130 9.45 -11.27 -34.88
CA ARG C 130 9.72 -12.71 -34.80
C ARG C 130 8.46 -13.53 -34.51
N TYR C 131 7.62 -13.05 -33.59
CA TYR C 131 6.49 -13.85 -33.13
C TYR C 131 5.18 -13.48 -33.82
N LYS C 132 5.21 -12.54 -34.76
CA LYS C 132 3.95 -12.05 -35.31
C LYS C 132 3.57 -12.87 -36.54
N LYS C 133 2.27 -12.99 -36.78
CA LYS C 133 1.80 -13.81 -37.90
C LYS C 133 2.36 -13.31 -39.21
N GLU C 134 2.10 -12.05 -39.54
CA GLU C 134 2.62 -11.42 -40.74
C GLU C 134 3.67 -10.40 -40.35
N ALA C 135 4.84 -10.49 -40.97
CA ALA C 135 5.89 -9.51 -40.77
C ALA C 135 5.56 -8.21 -41.49
N LYS C 136 5.80 -7.08 -40.82
CA LYS C 136 5.65 -5.74 -41.39
C LYS C 136 7.03 -5.08 -41.42
N PRO C 137 7.88 -5.47 -42.36
CA PRO C 137 9.24 -4.91 -42.42
C PRO C 137 9.24 -3.49 -42.98
N ALA C 138 10.37 -2.82 -42.78
CA ALA C 138 10.58 -1.49 -43.33
C ALA C 138 10.96 -1.59 -44.80
N LYS C 139 10.58 -0.56 -45.56
CA LYS C 139 10.92 -0.52 -46.99
C LYS C 139 12.38 -0.17 -47.24
N PHE C 140 13.04 0.44 -46.26
CA PHE C 140 14.41 0.90 -46.42
C PHE C 140 15.34 -0.27 -46.73
N SER C 141 16.16 -0.13 -47.77
CA SER C 141 17.09 -1.17 -48.18
C SER C 141 18.51 -0.66 -48.43
N GLN C 142 18.67 0.51 -49.04
CA GLN C 142 19.97 1.00 -49.44
C GLN C 142 20.05 2.51 -49.19
N ALA C 143 21.21 2.96 -48.72
CA ALA C 143 21.48 4.39 -48.57
C ALA C 143 22.81 4.70 -49.25
N VAL C 144 22.84 5.77 -50.03
CA VAL C 144 24.01 6.16 -50.81
C VAL C 144 24.43 7.55 -50.38
N PHE C 145 25.67 7.69 -49.88
CA PHE C 145 26.15 8.96 -49.37
C PHE C 145 27.06 9.60 -50.40
N HIS C 146 26.67 10.78 -50.92
CA HIS C 146 27.47 11.43 -51.94
C HIS C 146 28.40 12.45 -51.29
N SER C 147 29.71 12.26 -51.49
CA SER C 147 30.71 13.13 -50.90
C SER C 147 31.98 13.01 -51.72
N ALA C 148 32.79 14.08 -51.70
CA ALA C 148 34.09 14.08 -52.36
C ALA C 148 35.19 13.48 -51.51
N HIS C 149 34.88 13.05 -50.28
CA HIS C 149 35.85 12.47 -49.37
C HIS C 149 35.51 11.00 -49.17
N GLU C 150 35.69 10.21 -50.23
CA GLU C 150 35.24 8.82 -50.23
C GLU C 150 35.93 8.01 -49.15
N ALA C 151 37.23 8.23 -48.95
CA ALA C 151 37.99 7.45 -47.98
C ALA C 151 37.42 7.63 -46.57
N ALA C 152 37.20 8.88 -46.17
CA ALA C 152 36.72 9.14 -44.81
C ALA C 152 35.29 8.66 -44.61
N VAL C 153 34.44 8.86 -45.63
CA VAL C 153 33.04 8.43 -45.53
C VAL C 153 32.96 6.90 -45.55
N LYS C 154 33.77 6.25 -46.39
CA LYS C 154 33.77 4.79 -46.42
C LYS C 154 34.11 4.21 -45.05
N GLU C 155 35.10 4.79 -44.38
CA GLU C 155 35.48 4.30 -43.06
C GLU C 155 34.41 4.62 -42.03
N ALA C 156 33.77 5.78 -42.15
CA ALA C 156 32.66 6.11 -41.27
C ALA C 156 31.52 5.12 -41.41
N LEU C 157 31.19 4.74 -42.65
CA LEU C 157 30.12 3.78 -42.88
C LEU C 157 30.50 2.39 -42.38
N ARG C 158 31.80 2.07 -42.36
CA ARG C 158 32.24 0.81 -41.78
C ARG C 158 31.98 0.78 -40.27
N VAL C 159 32.27 1.91 -39.60
CA VAL C 159 31.95 2.02 -38.17
C VAL C 159 30.45 1.93 -37.95
N ALA C 160 29.68 2.65 -38.79
CA ALA C 160 28.22 2.63 -38.64
C ALA C 160 27.67 1.22 -38.81
N GLU C 161 28.17 0.49 -39.80
CA GLU C 161 27.71 -0.88 -40.03
C GLU C 161 27.97 -1.76 -38.82
N ALA C 162 29.10 -1.55 -38.14
CA ALA C 162 29.42 -2.38 -36.98
C ALA C 162 28.55 -2.03 -35.78
N GLN C 163 28.30 -0.74 -35.55
CA GLN C 163 27.47 -0.37 -34.40
C GLN C 163 26.03 -0.79 -34.60
N VAL C 164 25.49 -0.61 -35.81
CA VAL C 164 24.12 -1.04 -36.08
C VAL C 164 24.01 -2.55 -35.97
N TYR C 165 25.01 -3.28 -36.49
CA TYR C 165 25.04 -4.73 -36.31
C TYR C 165 24.99 -5.09 -34.82
N GLY C 166 25.81 -4.42 -34.01
CA GLY C 166 25.84 -4.74 -32.59
C GLY C 166 24.56 -4.37 -31.88
N GLN C 167 24.02 -3.18 -32.17
CA GLN C 167 22.79 -2.76 -31.50
C GLN C 167 21.62 -3.65 -31.88
N SER C 168 21.57 -4.11 -33.14
CA SER C 168 20.47 -4.99 -33.55
C SER C 168 20.54 -6.34 -32.84
N LEU C 169 21.73 -6.93 -32.75
CA LEU C 169 21.89 -8.17 -32.02
C LEU C 169 21.50 -7.97 -30.55
N CYS C 170 21.94 -6.87 -29.95
CA CYS C 170 21.58 -6.58 -28.58
C CYS C 170 20.07 -6.48 -28.41
N ARG C 171 19.40 -5.78 -29.34
CA ARG C 171 17.95 -5.62 -29.26
C ARG C 171 17.23 -6.93 -29.49
N ASP C 172 17.74 -7.76 -30.41
CA ASP C 172 17.13 -9.06 -30.67
C ASP C 172 17.16 -9.93 -29.42
N LEU C 173 18.24 -9.85 -28.66
CA LEU C 173 18.36 -10.65 -27.44
C LEU C 173 17.52 -10.08 -26.30
N GLY C 174 17.46 -8.75 -26.19
CA GLY C 174 16.65 -8.15 -25.13
C GLY C 174 15.17 -8.26 -25.42
N ASN C 175 14.78 -8.08 -26.68
CA ASN C 175 13.36 -8.12 -27.05
C ASN C 175 12.78 -9.52 -27.02
N ALA C 176 13.63 -10.54 -27.15
CA ALA C 176 13.15 -11.91 -27.18
C ALA C 176 12.39 -12.24 -25.90
N ALA C 177 11.34 -13.05 -26.04
CA ALA C 177 10.55 -13.46 -24.90
C ALA C 177 11.36 -14.38 -23.99
N PRO C 178 11.14 -14.31 -22.67
CA PRO C 178 11.96 -15.12 -21.75
C PRO C 178 11.81 -16.63 -21.94
N ASN C 179 10.68 -17.10 -22.46
CA ASN C 179 10.56 -18.53 -22.69
C ASN C 179 11.27 -18.98 -23.96
N GLU C 180 11.65 -18.05 -24.83
CA GLU C 180 12.57 -18.39 -25.91
C GLU C 180 14.01 -18.08 -25.51
N CYS C 181 14.26 -16.86 -25.05
CA CYS C 181 15.60 -16.44 -24.62
C CYS C 181 15.84 -16.96 -23.20
N THR C 182 15.96 -18.27 -23.11
CA THR C 182 16.38 -18.96 -21.90
C THR C 182 17.88 -18.83 -21.72
N PRO C 183 18.41 -19.21 -20.56
CA PRO C 183 19.88 -19.20 -20.41
C PRO C 183 20.58 -20.02 -21.47
N GLU C 184 20.05 -21.19 -21.83
CA GLU C 184 20.65 -21.99 -22.90
C GLU C 184 20.61 -21.26 -24.23
N PHE C 185 19.46 -20.67 -24.57
CA PHE C 185 19.36 -19.89 -25.80
C PHE C 185 20.40 -18.79 -25.84
N LEU C 186 20.52 -18.04 -24.74
CA LEU C 186 21.48 -16.95 -24.69
C LEU C 186 22.90 -17.47 -24.87
N ALA C 187 23.23 -18.55 -24.16
CA ALA C 187 24.58 -19.11 -24.24
C ALA C 187 24.86 -19.63 -25.65
N ARG C 188 23.91 -20.36 -26.24
CA ARG C 188 24.12 -20.92 -27.57
C ARG C 188 24.18 -19.85 -28.64
N THR C 189 23.43 -18.75 -28.48
CA THR C 189 23.49 -17.66 -29.45
C THR C 189 24.84 -16.97 -29.40
N ALA C 190 25.38 -16.73 -28.20
CA ALA C 190 26.68 -16.08 -28.08
C ALA C 190 27.78 -16.91 -28.73
N LYS C 191 27.75 -18.23 -28.51
CA LYS C 191 28.78 -19.08 -29.11
C LYS C 191 28.67 -19.07 -30.62
N ALA C 192 27.45 -19.11 -31.15
CA ALA C 192 27.27 -19.16 -32.59
C ALA C 192 27.61 -17.83 -33.24
N GLU C 193 27.24 -16.72 -32.60
CA GLU C 193 27.54 -15.39 -33.17
C GLU C 193 29.04 -15.12 -33.15
N ALA C 194 29.71 -15.48 -32.06
CA ALA C 194 31.14 -15.27 -31.99
C ALA C 194 31.88 -16.13 -33.01
N GLU C 195 31.46 -17.39 -33.16
CA GLU C 195 32.16 -18.29 -34.07
C GLU C 195 31.88 -17.96 -35.53
N LYS C 196 30.72 -17.35 -35.84
CA LYS C 196 30.46 -16.93 -37.21
C LYS C 196 31.42 -15.84 -37.65
N LEU C 197 31.97 -15.06 -36.69
CA LEU C 197 32.90 -13.98 -36.99
C LEU C 197 34.37 -14.39 -36.83
N GLY C 198 34.64 -15.66 -36.54
CA GLY C 198 36.00 -16.14 -36.42
C GLY C 198 36.64 -16.05 -35.05
N ALA C 199 35.87 -15.69 -34.02
CA ALA C 199 36.35 -15.68 -32.66
C ALA C 199 36.12 -17.05 -32.02
N HIS C 200 36.49 -17.17 -30.75
CA HIS C 200 36.37 -18.43 -30.03
C HIS C 200 35.35 -18.29 -28.91
N ALA C 201 34.78 -19.43 -28.52
CA ALA C 201 33.74 -19.44 -27.51
C ALA C 201 33.79 -20.76 -26.78
N LYS C 202 33.66 -20.69 -25.45
CA LYS C 202 33.56 -21.87 -24.60
C LYS C 202 32.37 -21.70 -23.67
N ILE C 203 31.63 -22.78 -23.44
CA ILE C 203 30.42 -22.74 -22.61
C ILE C 203 30.67 -23.58 -21.36
N ILE C 204 30.68 -22.92 -20.22
CA ILE C 204 30.75 -23.59 -18.92
C ILE C 204 29.33 -23.97 -18.50
N GLU C 205 29.16 -25.19 -17.99
CA GLU C 205 27.85 -25.72 -17.66
C GLU C 205 27.68 -25.85 -16.15
N LYS C 206 26.54 -26.43 -15.75
CA LYS C 206 26.07 -26.35 -14.37
C LYS C 206 26.96 -27.10 -13.39
N ASP C 207 27.67 -28.13 -13.83
CA ASP C 207 28.53 -28.86 -12.90
C ASP C 207 29.60 -27.95 -12.31
N TYR C 208 30.34 -27.25 -13.18
CA TYR C 208 31.35 -26.31 -12.70
C TYR C 208 30.72 -25.19 -11.89
N ILE C 209 29.54 -24.74 -12.28
CA ILE C 209 28.91 -23.60 -11.61
C ILE C 209 28.49 -23.98 -10.20
N LYS C 210 27.80 -25.11 -10.05
CA LYS C 210 27.40 -25.56 -8.73
C LYS C 210 28.61 -25.85 -7.85
N GLU C 211 29.72 -26.29 -8.45
CA GLU C 211 30.87 -26.72 -7.66
C GLU C 211 31.74 -25.53 -7.24
N ASN C 212 31.92 -24.54 -8.12
CA ASN C 212 32.90 -23.50 -7.89
C ASN C 212 32.33 -22.09 -7.79
N MET C 213 31.06 -21.88 -8.14
CA MET C 213 30.45 -20.55 -8.15
C MET C 213 29.18 -20.59 -7.32
N GLY C 214 29.35 -20.74 -6.00
CA GLY C 214 28.22 -20.98 -5.13
C GLY C 214 27.22 -19.83 -5.09
N SER C 215 27.71 -18.59 -5.20
CA SER C 215 26.78 -17.47 -5.25
C SER C 215 25.98 -17.49 -6.55
N PHE C 216 26.67 -17.64 -7.68
CA PHE C 216 26.00 -17.83 -8.97
C PHE C 216 25.00 -18.97 -8.87
N TRP C 217 25.41 -20.10 -8.31
CA TRP C 217 24.53 -21.27 -8.28
C TRP C 217 23.31 -21.04 -7.42
N SER C 218 23.47 -20.34 -6.29
CA SER C 218 22.35 -20.14 -5.38
C SER C 218 21.21 -19.36 -6.03
N VAL C 219 21.53 -18.50 -7.00
CA VAL C 219 20.49 -17.79 -7.71
C VAL C 219 19.80 -18.72 -8.71
N ALA C 220 20.56 -19.63 -9.30
CA ALA C 220 20.04 -20.45 -10.40
C ALA C 220 19.26 -21.67 -9.91
N LYS C 221 19.53 -22.13 -8.69
CA LYS C 221 18.95 -23.39 -8.22
C LYS C 221 17.42 -23.36 -8.23
N GLY C 222 16.82 -22.17 -8.13
CA GLY C 222 15.38 -22.08 -8.01
C GLY C 222 14.59 -22.25 -9.29
N SER C 223 15.24 -22.40 -10.44
CA SER C 223 14.55 -22.57 -11.71
C SER C 223 14.85 -23.95 -12.30
N VAL C 224 13.97 -24.38 -13.21
CA VAL C 224 14.22 -25.60 -13.98
C VAL C 224 15.16 -25.36 -15.14
N GLU C 225 15.50 -24.10 -15.41
CA GLU C 225 16.44 -23.78 -16.48
C GLU C 225 17.87 -23.89 -15.97
N ASP C 226 18.71 -24.60 -16.72
CA ASP C 226 20.10 -24.76 -16.34
C ASP C 226 20.86 -23.44 -16.50
N PRO C 227 21.86 -23.21 -15.66
CA PRO C 227 22.72 -22.04 -15.83
C PRO C 227 23.84 -22.30 -16.83
N TYR C 228 24.38 -21.20 -17.34
CA TYR C 228 25.52 -21.26 -18.25
C TYR C 228 26.42 -20.07 -18.00
N LEU C 229 27.72 -20.28 -18.22
CA LEU C 229 28.71 -19.21 -18.26
C LEU C 229 29.36 -19.23 -19.62
N VAL C 230 29.29 -18.10 -20.32
CA VAL C 230 29.79 -18.00 -21.70
C VAL C 230 31.09 -17.20 -21.67
N GLU C 231 32.10 -17.74 -22.34
CA GLU C 231 33.42 -17.13 -22.44
C GLU C 231 33.72 -16.93 -23.92
N LEU C 232 33.76 -15.68 -24.36
CA LEU C 232 34.08 -15.33 -25.73
C LEU C 232 35.50 -14.76 -25.77
N SER C 233 36.30 -15.24 -26.73
CA SER C 233 37.70 -14.88 -26.82
C SER C 233 38.02 -14.38 -28.22
N TYR C 234 38.72 -13.25 -28.29
CA TYR C 234 39.20 -12.69 -29.55
C TYR C 234 40.56 -12.07 -29.30
N PHE C 235 41.57 -12.50 -30.05
CA PHE C 235 42.94 -12.04 -29.88
C PHE C 235 43.38 -11.34 -31.16
N GLY C 236 43.11 -10.05 -31.25
CA GLY C 236 43.43 -9.29 -32.44
C GLY C 236 44.58 -8.32 -32.29
N ALA C 237 45.20 -8.28 -31.11
CA ALA C 237 46.35 -7.43 -30.88
C ALA C 237 47.61 -8.09 -31.45
N ALA C 238 48.62 -7.26 -31.72
CA ALA C 238 49.89 -7.79 -32.22
C ALA C 238 50.43 -8.87 -31.30
N ASP C 239 50.51 -8.58 -30.00
CA ASP C 239 50.89 -9.57 -29.01
C ASP C 239 49.59 -10.26 -28.56
N LYS C 240 49.37 -11.49 -29.04
CA LYS C 240 48.16 -12.22 -28.70
C LYS C 240 48.15 -12.72 -27.26
N GLU C 241 49.25 -12.52 -26.53
CA GLU C 241 49.32 -12.89 -25.13
C GLU C 241 49.32 -11.67 -24.21
N ALA C 242 49.16 -10.48 -24.76
CA ALA C 242 49.07 -9.27 -23.95
C ALA C 242 47.78 -9.27 -23.14
N ALA C 243 47.80 -8.51 -22.04
CA ALA C 243 46.68 -8.52 -21.12
C ALA C 243 45.40 -8.05 -21.82
N PRO C 244 44.32 -8.81 -21.75
CA PRO C 244 43.10 -8.45 -22.48
C PRO C 244 42.20 -7.50 -21.73
N VAL C 245 41.30 -6.88 -22.48
CA VAL C 245 40.16 -6.18 -21.91
C VAL C 245 39.04 -7.20 -21.74
N VAL C 246 38.41 -7.21 -20.57
CA VAL C 246 37.39 -8.19 -20.24
C VAL C 246 36.05 -7.49 -20.03
N LEU C 247 35.02 -7.96 -20.74
CA LEU C 247 33.66 -7.46 -20.59
C LEU C 247 32.81 -8.51 -19.87
N VAL C 248 32.11 -8.09 -18.83
CA VAL C 248 31.33 -8.98 -17.97
C VAL C 248 29.86 -8.56 -18.05
N GLY C 249 28.98 -9.51 -18.34
CA GLY C 249 27.57 -9.21 -18.52
C GLY C 249 26.63 -10.04 -17.68
N LYS C 250 25.66 -9.38 -17.06
CA LYS C 250 24.63 -10.06 -16.26
C LYS C 250 23.54 -10.60 -17.18
N GLY C 251 23.31 -11.91 -17.12
CA GLY C 251 22.34 -12.52 -18.01
C GLY C 251 21.15 -13.16 -17.32
N ILE C 252 20.53 -12.45 -16.38
CA ILE C 252 19.29 -12.90 -15.76
C ILE C 252 18.22 -12.85 -16.84
N THR C 253 17.89 -14.01 -17.42
CA THR C 253 16.97 -14.04 -18.56
C THR C 253 15.55 -13.70 -18.15
N PHE C 254 15.19 -13.90 -16.88
CA PHE C 254 14.02 -13.26 -16.31
C PHE C 254 14.18 -13.17 -14.81
N ASP C 255 13.74 -12.05 -14.24
CA ASP C 255 13.86 -11.79 -12.81
C ASP C 255 12.47 -11.60 -12.22
N THR C 256 11.97 -12.61 -11.49
CA THR C 256 10.76 -12.46 -10.71
C THR C 256 11.03 -11.89 -9.33
N GLY C 257 12.28 -11.92 -8.88
CA GLY C 257 12.64 -11.60 -7.52
C GLY C 257 12.84 -12.80 -6.61
N GLY C 258 12.31 -13.97 -6.99
CA GLY C 258 12.39 -15.14 -6.14
C GLY C 258 11.43 -15.10 -4.98
N ILE C 259 11.88 -15.52 -3.80
CA ILE C 259 11.04 -15.47 -2.60
C ILE C 259 10.72 -14.03 -2.25
N SER C 260 11.68 -13.12 -2.44
CA SER C 260 11.46 -11.67 -2.35
C SER C 260 10.81 -11.21 -3.66
N LEU C 261 9.58 -11.68 -3.87
CA LEU C 261 8.90 -11.60 -5.16
C LEU C 261 8.52 -10.16 -5.50
N LYS C 262 8.58 -9.86 -6.80
CA LYS C 262 8.31 -8.56 -7.37
C LYS C 262 6.81 -8.33 -7.52
N PRO C 263 6.36 -7.08 -7.52
CA PRO C 263 4.96 -6.78 -7.85
C PRO C 263 4.65 -7.17 -9.29
N GLY C 264 3.37 -7.44 -9.56
CA GLY C 264 2.98 -7.92 -10.88
C GLY C 264 3.00 -6.85 -11.96
N LEU C 265 2.86 -5.58 -11.56
CA LEU C 265 2.82 -4.50 -12.54
C LEU C 265 4.15 -4.34 -13.25
N ASN C 266 4.10 -4.35 -14.58
CA ASN C 266 5.24 -4.08 -15.46
C ASN C 266 6.35 -5.13 -15.31
N MET C 267 6.04 -6.31 -14.77
CA MET C 267 7.09 -7.30 -14.60
C MET C 267 7.58 -7.87 -15.92
N ASP C 268 6.77 -7.78 -16.98
CA ASP C 268 7.21 -8.19 -18.31
C ASP C 268 8.54 -7.55 -18.69
N GLU C 269 8.73 -6.29 -18.28
CA GLU C 269 9.95 -5.55 -18.58
C GLU C 269 11.18 -6.13 -17.89
N MET C 270 10.99 -7.09 -16.98
CA MET C 270 12.13 -7.81 -16.41
C MET C 270 12.71 -8.83 -17.38
N LYS C 271 12.11 -9.02 -18.56
CA LYS C 271 12.80 -9.77 -19.60
C LYS C 271 14.02 -9.02 -20.11
N PHE C 272 14.15 -7.74 -19.77
CA PHE C 272 15.29 -6.92 -20.17
C PHE C 272 16.43 -6.96 -19.16
N ASP C 273 16.33 -7.80 -18.13
CA ASP C 273 17.37 -7.87 -17.10
C ASP C 273 18.58 -8.67 -17.54
N MET C 274 18.61 -9.13 -18.80
CA MET C 274 19.81 -9.70 -19.40
C MET C 274 20.42 -8.77 -20.43
N CYS C 275 19.99 -7.50 -20.48
CA CYS C 275 20.53 -6.56 -21.46
C CYS C 275 22.02 -6.31 -21.22
N GLY C 276 22.48 -6.43 -19.97
CA GLY C 276 23.91 -6.34 -19.74
C GLY C 276 24.68 -7.41 -20.47
N ALA C 277 24.20 -8.66 -20.41
CA ALA C 277 24.80 -9.72 -21.19
C ALA C 277 24.71 -9.44 -22.68
N ALA C 278 23.54 -8.97 -23.14
CA ALA C 278 23.38 -8.64 -24.56
C ALA C 278 24.33 -7.53 -24.98
N THR C 279 24.51 -6.51 -24.13
CA THR C 279 25.48 -5.45 -24.42
C THR C 279 26.87 -6.02 -24.60
N VAL C 280 27.27 -6.94 -23.73
CA VAL C 280 28.63 -7.49 -23.77
C VAL C 280 28.83 -8.33 -25.02
N ILE C 281 27.89 -9.24 -25.30
CA ILE C 281 27.99 -10.11 -26.47
C ILE C 281 28.01 -9.29 -27.76
N SER C 282 27.16 -8.27 -27.83
CA SER C 282 27.07 -7.50 -29.06
C SER C 282 28.30 -6.62 -29.26
N THR C 283 28.80 -6.00 -28.19
CA THR C 283 30.02 -5.20 -28.29
C THR C 283 31.20 -6.07 -28.70
N PHE C 284 31.30 -7.26 -28.13
CA PHE C 284 32.33 -8.21 -28.53
C PHE C 284 32.27 -8.50 -30.02
N CYS C 285 31.08 -8.85 -30.52
CA CYS C 285 30.93 -9.16 -31.93
C CYS C 285 31.22 -7.93 -32.80
N ALA C 286 30.80 -6.75 -32.35
CA ALA C 286 31.10 -5.52 -33.10
C ALA C 286 32.61 -5.29 -33.19
N ALA C 287 33.33 -5.51 -32.09
CA ALA C 287 34.78 -5.35 -32.12
C ALA C 287 35.42 -6.33 -33.09
N VAL C 288 34.96 -7.57 -33.09
CA VAL C 288 35.49 -8.55 -34.05
C VAL C 288 35.15 -8.15 -35.47
N LYS C 289 33.93 -7.64 -35.68
CA LYS C 289 33.52 -7.20 -37.02
C LYS C 289 34.37 -6.05 -37.51
N LEU C 290 34.73 -5.13 -36.62
CA LEU C 290 35.61 -4.02 -36.95
C LEU C 290 37.07 -4.45 -37.07
N GLN C 291 37.39 -5.68 -36.68
CA GLN C 291 38.77 -6.18 -36.66
C GLN C 291 39.66 -5.24 -35.84
N LEU C 292 39.19 -4.88 -34.65
CA LEU C 292 39.95 -3.98 -33.80
C LEU C 292 41.23 -4.65 -33.35
N PRO C 293 42.36 -3.92 -33.29
CA PRO C 293 43.64 -4.52 -32.90
C PRO C 293 43.81 -4.66 -31.39
N ILE C 294 42.86 -5.34 -30.75
CA ILE C 294 42.83 -5.48 -29.31
C ILE C 294 42.57 -6.94 -28.96
N ASN C 295 42.95 -7.33 -27.75
CA ASN C 295 42.61 -8.63 -27.18
C ASN C 295 41.43 -8.46 -26.23
N LEU C 296 40.32 -9.14 -26.52
CA LEU C 296 39.06 -8.92 -25.83
C LEU C 296 38.48 -10.25 -25.34
N ILE C 297 38.03 -10.27 -24.09
CA ILE C 297 37.35 -11.41 -23.49
C ILE C 297 35.97 -10.95 -23.06
N ALA C 298 34.94 -11.74 -23.39
CA ALA C 298 33.59 -11.47 -22.95
C ALA C 298 33.11 -12.60 -22.07
N ILE C 299 32.65 -12.27 -20.86
CA ILE C 299 32.17 -13.25 -19.89
C ILE C 299 30.72 -12.94 -19.58
N VAL C 300 29.85 -13.94 -19.71
CA VAL C 300 28.42 -13.79 -19.45
C VAL C 300 27.98 -14.90 -18.51
N ALA C 301 27.42 -14.52 -17.37
CA ALA C 301 26.76 -15.44 -16.46
C ALA C 301 25.25 -15.29 -16.66
N THR C 302 24.57 -16.39 -16.95
CA THR C 302 23.14 -16.37 -17.26
C THR C 302 22.42 -17.49 -16.51
N CYS C 303 21.22 -17.17 -16.02
CA CYS C 303 20.35 -18.13 -15.34
C CYS C 303 18.99 -17.47 -15.17
N GLU C 304 18.08 -18.16 -14.48
CA GLU C 304 16.75 -17.65 -14.16
C GLU C 304 16.59 -17.51 -12.66
N ASN C 305 15.93 -16.44 -12.22
CA ASN C 305 15.63 -16.22 -10.81
C ASN C 305 14.15 -16.48 -10.60
N MET C 306 13.82 -17.69 -10.17
CA MET C 306 12.43 -18.08 -10.02
C MET C 306 12.12 -18.47 -8.58
N PRO C 307 10.87 -18.33 -8.16
CA PRO C 307 10.48 -18.87 -6.85
C PRO C 307 10.11 -20.34 -7.00
N SER C 308 10.51 -21.13 -6.01
CA SER C 308 10.23 -22.56 -6.01
C SER C 308 10.44 -23.09 -4.60
N GLY C 309 10.14 -24.36 -4.41
CA GLY C 309 10.42 -25.02 -3.15
C GLY C 309 11.89 -25.23 -2.85
N ALA C 310 12.78 -24.87 -3.78
CA ALA C 310 14.21 -25.05 -3.57
C ALA C 310 14.99 -23.76 -3.85
N ALA C 311 14.31 -22.62 -3.88
CA ALA C 311 14.97 -21.37 -4.25
C ALA C 311 15.73 -20.77 -3.06
N ASN C 312 16.60 -19.82 -3.38
CA ASN C 312 17.27 -19.02 -2.36
C ASN C 312 16.27 -18.40 -1.40
N LYS C 313 16.54 -18.53 -0.11
CA LYS C 313 15.69 -17.96 0.93
C LYS C 313 16.37 -16.76 1.57
N PRO C 314 15.61 -15.73 1.95
CA PRO C 314 16.19 -14.62 2.72
C PRO C 314 16.82 -15.13 4.00
N GLY C 315 18.07 -14.72 4.24
CA GLY C 315 18.83 -15.22 5.36
C GLY C 315 19.81 -16.33 5.00
N ASP C 316 19.65 -16.94 3.82
CA ASP C 316 20.65 -17.88 3.34
C ASP C 316 22.03 -17.23 3.31
N VAL C 317 23.06 -18.01 3.65
CA VAL C 317 24.44 -17.56 3.56
C VAL C 317 25.15 -18.48 2.56
N VAL C 318 25.72 -17.89 1.52
CA VAL C 318 26.34 -18.67 0.45
C VAL C 318 27.81 -18.30 0.31
N LYS C 319 28.60 -19.25 -0.16
CA LYS C 319 30.03 -19.05 -0.33
C LYS C 319 30.33 -18.69 -1.78
N SER C 320 30.81 -17.47 -2.00
CA SER C 320 31.14 -16.99 -3.33
C SER C 320 32.36 -17.74 -3.88
N MET C 321 32.64 -17.52 -5.17
CA MET C 321 33.83 -18.11 -5.78
C MET C 321 35.10 -17.56 -5.13
N LYS C 322 35.12 -16.26 -4.84
CA LYS C 322 36.30 -15.68 -4.19
C LYS C 322 36.56 -16.32 -2.83
N GLY C 323 35.50 -16.69 -2.13
CA GLY C 323 35.59 -17.27 -0.79
C GLY C 323 34.83 -16.51 0.27
N LEU C 324 34.53 -15.24 0.03
CA LEU C 324 33.70 -14.47 0.95
C LEU C 324 32.31 -15.09 1.02
N THR C 325 31.73 -15.10 2.22
CA THR C 325 30.35 -15.54 2.38
C THR C 325 29.41 -14.34 2.28
N ILE C 326 28.31 -14.54 1.58
CA ILE C 326 27.31 -13.49 1.36
C ILE C 326 26.04 -13.88 2.08
N GLU C 327 25.49 -12.97 2.87
CA GLU C 327 24.16 -13.16 3.46
C GLU C 327 23.14 -12.61 2.47
N VAL C 328 22.31 -13.50 1.94
CA VAL C 328 21.28 -13.11 0.99
C VAL C 328 20.10 -12.56 1.78
N LEU C 329 20.10 -11.26 2.06
CA LEU C 329 19.02 -10.64 2.82
C LEU C 329 17.76 -10.47 1.97
N ASN C 330 17.93 -10.20 0.69
CA ASN C 330 16.82 -9.98 -0.22
C ASN C 330 17.11 -10.73 -1.51
N THR C 331 16.25 -11.69 -1.87
CA THR C 331 16.54 -12.52 -3.03
C THR C 331 16.26 -11.83 -4.35
N ASP C 332 15.70 -10.61 -4.31
CA ASP C 332 15.52 -9.82 -5.52
C ASP C 332 16.80 -9.07 -5.90
N ALA C 333 17.78 -8.99 -5.00
CA ALA C 333 19.10 -8.45 -5.34
C ALA C 333 20.02 -9.58 -5.78
N GLU C 334 19.63 -10.21 -6.88
CA GLU C 334 20.28 -11.44 -7.33
C GLU C 334 21.29 -11.22 -8.44
N GLY C 335 21.19 -10.09 -9.16
CA GLY C 335 22.20 -9.77 -10.14
C GLY C 335 23.57 -9.57 -9.53
N ARG C 336 23.61 -8.99 -8.32
CA ARG C 336 24.86 -8.91 -7.57
C ARG C 336 25.49 -10.29 -7.40
N LEU C 337 24.65 -11.30 -7.14
CA LEU C 337 25.16 -12.61 -6.75
C LEU C 337 25.71 -13.41 -7.91
N ILE C 338 25.34 -13.10 -9.15
CA ILE C 338 25.93 -13.81 -10.28
C ILE C 338 27.09 -12.98 -10.83
N LEU C 339 27.04 -11.65 -10.66
CA LEU C 339 28.13 -10.82 -11.17
C LEU C 339 29.40 -11.03 -10.36
N CYS C 340 29.29 -11.09 -9.03
CA CYS C 340 30.49 -11.18 -8.21
C CYS C 340 31.28 -12.44 -8.50
N ASP C 341 30.59 -13.55 -8.79
CA ASP C 341 31.29 -14.77 -9.17
C ASP C 341 31.86 -14.66 -10.57
N ALA C 342 31.13 -14.03 -11.48
CA ALA C 342 31.66 -13.79 -12.82
C ALA C 342 32.87 -12.86 -12.78
N LEU C 343 32.85 -11.87 -11.88
CA LEU C 343 33.99 -10.96 -11.76
C LEU C 343 35.21 -11.66 -11.20
N THR C 344 35.02 -12.58 -10.25
CA THR C 344 36.13 -13.39 -9.76
C THR C 344 36.68 -14.28 -10.87
N TYR C 345 35.79 -14.87 -11.66
CA TYR C 345 36.22 -15.69 -12.79
C TYR C 345 37.12 -14.91 -13.73
N ALA C 346 36.91 -13.60 -13.82
CA ALA C 346 37.65 -12.79 -14.79
C ALA C 346 39.12 -12.64 -14.41
N GLU C 347 39.45 -12.69 -13.12
CA GLU C 347 40.81 -12.37 -12.72
C GLU C 347 41.81 -13.46 -13.09
N GLN C 348 41.34 -14.63 -13.53
CA GLN C 348 42.24 -15.66 -14.04
C GLN C 348 42.88 -15.25 -15.38
N PHE C 349 42.33 -14.25 -16.07
CA PHE C 349 42.90 -13.79 -17.33
C PHE C 349 43.97 -12.71 -17.15
N LYS C 350 44.31 -12.36 -15.90
CA LYS C 350 45.23 -11.27 -15.57
C LYS C 350 44.90 -10.04 -16.43
N PRO C 351 43.68 -9.51 -16.32
CA PRO C 351 43.19 -8.54 -17.30
C PRO C 351 43.81 -7.17 -17.17
N LYS C 352 43.87 -6.48 -18.32
CA LYS C 352 44.26 -5.08 -18.38
C LYS C 352 43.16 -4.17 -17.84
N ALA C 353 41.90 -4.54 -18.08
CA ALA C 353 40.75 -3.79 -17.61
C ALA C 353 39.52 -4.68 -17.67
N VAL C 354 38.63 -4.55 -16.69
CA VAL C 354 37.37 -5.29 -16.64
C VAL C 354 36.23 -4.30 -16.53
N ILE C 355 35.26 -4.39 -17.44
CA ILE C 355 34.05 -3.58 -17.40
C ILE C 355 32.85 -4.50 -17.32
N ASP C 356 32.05 -4.37 -16.27
CA ASP C 356 30.81 -5.12 -16.18
C ASP C 356 29.64 -4.20 -16.51
N VAL C 357 28.63 -4.78 -17.17
CA VAL C 357 27.44 -4.05 -17.61
C VAL C 357 26.23 -4.81 -17.08
N ALA C 358 25.34 -4.09 -16.38
CA ALA C 358 24.20 -4.75 -15.75
C ALA C 358 23.05 -3.78 -15.57
N THR C 359 21.84 -4.28 -15.79
CA THR C 359 20.62 -3.63 -15.32
C THR C 359 20.45 -3.99 -13.84
N LEU C 360 21.18 -3.26 -12.99
CA LEU C 360 21.42 -3.69 -11.63
C LEU C 360 20.40 -3.16 -10.63
N THR C 361 20.15 -1.85 -10.63
CA THR C 361 19.33 -1.22 -9.61
C THR C 361 18.30 -0.29 -10.23
N GLY C 362 17.07 -0.36 -9.71
CA GLY C 362 16.12 0.69 -10.03
C GLY C 362 16.53 2.02 -9.45
N ALA C 363 17.40 2.02 -8.45
CA ALA C 363 17.87 3.25 -7.83
C ALA C 363 18.68 4.10 -8.81
N CYS C 364 19.33 3.47 -9.81
CA CYS C 364 20.06 4.24 -10.80
C CYS C 364 19.13 5.15 -11.57
N ILE C 365 17.90 4.69 -11.83
CA ILE C 365 16.91 5.52 -12.51
C ILE C 365 16.51 6.70 -11.63
N VAL C 366 16.36 6.47 -10.33
CA VAL C 366 16.06 7.56 -9.41
C VAL C 366 17.21 8.57 -9.40
N ALA C 367 18.44 8.07 -9.49
CA ALA C 367 19.58 8.97 -9.45
C ALA C 367 19.75 9.72 -10.76
N LEU C 368 19.77 9.01 -11.88
CA LEU C 368 20.18 9.60 -13.15
C LEU C 368 19.13 9.57 -14.24
N GLY C 369 18.05 8.81 -14.09
CA GLY C 369 16.97 8.79 -15.07
C GLY C 369 17.08 7.66 -16.07
N HIS C 370 16.35 7.82 -17.17
CA HIS C 370 16.25 6.82 -18.22
C HIS C 370 17.19 7.07 -19.39
N ASP C 371 17.94 8.17 -19.37
CA ASP C 371 18.73 8.56 -20.53
C ASP C 371 20.23 8.67 -20.23
N VAL C 372 20.64 8.44 -18.97
CA VAL C 372 22.03 8.53 -18.56
C VAL C 372 22.38 7.29 -17.74
N SER C 373 23.39 6.54 -18.20
CA SER C 373 23.84 5.37 -17.45
C SER C 373 24.72 5.79 -16.28
N GLY C 374 24.74 4.96 -15.25
CA GLY C 374 25.62 5.19 -14.11
C GLY C 374 26.94 4.45 -14.29
N VAL C 375 28.03 5.11 -13.94
CA VAL C 375 29.37 4.54 -14.00
C VAL C 375 29.98 4.59 -12.61
N MET C 376 30.55 3.47 -12.17
CA MET C 376 31.31 3.39 -10.94
C MET C 376 32.50 2.47 -11.14
N GLY C 377 33.54 2.65 -10.35
CA GLY C 377 34.70 1.80 -10.49
C GLY C 377 35.74 2.12 -9.46
N ASN C 378 36.84 1.36 -9.53
CA ASN C 378 37.98 1.52 -8.65
C ASN C 378 39.19 2.12 -9.34
N ASN C 379 39.08 2.45 -10.63
CA ASN C 379 40.19 2.98 -11.42
C ASN C 379 39.71 4.22 -12.16
N GLN C 380 40.23 5.39 -11.79
CA GLN C 380 39.72 6.63 -12.35
C GLN C 380 40.08 6.79 -13.81
N ASP C 381 41.23 6.26 -14.24
CA ASP C 381 41.57 6.31 -15.67
C ASP C 381 40.58 5.50 -16.50
N LEU C 382 40.17 4.33 -15.99
CA LEU C 382 39.21 3.52 -16.71
C LEU C 382 37.85 4.21 -16.77
N ILE C 383 37.41 4.81 -15.66
CA ILE C 383 36.14 5.53 -15.67
C ILE C 383 36.19 6.71 -16.64
N ASP C 384 37.31 7.45 -16.62
CA ASP C 384 37.46 8.59 -17.51
C ASP C 384 37.46 8.16 -18.96
N SER C 385 38.05 6.98 -19.26
CA SER C 385 37.99 6.47 -20.63
C SER C 385 36.54 6.19 -21.03
N LEU C 386 35.78 5.56 -20.15
CA LEU C 386 34.39 5.25 -20.47
C LEU C 386 33.55 6.52 -20.59
N LEU C 387 33.80 7.52 -19.74
CA LEU C 387 33.10 8.79 -19.89
C LEU C 387 33.51 9.48 -21.19
N ALA C 388 34.76 9.34 -21.60
CA ALA C 388 35.19 9.91 -22.87
C ALA C 388 34.41 9.30 -24.03
N ALA C 389 34.30 7.97 -24.06
CA ALA C 389 33.52 7.32 -25.10
C ALA C 389 32.06 7.74 -25.05
N SER C 390 31.53 7.92 -23.83
CA SER C 390 30.17 8.41 -23.65
C SER C 390 29.95 9.72 -24.39
N TYR C 391 30.90 10.66 -24.27
CA TYR C 391 30.74 11.96 -24.91
C TYR C 391 30.96 11.89 -26.41
N ASN C 392 31.83 10.99 -26.88
CA ASN C 392 32.15 10.92 -28.31
C ASN C 392 30.92 10.56 -29.13
N VAL C 393 30.09 9.67 -28.61
CA VAL C 393 28.93 9.15 -29.33
C VAL C 393 27.62 9.65 -28.77
N ASP C 394 27.65 10.49 -27.73
CA ASP C 394 26.44 10.99 -27.07
C ASP C 394 25.60 9.84 -26.52
N ASP C 395 26.26 8.82 -25.98
CA ASP C 395 25.60 7.79 -25.18
C ASP C 395 25.89 8.13 -23.73
N LYS C 396 25.01 8.94 -23.14
CA LYS C 396 25.36 9.68 -21.94
C LYS C 396 25.52 8.76 -20.74
N ALA C 397 26.51 9.10 -19.92
CA ALA C 397 26.83 8.37 -18.69
C ALA C 397 27.35 9.39 -17.68
N TRP C 398 27.28 9.00 -16.41
CA TRP C 398 27.73 9.88 -15.34
C TRP C 398 28.34 9.04 -14.23
N GLN C 399 29.37 9.56 -13.58
CA GLN C 399 30.06 8.83 -12.53
C GLN C 399 29.40 9.05 -11.18
N LEU C 400 29.23 7.96 -10.41
CA LEU C 400 28.86 7.99 -9.01
C LEU C 400 30.03 7.51 -8.16
N PRO C 401 30.20 8.07 -6.97
CA PRO C 401 31.44 7.84 -6.21
C PRO C 401 31.42 6.51 -5.47
N LEU C 402 32.57 5.86 -5.42
CA LEU C 402 32.74 4.69 -4.56
C LEU C 402 33.54 5.08 -3.32
N PHE C 403 32.99 6.04 -2.58
CA PHE C 403 33.57 6.41 -1.30
C PHE C 403 33.56 5.21 -0.36
N GLU C 404 34.49 5.19 0.59
CA GLU C 404 34.56 4.06 1.51
C GLU C 404 33.41 4.05 2.50
N THR C 405 32.76 5.19 2.71
CA THR C 405 31.66 5.24 3.68
C THR C 405 30.45 4.43 3.24
N TYR C 406 30.32 4.15 1.94
CA TYR C 406 29.25 3.28 1.49
C TYR C 406 29.49 1.85 1.96
N LYS C 407 30.75 1.45 2.15
CA LYS C 407 31.02 0.14 2.73
C LYS C 407 30.50 0.03 4.14
N ASP C 408 30.34 1.17 4.83
CA ASP C 408 29.78 1.16 6.19
C ASP C 408 28.32 0.72 6.19
N GLN C 409 27.64 0.81 5.04
CA GLN C 409 26.26 0.37 4.91
C GLN C 409 26.14 -1.12 4.66
N LEU C 410 27.25 -1.83 4.52
CA LEU C 410 27.24 -3.26 4.22
C LEU C 410 27.87 -4.03 5.39
N LYS C 411 27.08 -4.28 6.42
CA LYS C 411 27.53 -5.04 7.58
C LYS C 411 26.56 -6.18 7.86
N SER C 412 27.11 -7.31 8.33
CA SER C 412 26.33 -8.47 8.68
C SER C 412 26.91 -9.14 9.92
N ASN C 413 26.03 -9.53 10.84
CA ASN C 413 26.46 -10.26 12.02
C ASN C 413 26.56 -11.75 11.77
N PHE C 414 26.40 -12.18 10.51
CA PHE C 414 26.33 -13.60 10.17
C PHE C 414 27.26 -14.00 9.04
N ALA C 415 27.43 -13.14 8.04
CA ALA C 415 28.28 -13.45 6.91
C ALA C 415 29.36 -12.37 6.78
N ASP C 416 30.26 -12.58 5.82
CA ASP C 416 31.29 -11.59 5.55
C ASP C 416 30.69 -10.28 5.05
N ILE C 417 29.74 -10.36 4.11
CA ILE C 417 29.02 -9.19 3.62
C ILE C 417 27.59 -9.56 3.32
N PRO C 418 26.66 -8.63 3.52
CA PRO C 418 25.28 -8.83 3.07
C PRO C 418 25.12 -8.45 1.60
N ASN C 419 24.07 -8.99 0.97
CA ASN C 419 23.89 -8.70 -0.44
C ASN C 419 23.21 -7.35 -0.67
N ILE C 420 22.59 -6.76 0.36
CA ILE C 420 22.06 -5.41 0.29
C ILE C 420 22.53 -4.65 1.50
N GLY C 421 22.52 -3.32 1.38
CA GLY C 421 22.93 -2.45 2.46
C GLY C 421 21.76 -1.75 3.13
N THR C 422 22.08 -1.00 4.17
CA THR C 422 21.11 -0.13 4.80
C THR C 422 20.56 0.87 3.78
N PRO C 423 19.35 1.38 3.97
CA PRO C 423 18.71 2.19 2.92
C PRO C 423 19.50 3.45 2.57
N GLY C 424 19.42 3.82 1.30
CA GLY C 424 20.07 4.99 0.74
C GLY C 424 21.16 4.58 -0.21
N ALA C 425 21.32 5.34 -1.29
CA ALA C 425 22.41 5.15 -2.25
C ALA C 425 22.41 3.73 -2.83
N GLY C 426 21.23 3.28 -3.25
CA GLY C 426 21.08 1.90 -3.68
C GLY C 426 22.02 1.51 -4.80
N THR C 427 22.23 2.41 -5.77
CA THR C 427 23.12 2.09 -6.88
C THR C 427 24.57 2.00 -6.44
N ILE C 428 25.01 2.95 -5.61
CA ILE C 428 26.40 2.94 -5.17
C ILE C 428 26.66 1.77 -4.24
N THR C 429 25.68 1.46 -3.38
CA THR C 429 25.80 0.32 -2.47
C THR C 429 25.98 -0.98 -3.24
N ALA C 430 25.21 -1.17 -4.32
CA ALA C 430 25.37 -2.38 -5.12
C ALA C 430 26.76 -2.42 -5.76
N ALA C 431 27.22 -1.29 -6.29
CA ALA C 431 28.58 -1.21 -6.83
C ALA C 431 29.62 -1.48 -5.75
N THR C 432 29.36 -1.00 -4.52
CA THR C 432 30.29 -1.27 -3.42
C THR C 432 30.39 -2.75 -3.12
N PHE C 433 29.24 -3.44 -3.07
CA PHE C 433 29.23 -4.88 -2.94
C PHE C 433 30.12 -5.53 -4.00
N LEU C 434 29.95 -5.13 -5.27
CA LEU C 434 30.75 -5.70 -6.34
C LEU C 434 32.23 -5.38 -6.16
N SER C 435 32.54 -4.21 -5.60
CA SER C 435 33.95 -3.80 -5.50
C SER C 435 34.76 -4.74 -4.62
N TYR C 436 34.12 -5.47 -3.70
CA TYR C 436 34.83 -6.43 -2.86
C TYR C 436 35.43 -7.57 -3.69
N PHE C 437 34.94 -7.77 -4.91
CA PHE C 437 35.36 -8.87 -5.76
C PHE C 437 36.22 -8.42 -6.93
N THR C 438 36.50 -7.12 -7.04
CA THR C 438 37.24 -6.58 -8.17
C THR C 438 38.50 -5.85 -7.73
N GLU C 439 38.99 -6.12 -6.53
CA GLU C 439 40.15 -5.41 -6.00
C GLU C 439 41.45 -5.82 -6.69
N GLY C 440 41.42 -6.83 -7.54
CA GLY C 440 42.61 -7.36 -8.18
C GLY C 440 42.88 -6.88 -9.59
N TYR C 441 42.07 -5.97 -10.12
CA TYR C 441 42.30 -5.46 -11.48
C TYR C 441 41.61 -4.12 -11.59
N PRO C 442 41.99 -3.30 -12.58
CA PRO C 442 41.24 -2.07 -12.85
C PRO C 442 39.83 -2.40 -13.32
N TRP C 443 38.83 -1.84 -12.65
CA TRP C 443 37.46 -2.29 -12.80
C TRP C 443 36.49 -1.11 -12.87
N ALA C 444 35.50 -1.23 -13.74
CA ALA C 444 34.44 -0.23 -13.84
C ALA C 444 33.12 -0.93 -14.07
N HIS C 445 32.05 -0.25 -13.67
CA HIS C 445 30.71 -0.81 -13.62
C HIS C 445 29.74 0.14 -14.31
N LEU C 446 28.95 -0.38 -15.25
CA LEU C 446 27.94 0.37 -15.98
C LEU C 446 26.55 -0.11 -15.52
N ASP C 447 25.81 0.75 -14.84
CA ASP C 447 24.44 0.45 -14.46
C ASP C 447 23.52 1.01 -15.53
N ILE C 448 22.94 0.12 -16.33
CA ILE C 448 22.15 0.50 -17.48
C ILE C 448 20.66 0.22 -17.26
N ALA C 449 20.22 0.16 -16.01
CA ALA C 449 18.82 -0.18 -15.71
C ALA C 449 17.84 0.81 -16.30
N GLY C 450 18.26 2.04 -16.60
CA GLY C 450 17.37 3.03 -17.16
C GLY C 450 17.53 3.21 -18.65
N THR C 451 18.71 2.91 -19.17
CA THR C 451 19.04 3.18 -20.58
C THR C 451 18.91 1.95 -21.47
N ALA C 452 18.76 0.75 -20.90
CA ALA C 452 18.74 -0.47 -21.70
C ALA C 452 17.42 -0.69 -22.41
N TRP C 453 16.34 -0.05 -21.98
CA TRP C 453 15.05 -0.26 -22.61
C TRP C 453 14.18 0.96 -22.42
N LYS C 454 13.12 1.04 -23.23
CA LYS C 454 12.10 2.07 -23.15
C LYS C 454 10.75 1.39 -22.87
N SER C 455 9.77 2.20 -22.46
CA SER C 455 8.43 1.70 -22.12
C SER C 455 7.36 2.38 -22.96
N GLY C 456 6.11 2.03 -22.66
CA GLY C 456 4.99 2.68 -23.32
C GLY C 456 4.79 2.16 -24.73
N ALA C 457 4.33 3.06 -25.61
CA ALA C 457 4.02 2.67 -26.97
C ALA C 457 5.24 2.11 -27.71
N GLU C 458 6.44 2.55 -27.32
CA GLU C 458 7.67 2.15 -27.99
C GLU C 458 8.46 1.15 -27.15
N LYS C 459 7.77 0.35 -26.33
CA LYS C 459 8.44 -0.58 -25.43
C LYS C 459 9.38 -1.51 -26.20
N GLY C 460 10.63 -1.54 -25.78
CA GLY C 460 11.61 -2.41 -26.42
C GLY C 460 13.00 -2.09 -25.93
N ALA C 461 13.93 -2.95 -26.34
CA ALA C 461 15.34 -2.74 -26.00
C ALA C 461 15.92 -1.59 -26.83
N THR C 462 16.83 -0.84 -26.21
CA THR C 462 17.42 0.31 -26.89
C THR C 462 18.73 -0.03 -27.59
N GLY C 463 19.41 -1.09 -27.16
CA GLY C 463 20.72 -1.41 -27.68
C GLY C 463 21.84 -0.70 -26.97
N ARG C 464 21.54 0.15 -25.97
CA ARG C 464 22.54 0.85 -25.17
C ARG C 464 23.01 -0.03 -24.01
N PRO C 465 24.26 0.13 -23.56
CA PRO C 465 25.29 1.09 -24.02
C PRO C 465 26.28 0.56 -25.06
N VAL C 466 25.84 -0.21 -26.04
CA VAL C 466 26.72 -0.70 -27.11
C VAL C 466 27.44 0.46 -27.79
N PRO C 467 26.78 1.60 -28.09
CA PRO C 467 27.54 2.73 -28.65
C PRO C 467 28.68 3.20 -27.75
N LEU C 468 28.43 3.34 -26.45
CA LEU C 468 29.50 3.75 -25.54
C LEU C 468 30.64 2.73 -25.53
N LEU C 469 30.31 1.46 -25.25
CA LEU C 469 31.37 0.44 -25.12
C LEU C 469 32.16 0.27 -26.40
N MET C 470 31.47 0.27 -27.55
CA MET C 470 32.18 0.04 -28.80
C MET C 470 33.16 1.17 -29.08
N ASN C 471 32.78 2.40 -28.74
CA ASN C 471 33.71 3.53 -28.92
C ASN C 471 34.89 3.40 -27.98
N TYR C 472 34.65 2.98 -26.73
CA TYR C 472 35.75 2.74 -25.80
C TYR C 472 36.76 1.75 -26.36
N LEU C 473 36.27 0.68 -27.01
CA LEU C 473 37.20 -0.31 -27.57
C LEU C 473 37.96 0.28 -28.74
N ARG C 474 37.30 1.07 -29.59
CA ARG C 474 38.01 1.67 -30.73
C ARG C 474 39.10 2.62 -30.27
N ASN C 475 38.96 3.20 -29.08
CA ASN C 475 39.90 4.19 -28.58
C ASN C 475 40.94 3.61 -27.64
N LEU C 476 41.01 2.28 -27.50
CA LEU C 476 42.01 1.65 -26.64
C LEU C 476 43.42 1.97 -27.14
N HIS D 8 28.84 26.75 27.11
CA HIS D 8 29.86 27.72 26.72
C HIS D 8 31.28 27.15 26.88
N MET D 9 31.85 26.66 25.77
CA MET D 9 33.18 26.07 25.74
C MET D 9 34.23 27.12 25.39
N GLU D 10 35.48 26.83 25.76
CA GLU D 10 36.58 27.77 25.58
C GLU D 10 37.83 27.04 25.14
N PHE D 11 38.56 27.62 24.19
CA PHE D 11 39.81 27.06 23.69
C PHE D 11 40.93 28.07 23.89
N SER D 12 42.05 27.60 24.44
CA SER D 12 43.22 28.44 24.67
C SER D 12 44.46 27.65 24.29
N THR D 13 45.61 28.30 24.36
CA THR D 13 46.84 27.66 23.90
C THR D 13 47.97 27.97 24.87
N LYS D 14 48.87 26.99 25.02
CA LYS D 14 50.10 27.16 25.77
C LYS D 14 51.24 26.59 24.93
N THR D 15 52.45 27.04 25.22
CA THR D 15 53.62 26.60 24.46
C THR D 15 54.40 25.48 25.15
N GLU D 16 54.33 25.37 26.47
CA GLU D 16 55.08 24.33 27.15
C GLU D 16 54.49 22.96 26.84
N ILE D 17 55.31 21.92 27.05
CA ILE D 17 54.80 20.56 26.91
C ILE D 17 53.86 20.25 28.06
N LEU D 18 52.89 19.38 27.80
CA LEU D 18 51.95 18.97 28.84
C LEU D 18 52.69 18.18 29.91
N GLN D 19 52.79 18.77 31.10
CA GLN D 19 53.48 18.12 32.20
C GLN D 19 52.56 17.13 32.91
N GLU D 20 53.17 16.06 33.43
CA GLU D 20 52.43 14.99 34.09
C GLU D 20 51.69 15.47 35.33
N GLN D 21 52.14 16.57 35.92
CA GLN D 21 51.55 17.15 37.13
C GLN D 21 50.43 18.15 36.83
N GLN D 22 50.12 18.38 35.56
CA GLN D 22 49.06 19.31 35.20
C GLN D 22 47.71 18.80 35.71
N ALA D 23 46.93 19.71 36.30
CA ALA D 23 45.61 19.34 36.79
C ALA D 23 44.63 19.24 35.63
N GLY D 24 43.67 18.34 35.76
CA GLY D 24 42.66 18.14 34.74
C GLY D 24 42.94 16.91 33.89
N ALA D 25 42.09 16.73 32.88
CA ALA D 25 42.25 15.60 31.97
C ALA D 25 43.39 15.85 31.00
N GLN D 26 44.05 14.75 30.62
CA GLN D 26 45.25 14.80 29.77
C GLN D 26 45.03 13.96 28.53
N LEU D 27 45.20 14.58 27.36
CA LEU D 27 45.09 13.90 26.08
C LEU D 27 46.36 14.09 25.29
N PHE D 28 46.96 12.99 24.83
CA PHE D 28 48.18 13.02 24.03
C PHE D 28 47.86 12.57 22.61
N VAL D 29 47.92 13.51 21.67
CA VAL D 29 47.75 13.20 20.26
C VAL D 29 49.11 12.80 19.71
N CYS D 30 49.28 11.52 19.45
CA CYS D 30 50.56 10.95 19.02
C CYS D 30 50.51 10.56 17.56
N ALA D 31 51.70 10.39 16.98
CA ALA D 31 51.81 9.84 15.63
C ALA D 31 52.23 8.39 15.74
N ASP D 32 53.54 8.15 15.83
CA ASP D 32 54.05 6.80 16.00
C ASP D 32 54.83 6.61 17.29
N LYS D 33 55.22 7.69 17.97
CA LYS D 33 56.02 7.58 19.18
C LYS D 33 55.14 7.78 20.41
N ALA D 34 55.36 6.94 21.42
CA ALA D 34 54.64 7.07 22.67
C ALA D 34 55.05 8.35 23.39
N PRO D 35 54.13 8.94 24.16
CA PRO D 35 54.52 10.10 24.99
C PRO D 35 55.60 9.71 25.97
N GLU D 36 56.60 10.59 26.12
CA GLU D 36 57.81 10.21 26.84
C GLU D 36 57.65 10.38 28.35
N HIS D 37 57.21 11.57 28.79
CA HIS D 37 57.21 11.91 30.21
C HIS D 37 55.82 11.85 30.82
N ASN D 38 55.04 10.81 30.51
CA ASN D 38 53.77 10.55 31.19
C ASN D 38 53.59 9.04 31.28
N THR D 39 53.61 8.51 32.50
CA THR D 39 53.62 7.06 32.69
C THR D 39 52.33 6.42 32.18
N ALA D 40 51.18 6.96 32.56
CA ALA D 40 49.92 6.35 32.14
C ALA D 40 49.72 6.42 30.64
N ALA D 41 50.04 7.57 30.03
CA ALA D 41 49.84 7.72 28.60
C ALA D 41 50.77 6.81 27.80
N HIS D 42 51.96 6.53 28.33
CA HIS D 42 52.85 5.57 27.68
C HIS D 42 52.24 4.17 27.71
N ALA D 43 51.69 3.77 28.87
CA ALA D 43 51.12 2.44 28.98
C ALA D 43 49.92 2.27 28.05
N LEU D 44 49.11 3.32 27.91
CA LEU D 44 47.98 3.26 27.00
C LEU D 44 48.45 3.10 25.56
N PHE D 45 49.41 3.91 25.13
CA PHE D 45 49.87 3.87 23.75
C PHE D 45 50.51 2.52 23.40
N SER D 46 51.31 1.97 24.32
CA SER D 46 51.97 0.71 24.04
C SER D 46 51.00 -0.44 23.89
N ALA D 47 49.80 -0.34 24.47
CA ALA D 47 48.82 -1.42 24.45
C ALA D 47 47.80 -1.31 23.32
N LEU D 48 47.90 -0.30 22.45
CA LEU D 48 46.93 -0.15 21.37
C LEU D 48 46.98 -1.34 20.42
N GLU D 49 45.81 -1.83 20.03
CA GLU D 49 45.73 -3.03 19.20
C GLU D 49 45.87 -2.62 17.72
N GLU D 50 45.49 -3.51 16.81
CA GLU D 50 45.81 -3.29 15.40
C GLU D 50 45.03 -2.12 14.82
N GLY D 51 43.72 -2.12 15.00
CA GLY D 51 42.89 -1.04 14.51
C GLY D 51 42.53 -0.01 15.54
N GLN D 52 43.01 -0.17 16.78
CA GLN D 52 42.68 0.75 17.86
C GLN D 52 43.45 2.04 17.69
N ASN D 53 42.75 3.17 17.82
CA ASN D 53 43.39 4.46 17.71
C ASN D 53 43.04 5.42 18.84
N PHE D 54 42.24 4.99 19.81
CA PHE D 54 41.95 5.77 21.01
C PHE D 54 41.94 4.84 22.22
N SER D 55 42.41 5.36 23.35
CA SER D 55 42.44 4.62 24.60
C SER D 55 42.46 5.63 25.74
N ASP D 56 41.75 5.31 26.83
CA ASP D 56 41.68 6.20 27.98
C ASP D 56 41.72 5.39 29.26
N THR D 57 42.05 6.07 30.35
CA THR D 57 42.06 5.45 31.67
C THR D 57 41.84 6.53 32.72
N LYS D 58 41.59 6.09 33.96
CA LYS D 58 41.38 6.99 35.09
C LYS D 58 42.40 6.64 36.18
N ILE D 59 43.31 7.56 36.46
CA ILE D 59 44.42 7.34 37.38
C ILE D 59 44.07 7.91 38.75
N PRO D 60 44.24 7.16 39.84
CA PRO D 60 44.02 7.72 41.18
C PRO D 60 45.15 8.67 41.58
N THR D 61 44.77 9.90 41.96
CA THR D 61 45.71 10.90 42.46
C THR D 61 45.22 11.41 43.81
N ASP D 62 46.02 12.30 44.41
CA ASP D 62 45.64 12.90 45.68
C ASP D 62 44.48 13.88 45.55
N ASN D 63 44.24 14.40 44.33
CA ASN D 63 43.15 15.33 44.07
C ASN D 63 42.00 14.66 43.30
N GLY D 64 41.88 13.35 43.44
CA GLY D 64 40.80 12.62 42.78
C GLY D 64 41.31 11.76 41.64
N LEU D 65 40.37 11.33 40.81
CA LEU D 65 40.70 10.55 39.61
C LEU D 65 41.05 11.49 38.47
N GLN D 66 42.19 11.24 37.84
CA GLN D 66 42.64 12.02 36.70
C GLN D 66 42.50 11.20 35.44
N ALA D 67 41.87 11.77 34.41
CA ALA D 67 41.62 11.06 33.16
C ALA D 67 42.77 11.28 32.19
N VAL D 68 43.34 10.19 31.67
CA VAL D 68 44.43 10.25 30.72
C VAL D 68 44.05 9.43 29.50
N ALA D 69 44.27 10.00 28.31
CA ALA D 69 43.91 9.33 27.06
C ALA D 69 44.96 9.64 25.99
N VAL D 70 45.03 8.75 24.99
CA VAL D 70 45.92 8.92 23.86
C VAL D 70 45.15 8.75 22.56
N VAL D 71 45.65 9.40 21.51
CA VAL D 71 45.14 9.25 20.16
C VAL D 71 46.32 8.92 19.25
N ARG D 72 46.16 7.92 18.39
CA ARG D 72 47.17 7.53 17.42
C ARG D 72 46.73 7.95 16.02
N LEU D 73 47.53 8.80 15.38
CA LEU D 73 47.28 9.24 14.00
C LEU D 73 48.25 8.52 13.09
N GLU D 74 47.76 7.47 12.40
CA GLU D 74 48.59 6.80 11.41
C GLU D 74 48.60 7.56 10.10
N LYS D 75 47.41 7.90 9.58
CA LYS D 75 47.29 8.68 8.37
C LYS D 75 47.21 10.17 8.72
N THR D 76 47.36 11.02 7.70
CA THR D 76 47.39 12.47 7.89
C THR D 76 46.24 13.21 7.20
N ASP D 77 45.43 12.53 6.39
CA ASP D 77 44.33 13.16 5.67
C ASP D 77 43.26 13.67 6.64
N ARG D 78 42.50 14.66 6.17
CA ARG D 78 41.48 15.28 7.02
C ARG D 78 40.39 14.29 7.41
N ALA D 79 40.06 13.34 6.53
CA ALA D 79 39.03 12.34 6.85
C ALA D 79 39.48 11.48 8.02
N ALA D 80 40.73 10.99 7.96
CA ALA D 80 41.27 10.20 9.07
C ALA D 80 41.41 11.06 10.31
N LEU D 81 41.75 12.34 10.14
CA LEU D 81 41.91 13.23 11.27
C LEU D 81 40.56 13.47 11.97
N ASN D 82 39.53 13.81 11.18
CA ASN D 82 38.20 14.00 11.76
C ASN D 82 37.71 12.75 12.45
N LYS D 83 38.00 11.57 11.88
CA LYS D 83 37.53 10.34 12.49
C LYS D 83 38.18 10.10 13.84
N ALA D 84 39.50 10.33 13.92
CA ALA D 84 40.17 10.22 15.21
C ALA D 84 39.67 11.29 16.18
N ALA D 85 39.50 12.52 15.69
CA ALA D 85 39.04 13.60 16.57
C ALA D 85 37.63 13.33 17.09
N ALA D 86 36.78 12.71 16.27
CA ALA D 86 35.42 12.42 16.73
C ALA D 86 35.43 11.42 17.87
N GLU D 87 36.27 10.39 17.77
CA GLU D 87 36.38 9.40 18.83
C GLU D 87 36.86 10.02 20.13
N ALA D 88 37.83 10.93 20.06
CA ALA D 88 38.34 11.57 21.27
C ALA D 88 37.31 12.50 21.88
N ALA D 89 36.46 13.12 21.05
CA ALA D 89 35.49 14.07 21.58
C ALA D 89 34.43 13.38 22.43
N LYS D 90 34.10 12.11 22.13
CA LYS D 90 33.14 11.39 22.94
C LYS D 90 33.65 11.19 24.35
N TRP D 91 34.98 11.14 24.53
CA TRP D 91 35.59 11.08 25.86
C TRP D 91 35.77 12.45 26.47
N ALA D 92 36.09 13.45 25.66
CA ALA D 92 36.41 14.77 26.19
C ALA D 92 35.17 15.50 26.68
N GLN D 93 33.99 15.17 26.18
CA GLN D 93 32.79 15.92 26.55
C GLN D 93 32.44 15.74 28.02
N ASN D 94 32.94 14.69 28.65
CA ASN D 94 32.70 14.43 30.07
C ASN D 94 33.85 14.90 30.95
N GLN D 95 34.82 15.62 30.38
CA GLN D 95 35.97 16.12 31.13
C GLN D 95 35.88 17.65 31.16
N GLU D 96 35.90 18.22 32.37
CA GLU D 96 35.74 19.66 32.49
C GLU D 96 36.87 20.41 31.81
N THR D 97 38.11 19.97 32.00
CA THR D 97 39.27 20.60 31.39
C THR D 97 40.11 19.53 30.71
N VAL D 98 40.41 19.74 29.42
CA VAL D 98 41.22 18.81 28.65
C VAL D 98 42.48 19.53 28.19
N ASN D 99 43.63 19.02 28.60
CA ASN D 99 44.91 19.47 28.09
C ASN D 99 45.38 18.53 27.00
N VAL D 100 45.51 19.04 25.78
CA VAL D 100 45.85 18.26 24.60
C VAL D 100 47.30 18.57 24.22
N ASP D 101 48.11 17.52 24.09
CA ASP D 101 49.50 17.67 23.64
C ASP D 101 49.57 17.35 22.15
N VAL D 102 50.07 18.30 21.36
CA VAL D 102 50.24 18.12 19.92
C VAL D 102 51.65 18.48 19.51
N HIS D 103 52.61 18.23 20.42
CA HIS D 103 54.01 18.55 20.17
C HIS D 103 54.67 17.61 19.15
N ALA D 104 54.03 16.48 18.83
CA ALA D 104 54.59 15.52 17.90
C ALA D 104 54.40 15.90 16.44
N PHE D 105 54.04 17.15 16.16
CA PHE D 105 53.69 17.58 14.82
C PHE D 105 54.36 18.90 14.50
N ASP D 106 54.62 19.14 13.23
CA ASP D 106 55.16 20.42 12.81
C ASP D 106 54.06 21.47 12.87
N GLU D 107 54.41 22.70 12.48
CA GLU D 107 53.48 23.82 12.60
C GLU D 107 52.18 23.57 11.82
N ALA D 108 52.28 23.07 10.59
CA ALA D 108 51.10 22.90 9.76
C ALA D 108 50.22 21.76 10.28
N GLN D 109 50.82 20.64 10.66
CA GLN D 109 50.03 19.53 11.19
C GLN D 109 49.43 19.89 12.54
N ALA D 110 50.19 20.62 13.38
CA ALA D 110 49.68 21.00 14.69
C ALA D 110 48.48 21.93 14.56
N ALA D 111 48.52 22.85 13.59
CA ALA D 111 47.37 23.71 13.34
C ALA D 111 46.18 22.91 12.85
N ALA D 112 46.41 21.94 11.96
CA ALA D 112 45.31 21.10 11.46
C ALA D 112 44.73 20.22 12.55
N VAL D 113 45.60 19.60 13.37
CA VAL D 113 45.12 18.75 14.46
C VAL D 113 44.32 19.56 15.47
N ALA D 114 44.80 20.75 15.82
CA ALA D 114 44.07 21.59 16.76
C ALA D 114 42.71 22.00 16.19
N GLU D 115 42.68 22.37 14.91
CA GLU D 115 41.42 22.76 14.28
C GLU D 115 40.42 21.62 14.32
N ALA D 116 40.84 20.42 13.91
CA ALA D 116 39.91 19.29 13.85
C ALA D 116 39.49 18.87 15.25
N PHE D 117 40.40 18.90 16.22
CA PHE D 117 40.05 18.47 17.57
C PHE D 117 39.19 19.49 18.30
N ALA D 118 39.45 20.78 18.11
CA ALA D 118 38.58 21.79 18.71
C ALA D 118 37.19 21.73 18.11
N ILE D 119 37.08 21.51 16.80
CA ILE D 119 35.78 21.37 16.16
C ILE D 119 35.04 20.16 16.73
N ALA D 120 35.73 19.03 16.84
CA ALA D 120 35.11 17.83 17.39
C ALA D 120 34.69 18.04 18.84
N PHE D 121 35.53 18.72 19.64
CA PHE D 121 35.19 18.98 21.03
C PHE D 121 33.92 19.84 21.14
N GLY D 122 33.90 20.96 20.42
CA GLY D 122 32.76 21.86 20.51
C GLY D 122 31.47 21.22 20.05
N ASN D 123 31.51 20.47 18.95
CA ASN D 123 30.30 19.83 18.45
C ASN D 123 29.82 18.72 19.39
N ALA D 124 30.75 18.02 20.04
CA ALA D 124 30.35 16.95 20.95
C ALA D 124 29.71 17.49 22.23
N ALA D 125 30.12 18.67 22.67
CA ALA D 125 29.52 19.24 23.87
C ALA D 125 28.14 19.84 23.62
N TYR D 126 27.71 19.93 22.36
CA TYR D 126 26.43 20.55 22.04
C TYR D 126 25.29 19.78 22.69
N ARG D 127 24.33 20.53 23.24
CA ARG D 127 23.11 19.97 23.80
C ARG D 127 21.92 20.83 23.37
N PHE D 128 20.78 20.17 23.16
CA PHE D 128 19.52 20.87 22.90
C PHE D 128 18.55 20.50 24.02
N ASP D 129 18.73 21.15 25.17
CA ASP D 129 17.92 20.93 26.36
C ASP D 129 16.83 21.98 26.50
N ARG D 130 16.52 22.70 25.42
CA ARG D 130 15.65 23.88 25.52
C ARG D 130 14.30 23.54 26.14
N TYR D 131 13.70 22.42 25.75
CA TYR D 131 12.35 22.07 26.18
C TYR D 131 12.32 21.10 27.36
N LYS D 132 13.47 20.72 27.91
CA LYS D 132 13.51 19.66 28.91
C LYS D 132 13.32 20.23 30.32
N LYS D 133 12.77 19.40 31.20
CA LYS D 133 12.55 19.82 32.58
C LYS D 133 13.86 20.21 33.24
N GLU D 134 14.80 19.28 33.30
CA GLU D 134 16.14 19.53 33.83
C GLU D 134 17.13 19.44 32.68
N ALA D 135 17.97 20.47 32.56
CA ALA D 135 19.06 20.44 31.58
C ALA D 135 20.16 19.49 32.05
N LYS D 136 20.68 18.68 31.13
CA LYS D 136 21.81 17.78 31.39
C LYS D 136 22.99 18.19 30.51
N PRO D 137 23.69 19.28 30.85
CA PRO D 137 24.79 19.75 30.01
C PRO D 137 26.03 18.88 30.16
N ALA D 138 26.93 19.05 29.19
CA ALA D 138 28.20 18.34 29.21
C ALA D 138 29.14 18.98 30.22
N LYS D 139 30.03 18.16 30.78
CA LYS D 139 30.99 18.70 31.74
C LYS D 139 32.08 19.50 31.06
N PHE D 140 32.30 19.29 29.77
CA PHE D 140 33.41 19.92 29.06
C PHE D 140 33.29 21.44 29.13
N SER D 141 34.38 22.09 29.48
CA SER D 141 34.40 23.54 29.60
C SER D 141 35.58 24.20 28.89
N GLN D 142 36.78 23.62 28.97
CA GLN D 142 37.98 24.25 28.46
C GLN D 142 38.90 23.22 27.81
N ALA D 143 39.53 23.62 26.71
CA ALA D 143 40.58 22.82 26.08
C ALA D 143 41.80 23.70 25.88
N VAL D 144 42.96 23.18 26.25
CA VAL D 144 44.23 23.89 26.15
C VAL D 144 45.14 23.07 25.26
N PHE D 145 45.60 23.67 24.16
CA PHE D 145 46.42 22.97 23.18
C PHE D 145 47.89 23.33 23.38
N HIS D 146 48.70 22.32 23.69
CA HIS D 146 50.12 22.49 23.96
C HIS D 146 50.92 22.26 22.68
N SER D 147 51.59 23.31 22.20
CA SER D 147 52.37 23.26 20.97
C SER D 147 53.36 24.40 20.97
N ALA D 148 54.47 24.21 20.27
CA ALA D 148 55.42 25.30 20.13
C ALA D 148 55.08 26.25 18.99
N HIS D 149 53.99 26.00 18.28
CA HIS D 149 53.58 26.82 17.15
C HIS D 149 52.30 27.57 17.50
N GLU D 150 52.44 28.50 18.44
CA GLU D 150 51.30 29.19 19.02
C GLU D 150 50.55 30.02 17.98
N ALA D 151 51.28 30.69 17.08
CA ALA D 151 50.63 31.55 16.10
C ALA D 151 49.69 30.75 15.20
N ALA D 152 50.17 29.62 14.68
CA ALA D 152 49.37 28.81 13.78
C ALA D 152 48.21 28.15 14.51
N VAL D 153 48.45 27.69 15.74
CA VAL D 153 47.40 27.06 16.51
C VAL D 153 46.35 28.07 16.93
N LYS D 154 46.78 29.28 17.30
CA LYS D 154 45.81 30.32 17.67
C LYS D 154 44.86 30.60 16.51
N GLU D 155 45.39 30.67 15.29
CA GLU D 155 44.55 30.90 14.12
C GLU D 155 43.68 29.68 13.82
N ALA D 156 44.21 28.47 14.03
CA ALA D 156 43.40 27.26 13.85
C ALA D 156 42.22 27.25 14.81
N LEU D 157 42.44 27.66 16.06
CA LEU D 157 41.36 27.68 17.04
C LEU D 157 40.34 28.77 16.72
N ARG D 158 40.77 29.85 16.07
CA ARG D 158 39.82 30.89 15.66
C ARG D 158 38.87 30.35 14.61
N VAL D 159 39.39 29.60 13.65
CA VAL D 159 38.54 29.00 12.63
C VAL D 159 37.58 28.00 13.27
N ALA D 160 38.09 27.17 14.18
CA ALA D 160 37.25 26.18 14.86
C ALA D 160 36.12 26.85 15.63
N GLU D 161 36.41 27.94 16.34
CA GLU D 161 35.38 28.63 17.11
C GLU D 161 34.26 29.12 16.21
N ALA D 162 34.60 29.57 14.99
CA ALA D 162 33.59 30.09 14.08
C ALA D 162 32.73 28.98 13.49
N GLN D 163 33.34 27.84 13.14
CA GLN D 163 32.57 26.73 12.59
C GLN D 163 31.66 26.11 13.65
N VAL D 164 32.16 25.94 14.87
CA VAL D 164 31.31 25.41 15.94
C VAL D 164 30.19 26.39 16.26
N TYR D 165 30.51 27.69 16.27
CA TYR D 165 29.47 28.69 16.44
C TYR D 165 28.40 28.54 15.36
N GLY D 166 28.83 28.34 14.11
CA GLY D 166 27.88 28.21 13.02
C GLY D 166 27.10 26.92 13.08
N GLN D 167 27.79 25.80 13.34
CA GLN D 167 27.09 24.52 13.39
C GLN D 167 26.11 24.47 14.56
N SER D 168 26.46 25.09 15.69
CA SER D 168 25.54 25.12 16.83
C SER D 168 24.31 25.95 16.53
N LEU D 169 24.48 27.13 15.93
CA LEU D 169 23.32 27.92 15.54
C LEU D 169 22.45 27.17 14.55
N CYS D 170 23.09 26.52 13.55
CA CYS D 170 22.35 25.75 12.57
C CYS D 170 21.57 24.63 13.23
N ARG D 171 22.19 23.92 14.18
CA ARG D 171 21.52 22.84 14.88
C ARG D 171 20.40 23.35 15.77
N ASP D 172 20.60 24.49 16.41
CA ASP D 172 19.55 25.08 17.24
C ASP D 172 18.30 25.38 16.42
N LEU D 173 18.47 25.87 15.21
CA LEU D 173 17.31 26.20 14.38
C LEU D 173 16.66 24.95 13.83
N GLY D 174 17.47 23.97 13.43
CA GLY D 174 16.90 22.74 12.89
C GLY D 174 16.24 21.89 13.96
N ASN D 175 16.84 21.84 15.15
CA ASN D 175 16.31 21.00 16.23
C ASN D 175 15.05 21.60 16.84
N ALA D 176 14.88 22.91 16.77
CA ALA D 176 13.75 23.56 17.42
C ALA D 176 12.43 23.02 16.89
N ALA D 177 11.46 22.91 17.79
CA ALA D 177 10.15 22.41 17.40
C ALA D 177 9.47 23.40 16.46
N PRO D 178 8.68 22.90 15.50
CA PRO D 178 8.10 23.81 14.50
C PRO D 178 7.15 24.84 15.09
N ASN D 179 6.52 24.54 16.22
CA ASN D 179 5.63 25.52 16.83
C ASN D 179 6.37 26.60 17.60
N GLU D 180 7.66 26.42 17.87
CA GLU D 180 8.48 27.54 18.31
C GLU D 180 9.18 28.19 17.12
N CYS D 181 9.91 27.38 16.33
CA CYS D 181 10.59 27.88 15.15
C CYS D 181 9.59 28.01 14.01
N THR D 182 8.69 28.99 14.16
CA THR D 182 7.78 29.43 13.12
C THR D 182 8.54 30.27 12.11
N PRO D 183 7.95 30.58 10.95
CA PRO D 183 8.63 31.48 10.01
C PRO D 183 9.06 32.80 10.63
N GLU D 184 8.21 33.40 11.47
CA GLU D 184 8.57 34.63 12.15
C GLU D 184 9.77 34.44 13.07
N PHE D 185 9.75 33.38 13.87
CA PHE D 185 10.87 33.08 14.76
C PHE D 185 12.16 32.98 13.97
N LEU D 186 12.13 32.25 12.85
CA LEU D 186 13.32 32.11 12.03
C LEU D 186 13.78 33.46 11.50
N ALA D 187 12.84 34.29 11.04
CA ALA D 187 13.21 35.60 10.49
C ALA D 187 13.83 36.50 11.56
N ARG D 188 13.19 36.57 12.74
CA ARG D 188 13.69 37.44 13.78
C ARG D 188 15.00 36.93 14.40
N THR D 189 15.16 35.61 14.48
CA THR D 189 16.43 35.08 15.00
C THR D 189 17.57 35.38 14.05
N ALA D 190 17.34 35.26 12.73
CA ALA D 190 18.37 35.61 11.77
C ALA D 190 18.74 37.08 11.88
N LYS D 191 17.73 37.95 12.06
CA LYS D 191 17.98 39.37 12.18
C LYS D 191 18.79 39.69 13.43
N ALA D 192 18.47 39.04 14.55
CA ALA D 192 19.18 39.34 15.79
C ALA D 192 20.60 38.84 15.76
N GLU D 193 20.83 37.65 15.20
CA GLU D 193 22.18 37.10 15.16
C GLU D 193 23.07 37.92 14.25
N ALA D 194 22.56 38.33 13.09
CA ALA D 194 23.36 39.12 12.16
C ALA D 194 23.72 40.46 12.77
N GLU D 195 22.76 41.11 13.43
CA GLU D 195 23.01 42.43 13.99
C GLU D 195 23.89 42.38 15.22
N LYS D 196 23.87 41.26 15.96
CA LYS D 196 24.76 41.13 17.11
C LYS D 196 26.23 41.13 16.68
N LEU D 197 26.50 40.71 15.44
CA LEU D 197 27.85 40.67 14.90
C LEU D 197 28.21 41.89 14.08
N GLY D 198 27.33 42.89 14.03
CA GLY D 198 27.60 44.11 13.30
C GLY D 198 27.19 44.07 11.84
N ALA D 199 26.48 43.04 11.40
CA ALA D 199 25.97 42.95 10.04
C ALA D 199 24.59 43.61 9.98
N HIS D 200 23.99 43.60 8.79
CA HIS D 200 22.70 44.21 8.56
C HIS D 200 21.68 43.17 8.14
N ALA D 201 20.41 43.48 8.40
CA ALA D 201 19.31 42.57 8.14
C ALA D 201 18.04 43.36 7.91
N LYS D 202 17.27 42.95 6.90
CA LYS D 202 15.93 43.49 6.69
C LYS D 202 14.95 42.33 6.53
N ILE D 203 13.76 42.52 7.06
CA ILE D 203 12.72 41.50 7.01
C ILE D 203 11.62 42.01 6.09
N ILE D 204 11.46 41.36 4.95
CA ILE D 204 10.37 41.60 4.03
C ILE D 204 9.18 40.77 4.50
N GLU D 205 8.00 41.37 4.48
CA GLU D 205 6.80 40.75 5.04
C GLU D 205 5.81 40.40 3.92
N LYS D 206 4.63 39.91 4.33
CA LYS D 206 3.72 39.24 3.41
C LYS D 206 3.14 40.17 2.35
N ASP D 207 3.06 41.48 2.62
CA ASP D 207 2.55 42.40 1.61
C ASP D 207 3.39 42.33 0.33
N TYR D 208 4.71 42.49 0.47
CA TYR D 208 5.59 42.40 -0.71
C TYR D 208 5.55 41.01 -1.32
N ILE D 209 5.45 39.98 -0.48
CA ILE D 209 5.52 38.60 -0.96
C ILE D 209 4.30 38.25 -1.78
N LYS D 210 3.10 38.57 -1.27
CA LYS D 210 1.87 38.29 -2.02
C LYS D 210 1.84 39.05 -3.34
N GLU D 211 2.42 40.25 -3.36
CA GLU D 211 2.35 41.11 -4.54
C GLU D 211 3.41 40.76 -5.58
N ASN D 212 4.61 40.37 -5.15
CA ASN D 212 5.74 40.23 -6.06
C ASN D 212 6.32 38.83 -6.15
N MET D 213 5.95 37.92 -5.24
CA MET D 213 6.49 36.55 -5.22
C MET D 213 5.33 35.57 -5.19
N GLY D 214 4.59 35.49 -6.31
CA GLY D 214 3.37 34.71 -6.34
C GLY D 214 3.58 33.22 -6.14
N SER D 215 4.72 32.71 -6.61
CA SER D 215 5.02 31.30 -6.37
C SER D 215 5.30 31.06 -4.89
N PHE D 216 6.17 31.90 -4.30
CA PHE D 216 6.40 31.88 -2.86
C PHE D 216 5.08 31.99 -2.10
N TRP D 217 4.24 32.95 -2.49
CA TRP D 217 3.01 33.20 -1.76
C TRP D 217 2.05 32.02 -1.84
N SER D 218 2.00 31.33 -3.00
CA SER D 218 1.05 30.24 -3.14
C SER D 218 1.33 29.11 -2.16
N VAL D 219 2.60 28.93 -1.79
CA VAL D 219 2.91 27.91 -0.79
C VAL D 219 2.50 28.38 0.60
N ALA D 220 2.64 29.68 0.89
CA ALA D 220 2.45 30.17 2.24
C ALA D 220 1.00 30.44 2.58
N LYS D 221 0.15 30.68 1.58
CA LYS D 221 -1.22 31.13 1.84
C LYS D 221 -2.01 30.14 2.68
N GLY D 222 -1.66 28.84 2.64
CA GLY D 222 -2.43 27.80 3.30
C GLY D 222 -2.23 27.63 4.78
N SER D 223 -1.32 28.38 5.39
CA SER D 223 -1.05 28.32 6.83
C SER D 223 -1.47 29.62 7.49
N VAL D 224 -1.70 29.55 8.80
CA VAL D 224 -1.99 30.77 9.56
C VAL D 224 -0.73 31.56 9.87
N GLU D 225 0.45 30.98 9.65
CA GLU D 225 1.71 31.66 9.90
C GLU D 225 2.06 32.54 8.70
N ASP D 226 2.40 33.79 8.97
CA ASP D 226 2.79 34.71 7.91
C ASP D 226 4.14 34.30 7.32
N PRO D 227 4.36 34.56 6.03
CA PRO D 227 5.68 34.34 5.43
C PRO D 227 6.59 35.54 5.65
N TYR D 228 7.89 35.28 5.52
CA TYR D 228 8.88 36.33 5.60
C TYR D 228 10.01 36.03 4.62
N LEU D 229 10.62 37.10 4.10
CA LEU D 229 11.85 37.00 3.33
C LEU D 229 12.92 37.81 4.05
N VAL D 230 14.02 37.16 4.42
CA VAL D 230 15.08 37.79 5.21
C VAL D 230 16.27 38.05 4.31
N GLU D 231 16.83 39.25 4.40
CA GLU D 231 17.98 39.67 3.62
C GLU D 231 19.07 40.09 4.59
N LEU D 232 20.17 39.34 4.63
CA LEU D 232 21.32 39.62 5.46
C LEU D 232 22.45 40.17 4.62
N SER D 233 23.10 41.23 5.11
CA SER D 233 24.12 41.94 4.35
C SER D 233 25.39 42.08 5.16
N TYR D 234 26.53 41.76 4.54
CA TYR D 234 27.85 41.94 5.14
C TYR D 234 28.83 42.34 4.06
N PHE D 235 29.51 43.47 4.26
CA PHE D 235 30.43 44.01 3.26
C PHE D 235 31.82 44.13 3.89
N GLY D 236 32.59 43.05 3.80
CA GLY D 236 33.89 43.01 4.41
C GLY D 236 35.01 43.08 3.40
N ALA D 237 34.66 43.24 2.13
CA ALA D 237 35.68 43.41 1.11
C ALA D 237 36.17 44.86 1.10
N ALA D 238 37.40 45.04 0.59
CA ALA D 238 37.97 46.38 0.45
C ALA D 238 37.06 47.26 -0.41
N ASP D 239 36.63 46.76 -1.57
CA ASP D 239 35.65 47.44 -2.41
C ASP D 239 34.27 47.01 -1.94
N LYS D 240 33.59 47.90 -1.20
CA LYS D 240 32.28 47.55 -0.66
C LYS D 240 31.18 47.54 -1.71
N GLU D 241 31.48 47.89 -2.97
CA GLU D 241 30.51 47.81 -4.07
C GLU D 241 30.84 46.70 -5.07
N ALA D 242 31.86 45.88 -4.79
CA ALA D 242 32.17 44.74 -5.64
C ALA D 242 31.07 43.68 -5.54
N ALA D 243 30.98 42.86 -6.58
CA ALA D 243 29.88 41.90 -6.71
C ALA D 243 29.87 40.90 -5.56
N PRO D 244 28.75 40.73 -4.87
CA PRO D 244 28.71 39.85 -3.70
C PRO D 244 28.44 38.39 -4.04
N VAL D 245 28.80 37.52 -3.09
CA VAL D 245 28.36 36.12 -3.10
C VAL D 245 27.03 36.07 -2.37
N VAL D 246 26.05 35.38 -2.96
CA VAL D 246 24.70 35.33 -2.42
C VAL D 246 24.38 33.90 -2.02
N LEU D 247 23.97 33.70 -0.78
CA LEU D 247 23.54 32.41 -0.25
C LEU D 247 22.04 32.40 -0.09
N VAL D 248 21.38 31.39 -0.64
CA VAL D 248 19.92 31.29 -0.66
C VAL D 248 19.52 30.00 0.07
N GLY D 249 18.62 30.13 1.02
CA GLY D 249 18.22 29.01 1.86
C GLY D 249 16.72 28.78 1.88
N LYS D 250 16.33 27.52 1.75
CA LYS D 250 14.93 27.14 1.84
C LYS D 250 14.52 27.06 3.31
N GLY D 251 13.51 27.83 3.69
CA GLY D 251 13.07 27.86 5.07
C GLY D 251 11.65 27.38 5.31
N ILE D 252 11.30 26.21 4.76
CA ILE D 252 10.03 25.59 5.10
C ILE D 252 10.10 25.12 6.54
N THR D 253 9.51 25.88 7.46
CA THR D 253 9.66 25.56 8.88
C THR D 253 8.91 24.28 9.24
N PHE D 254 7.86 23.95 8.50
CA PHE D 254 7.35 22.58 8.53
C PHE D 254 6.61 22.31 7.24
N ASP D 255 6.79 21.09 6.71
CA ASP D 255 6.21 20.68 5.44
C ASP D 255 5.31 19.47 5.69
N THR D 256 3.99 19.68 5.65
CA THR D 256 3.05 18.56 5.67
C THR D 256 2.80 17.99 4.28
N GLY D 257 3.17 18.74 3.23
CA GLY D 257 2.82 18.41 1.87
C GLY D 257 1.61 19.18 1.34
N GLY D 258 0.79 19.73 2.23
CA GLY D 258 -0.41 20.41 1.79
C GLY D 258 -1.49 19.43 1.37
N ILE D 259 -2.20 19.76 0.29
CA ILE D 259 -3.23 18.86 -0.23
C ILE D 259 -2.61 17.55 -0.70
N SER D 260 -1.41 17.62 -1.30
CA SER D 260 -0.60 16.44 -1.60
C SER D 260 0.09 15.95 -0.32
N LEU D 261 -0.73 15.52 0.63
CA LEU D 261 -0.30 15.29 1.99
C LEU D 261 0.65 14.09 2.12
N LYS D 262 1.60 14.23 3.04
CA LYS D 262 2.64 13.24 3.31
C LYS D 262 2.08 12.13 4.20
N PRO D 263 2.68 10.94 4.15
CA PRO D 263 2.33 9.91 5.14
C PRO D 263 2.68 10.35 6.55
N GLY D 264 1.98 9.76 7.53
CA GLY D 264 2.16 10.16 8.91
C GLY D 264 3.48 9.73 9.52
N LEU D 265 4.07 8.66 8.99
CA LEU D 265 5.30 8.12 9.54
C LEU D 265 6.48 9.06 9.35
N ASN D 266 7.18 9.36 10.45
CA ASN D 266 8.42 10.14 10.49
C ASN D 266 8.23 11.57 10.00
N MET D 267 6.99 12.06 10.00
CA MET D 267 6.76 13.42 9.51
C MET D 267 7.34 14.48 10.44
N ASP D 268 7.55 14.16 11.73
CA ASP D 268 8.23 15.09 12.63
C ASP D 268 9.56 15.55 12.03
N GLU D 269 10.24 14.64 11.33
CA GLU D 269 11.51 14.97 10.71
C GLU D 269 11.36 16.00 9.59
N MET D 270 10.13 16.36 9.21
CA MET D 270 9.93 17.47 8.30
C MET D 270 10.11 18.83 8.97
N LYS D 271 10.36 18.85 10.28
CA LYS D 271 10.81 20.09 10.92
C LYS D 271 12.21 20.46 10.47
N PHE D 272 12.93 19.55 9.83
CA PHE D 272 14.27 19.82 9.34
C PHE D 272 14.27 20.41 7.93
N ASP D 273 13.09 20.73 7.39
CA ASP D 273 13.03 21.25 6.04
C ASP D 273 13.39 22.73 5.95
N MET D 274 13.79 23.36 7.06
CA MET D 274 14.37 24.68 7.01
C MET D 274 15.88 24.66 7.24
N CYS D 275 16.49 23.47 7.21
CA CYS D 275 17.92 23.37 7.44
C CYS D 275 18.72 24.07 6.35
N GLY D 276 18.17 24.17 5.14
CA GLY D 276 18.82 24.98 4.12
C GLY D 276 18.92 26.44 4.52
N ALA D 277 17.82 26.98 5.04
CA ALA D 277 17.86 28.33 5.61
C ALA D 277 18.77 28.40 6.81
N ALA D 278 18.72 27.39 7.69
CA ALA D 278 19.59 27.39 8.86
C ALA D 278 21.06 27.35 8.46
N THR D 279 21.42 26.54 7.47
CA THR D 279 22.79 26.53 6.95
C THR D 279 23.19 27.91 6.45
N VAL D 280 22.31 28.57 5.71
CA VAL D 280 22.62 29.86 5.11
C VAL D 280 22.79 30.93 6.18
N ILE D 281 21.88 30.98 7.15
CA ILE D 281 21.97 31.96 8.22
C ILE D 281 23.25 31.74 9.03
N SER D 282 23.57 30.48 9.33
CA SER D 282 24.74 30.19 10.16
C SER D 282 26.05 30.45 9.41
N THR D 283 26.12 30.02 8.15
CA THR D 283 27.34 30.26 7.37
C THR D 283 27.60 31.76 7.22
N PHE D 284 26.54 32.54 7.00
CA PHE D 284 26.67 34.00 6.96
C PHE D 284 27.28 34.52 8.25
N CYS D 285 26.71 34.12 9.39
CA CYS D 285 27.19 34.62 10.67
C CYS D 285 28.61 34.17 10.96
N ALA D 286 28.95 32.92 10.62
CA ALA D 286 30.32 32.45 10.83
C ALA D 286 31.32 33.26 10.03
N ALA D 287 30.97 33.62 8.79
CA ALA D 287 31.86 34.45 7.99
C ALA D 287 32.04 35.83 8.62
N VAL D 288 30.95 36.41 9.13
CA VAL D 288 31.05 37.71 9.80
C VAL D 288 31.90 37.59 11.05
N LYS D 289 31.73 36.50 11.81
CA LYS D 289 32.53 36.29 13.00
C LYS D 289 34.01 36.13 12.67
N LEU D 290 34.31 35.46 11.55
CA LEU D 290 35.70 35.33 11.10
C LEU D 290 36.26 36.60 10.49
N GLN D 291 35.43 37.61 10.26
CA GLN D 291 35.83 38.86 9.63
C GLN D 291 36.47 38.60 8.27
N LEU D 292 35.80 37.76 7.48
CA LEU D 292 36.31 37.43 6.15
C LEU D 292 36.24 38.65 5.23
N PRO D 293 37.24 38.86 4.37
CA PRO D 293 37.27 40.04 3.48
C PRO D 293 36.43 39.88 2.22
N ILE D 294 35.15 39.58 2.39
CA ILE D 294 34.25 39.28 1.29
C ILE D 294 32.96 40.08 1.44
N ASN D 295 32.25 40.25 0.33
CA ASN D 295 30.89 40.77 0.34
C ASN D 295 29.93 39.59 0.24
N LEU D 296 29.07 39.44 1.25
CA LEU D 296 28.23 38.26 1.39
C LEU D 296 26.78 38.67 1.62
N ILE D 297 25.86 38.04 0.90
CA ILE D 297 24.42 38.28 1.06
C ILE D 297 23.75 36.94 1.37
N ALA D 298 22.88 36.93 2.37
CA ALA D 298 22.09 35.76 2.69
C ALA D 298 20.61 36.09 2.50
N ILE D 299 19.92 35.29 1.68
CA ILE D 299 18.51 35.45 1.41
C ILE D 299 17.78 34.19 1.85
N VAL D 300 16.78 34.35 2.70
CA VAL D 300 15.99 33.23 3.21
C VAL D 300 14.51 33.51 2.99
N ALA D 301 13.84 32.61 2.28
CA ALA D 301 12.38 32.63 2.17
C ALA D 301 11.83 31.59 3.13
N THR D 302 10.92 31.99 3.99
CA THR D 302 10.41 31.09 5.02
C THR D 302 8.90 31.17 5.11
N CYS D 303 8.26 30.01 5.25
CA CYS D 303 6.82 29.90 5.44
C CYS D 303 6.52 28.47 5.85
N GLU D 304 5.24 28.17 6.02
CA GLU D 304 4.75 26.86 6.38
C GLU D 304 3.93 26.29 5.23
N ASN D 305 4.06 24.98 4.99
CA ASN D 305 3.26 24.30 3.98
C ASN D 305 2.21 23.46 4.71
N MET D 306 1.00 24.00 4.83
CA MET D 306 -0.08 23.37 5.56
C MET D 306 -1.27 23.10 4.64
N PRO D 307 -2.10 22.10 4.98
CA PRO D 307 -3.37 21.93 4.29
C PRO D 307 -4.46 22.78 4.95
N SER D 308 -5.31 23.38 4.12
CA SER D 308 -6.37 24.23 4.62
C SER D 308 -7.37 24.46 3.50
N GLY D 309 -8.46 25.17 3.83
CA GLY D 309 -9.43 25.53 2.81
C GLY D 309 -8.97 26.56 1.81
N ALA D 310 -7.76 27.09 1.97
CA ALA D 310 -7.22 28.10 1.06
C ALA D 310 -5.83 27.72 0.55
N ALA D 311 -5.46 26.45 0.68
CA ALA D 311 -4.11 26.02 0.33
C ALA D 311 -3.99 25.79 -1.17
N ASN D 312 -2.73 25.69 -1.61
CA ASN D 312 -2.42 25.29 -2.99
C ASN D 312 -3.11 23.98 -3.35
N LYS D 313 -3.73 23.95 -4.53
CA LYS D 313 -4.36 22.74 -5.06
C LYS D 313 -3.54 22.18 -6.22
N PRO D 314 -3.46 20.86 -6.36
CA PRO D 314 -2.84 20.30 -7.57
C PRO D 314 -3.58 20.79 -8.80
N GLY D 315 -2.82 21.28 -9.79
CA GLY D 315 -3.37 21.87 -10.99
C GLY D 315 -3.40 23.39 -11.00
N ASP D 316 -3.22 24.03 -9.84
CA ASP D 316 -3.06 25.48 -9.80
C ASP D 316 -1.92 25.96 -10.68
N VAL D 317 -2.11 27.12 -11.30
CA VAL D 317 -1.09 27.81 -12.06
C VAL D 317 -0.85 29.15 -11.37
N VAL D 318 0.40 29.38 -10.98
CA VAL D 318 0.77 30.59 -10.26
C VAL D 318 1.82 31.33 -11.07
N LYS D 319 1.87 32.65 -10.88
CA LYS D 319 2.82 33.49 -11.61
C LYS D 319 4.03 33.77 -10.72
N SER D 320 5.19 33.28 -11.13
CA SER D 320 6.41 33.45 -10.37
C SER D 320 6.86 34.91 -10.36
N MET D 321 7.86 35.20 -9.53
CA MET D 321 8.45 36.54 -9.52
C MET D 321 9.12 36.85 -10.85
N LYS D 322 9.81 35.85 -11.42
CA LYS D 322 10.45 36.05 -12.72
C LYS D 322 9.42 36.38 -13.79
N GLY D 323 8.24 35.79 -13.68
CA GLY D 323 7.17 35.97 -14.65
C GLY D 323 6.68 34.69 -15.28
N LEU D 324 7.49 33.63 -15.25
CA LEU D 324 7.06 32.33 -15.76
C LEU D 324 5.89 31.81 -14.93
N THR D 325 4.96 31.13 -15.60
CA THR D 325 3.85 30.48 -14.91
C THR D 325 4.24 29.04 -14.59
N ILE D 326 3.92 28.61 -13.37
CA ILE D 326 4.23 27.28 -12.88
C ILE D 326 2.92 26.55 -12.64
N GLU D 327 2.80 25.34 -13.17
CA GLU D 327 1.68 24.46 -12.87
C GLU D 327 2.04 23.63 -11.65
N VAL D 328 1.31 23.82 -10.55
CA VAL D 328 1.58 23.09 -9.32
C VAL D 328 0.91 21.73 -9.43
N LEU D 329 1.64 20.75 -9.98
CA LEU D 329 1.09 19.41 -10.12
C LEU D 329 1.06 18.68 -8.77
N ASN D 330 2.04 18.93 -7.93
CA ASN D 330 2.15 18.27 -6.64
C ASN D 330 2.51 19.31 -5.59
N THR D 331 1.64 19.50 -4.60
CA THR D 331 1.85 20.54 -3.61
C THR D 331 2.89 20.17 -2.57
N ASP D 332 3.37 18.92 -2.57
CA ASP D 332 4.48 18.53 -1.71
C ASP D 332 5.83 18.92 -2.31
N ALA D 333 5.87 19.27 -3.58
CA ALA D 333 7.06 19.84 -4.21
C ALA D 333 7.03 21.37 -4.11
N GLU D 334 7.02 21.84 -2.86
CA GLU D 334 6.79 23.26 -2.57
C GLU D 334 8.07 24.03 -2.29
N GLY D 335 9.15 23.36 -1.88
CA GLY D 335 10.40 24.06 -1.69
C GLY D 335 10.90 24.70 -2.97
N ARG D 336 10.72 24.02 -4.10
CA ARG D 336 11.02 24.62 -5.40
C ARG D 336 10.31 25.95 -5.55
N LEU D 337 9.06 26.03 -5.10
CA LEU D 337 8.23 27.18 -5.38
C LEU D 337 8.58 28.39 -4.53
N ILE D 338 9.26 28.23 -3.41
CA ILE D 338 9.70 29.40 -2.66
C ILE D 338 11.14 29.71 -3.05
N LEU D 339 11.91 28.69 -3.45
CA LEU D 339 13.29 28.91 -3.85
C LEU D 339 13.38 29.68 -5.16
N CYS D 340 12.53 29.35 -6.14
CA CYS D 340 12.63 29.99 -7.43
C CYS D 340 12.40 31.49 -7.31
N ASP D 341 11.51 31.91 -6.41
CA ASP D 341 11.30 33.34 -6.21
C ASP D 341 12.48 33.97 -5.49
N ALA D 342 13.06 33.26 -4.52
CA ALA D 342 14.25 33.76 -3.84
C ALA D 342 15.42 33.89 -4.81
N LEU D 343 15.54 32.95 -5.74
CA LEU D 343 16.62 33.01 -6.72
C LEU D 343 16.43 34.19 -7.65
N THR D 344 15.18 34.47 -8.03
CA THR D 344 14.91 35.69 -8.79
C THR D 344 15.19 36.93 -7.96
N TYR D 345 14.83 36.91 -6.67
CA TYR D 345 15.14 38.03 -5.79
C TYR D 345 16.64 38.29 -5.73
N ALA D 346 17.46 37.24 -5.84
CA ALA D 346 18.90 37.38 -5.68
C ALA D 346 19.54 38.09 -6.87
N GLU D 347 18.93 38.03 -8.05
CA GLU D 347 19.65 38.54 -9.23
C GLU D 347 19.69 40.05 -9.28
N GLN D 348 18.94 40.74 -8.42
CA GLN D 348 19.03 42.20 -8.33
C GLN D 348 20.37 42.67 -7.78
N PHE D 349 21.13 41.78 -7.14
CA PHE D 349 22.43 42.11 -6.60
C PHE D 349 23.56 41.96 -7.61
N LYS D 350 23.25 41.57 -8.85
CA LYS D 350 24.21 41.25 -9.90
C LYS D 350 25.35 40.43 -9.30
N PRO D 351 25.06 39.25 -8.75
CA PRO D 351 26.02 38.57 -7.88
C PRO D 351 27.17 37.91 -8.64
N LYS D 352 28.29 37.77 -7.92
CA LYS D 352 29.41 36.98 -8.43
C LYS D 352 29.09 35.49 -8.45
N ALA D 353 28.32 35.03 -7.47
CA ALA D 353 27.93 33.62 -7.41
C ALA D 353 26.74 33.50 -6.48
N VAL D 354 25.82 32.61 -6.82
CA VAL D 354 24.66 32.30 -5.99
C VAL D 354 24.69 30.82 -5.70
N ILE D 355 24.63 30.47 -4.42
CA ILE D 355 24.54 29.09 -3.97
C ILE D 355 23.26 28.96 -3.15
N ASP D 356 22.36 28.09 -3.58
CA ASP D 356 21.18 27.81 -2.79
C ASP D 356 21.37 26.48 -2.07
N VAL D 357 20.83 26.41 -0.85
CA VAL D 357 20.96 25.24 0.01
C VAL D 357 19.56 24.82 0.44
N ALA D 358 19.21 23.55 0.24
CA ALA D 358 17.85 23.11 0.50
C ALA D 358 17.82 21.62 0.79
N THR D 359 16.95 21.24 1.74
CA THR D 359 16.50 19.86 1.88
C THR D 359 15.39 19.67 0.85
N LEU D 360 15.81 19.43 -0.39
CA LEU D 360 14.87 19.59 -1.50
C LEU D 360 14.15 18.30 -1.86
N THR D 361 14.89 17.21 -2.07
CA THR D 361 14.31 15.98 -2.60
C THR D 361 14.73 14.78 -1.77
N GLY D 362 13.76 13.90 -1.49
CA GLY D 362 14.10 12.60 -0.94
C GLY D 362 14.86 11.71 -1.91
N ALA D 363 14.79 12.03 -3.21
CA ALA D 363 15.49 11.24 -4.22
C ALA D 363 17.01 11.36 -4.09
N CYS D 364 17.50 12.48 -3.53
CA CYS D 364 18.94 12.63 -3.36
C CYS D 364 19.50 11.57 -2.41
N ILE D 365 18.71 11.17 -1.41
CA ILE D 365 19.15 10.10 -0.52
C ILE D 365 19.26 8.79 -1.30
N VAL D 366 18.32 8.53 -2.19
CA VAL D 366 18.43 7.33 -3.02
C VAL D 366 19.68 7.43 -3.89
N ALA D 367 19.99 8.63 -4.37
CA ALA D 367 21.11 8.81 -5.29
C ALA D 367 22.46 8.73 -4.56
N LEU D 368 22.62 9.51 -3.49
CA LEU D 368 23.91 9.68 -2.86
C LEU D 368 23.96 9.23 -1.41
N GLY D 369 22.82 9.00 -0.79
CA GLY D 369 22.79 8.49 0.57
C GLY D 369 22.62 9.58 1.61
N HIS D 370 22.95 9.23 2.84
CA HIS D 370 22.79 10.11 3.99
C HIS D 370 24.07 10.82 4.37
N ASP D 371 25.18 10.55 3.69
CA ASP D 371 26.47 11.08 4.09
C ASP D 371 27.16 11.90 3.00
N VAL D 372 26.55 12.01 1.82
CA VAL D 372 27.14 12.76 0.70
C VAL D 372 26.07 13.69 0.15
N SER D 373 26.34 14.98 0.15
CA SER D 373 25.41 15.96 -0.40
C SER D 373 25.53 16.02 -1.92
N GLY D 374 24.41 16.38 -2.56
CA GLY D 374 24.41 16.56 -4.01
C GLY D 374 24.70 18.00 -4.39
N VAL D 375 25.50 18.16 -5.45
CA VAL D 375 25.82 19.47 -6.01
C VAL D 375 25.42 19.47 -7.48
N MET D 376 24.69 20.50 -7.89
CA MET D 376 24.35 20.74 -9.28
C MET D 376 24.42 22.23 -9.55
N GLY D 377 24.68 22.60 -10.80
CA GLY D 377 24.75 24.01 -11.12
C GLY D 377 24.96 24.22 -12.60
N ASN D 378 25.04 25.51 -12.96
CA ASN D 378 25.27 25.93 -14.33
C ASN D 378 26.67 26.46 -14.58
N ASN D 379 27.50 26.54 -13.53
CA ASN D 379 28.84 27.12 -13.62
C ASN D 379 29.82 26.13 -13.02
N GLN D 380 30.62 25.48 -13.89
CA GLN D 380 31.48 24.40 -13.40
C GLN D 380 32.58 24.92 -12.47
N ASP D 381 33.03 26.16 -12.67
CA ASP D 381 34.02 26.71 -11.76
C ASP D 381 33.44 26.87 -10.36
N LEU D 382 32.19 27.33 -10.25
CA LEU D 382 31.55 27.43 -8.95
C LEU D 382 31.36 26.05 -8.33
N ILE D 383 30.97 25.06 -9.14
CA ILE D 383 30.77 23.70 -8.64
C ILE D 383 32.11 23.12 -8.15
N ASP D 384 33.18 23.34 -8.90
CA ASP D 384 34.48 22.82 -8.49
C ASP D 384 34.97 23.48 -7.21
N SER D 385 34.69 24.77 -7.02
CA SER D 385 35.07 25.43 -5.77
C SER D 385 34.39 24.78 -4.57
N LEU D 386 33.09 24.48 -4.70
CA LEU D 386 32.35 23.86 -3.61
C LEU D 386 32.84 22.44 -3.34
N LEU D 387 33.17 21.69 -4.40
CA LEU D 387 33.75 20.36 -4.22
C LEU D 387 35.12 20.46 -3.57
N ALA D 388 35.90 21.49 -3.93
CA ALA D 388 37.20 21.68 -3.30
C ALA D 388 37.03 21.87 -1.79
N ALA D 389 36.12 22.75 -1.40
CA ALA D 389 35.83 22.94 0.02
C ALA D 389 35.29 21.66 0.64
N SER D 390 34.47 20.93 -0.13
CA SER D 390 33.99 19.62 0.30
C SER D 390 35.14 18.71 0.71
N TYR D 391 36.19 18.68 -0.11
CA TYR D 391 37.33 17.82 0.20
C TYR D 391 38.22 18.40 1.30
N ASN D 392 38.33 19.74 1.39
CA ASN D 392 39.23 20.35 2.36
C ASN D 392 38.84 19.99 3.78
N VAL D 393 37.53 19.94 4.05
CA VAL D 393 37.02 19.71 5.38
C VAL D 393 36.39 18.34 5.53
N ASP D 394 36.38 17.52 4.47
CA ASP D 394 35.75 16.19 4.49
C ASP D 394 34.25 16.30 4.82
N ASP D 395 33.59 17.29 4.25
CA ASP D 395 32.13 17.38 4.25
C ASP D 395 31.68 16.96 2.86
N LYS D 396 31.43 15.66 2.69
CA LYS D 396 31.44 15.06 1.37
C LYS D 396 30.28 15.55 0.51
N ALA D 397 30.56 15.72 -0.77
CA ALA D 397 29.59 16.16 -1.76
C ALA D 397 29.94 15.52 -3.08
N TRP D 398 28.96 15.43 -3.97
CA TRP D 398 29.18 14.83 -5.28
C TRP D 398 28.33 15.55 -6.31
N GLN D 399 28.86 15.70 -7.52
CA GLN D 399 28.16 16.41 -8.59
C GLN D 399 27.24 15.48 -9.37
N LEU D 400 26.01 15.96 -9.63
CA LEU D 400 25.08 15.35 -10.56
C LEU D 400 24.87 16.29 -11.74
N PRO D 401 24.67 15.75 -12.95
CA PRO D 401 24.69 16.60 -14.14
C PRO D 401 23.37 17.33 -14.37
N LEU D 402 23.47 18.56 -14.86
CA LEU D 402 22.28 19.29 -15.34
C LEU D 402 22.25 19.30 -16.86
N PHE D 403 22.25 18.09 -17.45
CA PHE D 403 22.12 17.95 -18.89
C PHE D 403 20.84 18.59 -19.38
N GLU D 404 20.86 19.01 -20.65
CA GLU D 404 19.66 19.62 -21.23
C GLU D 404 18.56 18.60 -21.44
N THR D 405 18.90 17.31 -21.52
CA THR D 405 17.87 16.29 -21.73
C THR D 405 16.95 16.14 -20.54
N TYR D 406 17.38 16.55 -19.35
CA TYR D 406 16.48 16.52 -18.21
C TYR D 406 15.36 17.54 -18.37
N LYS D 407 15.60 18.63 -19.10
CA LYS D 407 14.54 19.60 -19.33
C LYS D 407 13.38 19.01 -20.11
N ASP D 408 13.61 17.93 -20.88
CA ASP D 408 12.53 17.28 -21.60
C ASP D 408 11.50 16.63 -20.67
N GLN D 409 11.86 16.40 -19.40
CA GLN D 409 10.92 15.82 -18.45
C GLN D 409 9.99 16.85 -17.81
N LEU D 410 10.18 18.13 -18.09
CA LEU D 410 9.40 19.22 -17.47
C LEU D 410 8.60 19.90 -18.57
N LYS D 411 7.46 19.32 -18.91
CA LYS D 411 6.56 19.87 -19.92
C LYS D 411 5.16 19.98 -19.35
N SER D 412 4.44 21.01 -19.75
CA SER D 412 3.07 21.23 -19.33
C SER D 412 2.26 21.79 -20.49
N ASN D 413 1.03 21.28 -20.65
CA ASN D 413 0.12 21.85 -21.65
C ASN D 413 -0.66 23.05 -21.13
N PHE D 414 -0.34 23.51 -19.94
CA PHE D 414 -1.13 24.59 -19.33
C PHE D 414 -0.27 25.75 -18.85
N ALA D 415 0.91 25.49 -18.33
CA ALA D 415 1.78 26.53 -17.83
C ALA D 415 3.12 26.49 -18.56
N ASP D 416 3.97 27.47 -18.26
CA ASP D 416 5.30 27.50 -18.86
C ASP D 416 6.13 26.29 -18.42
N ILE D 417 6.07 25.95 -17.13
CA ILE D 417 6.74 24.75 -16.61
C ILE D 417 5.91 24.14 -15.50
N PRO D 418 5.93 22.82 -15.39
CA PRO D 418 5.34 22.17 -14.22
C PRO D 418 6.35 22.15 -13.07
N ASN D 419 5.82 22.03 -11.84
CA ASN D 419 6.74 22.05 -10.71
C ASN D 419 7.39 20.70 -10.46
N ILE D 420 6.89 19.62 -11.08
CA ILE D 420 7.56 18.32 -11.06
C ILE D 420 7.63 17.81 -12.48
N GLY D 421 8.56 16.88 -12.71
CA GLY D 421 8.76 16.26 -14.00
C GLY D 421 8.27 14.81 -14.04
N THR D 422 8.37 14.24 -15.24
CA THR D 422 8.10 12.81 -15.43
C THR D 422 9.03 11.99 -14.53
N PRO D 423 8.64 10.76 -14.18
CA PRO D 423 9.41 10.00 -13.20
C PRO D 423 10.84 9.76 -13.63
N GLY D 424 11.73 9.72 -12.65
CA GLY D 424 13.14 9.47 -12.87
C GLY D 424 13.94 10.73 -12.58
N ALA D 425 15.12 10.55 -11.97
CA ALA D 425 16.07 11.63 -11.69
C ALA D 425 15.43 12.75 -10.89
N GLY D 426 14.77 12.37 -9.80
CA GLY D 426 14.01 13.34 -9.02
C GLY D 426 14.87 14.51 -8.56
N THR D 427 16.10 14.22 -8.13
CA THR D 427 16.98 15.27 -7.64
C THR D 427 17.40 16.20 -8.78
N ILE D 428 17.75 15.64 -9.94
CA ILE D 428 18.18 16.45 -11.07
C ILE D 428 17.01 17.23 -11.64
N THR D 429 15.83 16.62 -11.69
CA THR D 429 14.65 17.30 -12.21
C THR D 429 14.33 18.57 -11.41
N ALA D 430 14.38 18.47 -10.08
CA ALA D 430 14.12 19.65 -9.24
C ALA D 430 15.16 20.73 -9.47
N ALA D 431 16.44 20.34 -9.55
CA ALA D 431 17.48 21.31 -9.87
C ALA D 431 17.24 21.93 -11.23
N THR D 432 16.78 21.13 -12.20
CA THR D 432 16.51 21.65 -13.53
C THR D 432 15.41 22.70 -13.51
N PHE D 433 14.32 22.42 -12.77
CA PHE D 433 13.29 23.43 -12.54
C PHE D 433 13.91 24.72 -12.02
N LEU D 434 14.77 24.61 -11.01
CA LEU D 434 15.42 25.80 -10.47
C LEU D 434 16.30 26.48 -11.50
N SER D 435 16.91 25.71 -12.40
CA SER D 435 17.86 26.29 -13.34
C SER D 435 17.20 27.30 -14.26
N TYR D 436 15.88 27.21 -14.45
CA TYR D 436 15.16 28.19 -15.26
C TYR D 436 15.18 29.58 -14.63
N PHE D 437 15.48 29.68 -13.33
CA PHE D 437 15.47 30.95 -12.61
C PHE D 437 16.86 31.48 -12.28
N THR D 438 17.92 30.77 -12.67
CA THR D 438 19.28 31.12 -12.29
C THR D 438 20.19 31.33 -13.49
N GLU D 439 19.63 31.57 -14.67
CA GLU D 439 20.48 31.68 -15.86
C GLU D 439 21.27 32.99 -15.91
N GLY D 440 20.98 33.93 -15.02
CA GLY D 440 21.61 35.25 -15.07
C GLY D 440 22.83 35.42 -14.19
N TYR D 441 23.31 34.37 -13.54
CA TYR D 441 24.49 34.45 -12.70
C TYR D 441 25.06 33.05 -12.52
N PRO D 442 26.34 32.94 -12.14
CA PRO D 442 26.89 31.62 -11.81
C PRO D 442 26.21 31.06 -10.57
N TRP D 443 25.66 29.85 -10.70
CA TRP D 443 24.76 29.32 -9.69
C TRP D 443 25.05 27.85 -9.42
N ALA D 444 24.96 27.46 -8.14
CA ALA D 444 25.09 26.08 -7.71
C ALA D 444 24.08 25.80 -6.62
N HIS D 445 23.73 24.52 -6.50
CA HIS D 445 22.62 24.07 -5.66
C HIS D 445 23.09 22.91 -4.81
N LEU D 446 22.86 23.02 -3.49
CA LEU D 446 23.22 21.96 -2.54
C LEU D 446 21.94 21.31 -2.05
N ASP D 447 21.74 20.04 -2.42
CA ASP D 447 20.62 19.26 -1.91
C ASP D 447 21.11 18.51 -0.68
N ILE D 448 20.68 18.96 0.49
CA ILE D 448 21.17 18.44 1.75
C ILE D 448 20.12 17.59 2.45
N ALA D 449 19.16 17.06 1.70
CA ALA D 449 18.07 16.29 2.28
C ALA D 449 18.55 15.06 3.04
N GLY D 450 19.74 14.56 2.75
CA GLY D 450 20.26 13.40 3.44
C GLY D 450 21.29 13.73 4.52
N THR D 451 22.01 14.84 4.36
CA THR D 451 23.12 15.16 5.25
C THR D 451 22.74 16.15 6.34
N ALA D 452 21.58 16.79 6.26
CA ALA D 452 21.24 17.85 7.21
C ALA D 452 20.81 17.31 8.57
N TRP D 453 20.43 16.04 8.68
CA TRP D 453 19.99 15.51 9.96
C TRP D 453 20.24 14.01 10.02
N LYS D 454 20.18 13.48 11.24
CA LYS D 454 20.32 12.06 11.53
C LYS D 454 19.03 11.56 12.17
N SER D 455 18.89 10.23 12.24
CA SER D 455 17.67 9.61 12.75
C SER D 455 18.00 8.66 13.90
N GLY D 456 16.94 8.03 14.43
CA GLY D 456 17.11 7.03 15.47
C GLY D 456 17.42 7.66 16.82
N ALA D 457 18.24 6.95 17.60
CA ALA D 457 18.58 7.43 18.92
C ALA D 457 19.27 8.78 18.84
N GLU D 458 19.94 9.05 17.71
CA GLU D 458 20.70 10.28 17.54
C GLU D 458 19.95 11.30 16.68
N LYS D 459 18.61 11.23 16.68
CA LYS D 459 17.83 12.13 15.85
C LYS D 459 18.13 13.58 16.19
N GLY D 460 18.51 14.35 15.19
CA GLY D 460 18.81 15.76 15.39
C GLY D 460 19.49 16.33 14.17
N ALA D 461 19.63 17.65 14.19
CA ALA D 461 20.34 18.33 13.12
C ALA D 461 21.84 18.07 13.21
N THR D 462 22.50 17.98 12.05
CA THR D 462 23.92 17.74 11.99
C THR D 462 24.75 19.01 11.84
N GLY D 463 24.15 20.09 11.36
CA GLY D 463 24.91 21.27 11.07
C GLY D 463 25.58 21.26 9.71
N ARG D 464 25.42 20.14 8.90
CA ARG D 464 25.98 20.15 7.55
C ARG D 464 24.99 20.80 6.58
N PRO D 465 25.47 21.43 5.52
CA PRO D 465 26.87 21.56 5.10
C PRO D 465 27.53 22.87 5.54
N VAL D 466 27.32 23.35 6.77
CA VAL D 466 28.03 24.54 7.23
C VAL D 466 29.55 24.38 7.12
N PRO D 467 30.16 23.24 7.47
CA PRO D 467 31.61 23.10 7.26
C PRO D 467 32.03 23.32 5.82
N LEU D 468 31.30 22.73 4.87
CA LEU D 468 31.63 22.92 3.46
C LEU D 468 31.48 24.38 3.07
N LEU D 469 30.31 24.97 3.32
CA LEU D 469 30.05 26.33 2.88
C LEU D 469 31.01 27.32 3.53
N MET D 470 31.28 27.14 4.82
CA MET D 470 32.18 28.09 5.48
C MET D 470 33.58 28.00 4.90
N ASN D 471 34.03 26.79 4.53
CA ASN D 471 35.33 26.64 3.90
C ASN D 471 35.35 27.29 2.51
N TYR D 472 34.27 27.14 1.75
CA TYR D 472 34.20 27.77 0.43
C TYR D 472 34.40 29.28 0.54
N LEU D 473 33.85 29.90 1.58
CA LEU D 473 34.01 31.34 1.74
C LEU D 473 35.44 31.71 2.12
N ARG D 474 36.07 30.91 2.98
CA ARG D 474 37.45 31.21 3.37
C ARG D 474 38.39 31.13 2.20
N ASN D 475 38.05 30.39 1.16
CA ASN D 475 38.90 30.26 -0.02
C ASN D 475 38.47 31.16 -1.16
N LEU D 476 37.52 32.07 -0.91
CA LEU D 476 37.13 33.02 -1.94
C LEU D 476 38.33 33.89 -2.27
N MET E 9 -11.68 30.71 -36.85
CA MET E 9 -12.08 29.52 -37.58
C MET E 9 -13.38 29.75 -38.33
N GLU E 10 -13.29 30.27 -39.55
CA GLU E 10 -14.45 30.62 -40.37
C GLU E 10 -14.73 29.52 -41.39
N PHE E 11 -16.01 29.20 -41.58
CA PHE E 11 -16.42 28.19 -42.56
C PHE E 11 -17.38 28.80 -43.57
N SER E 12 -17.13 28.59 -44.86
CA SER E 12 -17.96 29.11 -45.94
C SER E 12 -18.13 28.05 -47.02
N THR E 13 -18.91 28.38 -48.05
CA THR E 13 -19.19 27.41 -49.10
C THR E 13 -19.12 28.10 -50.46
N LYS E 14 -18.69 27.33 -51.45
CA LYS E 14 -18.69 27.74 -52.85
C LYS E 14 -19.26 26.61 -53.68
N THR E 15 -19.78 26.94 -54.86
CA THR E 15 -20.39 25.95 -55.74
C THR E 15 -19.47 25.44 -56.83
N GLU E 16 -18.47 26.23 -57.24
CA GLU E 16 -17.57 25.80 -58.30
C GLU E 16 -16.67 24.68 -57.84
N ILE E 17 -16.11 23.94 -58.81
CA ILE E 17 -15.12 22.92 -58.48
C ILE E 17 -13.82 23.60 -58.08
N LEU E 18 -13.07 22.94 -57.18
CA LEU E 18 -11.77 23.45 -56.75
C LEU E 18 -10.80 23.40 -57.92
N GLN E 19 -10.42 24.57 -58.42
CA GLN E 19 -9.51 24.63 -59.55
C GLN E 19 -8.09 24.47 -59.05
N GLU E 20 -7.26 23.86 -59.89
CA GLU E 20 -5.88 23.56 -59.51
C GLU E 20 -5.08 24.82 -59.21
N GLN E 21 -5.50 25.97 -59.73
CA GLN E 21 -4.80 27.24 -59.54
C GLN E 21 -5.24 27.99 -58.29
N GLN E 22 -6.17 27.44 -57.51
CA GLN E 22 -6.67 28.12 -56.33
C GLN E 22 -5.54 28.35 -55.31
N ALA E 23 -5.51 29.54 -54.74
CA ALA E 23 -4.52 29.85 -53.72
C ALA E 23 -4.91 29.19 -52.41
N GLY E 24 -3.90 28.79 -51.64
CA GLY E 24 -4.12 28.14 -50.36
C GLY E 24 -3.94 26.64 -50.46
N ALA E 25 -4.23 25.98 -49.35
CA ALA E 25 -4.14 24.52 -49.30
C ALA E 25 -5.35 23.89 -49.98
N GLN E 26 -5.12 22.72 -50.57
CA GLN E 26 -6.13 22.01 -51.35
C GLN E 26 -6.31 20.62 -50.76
N LEU E 27 -7.54 20.29 -50.38
CA LEU E 27 -7.88 18.96 -49.86
C LEU E 27 -9.03 18.40 -50.70
N PHE E 28 -8.84 17.19 -51.21
CA PHE E 28 -9.85 16.52 -52.03
C PHE E 28 -10.36 15.30 -51.26
N VAL E 29 -11.61 15.36 -50.81
CA VAL E 29 -12.25 14.23 -50.15
C VAL E 29 -12.85 13.35 -51.22
N CYS E 30 -12.26 12.19 -51.45
CA CYS E 30 -12.68 11.30 -52.52
C CYS E 30 -13.37 10.08 -51.95
N ALA E 31 -14.14 9.41 -52.81
CA ALA E 31 -14.78 8.15 -52.47
C ALA E 31 -14.02 7.01 -53.14
N ASP E 32 -14.36 6.72 -54.39
CA ASP E 32 -13.71 5.66 -55.14
C ASP E 32 -12.96 6.17 -56.36
N LYS E 33 -13.19 7.41 -56.78
CA LYS E 33 -12.50 7.96 -57.94
C LYS E 33 -11.42 8.94 -57.50
N ALA E 34 -10.27 8.85 -58.15
CA ALA E 34 -9.21 9.80 -57.92
C ALA E 34 -9.65 11.18 -58.44
N PRO E 35 -9.14 12.26 -57.86
CA PRO E 35 -9.44 13.58 -58.42
C PRO E 35 -8.94 13.72 -59.84
N GLU E 36 -9.78 14.30 -60.70
CA GLU E 36 -9.53 14.33 -62.13
C GLU E 36 -8.67 15.51 -62.56
N HIS E 37 -9.03 16.72 -62.17
CA HIS E 37 -8.38 17.93 -62.65
C HIS E 37 -7.45 18.54 -61.61
N ASN E 38 -6.64 17.70 -60.96
CA ASN E 38 -5.57 18.16 -60.10
C ASN E 38 -4.42 17.16 -60.19
N THR E 39 -3.28 17.61 -60.73
CA THR E 39 -2.19 16.67 -60.99
C THR E 39 -1.64 16.08 -59.70
N ALA E 40 -1.34 16.93 -58.72
CA ALA E 40 -0.74 16.45 -57.48
C ALA E 40 -1.69 15.55 -56.69
N ALA E 41 -2.96 15.96 -56.58
CA ALA E 41 -3.92 15.15 -55.82
C ALA E 41 -4.16 13.82 -56.50
N HIS E 42 -4.04 13.76 -57.83
CA HIS E 42 -4.17 12.49 -58.53
C HIS E 42 -3.04 11.54 -58.16
N ALA E 43 -1.81 12.03 -58.11
CA ALA E 43 -0.68 11.17 -57.76
C ALA E 43 -0.78 10.66 -56.34
N LEU E 44 -1.25 11.52 -55.42
CA LEU E 44 -1.43 11.10 -54.03
C LEU E 44 -2.45 9.98 -53.92
N PHE E 45 -3.60 10.13 -54.58
CA PHE E 45 -4.63 9.10 -54.51
C PHE E 45 -4.15 7.79 -55.12
N SER E 46 -3.43 7.88 -56.25
CA SER E 46 -2.94 6.70 -56.92
C SER E 46 -1.91 5.94 -56.10
N ALA E 47 -1.24 6.60 -55.15
CA ALA E 47 -0.19 5.99 -54.35
C ALA E 47 -0.66 5.47 -53.00
N LEU E 48 -1.96 5.57 -52.70
CA LEU E 48 -2.46 5.15 -51.39
C LEU E 48 -2.20 3.66 -51.16
N GLU E 49 -1.77 3.33 -49.95
CA GLU E 49 -1.39 1.97 -49.60
C GLU E 49 -2.63 1.18 -49.18
N GLU E 50 -2.44 0.05 -48.50
CA GLU E 50 -3.56 -0.87 -48.25
C GLU E 50 -4.56 -0.28 -47.27
N GLY E 51 -4.09 0.17 -46.11
CA GLY E 51 -4.93 0.79 -45.12
C GLY E 51 -4.88 2.30 -45.11
N GLN E 52 -4.12 2.89 -46.03
CA GLN E 52 -3.94 4.34 -46.06
C GLN E 52 -5.21 5.02 -46.56
N ASN E 53 -5.63 6.07 -45.85
CA ASN E 53 -6.79 6.85 -46.25
C ASN E 53 -6.51 8.35 -46.24
N PHE E 54 -5.29 8.78 -45.91
CA PHE E 54 -4.90 10.17 -45.99
C PHE E 54 -3.47 10.27 -46.50
N SER E 55 -3.21 11.27 -47.34
CA SER E 55 -1.87 11.51 -47.88
C SER E 55 -1.75 12.98 -48.25
N ASP E 56 -0.58 13.57 -48.01
CA ASP E 56 -0.36 14.97 -48.29
C ASP E 56 1.03 15.18 -48.89
N THR E 57 1.19 16.34 -49.52
CA THR E 57 2.46 16.76 -50.10
C THR E 57 2.51 18.27 -50.17
N LYS E 58 3.69 18.81 -50.47
CA LYS E 58 3.90 20.24 -50.61
C LYS E 58 4.53 20.50 -51.97
N ILE E 59 3.80 21.16 -52.85
CA ILE E 59 4.22 21.40 -54.23
C ILE E 59 4.82 22.79 -54.34
N PRO E 60 6.02 22.95 -54.91
CA PRO E 60 6.58 24.29 -55.10
C PRO E 60 5.85 25.06 -56.20
N THR E 61 5.41 26.27 -55.87
CA THR E 61 4.79 27.16 -56.84
C THR E 61 5.51 28.51 -56.83
N ASP E 62 5.06 29.39 -57.73
CA ASP E 62 5.62 30.74 -57.82
C ASP E 62 5.23 31.61 -56.63
N ASN E 63 4.16 31.26 -55.93
CA ASN E 63 3.75 31.98 -54.73
C ASN E 63 4.10 31.22 -53.46
N GLY E 64 5.11 30.36 -53.52
CA GLY E 64 5.55 29.59 -52.38
C GLY E 64 5.19 28.12 -52.50
N LEU E 65 5.28 27.42 -51.37
CA LEU E 65 4.90 26.01 -51.32
C LEU E 65 3.40 25.88 -51.10
N GLN E 66 2.76 25.07 -51.93
CA GLN E 66 1.32 24.82 -51.83
C GLN E 66 1.08 23.42 -51.30
N ALA E 67 0.22 23.29 -50.30
CA ALA E 67 -0.08 22.02 -49.68
C ALA E 67 -1.31 21.38 -50.33
N VAL E 68 -1.16 20.13 -50.77
CA VAL E 68 -2.25 19.38 -51.38
C VAL E 68 -2.40 18.06 -50.63
N ALA E 69 -3.64 17.68 -50.33
CA ALA E 69 -3.90 16.45 -49.59
C ALA E 69 -5.16 15.79 -50.12
N VAL E 70 -5.26 14.48 -49.90
CA VAL E 70 -6.44 13.72 -50.29
C VAL E 70 -6.91 12.88 -49.11
N VAL E 71 -8.20 12.58 -49.10
CA VAL E 71 -8.81 11.67 -48.13
C VAL E 71 -9.60 10.62 -48.90
N ARG E 72 -9.42 9.35 -48.52
CA ARG E 72 -10.15 8.24 -49.12
C ARG E 72 -11.19 7.76 -48.12
N LEU E 73 -12.45 7.88 -48.51
CA LEU E 73 -13.58 7.39 -47.72
C LEU E 73 -14.10 6.12 -48.39
N GLU E 74 -13.74 4.97 -47.83
CA GLU E 74 -14.32 3.73 -48.33
C GLU E 74 -15.71 3.51 -47.74
N LYS E 75 -15.84 3.63 -46.42
CA LYS E 75 -17.09 3.47 -45.71
C LYS E 75 -17.83 4.80 -45.57
N THR E 76 -19.11 4.72 -45.21
CA THR E 76 -19.97 5.89 -45.11
C THR E 76 -20.49 6.16 -43.71
N ASP E 77 -20.31 5.25 -42.76
CA ASP E 77 -20.84 5.44 -41.43
C ASP E 77 -20.17 6.62 -40.75
N ARG E 78 -20.89 7.20 -39.77
CA ARG E 78 -20.36 8.38 -39.07
C ARG E 78 -19.08 8.06 -38.32
N ALA E 79 -18.92 6.82 -37.83
CA ALA E 79 -17.71 6.48 -37.11
C ALA E 79 -16.48 6.55 -38.02
N ALA E 80 -16.56 5.93 -39.20
CA ALA E 80 -15.45 6.02 -40.14
C ALA E 80 -15.24 7.44 -40.63
N LEU E 81 -16.32 8.20 -40.78
CA LEU E 81 -16.23 9.57 -41.25
C LEU E 81 -15.47 10.44 -40.25
N ASN E 82 -15.82 10.35 -38.97
CA ASN E 82 -15.08 11.10 -37.96
C ASN E 82 -13.60 10.73 -37.96
N LYS E 83 -13.28 9.45 -38.15
CA LYS E 83 -11.89 9.01 -38.11
C LYS E 83 -11.08 9.61 -39.25
N ALA E 84 -11.64 9.62 -40.46
CA ALA E 84 -10.96 10.27 -41.58
C ALA E 84 -10.83 11.77 -41.36
N ALA E 85 -11.90 12.41 -40.89
CA ALA E 85 -11.87 13.85 -40.66
C ALA E 85 -10.87 14.21 -39.57
N ALA E 86 -10.69 13.34 -38.57
CA ALA E 86 -9.73 13.63 -37.50
C ALA E 86 -8.31 13.62 -38.04
N GLU E 87 -7.98 12.64 -38.89
CA GLU E 87 -6.64 12.58 -39.47
C GLU E 87 -6.36 13.80 -40.35
N ALA E 88 -7.36 14.24 -41.11
CA ALA E 88 -7.17 15.42 -41.95
C ALA E 88 -7.01 16.68 -41.12
N ALA E 89 -7.64 16.71 -39.94
CA ALA E 89 -7.55 17.92 -39.11
C ALA E 89 -6.16 18.12 -38.56
N LYS E 90 -5.41 17.04 -38.30
CA LYS E 90 -4.04 17.18 -37.85
C LYS E 90 -3.16 17.83 -38.92
N TRP E 91 -3.53 17.65 -40.19
CA TRP E 91 -2.84 18.32 -41.30
C TRP E 91 -3.40 19.71 -41.55
N ALA E 92 -4.72 19.89 -41.39
CA ALA E 92 -5.35 21.15 -41.75
C ALA E 92 -5.03 22.27 -40.77
N GLN E 93 -4.66 21.95 -39.54
CA GLN E 93 -4.42 22.98 -38.54
C GLN E 93 -3.16 23.81 -38.86
N ASN E 94 -2.26 23.30 -39.68
CA ASN E 94 -1.04 24.00 -40.07
C ASN E 94 -1.16 24.73 -41.40
N GLN E 95 -2.36 24.80 -41.97
CA GLN E 95 -2.62 25.48 -43.23
C GLN E 95 -3.59 26.63 -42.96
N GLU E 96 -3.21 27.85 -43.35
CA GLU E 96 -4.06 28.99 -43.08
C GLU E 96 -5.42 28.89 -43.79
N THR E 97 -5.40 28.47 -45.06
CA THR E 97 -6.63 28.33 -45.81
C THR E 97 -6.66 26.96 -46.46
N VAL E 98 -7.73 26.21 -46.21
CA VAL E 98 -7.91 24.87 -46.76
C VAL E 98 -9.18 24.89 -47.60
N ASN E 99 -9.03 24.59 -48.89
CA ASN E 99 -10.15 24.43 -49.80
C ASN E 99 -10.46 22.94 -49.94
N VAL E 100 -11.66 22.54 -49.53
CA VAL E 100 -12.08 21.15 -49.51
C VAL E 100 -13.05 20.91 -50.66
N ASP E 101 -12.76 19.89 -51.48
CA ASP E 101 -13.64 19.49 -52.55
C ASP E 101 -14.44 18.26 -52.12
N VAL E 102 -15.76 18.37 -52.17
CA VAL E 102 -16.64 17.26 -51.83
C VAL E 102 -17.68 17.09 -52.93
N HIS E 103 -17.30 17.39 -54.18
CA HIS E 103 -18.24 17.27 -55.28
C HIS E 103 -18.59 15.82 -55.61
N ALA E 104 -17.82 14.87 -55.08
CA ALA E 104 -18.03 13.45 -55.36
C ALA E 104 -19.17 12.83 -54.54
N PHE E 105 -20.03 13.62 -53.91
CA PHE E 105 -21.04 13.11 -53.01
C PHE E 105 -22.39 13.76 -53.27
N ASP E 106 -23.46 13.03 -52.98
CA ASP E 106 -24.81 13.56 -53.11
C ASP E 106 -25.12 14.56 -52.00
N GLU E 107 -26.34 15.09 -52.02
CA GLU E 107 -26.73 16.15 -51.09
C GLU E 107 -26.58 15.71 -49.64
N ALA E 108 -27.04 14.51 -49.31
CA ALA E 108 -27.00 14.05 -47.93
C ALA E 108 -25.57 13.71 -47.51
N GLN E 109 -24.82 13.05 -48.38
CA GLN E 109 -23.45 12.67 -48.05
C GLN E 109 -22.53 13.88 -47.96
N ALA E 110 -22.70 14.87 -48.84
CA ALA E 110 -21.83 16.03 -48.81
C ALA E 110 -22.02 16.85 -47.55
N ALA E 111 -23.28 17.01 -47.12
CA ALA E 111 -23.54 17.72 -45.87
C ALA E 111 -22.94 16.98 -44.69
N ALA E 112 -23.03 15.65 -44.69
CA ALA E 112 -22.44 14.88 -43.61
C ALA E 112 -20.93 15.02 -43.60
N VAL E 113 -20.30 14.94 -44.78
CA VAL E 113 -18.84 15.08 -44.85
C VAL E 113 -18.43 16.49 -44.40
N ALA E 114 -19.15 17.51 -44.85
CA ALA E 114 -18.80 18.88 -44.47
C ALA E 114 -18.97 19.09 -42.97
N GLU E 115 -20.04 18.54 -42.38
CA GLU E 115 -20.25 18.70 -40.94
C GLU E 115 -19.10 18.11 -40.15
N ALA E 116 -18.73 16.87 -40.49
CA ALA E 116 -17.69 16.17 -39.75
C ALA E 116 -16.32 16.80 -39.95
N PHE E 117 -16.02 17.26 -41.18
CA PHE E 117 -14.72 17.84 -41.43
C PHE E 117 -14.59 19.23 -40.83
N ALA E 118 -15.67 20.02 -40.87
CA ALA E 118 -15.63 21.32 -40.22
C ALA E 118 -15.47 21.19 -38.71
N ILE E 119 -16.16 20.21 -38.11
CA ILE E 119 -16.05 19.98 -36.67
C ILE E 119 -14.62 19.58 -36.30
N ALA E 120 -14.05 18.65 -37.06
CA ALA E 120 -12.68 18.22 -36.79
C ALA E 120 -11.69 19.38 -36.94
N PHE E 121 -11.88 20.22 -37.96
CA PHE E 121 -10.99 21.36 -38.16
C PHE E 121 -11.04 22.30 -36.97
N GLY E 122 -12.24 22.72 -36.57
CA GLY E 122 -12.33 23.67 -35.48
C GLY E 122 -11.76 23.13 -34.19
N ASN E 123 -12.03 21.87 -33.88
CA ASN E 123 -11.52 21.28 -32.66
C ASN E 123 -10.01 21.09 -32.69
N ALA E 124 -9.44 20.80 -33.88
CA ALA E 124 -7.99 20.63 -33.97
C ALA E 124 -7.26 21.95 -33.83
N ALA E 125 -7.88 23.04 -34.29
CA ALA E 125 -7.29 24.37 -34.17
C ALA E 125 -7.35 24.92 -32.76
N TYR E 126 -8.08 24.24 -31.86
CA TYR E 126 -8.20 24.71 -30.49
C TYR E 126 -6.83 24.77 -29.82
N ARG E 127 -6.61 25.83 -29.05
CA ARG E 127 -5.43 25.95 -28.21
C ARG E 127 -5.83 26.56 -26.87
N PHE E 128 -5.13 26.14 -25.82
CA PHE E 128 -5.30 26.76 -24.51
C PHE E 128 -3.96 27.33 -24.10
N ASP E 129 -3.64 28.49 -24.67
CA ASP E 129 -2.38 29.17 -24.38
C ASP E 129 -2.55 30.27 -23.33
N ARG E 130 -3.65 30.21 -22.56
CA ARG E 130 -4.02 31.32 -21.69
C ARG E 130 -2.90 31.69 -20.73
N TYR E 131 -2.22 30.71 -20.16
CA TYR E 131 -1.22 30.95 -19.13
C TYR E 131 0.20 30.93 -19.65
N LYS E 132 0.39 30.81 -20.97
CA LYS E 132 1.72 30.63 -21.54
C LYS E 132 2.36 31.98 -21.84
N LYS E 133 3.70 32.01 -21.80
CA LYS E 133 4.41 33.25 -22.06
C LYS E 133 4.05 33.80 -23.44
N GLU E 134 4.29 33.01 -24.49
CA GLU E 134 3.87 33.34 -25.84
C GLU E 134 2.81 32.35 -26.31
N ALA E 135 1.71 32.87 -26.84
CA ALA E 135 0.69 32.01 -27.44
C ALA E 135 1.19 31.47 -28.77
N LYS E 136 1.00 30.17 -28.99
CA LYS E 136 1.35 29.51 -30.25
C LYS E 136 0.08 28.98 -30.90
N PRO E 137 -0.73 29.85 -31.50
CA PRO E 137 -2.01 29.40 -32.08
C PRO E 137 -1.77 28.64 -33.37
N ALA E 138 -2.81 27.95 -33.81
CA ALA E 138 -2.73 27.26 -35.08
C ALA E 138 -2.87 28.26 -36.21
N LYS E 139 -2.24 27.96 -37.34
CA LYS E 139 -2.34 28.86 -38.49
C LYS E 139 -3.71 28.79 -39.15
N PHE E 140 -4.48 27.73 -38.90
CA PHE E 140 -5.78 27.56 -39.55
C PHE E 140 -6.72 28.71 -39.24
N SER E 141 -7.34 29.25 -40.28
CA SER E 141 -8.28 30.34 -40.13
C SER E 141 -9.60 30.10 -40.88
N GLN E 142 -9.54 29.56 -42.09
CA GLN E 142 -10.73 29.45 -42.94
C GLN E 142 -10.74 28.13 -43.69
N ALA E 143 -11.93 27.55 -43.82
CA ALA E 143 -12.16 26.39 -44.67
C ALA E 143 -13.35 26.68 -45.57
N VAL E 144 -13.20 26.37 -46.86
CA VAL E 144 -14.24 26.59 -47.87
C VAL E 144 -14.59 25.26 -48.50
N PHE E 145 -15.86 24.89 -48.43
CA PHE E 145 -16.31 23.58 -48.90
C PHE E 145 -16.99 23.72 -50.25
N HIS E 146 -16.42 23.06 -51.25
CA HIS E 146 -16.90 23.13 -52.63
C HIS E 146 -17.88 21.99 -52.87
N SER E 147 -19.14 22.35 -53.17
CA SER E 147 -20.18 21.36 -53.41
C SER E 147 -21.30 22.03 -54.18
N ALA E 148 -22.04 21.22 -54.94
CA ALA E 148 -23.19 21.75 -55.66
C ALA E 148 -24.45 21.78 -54.82
N HIS E 149 -24.38 21.37 -53.56
CA HIS E 149 -25.55 21.32 -52.68
C HIS E 149 -25.37 22.37 -51.60
N GLU E 150 -25.46 23.64 -52.00
CA GLU E 150 -25.10 24.73 -51.11
C GLU E 150 -26.00 24.77 -49.88
N ALA E 151 -27.30 24.54 -50.07
CA ALA E 151 -28.23 24.62 -48.94
C ALA E 151 -27.89 23.60 -47.86
N ALA E 152 -27.66 22.34 -48.27
CA ALA E 152 -27.38 21.28 -47.31
C ALA E 152 -26.03 21.47 -46.63
N VAL E 153 -25.02 21.90 -47.39
CA VAL E 153 -23.70 22.09 -46.83
C VAL E 153 -23.68 23.32 -45.91
N LYS E 154 -24.38 24.38 -46.32
CA LYS E 154 -24.45 25.57 -45.46
C LYS E 154 -25.07 25.23 -44.10
N GLU E 155 -26.13 24.42 -44.11
CA GLU E 155 -26.77 24.03 -42.85
C GLU E 155 -25.89 23.12 -42.03
N ALA E 156 -25.11 22.26 -42.68
CA ALA E 156 -24.16 21.42 -41.97
C ALA E 156 -23.13 22.28 -41.24
N LEU E 157 -22.64 23.35 -41.88
CA LEU E 157 -21.65 24.20 -41.26
C LEU E 157 -22.22 24.98 -40.08
N ARG E 158 -23.51 25.30 -40.12
CA ARG E 158 -24.11 25.97 -38.97
C ARG E 158 -24.12 25.04 -37.75
N VAL E 159 -24.46 23.76 -37.97
CA VAL E 159 -24.39 22.78 -36.90
C VAL E 159 -22.96 22.61 -36.42
N ALA E 160 -22.02 22.51 -37.37
CA ALA E 160 -20.61 22.35 -37.01
C ALA E 160 -20.11 23.52 -36.18
N GLU E 161 -20.45 24.75 -36.62
CA GLU E 161 -20.02 25.94 -35.90
C GLU E 161 -20.56 25.96 -34.47
N ALA E 162 -21.78 25.44 -34.27
CA ALA E 162 -22.35 25.42 -32.92
C ALA E 162 -21.66 24.37 -32.06
N GLN E 163 -21.36 23.20 -32.62
CA GLN E 163 -20.70 22.17 -31.83
C GLN E 163 -19.28 22.55 -31.49
N VAL E 164 -18.55 23.12 -32.45
CA VAL E 164 -17.19 23.57 -32.18
C VAL E 164 -17.19 24.70 -31.15
N TYR E 165 -18.15 25.61 -31.26
CA TYR E 165 -18.32 26.65 -30.25
C TYR E 165 -18.52 26.04 -28.88
N GLY E 166 -19.39 25.03 -28.80
CA GLY E 166 -19.69 24.42 -27.51
C GLY E 166 -18.53 23.65 -26.93
N GLN E 167 -17.85 22.84 -27.75
CA GLN E 167 -16.73 22.07 -27.24
C GLN E 167 -15.59 22.98 -26.80
N SER E 168 -15.35 24.07 -27.52
CA SER E 168 -14.28 24.98 -27.14
C SER E 168 -14.56 25.66 -25.81
N LEU E 169 -15.79 26.12 -25.61
CA LEU E 169 -16.17 26.70 -24.33
C LEU E 169 -16.02 25.68 -23.20
N CYS E 170 -16.47 24.45 -23.45
CA CYS E 170 -16.34 23.38 -22.47
C CYS E 170 -14.87 23.10 -22.17
N ARG E 171 -14.05 23.03 -23.21
CA ARG E 171 -12.62 22.77 -23.01
C ARG E 171 -11.95 23.94 -22.28
N ASP E 172 -12.37 25.18 -22.56
CA ASP E 172 -11.82 26.32 -21.85
C ASP E 172 -12.10 26.24 -20.35
N LEU E 173 -13.31 25.82 -19.98
CA LEU E 173 -13.66 25.77 -18.57
C LEU E 173 -12.98 24.61 -17.85
N GLY E 174 -12.86 23.46 -18.53
CA GLY E 174 -12.20 22.32 -17.90
C GLY E 174 -10.70 22.48 -17.79
N ASN E 175 -10.07 23.04 -18.82
CA ASN E 175 -8.61 23.17 -18.81
C ASN E 175 -8.14 24.23 -17.82
N ALA E 176 -8.98 25.21 -17.49
CA ALA E 176 -8.57 26.29 -16.62
C ALA E 176 -8.09 25.74 -15.29
N ALA E 177 -7.07 26.39 -14.73
CA ALA E 177 -6.56 25.99 -13.44
C ALA E 177 -7.59 26.30 -12.36
N PRO E 178 -7.66 25.48 -11.30
CA PRO E 178 -8.69 25.70 -10.28
C PRO E 178 -8.54 27.04 -9.57
N ASN E 179 -7.34 27.62 -9.52
CA ASN E 179 -7.25 28.93 -8.88
C ASN E 179 -7.75 30.06 -9.78
N GLU E 180 -7.97 29.81 -11.07
CA GLU E 180 -8.72 30.75 -11.89
C GLU E 180 -10.18 30.35 -11.99
N CYS E 181 -10.47 29.12 -12.43
CA CYS E 181 -11.84 28.64 -12.54
C CYS E 181 -12.33 28.20 -11.16
N THR E 182 -12.53 29.20 -10.30
CA THR E 182 -13.17 29.03 -9.02
C THR E 182 -14.66 28.89 -9.23
N PRO E 183 -15.42 28.53 -8.19
CA PRO E 183 -16.89 28.51 -8.35
C PRO E 183 -17.45 29.84 -8.81
N GLU E 184 -16.94 30.95 -8.28
CA GLU E 184 -17.40 32.25 -8.74
C GLU E 184 -17.09 32.48 -10.22
N PHE E 185 -15.87 32.14 -10.63
CA PHE E 185 -15.52 32.25 -12.05
C PHE E 185 -16.49 31.47 -12.93
N LEU E 186 -16.78 30.22 -12.54
CA LEU E 186 -17.70 29.39 -13.31
C LEU E 186 -19.09 30.01 -13.38
N ALA E 187 -19.60 30.46 -12.23
CA ALA E 187 -20.94 31.03 -12.21
C ALA E 187 -20.99 32.30 -13.06
N ARG E 188 -20.00 33.18 -12.93
CA ARG E 188 -20.03 34.42 -13.69
C ARG E 188 -19.82 34.17 -15.18
N THR E 189 -19.01 33.17 -15.55
CA THR E 189 -18.85 32.86 -16.96
C THR E 189 -20.13 32.28 -17.53
N ALA E 190 -20.82 31.41 -16.77
CA ALA E 190 -22.07 30.86 -17.25
C ALA E 190 -23.10 31.97 -17.48
N LYS E 191 -23.17 32.94 -16.57
CA LYS E 191 -24.09 34.05 -16.75
C LYS E 191 -23.74 34.88 -17.98
N ALA E 192 -22.44 35.13 -18.20
CA ALA E 192 -22.02 36.00 -19.30
C ALA E 192 -22.23 35.33 -20.65
N GLU E 193 -21.95 34.03 -20.76
CA GLU E 193 -22.13 33.37 -22.04
C GLU E 193 -23.61 33.27 -22.40
N ALA E 194 -24.46 32.95 -21.43
CA ALA E 194 -25.89 32.88 -21.70
C ALA E 194 -26.45 34.24 -22.08
N GLU E 195 -26.04 35.29 -21.37
CA GLU E 195 -26.62 36.60 -21.66
C GLU E 195 -26.10 37.19 -22.96
N LYS E 196 -24.87 36.83 -23.37
CA LYS E 196 -24.37 37.33 -24.64
C LYS E 196 -25.18 36.80 -25.81
N LEU E 197 -25.82 35.63 -25.65
CA LEU E 197 -26.62 35.02 -26.69
C LEU E 197 -28.12 35.31 -26.56
N GLY E 198 -28.51 36.15 -25.61
CA GLY E 198 -29.90 36.52 -25.43
C GLY E 198 -30.70 35.64 -24.49
N ALA E 199 -30.06 34.74 -23.75
CA ALA E 199 -30.74 33.91 -22.78
C ALA E 199 -30.80 34.63 -21.43
N HIS E 200 -31.36 33.93 -20.44
CA HIS E 200 -31.53 34.46 -19.10
C HIS E 200 -30.67 33.66 -18.13
N ALA E 201 -30.30 34.31 -17.04
CA ALA E 201 -29.43 33.69 -16.05
C ALA E 201 -29.67 34.35 -14.70
N LYS E 202 -29.79 33.53 -13.66
CA LYS E 202 -29.78 34.05 -12.30
C LYS E 202 -28.82 33.20 -11.49
N ILE E 203 -28.10 33.85 -10.58
CA ILE E 203 -27.11 33.18 -9.75
C ILE E 203 -27.63 33.15 -8.33
N ILE E 204 -27.88 31.95 -7.82
CA ILE E 204 -28.24 31.74 -6.43
C ILE E 204 -26.97 31.68 -5.58
N GLU E 205 -26.98 32.34 -4.43
CA GLU E 205 -25.76 32.48 -3.63
C GLU E 205 -25.83 31.68 -2.33
N LYS E 206 -24.80 31.86 -1.50
CA LYS E 206 -24.54 30.91 -0.42
C LYS E 206 -25.59 30.95 0.69
N ASP E 207 -26.22 32.11 0.91
CA ASP E 207 -27.25 32.19 1.94
C ASP E 207 -28.40 31.24 1.63
N TYR E 208 -28.93 31.29 0.41
CA TYR E 208 -30.00 30.37 0.05
C TYR E 208 -29.53 28.93 0.16
N ILE E 209 -28.27 28.67 -0.19
CA ILE E 209 -27.76 27.31 -0.23
C ILE E 209 -27.66 26.73 1.18
N LYS E 210 -27.08 27.50 2.12
CA LYS E 210 -26.98 27.04 3.50
C LYS E 210 -28.35 26.79 4.12
N GLU E 211 -29.37 27.56 3.72
CA GLU E 211 -30.68 27.43 4.34
C GLU E 211 -31.50 26.30 3.74
N ASN E 212 -31.42 26.10 2.42
CA ASN E 212 -32.33 25.21 1.72
C ASN E 212 -31.67 24.01 1.05
N MET E 213 -30.36 24.01 0.90
CA MET E 213 -29.65 22.95 0.19
C MET E 213 -28.54 22.42 1.09
N GLY E 214 -28.96 21.74 2.17
CA GLY E 214 -28.03 21.33 3.20
C GLY E 214 -26.99 20.35 2.73
N SER E 215 -27.35 19.47 1.79
CA SER E 215 -26.38 18.53 1.25
C SER E 215 -25.35 19.25 0.39
N PHE E 216 -25.81 20.11 -0.52
CA PHE E 216 -24.91 20.98 -1.28
C PHE E 216 -24.02 21.77 -0.34
N TRP E 217 -24.62 22.37 0.70
CA TRP E 217 -23.86 23.25 1.58
C TRP E 217 -22.77 22.51 2.34
N SER E 218 -23.06 21.27 2.76
CA SER E 218 -22.09 20.54 3.56
C SER E 218 -20.80 20.26 2.79
N VAL E 219 -20.89 20.15 1.46
CA VAL E 219 -19.69 19.94 0.66
C VAL E 219 -18.90 21.23 0.56
N ALA E 220 -19.60 22.36 0.47
CA ALA E 220 -18.95 23.63 0.18
C ALA E 220 -18.40 24.32 1.42
N LYS E 221 -18.96 24.02 2.60
CA LYS E 221 -18.61 24.77 3.81
C LYS E 221 -17.12 24.71 4.11
N GLY E 222 -16.44 23.66 3.68
CA GLY E 222 -15.06 23.44 4.04
C GLY E 222 -14.04 24.24 3.27
N SER E 223 -14.45 25.07 2.30
CA SER E 223 -13.54 25.88 1.52
C SER E 223 -13.77 27.37 1.81
N VAL E 224 -12.75 28.18 1.52
CA VAL E 224 -12.91 29.63 1.63
C VAL E 224 -13.66 30.21 0.44
N GLU E 225 -13.86 29.43 -0.62
CA GLU E 225 -14.57 29.86 -1.81
C GLU E 225 -16.07 29.66 -1.60
N ASP E 226 -16.86 30.68 -1.92
CA ASP E 226 -18.29 30.60 -1.79
C ASP E 226 -18.89 29.65 -2.83
N PRO E 227 -20.00 28.99 -2.50
CA PRO E 227 -20.71 28.19 -3.49
C PRO E 227 -21.68 29.05 -4.29
N TYR E 228 -22.05 28.54 -5.46
CA TYR E 228 -23.03 29.20 -6.31
C TYR E 228 -23.88 28.15 -7.02
N LEU E 229 -25.13 28.52 -7.26
CA LEU E 229 -26.04 27.77 -8.11
C LEU E 229 -26.45 28.68 -9.26
N VAL E 230 -26.20 28.23 -10.49
CA VAL E 230 -26.48 29.02 -11.69
C VAL E 230 -27.69 28.42 -12.39
N GLU E 231 -28.65 29.27 -12.76
CA GLU E 231 -29.87 28.87 -13.44
C GLU E 231 -29.91 29.58 -14.78
N LEU E 232 -29.77 28.84 -15.87
CA LEU E 232 -29.83 29.39 -17.23
C LEU E 232 -31.17 28.99 -17.86
N SER E 233 -31.84 29.95 -18.48
CA SER E 233 -33.17 29.74 -19.05
C SER E 233 -33.21 30.22 -20.50
N TYR E 234 -33.80 29.40 -21.36
CA TYR E 234 -33.99 29.73 -22.78
C TYR E 234 -35.33 29.16 -23.23
N PHE E 235 -36.19 30.00 -23.77
CA PHE E 235 -37.54 29.60 -24.19
C PHE E 235 -37.68 29.84 -25.68
N GLY E 236 -37.32 28.83 -26.47
CA GLY E 236 -37.37 28.94 -27.91
C GLY E 236 -38.50 28.14 -28.55
N ALA E 237 -39.31 27.49 -27.74
CA ALA E 237 -40.44 26.76 -28.28
C ALA E 237 -41.56 27.73 -28.65
N ALA E 238 -42.42 27.30 -29.57
CA ALA E 238 -43.58 28.10 -29.94
C ALA E 238 -44.39 28.43 -28.69
N ASP E 239 -44.65 27.43 -27.87
CA ASP E 239 -45.25 27.63 -26.55
C ASP E 239 -44.11 27.89 -25.58
N LYS E 240 -43.94 29.13 -25.16
CA LYS E 240 -42.84 29.42 -24.25
C LYS E 240 -43.09 28.88 -22.85
N GLU E 241 -44.26 28.31 -22.58
CA GLU E 241 -44.57 27.72 -21.29
C GLU E 241 -44.68 26.20 -21.35
N ALA E 242 -44.30 25.59 -22.47
CA ALA E 242 -44.26 24.14 -22.55
C ALA E 242 -43.18 23.57 -21.64
N ALA E 243 -43.34 22.29 -21.28
CA ALA E 243 -42.46 21.68 -20.29
C ALA E 243 -41.03 21.68 -20.79
N PRO E 244 -40.07 22.18 -20.02
CA PRO E 244 -38.70 22.30 -20.50
C PRO E 244 -37.89 21.02 -20.30
N VAL E 245 -36.81 20.93 -21.07
CA VAL E 245 -35.74 19.98 -20.83
C VAL E 245 -34.73 20.65 -19.89
N VAL E 246 -34.33 19.95 -18.83
CA VAL E 246 -33.47 20.52 -17.79
C VAL E 246 -32.16 19.76 -17.77
N LEU E 247 -31.05 20.50 -17.88
CA LEU E 247 -29.71 19.95 -17.82
C LEU E 247 -29.08 20.32 -16.47
N VAL E 248 -28.57 19.33 -15.76
CA VAL E 248 -27.99 19.51 -14.43
C VAL E 248 -26.52 19.10 -14.47
N GLY E 249 -25.65 19.96 -14.03
CA GLY E 249 -24.21 19.71 -14.13
C GLY E 249 -23.51 19.82 -12.80
N LYS E 250 -22.62 18.87 -12.53
CA LYS E 250 -21.79 18.89 -11.34
C LYS E 250 -20.61 19.84 -11.57
N GLY E 251 -20.47 20.84 -10.70
CA GLY E 251 -19.40 21.80 -10.86
C GLY E 251 -18.41 21.83 -9.72
N ILE E 252 -17.93 20.67 -9.28
CA ILE E 252 -16.86 20.65 -8.29
C ILE E 252 -15.59 21.18 -8.95
N THR E 253 -15.26 22.45 -8.70
CA THR E 253 -14.16 23.07 -9.44
C THR E 253 -12.80 22.46 -9.04
N PHE E 254 -12.70 21.91 -7.84
CA PHE E 254 -11.61 21.01 -7.54
C PHE E 254 -12.03 20.08 -6.42
N ASP E 255 -11.63 18.81 -6.53
CA ASP E 255 -11.97 17.78 -5.56
C ASP E 255 -10.70 17.21 -4.96
N THR E 256 -10.41 17.56 -3.70
CA THR E 256 -9.36 16.89 -2.97
C THR E 256 -9.82 15.61 -2.30
N GLY E 257 -11.14 15.42 -2.16
CA GLY E 257 -11.71 14.38 -1.35
C GLY E 257 -12.15 14.85 0.04
N GLY E 258 -11.65 16.00 0.49
CA GLY E 258 -11.98 16.49 1.81
C GLY E 258 -11.23 15.75 2.90
N ILE E 259 -11.91 15.44 4.00
CA ILE E 259 -11.28 14.67 5.07
C ILE E 259 -10.94 13.26 4.57
N SER E 260 -11.81 12.68 3.74
CA SER E 260 -11.50 11.44 3.02
C SER E 260 -10.58 11.77 1.83
N LEU E 261 -9.37 12.22 2.17
CA LEU E 261 -8.47 12.84 1.21
C LEU E 261 -7.98 11.82 0.18
N LYS E 262 -7.79 12.32 -1.05
CA LYS E 262 -7.34 11.54 -2.18
C LYS E 262 -5.82 11.37 -2.14
N PRO E 263 -5.29 10.33 -2.77
CA PRO E 263 -3.83 10.27 -2.96
C PRO E 263 -3.36 11.44 -3.81
N GLY E 264 -2.08 11.80 -3.63
CA GLY E 264 -1.55 12.95 -4.32
C GLY E 264 -1.30 12.72 -5.80
N LEU E 265 -1.10 11.46 -6.20
CA LEU E 265 -0.76 11.15 -7.57
C LEU E 265 -1.91 11.51 -8.51
N ASN E 266 -1.59 12.30 -9.54
CA ASN E 266 -2.51 12.68 -10.60
C ASN E 266 -3.71 13.48 -10.10
N MET E 267 -3.61 14.07 -8.91
CA MET E 267 -4.74 14.83 -8.39
C MET E 267 -5.01 16.11 -9.17
N ASP E 268 -4.00 16.64 -9.89
CA ASP E 268 -4.24 17.81 -10.76
C ASP E 268 -5.43 17.56 -11.68
N GLU E 269 -5.60 16.32 -12.14
CA GLU E 269 -6.71 15.97 -13.02
C GLU E 269 -8.05 16.11 -12.33
N MET E 270 -8.10 16.39 -11.03
CA MET E 270 -9.36 16.71 -10.38
C MET E 270 -9.82 18.13 -10.68
N LYS E 271 -9.05 18.93 -11.42
CA LYS E 271 -9.57 20.17 -11.96
C LYS E 271 -10.65 19.93 -13.02
N PHE E 272 -10.76 18.70 -13.52
CA PHE E 272 -11.77 18.36 -14.51
C PHE E 272 -13.09 17.90 -13.89
N ASP E 273 -13.23 17.99 -12.57
CA ASP E 273 -14.44 17.54 -11.91
C ASP E 273 -15.58 18.55 -12.01
N MET E 274 -15.38 19.64 -12.74
CA MET E 274 -16.49 20.52 -13.09
C MET E 274 -16.86 20.38 -14.56
N CYS E 275 -16.35 19.34 -15.24
CA CYS E 275 -16.66 19.14 -16.64
C CYS E 275 -18.14 18.88 -16.86
N GLY E 276 -18.82 18.27 -15.87
CA GLY E 276 -20.25 18.15 -15.95
C GLY E 276 -20.93 19.51 -16.01
N ALA E 277 -20.49 20.44 -15.16
CA ALA E 277 -20.97 21.80 -15.26
C ALA E 277 -20.60 22.42 -16.61
N ALA E 278 -19.37 22.21 -17.07
CA ALA E 278 -18.97 22.76 -18.36
C ALA E 278 -19.79 22.17 -19.50
N THR E 279 -20.05 20.86 -19.46
CA THR E 279 -20.87 20.23 -20.49
C THR E 279 -22.24 20.89 -20.56
N VAL E 280 -22.87 21.09 -19.40
CA VAL E 280 -24.22 21.63 -19.36
C VAL E 280 -24.24 23.07 -19.84
N ILE E 281 -23.28 23.89 -19.35
CA ILE E 281 -23.20 25.28 -19.77
C ILE E 281 -22.95 25.38 -21.27
N SER E 282 -22.05 24.55 -21.79
CA SER E 282 -21.68 24.66 -23.20
C SER E 282 -22.80 24.19 -24.11
N THR E 283 -23.45 23.08 -23.75
CA THR E 283 -24.56 22.59 -24.56
C THR E 283 -25.72 23.59 -24.56
N PHE E 284 -26.01 24.19 -23.40
CA PHE E 284 -27.04 25.21 -23.32
C PHE E 284 -26.76 26.35 -24.30
N CYS E 285 -25.54 26.88 -24.25
CA CYS E 285 -25.19 27.99 -25.15
C CYS E 285 -25.22 27.55 -26.61
N ALA E 286 -24.71 26.35 -26.90
CA ALA E 286 -24.74 25.86 -28.27
C ALA E 286 -26.17 25.73 -28.77
N ALA E 287 -27.09 25.27 -27.92
CA ALA E 287 -28.48 25.20 -28.32
C ALA E 287 -29.05 26.59 -28.62
N VAL E 288 -28.74 27.57 -27.78
CA VAL E 288 -29.21 28.93 -28.01
C VAL E 288 -28.62 29.51 -29.29
N LYS E 289 -27.34 29.24 -29.55
CA LYS E 289 -26.72 29.73 -30.77
C LYS E 289 -27.39 29.13 -31.99
N LEU E 290 -27.81 27.88 -31.91
CA LEU E 290 -28.54 27.25 -33.01
C LEU E 290 -29.98 27.73 -33.12
N GLN E 291 -30.48 28.45 -32.11
CA GLN E 291 -31.88 28.86 -32.03
C GLN E 291 -32.81 27.67 -32.15
N LEU E 292 -32.53 26.62 -31.35
CA LEU E 292 -33.37 25.43 -31.39
C LEU E 292 -34.76 25.76 -30.86
N PRO E 293 -35.81 25.19 -31.45
CA PRO E 293 -37.20 25.49 -31.03
C PRO E 293 -37.61 24.71 -29.78
N ILE E 294 -36.83 24.86 -28.71
CA ILE E 294 -37.03 24.12 -27.48
C ILE E 294 -37.00 25.07 -26.28
N ASN E 295 -37.58 24.61 -25.18
CA ASN E 295 -37.44 25.27 -23.88
C ASN E 295 -36.39 24.53 -23.07
N LEU E 296 -35.32 25.22 -22.71
CA LEU E 296 -34.15 24.57 -22.12
C LEU E 296 -33.74 25.29 -20.84
N ILE E 297 -33.50 24.52 -19.78
CA ILE E 297 -33.04 25.04 -18.49
C ILE E 297 -31.72 24.36 -18.16
N ALA E 298 -30.72 25.14 -17.76
CA ALA E 298 -29.46 24.60 -17.30
C ALA E 298 -29.25 24.98 -15.84
N ILE E 299 -28.99 23.98 -15.00
CA ILE E 299 -28.73 24.19 -13.58
C ILE E 299 -27.34 23.66 -13.28
N VAL E 300 -26.52 24.50 -12.66
CA VAL E 300 -25.16 24.12 -12.28
C VAL E 300 -24.98 24.43 -10.81
N ALA E 301 -24.62 23.42 -10.04
CA ALA E 301 -24.21 23.60 -8.65
C ALA E 301 -22.69 23.52 -8.61
N THR E 302 -22.05 24.55 -8.09
CA THR E 302 -20.60 24.61 -8.11
C THR E 302 -20.05 25.02 -6.74
N CYS E 303 -18.99 24.35 -6.34
CA CYS E 303 -18.29 24.65 -5.09
C CYS E 303 -16.98 23.87 -5.09
N GLU E 304 -16.24 23.99 -3.99
CA GLU E 304 -14.98 23.29 -3.81
C GLU E 304 -15.07 22.31 -2.66
N ASN E 305 -14.44 21.15 -2.82
CA ASN E 305 -14.36 20.15 -1.75
C ASN E 305 -12.95 20.19 -1.18
N MET E 306 -12.78 20.93 -0.09
CA MET E 306 -11.48 21.13 0.53
C MET E 306 -11.49 20.60 1.95
N PRO E 307 -10.33 20.19 2.47
CA PRO E 307 -10.23 19.85 3.89
C PRO E 307 -9.95 21.10 4.72
N SER E 308 -10.59 21.16 5.88
CA SER E 308 -10.42 22.29 6.79
C SER E 308 -10.94 21.88 8.15
N GLY E 309 -10.75 22.76 9.13
CA GLY E 309 -11.31 22.51 10.45
C GLY E 309 -12.82 22.60 10.52
N ALA E 310 -13.49 22.93 9.42
CA ALA E 310 -14.95 23.05 9.41
C ALA E 310 -15.59 22.24 8.29
N ALA E 311 -14.85 21.33 7.69
CA ALA E 311 -15.31 20.57 6.53
C ALA E 311 -16.18 19.39 6.96
N ASN E 312 -16.89 18.83 5.98
CA ASN E 312 -17.66 17.60 6.17
C ASN E 312 -16.78 16.51 6.76
N LYS E 313 -17.29 15.84 7.81
CA LYS E 313 -16.62 14.71 8.45
C LYS E 313 -17.33 13.40 8.12
N PRO E 314 -16.59 12.30 7.95
CA PRO E 314 -17.25 11.00 7.82
C PRO E 314 -18.11 10.72 9.05
N GLY E 315 -19.37 10.34 8.81
CA GLY E 315 -20.33 10.15 9.86
C GLY E 315 -21.29 11.31 10.05
N ASP E 316 -20.99 12.48 9.50
CA ASP E 316 -21.94 13.57 9.52
C ASP E 316 -23.27 13.13 8.91
N VAL E 317 -24.36 13.67 9.45
CA VAL E 317 -25.69 13.47 8.87
C VAL E 317 -26.22 14.84 8.45
N VAL E 318 -26.52 15.00 7.17
CA VAL E 318 -26.93 16.28 6.62
C VAL E 318 -28.32 16.11 5.99
N LYS E 319 -29.10 17.19 6.02
CA LYS E 319 -30.46 17.17 5.51
C LYS E 319 -30.50 17.77 4.11
N SER E 320 -30.86 16.94 3.14
CA SER E 320 -30.93 17.34 1.73
C SER E 320 -32.06 18.34 1.49
N MET E 321 -32.07 18.90 0.29
CA MET E 321 -33.15 19.81 -0.08
C MET E 321 -34.49 19.08 -0.10
N LYS E 322 -34.51 17.84 -0.62
CA LYS E 322 -35.76 17.08 -0.63
C LYS E 322 -36.26 16.82 0.79
N GLY E 323 -35.36 16.65 1.75
CA GLY E 323 -35.72 16.35 3.12
C GLY E 323 -35.13 15.06 3.65
N LEU E 324 -34.74 14.15 2.76
CA LEU E 324 -34.06 12.94 3.21
C LEU E 324 -32.75 13.31 3.89
N THR E 325 -32.42 12.56 4.94
CA THR E 325 -31.13 12.73 5.60
C THR E 325 -30.12 11.78 5.00
N ILE E 326 -28.91 12.29 4.78
CA ILE E 326 -27.83 11.54 4.17
C ILE E 326 -26.71 11.36 5.21
N GLU E 327 -26.25 10.13 5.39
CA GLU E 327 -25.07 9.87 6.21
C GLU E 327 -23.85 9.95 5.30
N VAL E 328 -22.98 10.93 5.55
CA VAL E 328 -21.79 11.09 4.74
C VAL E 328 -20.71 10.15 5.23
N LEU E 329 -20.69 8.93 4.71
CA LEU E 329 -19.71 7.93 5.13
C LEU E 329 -18.33 8.22 4.55
N ASN E 330 -18.29 8.74 3.33
CA ASN E 330 -17.04 9.01 2.65
C ASN E 330 -17.16 10.39 2.03
N THR E 331 -16.31 11.31 2.46
CA THR E 331 -16.42 12.69 2.00
C THR E 331 -15.85 12.88 0.60
N ASP E 332 -15.23 11.86 0.02
CA ASP E 332 -14.81 11.92 -1.38
C ASP E 332 -15.95 11.62 -2.33
N ALA E 333 -17.05 11.06 -1.85
CA ALA E 333 -18.25 10.90 -2.66
C ALA E 333 -19.17 12.12 -2.50
N GLU E 334 -18.63 13.27 -2.90
CA GLU E 334 -19.28 14.55 -2.64
C GLU E 334 -20.05 15.08 -3.84
N GLY E 335 -19.73 14.65 -5.05
CA GLY E 335 -20.50 15.10 -6.21
C GLY E 335 -21.95 14.68 -6.10
N ARG E 336 -22.20 13.48 -5.58
CA ARG E 336 -23.58 13.05 -5.28
C ARG E 336 -24.28 14.06 -4.41
N LEU E 337 -23.57 14.65 -3.44
CA LEU E 337 -24.20 15.47 -2.43
C LEU E 337 -24.60 16.84 -2.94
N ILE E 338 -23.99 17.32 -4.03
CA ILE E 338 -24.41 18.59 -4.59
C ILE E 338 -25.40 18.31 -5.71
N LEU E 339 -25.27 17.15 -6.35
CA LEU E 339 -26.18 16.80 -7.44
C LEU E 339 -27.58 16.56 -6.94
N CYS E 340 -27.72 15.84 -5.83
CA CYS E 340 -29.05 15.48 -5.33
C CYS E 340 -29.86 16.72 -4.99
N ASP E 341 -29.21 17.76 -4.45
CA ASP E 341 -29.93 18.99 -4.16
C ASP E 341 -30.24 19.76 -5.43
N ALA E 342 -29.33 19.75 -6.39
CA ALA E 342 -29.62 20.39 -7.68
C ALA E 342 -30.75 19.68 -8.39
N LEU E 343 -30.83 18.35 -8.25
CA LEU E 343 -31.91 17.61 -8.88
C LEU E 343 -33.25 17.91 -8.22
N THR E 344 -33.26 18.08 -6.90
CA THR E 344 -34.49 18.52 -6.25
C THR E 344 -34.85 19.92 -6.71
N TYR E 345 -33.85 20.80 -6.84
CA TYR E 345 -34.09 22.15 -7.34
C TYR E 345 -34.75 22.11 -8.72
N ALA E 346 -34.44 21.10 -9.53
CA ALA E 346 -34.93 21.07 -10.90
C ALA E 346 -36.42 20.78 -10.97
N GLU E 347 -36.99 20.10 -9.98
CA GLU E 347 -38.37 19.66 -10.16
C GLU E 347 -39.39 20.81 -10.05
N GLN E 348 -38.96 22.00 -9.60
CA GLN E 348 -39.87 23.14 -9.60
C GLN E 348 -40.20 23.62 -11.00
N PHE E 349 -39.41 23.23 -12.00
CA PHE E 349 -39.64 23.62 -13.38
C PHE E 349 -40.60 22.70 -14.12
N LYS E 350 -41.19 21.72 -13.43
CA LYS E 350 -42.07 20.70 -13.99
C LYS E 350 -41.48 20.14 -15.29
N PRO E 351 -40.28 19.57 -15.24
CA PRO E 351 -39.55 19.29 -16.49
C PRO E 351 -40.11 18.11 -17.26
N LYS E 352 -39.95 18.21 -18.58
CA LYS E 352 -40.22 17.12 -19.49
C LYS E 352 -39.17 16.04 -19.37
N ALA E 353 -37.92 16.42 -19.10
CA ALA E 353 -36.82 15.50 -18.94
C ALA E 353 -35.70 16.21 -18.21
N VAL E 354 -35.01 15.48 -17.34
CA VAL E 354 -33.86 15.99 -16.60
C VAL E 354 -32.68 15.08 -16.91
N ILE E 355 -31.59 15.67 -17.42
CA ILE E 355 -30.36 14.92 -17.68
C ILE E 355 -29.26 15.58 -16.87
N ASP E 356 -28.65 14.80 -15.97
CA ASP E 356 -27.51 15.31 -15.20
C ASP E 356 -26.23 14.75 -15.79
N VAL E 357 -25.18 15.57 -15.77
CA VAL E 357 -23.88 15.23 -16.34
C VAL E 357 -22.84 15.39 -15.24
N ALA E 358 -22.04 14.36 -15.02
CA ALA E 358 -21.10 14.38 -13.90
C ALA E 358 -19.91 13.48 -14.15
N THR E 359 -18.73 13.96 -13.76
CA THR E 359 -17.54 13.13 -13.57
C THR E 359 -17.68 12.54 -12.17
N LEU E 360 -18.48 11.48 -12.06
CA LEU E 360 -18.98 11.07 -10.76
C LEU E 360 -18.10 10.00 -10.12
N THR E 361 -17.79 8.93 -10.84
CA THR E 361 -17.11 7.77 -10.26
C THR E 361 -15.96 7.33 -11.15
N GLY E 362 -14.83 7.01 -10.52
CA GLY E 362 -13.79 6.28 -11.22
C GLY E 362 -14.18 4.87 -11.59
N ALA E 363 -15.21 4.32 -10.93
CA ALA E 363 -15.65 2.97 -11.27
C ALA E 363 -16.22 2.90 -12.68
N CYS E 364 -16.74 4.02 -13.19
CA CYS E 364 -17.24 3.99 -14.57
C CYS E 364 -16.11 3.74 -15.55
N ILE E 365 -14.90 4.23 -15.27
CA ILE E 365 -13.77 3.93 -16.13
C ILE E 365 -13.47 2.44 -16.09
N VAL E 366 -13.54 1.83 -14.90
CA VAL E 366 -13.36 0.39 -14.80
C VAL E 366 -14.46 -0.34 -15.57
N ALA E 367 -15.67 0.21 -15.54
CA ALA E 367 -16.80 -0.46 -16.19
C ALA E 367 -16.72 -0.35 -17.70
N LEU E 368 -16.57 0.87 -18.22
CA LEU E 368 -16.73 1.11 -19.65
C LEU E 368 -15.49 1.69 -20.32
N GLY E 369 -14.49 2.14 -19.58
CA GLY E 369 -13.26 2.64 -20.16
C GLY E 369 -13.25 4.15 -20.30
N HIS E 370 -12.34 4.62 -21.15
CA HIS E 370 -12.11 6.05 -21.34
C HIS E 370 -12.81 6.62 -22.57
N ASP E 371 -13.51 5.81 -23.34
CA ASP E 371 -14.07 6.25 -24.60
C ASP E 371 -15.59 6.09 -24.67
N VAL E 372 -16.22 5.56 -23.64
CA VAL E 372 -17.66 5.33 -23.61
C VAL E 372 -18.22 5.91 -22.32
N SER E 373 -19.16 6.83 -22.44
CA SER E 373 -19.81 7.39 -21.25
C SER E 373 -20.88 6.42 -20.72
N GLY E 374 -21.12 6.49 -19.42
CA GLY E 374 -22.16 5.68 -18.80
C GLY E 374 -23.49 6.43 -18.73
N VAL E 375 -24.57 5.72 -19.04
CA VAL E 375 -25.92 6.26 -18.99
C VAL E 375 -26.77 5.43 -18.05
N MET E 376 -27.45 6.10 -17.12
CA MET E 376 -28.39 5.46 -16.22
C MET E 376 -29.59 6.39 -16.05
N GLY E 377 -30.74 5.82 -15.74
CA GLY E 377 -31.91 6.67 -15.56
C GLY E 377 -33.12 5.86 -15.17
N ASN E 378 -34.23 6.58 -14.98
CA ASN E 378 -35.51 6.00 -14.60
C ASN E 378 -36.52 5.96 -15.73
N ASN E 379 -36.17 6.47 -16.92
CA ASN E 379 -37.10 6.54 -18.04
C ASN E 379 -36.41 5.98 -19.28
N GLN E 380 -36.85 4.81 -19.74
CA GLN E 380 -36.14 4.14 -20.82
C GLN E 380 -36.28 4.89 -22.15
N ASP E 381 -37.38 5.62 -22.36
CA ASP E 381 -37.49 6.44 -23.56
C ASP E 381 -36.44 7.55 -23.58
N LEU E 382 -36.19 8.17 -22.43
CA LEU E 382 -35.18 9.21 -22.35
C LEU E 382 -33.79 8.62 -22.58
N ILE E 383 -33.51 7.45 -21.99
CA ILE E 383 -32.22 6.79 -22.19
C ILE E 383 -32.04 6.42 -23.65
N ASP E 384 -33.09 5.89 -24.28
CA ASP E 384 -33.00 5.53 -25.69
C ASP E 384 -32.75 6.77 -26.56
N SER E 385 -33.33 7.91 -26.19
CA SER E 385 -33.04 9.14 -26.93
C SER E 385 -31.57 9.50 -26.82
N LEU E 386 -31.00 9.41 -25.62
CA LEU E 386 -29.59 9.75 -25.43
C LEU E 386 -28.69 8.76 -26.15
N LEU E 387 -29.05 7.46 -26.13
CA LEU E 387 -28.29 6.47 -26.88
C LEU E 387 -28.39 6.69 -28.38
N ALA E 388 -29.55 7.14 -28.86
CA ALA E 388 -29.68 7.45 -30.29
C ALA E 388 -28.75 8.58 -30.70
N ALA E 389 -28.76 9.67 -29.93
CA ALA E 389 -27.84 10.78 -30.22
C ALA E 389 -26.39 10.33 -30.08
N SER E 390 -26.12 9.46 -29.10
CA SER E 390 -24.80 8.86 -28.97
C SER E 390 -24.38 8.20 -30.28
N TYR E 391 -25.28 7.46 -30.90
CA TYR E 391 -24.98 6.79 -32.17
C TYR E 391 -24.93 7.76 -33.34
N ASN E 392 -25.75 8.80 -33.33
CA ASN E 392 -25.82 9.71 -34.46
C ASN E 392 -24.48 10.40 -34.70
N VAL E 393 -23.78 10.76 -33.63
CA VAL E 393 -22.52 11.50 -33.73
C VAL E 393 -21.32 10.67 -33.33
N ASP E 394 -21.51 9.41 -32.94
CA ASP E 394 -20.40 8.54 -32.50
C ASP E 394 -19.65 9.14 -31.31
N ASP E 395 -20.40 9.72 -30.38
CA ASP E 395 -19.89 10.08 -29.05
C ASP E 395 -20.41 8.98 -28.14
N LYS E 396 -19.63 7.91 -28.03
CA LYS E 396 -20.18 6.62 -27.61
C LYS E 396 -20.66 6.62 -26.16
N ALA E 397 -21.76 5.93 -25.93
CA ALA E 397 -22.34 5.80 -24.60
C ALA E 397 -22.98 4.43 -24.47
N TRP E 398 -23.13 3.98 -23.22
CA TRP E 398 -23.73 2.69 -22.95
C TRP E 398 -24.54 2.77 -21.67
N GLN E 399 -25.66 2.05 -21.64
CA GLN E 399 -26.56 2.06 -20.51
C GLN E 399 -26.13 1.07 -19.45
N LEU E 400 -26.17 1.50 -18.19
CA LEU E 400 -26.03 0.59 -17.07
C LEU E 400 -27.36 0.50 -16.32
N PRO E 401 -27.66 -0.66 -15.73
CA PRO E 401 -29.00 -0.88 -15.20
C PRO E 401 -29.19 -0.26 -13.82
N LEU E 402 -30.38 0.29 -13.60
CA LEU E 402 -30.77 0.73 -12.26
C LEU E 402 -31.78 -0.24 -11.65
N PHE E 403 -31.41 -1.51 -11.52
CA PHE E 403 -32.26 -2.49 -10.85
C PHE E 403 -32.55 -2.05 -9.42
N GLU E 404 -33.69 -2.50 -8.90
CA GLU E 404 -34.03 -2.14 -7.52
C GLU E 404 -33.12 -2.81 -6.52
N THR E 405 -32.45 -3.90 -6.90
CA THR E 405 -31.58 -4.61 -5.96
C THR E 405 -30.35 -3.80 -5.59
N TYR E 406 -29.96 -2.81 -6.40
CA TYR E 406 -28.85 -1.95 -6.01
C TYR E 406 -29.19 -1.08 -4.81
N LYS E 407 -30.47 -0.76 -4.62
CA LYS E 407 -30.85 -0.01 -3.42
C LYS E 407 -30.57 -0.81 -2.15
N ASP E 408 -30.45 -2.14 -2.24
CA ASP E 408 -30.07 -2.93 -1.08
C ASP E 408 -28.64 -2.67 -0.62
N GLN E 409 -27.79 -2.14 -1.49
CA GLN E 409 -26.43 -1.82 -1.09
C GLN E 409 -26.34 -0.47 -0.40
N LEU E 410 -27.43 0.28 -0.31
CA LEU E 410 -27.47 1.61 0.27
C LEU E 410 -28.34 1.59 1.52
N LYS E 411 -27.77 1.16 2.64
CA LYS E 411 -28.47 1.13 3.92
C LYS E 411 -27.65 1.85 4.98
N SER E 412 -28.36 2.51 5.90
CA SER E 412 -27.73 3.20 7.03
C SER E 412 -28.61 3.04 8.26
N ASN E 413 -27.99 2.75 9.40
CA ASN E 413 -28.70 2.67 10.66
C ASN E 413 -28.87 4.02 11.33
N PHE E 414 -28.50 5.12 10.66
CA PHE E 414 -28.50 6.44 11.26
C PHE E 414 -29.26 7.47 10.45
N ALA E 415 -29.18 7.43 9.12
CA ALA E 415 -29.86 8.38 8.25
C ALA E 415 -30.78 7.63 7.30
N ASP E 416 -31.53 8.39 6.49
CA ASP E 416 -32.39 7.77 5.49
C ASP E 416 -31.59 7.02 4.44
N ILE E 417 -30.49 7.60 3.96
CA ILE E 417 -29.62 6.92 2.99
C ILE E 417 -28.17 7.30 3.26
N PRO E 418 -27.27 6.35 3.03
CA PRO E 418 -25.84 6.67 3.05
C PRO E 418 -25.39 7.22 1.70
N ASN E 419 -24.30 7.97 1.71
CA ASN E 419 -23.85 8.52 0.44
C ASN E 419 -23.05 7.52 -0.40
N ILE E 420 -22.60 6.42 0.18
CA ILE E 420 -21.96 5.34 -0.57
C ILE E 420 -22.59 4.02 -0.17
N GLY E 421 -22.44 3.02 -1.03
CA GLY E 421 -22.96 1.70 -0.76
C GLY E 421 -21.85 0.71 -0.45
N THR E 422 -22.26 -0.51 -0.08
CA THR E 422 -21.33 -1.61 0.09
C THR E 422 -20.59 -1.85 -1.23
N PRO E 423 -19.40 -2.46 -1.17
CA PRO E 423 -18.56 -2.55 -2.38
C PRO E 423 -19.26 -3.26 -3.54
N GLY E 424 -18.93 -2.82 -4.75
CA GLY E 424 -19.45 -3.36 -5.99
C GLY E 424 -20.35 -2.35 -6.67
N ALA E 425 -20.28 -2.31 -8.00
CA ALA E 425 -21.17 -1.48 -8.82
C ALA E 425 -21.09 0.00 -8.42
N GLY E 426 -19.86 0.52 -8.35
CA GLY E 426 -19.68 1.88 -7.86
C GLY E 426 -20.45 2.91 -8.67
N THR E 427 -20.45 2.77 -9.99
CA THR E 427 -21.17 3.73 -10.83
C THR E 427 -22.68 3.59 -10.66
N ILE E 428 -23.18 2.35 -10.64
CA ILE E 428 -24.62 2.14 -10.51
C ILE E 428 -25.09 2.55 -9.12
N THR E 429 -24.29 2.26 -8.09
CA THR E 429 -24.63 2.65 -6.74
C THR E 429 -24.79 4.17 -6.62
N ALA E 430 -23.86 4.91 -7.22
CA ALA E 430 -23.93 6.37 -7.20
C ALA E 430 -25.18 6.86 -7.91
N ALA E 431 -25.49 6.30 -9.07
CA ALA E 431 -26.73 6.64 -9.77
C ALA E 431 -27.95 6.25 -8.93
N THR E 432 -27.89 5.10 -8.26
CA THR E 432 -29.00 4.69 -7.42
C THR E 432 -29.24 5.68 -6.30
N PHE E 433 -28.16 6.15 -5.65
CA PHE E 433 -28.29 7.23 -4.68
C PHE E 433 -29.05 8.41 -5.28
N LEU E 434 -28.64 8.85 -6.47
CA LEU E 434 -29.30 9.99 -7.10
C LEU E 434 -30.75 9.70 -7.40
N SER E 435 -31.09 8.45 -7.72
CA SER E 435 -32.44 8.12 -8.15
C SER E 435 -33.46 8.39 -7.05
N TYR E 436 -33.02 8.45 -5.78
CA TYR E 436 -33.94 8.80 -4.70
C TYR E 436 -34.44 10.23 -4.82
N PHE E 437 -33.76 11.07 -5.60
CA PHE E 437 -34.11 12.48 -5.72
C PHE E 437 -34.73 12.84 -7.06
N THR E 438 -34.91 11.86 -7.96
CA THR E 438 -35.42 12.14 -9.30
C THR E 438 -36.68 11.35 -9.62
N GLU E 439 -37.39 10.85 -8.61
CA GLU E 439 -38.56 10.01 -8.88
C GLU E 439 -39.74 10.80 -9.45
N GLY E 440 -39.67 12.13 -9.47
CA GLY E 440 -40.77 12.95 -9.89
C GLY E 440 -40.75 13.43 -11.33
N TYR E 441 -39.79 12.99 -12.13
CA TYR E 441 -39.72 13.40 -13.52
C TYR E 441 -38.90 12.36 -14.28
N PRO E 442 -39.04 12.31 -15.61
CA PRO E 442 -38.14 11.46 -16.41
C PRO E 442 -36.71 11.97 -16.31
N TRP E 443 -35.80 11.07 -15.95
CA TRP E 443 -34.45 11.47 -15.59
C TRP E 443 -33.42 10.48 -16.13
N ALA E 444 -32.30 11.02 -16.59
CA ALA E 444 -31.17 10.20 -16.99
C ALA E 444 -29.88 10.86 -16.51
N HIS E 445 -28.85 10.03 -16.34
CA HIS E 445 -27.61 10.43 -15.71
C HIS E 445 -26.45 10.01 -16.60
N LEU E 446 -25.55 10.95 -16.90
CA LEU E 446 -24.37 10.70 -17.73
C LEU E 446 -23.12 10.75 -16.86
N ASP E 447 -22.48 9.59 -16.70
CA ASP E 447 -21.21 9.51 -15.99
C ASP E 447 -20.09 9.64 -17.02
N ILE E 448 -19.43 10.79 -17.04
CA ILE E 448 -18.43 11.11 -18.04
C ILE E 448 -17.03 11.12 -17.45
N ALA E 449 -16.82 10.39 -16.35
CA ALA E 449 -15.55 10.39 -15.65
C ALA E 449 -14.38 9.90 -16.52
N GLY E 450 -14.66 9.15 -17.58
CA GLY E 450 -13.60 8.66 -18.44
C GLY E 450 -13.47 9.44 -19.74
N THR E 451 -14.56 10.03 -20.20
CA THR E 451 -14.58 10.63 -21.52
C THR E 451 -14.35 12.14 -21.50
N ALA E 452 -14.42 12.78 -20.33
CA ALA E 452 -14.33 14.23 -20.30
C ALA E 452 -12.90 14.75 -20.49
N TRP E 453 -11.88 13.91 -20.30
CA TRP E 453 -10.51 14.40 -20.44
C TRP E 453 -9.58 13.26 -20.85
N LYS E 454 -8.40 13.65 -21.33
CA LYS E 454 -7.33 12.74 -21.72
C LYS E 454 -6.12 12.97 -20.80
N SER E 455 -5.19 12.03 -20.84
CA SER E 455 -4.00 12.10 -20.00
C SER E 455 -2.75 12.05 -20.85
N GLY E 456 -1.59 12.08 -20.19
CA GLY E 456 -0.34 11.93 -20.88
C GLY E 456 0.05 13.20 -21.63
N ALA E 457 0.70 13.00 -22.78
CA ALA E 457 1.21 14.12 -23.56
C ALA E 457 0.10 15.06 -24.02
N GLU E 458 -1.11 14.53 -24.21
CA GLU E 458 -2.22 15.34 -24.70
C GLU E 458 -3.22 15.66 -23.60
N LYS E 459 -2.75 15.75 -22.36
CA LYS E 459 -3.63 15.99 -21.22
C LYS E 459 -4.45 17.26 -21.43
N GLY E 460 -5.77 17.11 -21.33
CA GLY E 460 -6.66 18.24 -21.47
C GLY E 460 -8.10 17.77 -21.56
N ALA E 461 -9.00 18.75 -21.54
CA ALA E 461 -10.41 18.45 -21.70
C ALA E 461 -10.72 18.07 -23.15
N THR E 462 -11.68 17.15 -23.31
CA THR E 462 -12.07 16.69 -24.64
C THR E 462 -13.32 17.37 -25.18
N GLY E 463 -14.16 17.94 -24.33
CA GLY E 463 -15.42 18.48 -24.78
C GLY E 463 -16.56 17.49 -24.87
N ARG E 464 -16.33 16.24 -24.56
CA ARG E 464 -17.42 15.29 -24.54
C ARG E 464 -18.14 15.34 -23.19
N PRO E 465 -19.45 15.04 -23.15
CA PRO E 465 -20.33 14.58 -24.22
C PRO E 465 -21.13 15.71 -24.84
N VAL E 466 -20.54 16.88 -25.08
CA VAL E 466 -21.27 17.96 -25.76
C VAL E 466 -21.82 17.50 -27.11
N PRO E 467 -21.08 16.76 -27.95
CA PRO E 467 -21.69 16.28 -29.20
C PRO E 467 -22.95 15.45 -28.99
N LEU E 468 -22.92 14.51 -28.05
CA LEU E 468 -24.11 13.71 -27.74
C LEU E 468 -25.25 14.60 -27.30
N LEU E 469 -25.01 15.43 -26.28
CA LEU E 469 -26.09 16.24 -25.72
C LEU E 469 -26.65 17.19 -26.74
N MET E 470 -25.80 17.82 -27.53
CA MET E 470 -26.30 18.77 -28.53
C MET E 470 -27.13 18.03 -29.57
N ASN E 471 -26.73 16.82 -29.95
CA ASN E 471 -27.52 16.05 -30.90
C ASN E 471 -28.86 15.64 -30.29
N TYR E 472 -28.86 15.23 -29.02
CA TYR E 472 -30.11 14.91 -28.34
C TYR E 472 -31.08 16.07 -28.43
N LEU E 473 -30.58 17.31 -28.28
CA LEU E 473 -31.47 18.46 -28.33
C LEU E 473 -31.96 18.74 -29.74
N ARG E 474 -31.10 18.57 -30.76
CA ARG E 474 -31.54 18.83 -32.12
C ARG E 474 -32.64 17.85 -32.56
N ASN E 475 -32.67 16.66 -31.96
CA ASN E 475 -33.62 15.63 -32.34
C ASN E 475 -34.82 15.56 -31.40
N LEU E 476 -34.95 16.52 -30.48
CA LEU E 476 -36.08 16.56 -29.55
C LEU E 476 -37.39 16.68 -30.31
N HIS F 8 -32.45 -35.18 -3.43
CA HIS F 8 -32.67 -35.55 -2.04
C HIS F 8 -34.05 -35.07 -1.56
N MET F 9 -34.67 -34.20 -2.37
CA MET F 9 -35.98 -33.63 -2.09
C MET F 9 -36.99 -34.10 -3.13
N GLU F 10 -38.24 -34.28 -2.70
CA GLU F 10 -39.31 -34.80 -3.56
C GLU F 10 -40.48 -33.83 -3.60
N PHE F 11 -41.04 -33.64 -4.80
CA PHE F 11 -42.20 -32.78 -4.99
C PHE F 11 -43.32 -33.59 -5.64
N SER F 12 -44.52 -33.45 -5.09
CA SER F 12 -45.69 -34.16 -5.60
C SER F 12 -46.86 -33.19 -5.66
N THR F 13 -48.00 -33.68 -6.12
CA THR F 13 -49.18 -32.85 -6.37
C THR F 13 -50.42 -33.55 -5.83
N LYS F 14 -51.37 -32.74 -5.38
CA LYS F 14 -52.71 -33.19 -5.01
C LYS F 14 -53.71 -32.20 -5.62
N THR F 15 -54.95 -32.65 -5.81
CA THR F 15 -55.94 -31.78 -6.41
C THR F 15 -56.87 -31.11 -5.40
N GLU F 16 -57.14 -31.75 -4.28
CA GLU F 16 -58.06 -31.18 -3.29
C GLU F 16 -57.42 -30.05 -2.49
N ILE F 17 -58.27 -29.28 -1.82
CA ILE F 17 -57.79 -28.24 -0.92
C ILE F 17 -57.08 -28.86 0.26
N LEU F 18 -56.08 -28.15 0.78
CA LEU F 18 -55.39 -28.59 1.98
C LEU F 18 -56.32 -28.48 3.18
N GLN F 19 -56.75 -29.61 3.72
CA GLN F 19 -57.66 -29.62 4.84
C GLN F 19 -56.89 -29.42 6.15
N GLU F 20 -57.55 -28.79 7.12
CA GLU F 20 -56.91 -28.42 8.38
C GLU F 20 -56.42 -29.64 9.16
N GLN F 21 -56.98 -30.82 8.93
CA GLN F 21 -56.60 -32.03 9.64
C GLN F 21 -55.43 -32.75 8.99
N GLN F 22 -54.89 -32.21 7.89
CA GLN F 22 -53.76 -32.85 7.23
C GLN F 22 -52.56 -32.86 8.16
N ALA F 23 -51.89 -34.00 8.25
CA ALA F 23 -50.72 -34.12 9.08
C ALA F 23 -49.53 -33.46 8.39
N GLY F 24 -48.62 -32.92 9.20
CA GLY F 24 -47.43 -32.27 8.70
C GLY F 24 -47.57 -30.77 8.72
N ALA F 25 -46.53 -30.10 8.20
CA ALA F 25 -46.56 -28.65 8.13
C ALA F 25 -47.44 -28.20 6.98
N GLN F 26 -48.11 -27.07 7.18
CA GLN F 26 -49.11 -26.54 6.26
C GLN F 26 -48.70 -25.13 5.86
N LEU F 27 -48.56 -24.88 4.56
CA LEU F 27 -48.24 -23.56 4.03
C LEU F 27 -49.32 -23.16 3.03
N PHE F 28 -49.90 -21.98 3.24
CA PHE F 28 -50.93 -21.44 2.37
C PHE F 28 -50.35 -20.24 1.63
N VAL F 29 -50.13 -20.40 0.33
CA VAL F 29 -49.67 -19.30 -0.52
C VAL F 29 -50.92 -18.53 -0.95
N CYS F 30 -51.10 -17.34 -0.41
CA CYS F 30 -52.30 -16.56 -0.63
C CYS F 30 -52.03 -15.36 -1.52
N ALA F 31 -53.10 -14.77 -2.04
CA ALA F 31 -52.97 -13.54 -2.79
C ALA F 31 -53.42 -12.36 -1.93
N ASP F 32 -54.71 -12.06 -1.96
CA ASP F 32 -55.29 -10.98 -1.16
C ASP F 32 -56.31 -11.46 -0.14
N LYS F 33 -56.81 -12.69 -0.25
CA LYS F 33 -57.80 -13.24 0.65
C LYS F 33 -57.16 -14.24 1.60
N ALA F 34 -57.57 -14.20 2.86
CA ALA F 34 -57.10 -15.15 3.85
C ALA F 34 -57.59 -16.56 3.52
N PRO F 35 -56.83 -17.58 3.92
CA PRO F 35 -57.30 -18.96 3.77
C PRO F 35 -58.59 -19.18 4.53
N GLU F 36 -59.52 -19.92 3.91
CA GLU F 36 -60.89 -19.99 4.41
C GLU F 36 -61.04 -21.03 5.52
N HIS F 37 -60.63 -22.26 5.27
CA HIS F 37 -60.92 -23.32 6.23
C HIS F 37 -59.70 -23.81 7.00
N ASN F 38 -58.91 -22.86 7.51
CA ASN F 38 -57.82 -23.18 8.43
C ASN F 38 -57.76 -22.06 9.47
N THR F 39 -58.05 -22.39 10.72
CA THR F 39 -58.15 -21.35 11.73
C THR F 39 -56.81 -20.67 11.95
N ALA F 40 -55.74 -21.45 12.13
CA ALA F 40 -54.43 -20.87 12.38
C ALA F 40 -53.95 -20.08 11.17
N ALA F 41 -54.14 -20.62 9.96
CA ALA F 41 -53.71 -19.93 8.77
C ALA F 41 -54.51 -18.65 8.54
N HIS F 42 -55.79 -18.64 8.93
CA HIS F 42 -56.58 -17.42 8.84
C HIS F 42 -56.06 -16.36 9.80
N ALA F 43 -55.73 -16.77 11.03
CA ALA F 43 -55.25 -15.83 12.02
C ALA F 43 -53.92 -15.21 11.61
N LEU F 44 -53.02 -16.01 11.04
CA LEU F 44 -51.73 -15.49 10.59
C LEU F 44 -51.92 -14.46 9.49
N PHE F 45 -52.75 -14.77 8.49
CA PHE F 45 -52.94 -13.85 7.37
C PHE F 45 -53.55 -12.55 7.83
N SER F 46 -54.49 -12.62 8.78
CA SER F 46 -55.17 -11.41 9.24
C SER F 46 -54.24 -10.45 9.97
N ALA F 47 -53.16 -10.97 10.56
CA ALA F 47 -52.26 -10.16 11.37
C ALA F 47 -51.05 -9.63 10.60
N LEU F 48 -50.96 -9.92 9.30
CA LEU F 48 -49.82 -9.47 8.52
C LEU F 48 -49.74 -7.95 8.49
N GLU F 49 -48.54 -7.42 8.71
CA GLU F 49 -48.33 -5.99 8.82
C GLU F 49 -48.10 -5.41 7.41
N GLU F 50 -47.57 -4.19 7.32
CA GLU F 50 -47.56 -3.48 6.06
C GLU F 50 -46.66 -4.15 5.04
N GLY F 51 -45.41 -4.40 5.40
CA GLY F 51 -44.50 -5.06 4.50
C GLY F 51 -44.34 -6.53 4.75
N GLN F 52 -45.04 -7.08 5.74
CA GLN F 52 -44.88 -8.48 6.10
C GLN F 52 -45.56 -9.36 5.06
N ASN F 53 -44.84 -10.36 4.58
CA ASN F 53 -45.38 -11.28 3.58
C ASN F 53 -45.20 -12.74 3.93
N PHE F 54 -44.61 -13.04 5.07
CA PHE F 54 -44.52 -14.41 5.56
C PHE F 54 -44.77 -14.39 7.06
N SER F 55 -45.46 -15.42 7.54
CA SER F 55 -45.73 -15.57 8.95
C SER F 55 -45.97 -17.05 9.22
N ASP F 56 -45.47 -17.52 10.36
CA ASP F 56 -45.59 -18.92 10.74
C ASP F 56 -45.90 -19.04 12.23
N THR F 57 -46.39 -20.20 12.62
CA THR F 57 -46.68 -20.50 14.02
C THR F 57 -46.62 -22.01 14.23
N LYS F 58 -46.70 -22.41 15.50
CA LYS F 58 -46.73 -23.82 15.89
C LYS F 58 -47.97 -24.05 16.75
N ILE F 59 -48.91 -24.85 16.26
CA ILE F 59 -50.19 -25.09 16.94
C ILE F 59 -50.07 -26.39 17.71
N PRO F 60 -50.40 -26.40 19.01
CA PRO F 60 -50.37 -27.66 19.76
C PRO F 60 -51.53 -28.56 19.35
N THR F 61 -51.18 -29.79 18.97
CA THR F 61 -52.14 -30.83 18.63
C THR F 61 -51.85 -32.07 19.46
N ASP F 62 -52.68 -33.10 19.28
CA ASP F 62 -52.46 -34.36 19.98
C ASP F 62 -51.24 -35.11 19.46
N ASN F 63 -50.81 -34.83 18.24
CA ASN F 63 -49.64 -35.48 17.65
C ASN F 63 -48.41 -34.56 17.63
N GLY F 64 -48.36 -33.60 18.54
CA GLY F 64 -47.22 -32.71 18.66
C GLY F 64 -47.54 -31.31 18.18
N LEU F 65 -46.49 -30.52 18.00
CA LEU F 65 -46.63 -29.16 17.50
C LEU F 65 -46.72 -29.18 15.98
N GLN F 66 -47.73 -28.52 15.43
CA GLN F 66 -47.94 -28.48 13.99
C GLN F 66 -47.56 -27.11 13.45
N ALA F 67 -46.76 -27.08 12.39
CA ALA F 67 -46.28 -25.84 11.81
C ALA F 67 -47.26 -25.36 10.74
N VAL F 68 -47.73 -24.13 10.88
CA VAL F 68 -48.65 -23.49 9.94
C VAL F 68 -48.04 -22.17 9.51
N ALA F 69 -48.07 -21.89 8.21
CA ALA F 69 -47.50 -20.65 7.69
C ALA F 69 -48.35 -20.12 6.54
N VAL F 70 -48.22 -18.82 6.29
CA VAL F 70 -48.91 -18.17 5.18
C VAL F 70 -47.91 -17.31 4.42
N VAL F 71 -48.19 -17.11 3.13
CA VAL F 71 -47.48 -16.18 2.27
C VAL F 71 -48.51 -15.29 1.60
N ARG F 72 -48.25 -13.98 1.59
CA ARG F 72 -49.08 -13.00 0.89
C ARG F 72 -48.32 -12.56 -0.36
N LEU F 73 -48.84 -12.90 -1.52
CA LEU F 73 -48.29 -12.49 -2.81
C LEU F 73 -49.19 -11.41 -3.39
N GLU F 74 -48.79 -10.15 -3.24
CA GLU F 74 -49.54 -9.07 -3.87
C GLU F 74 -49.14 -8.90 -5.33
N LYS F 75 -47.84 -8.83 -5.60
CA LYS F 75 -47.37 -8.68 -6.96
C LYS F 75 -47.22 -10.05 -7.62
N THR F 76 -47.11 -10.04 -8.93
CA THR F 76 -47.10 -11.30 -9.68
C THR F 76 -45.79 -11.58 -10.39
N ASP F 77 -44.87 -10.61 -10.45
CA ASP F 77 -43.61 -10.76 -11.15
C ASP F 77 -42.73 -11.83 -10.51
N ARG F 78 -41.84 -12.42 -11.31
CA ARG F 78 -41.00 -13.50 -10.79
C ARG F 78 -40.06 -13.02 -9.70
N ALA F 79 -39.59 -11.77 -9.77
CA ALA F 79 -38.69 -11.28 -8.74
C ALA F 79 -39.38 -11.27 -7.39
N ALA F 80 -40.60 -10.75 -7.33
CA ALA F 80 -41.36 -10.77 -6.08
C ALA F 80 -41.65 -12.20 -5.66
N LEU F 81 -41.89 -13.07 -6.63
CA LEU F 81 -42.19 -14.47 -6.36
C LEU F 81 -41.00 -15.19 -5.76
N ASN F 82 -39.82 -15.02 -6.37
CA ASN F 82 -38.61 -15.63 -5.81
C ASN F 82 -38.34 -15.14 -4.40
N LYS F 83 -38.58 -13.84 -4.14
CA LYS F 83 -38.29 -13.29 -2.83
C LYS F 83 -39.20 -13.88 -1.77
N ALA F 84 -40.50 -14.00 -2.06
CA ALA F 84 -41.40 -14.65 -1.11
C ALA F 84 -41.04 -16.12 -0.94
N ALA F 85 -40.70 -16.81 -2.03
CA ALA F 85 -40.37 -18.22 -1.91
C ALA F 85 -39.11 -18.44 -1.09
N ALA F 86 -38.11 -17.55 -1.23
CA ALA F 86 -36.89 -17.71 -0.45
C ALA F 86 -37.16 -17.53 1.04
N GLU F 87 -37.99 -16.54 1.40
CA GLU F 87 -38.32 -16.34 2.80
C GLU F 87 -39.07 -17.54 3.37
N ALA F 88 -39.98 -18.11 2.58
CA ALA F 88 -40.72 -19.28 3.04
C ALA F 88 -39.80 -20.49 3.13
N ALA F 89 -38.76 -20.54 2.30
CA ALA F 89 -37.86 -21.67 2.30
C ALA F 89 -37.04 -21.75 3.59
N LYS F 90 -36.70 -20.59 4.19
CA LYS F 90 -35.96 -20.61 5.45
C LYS F 90 -36.77 -21.29 6.54
N TRP F 91 -38.09 -21.21 6.45
CA TRP F 91 -38.95 -21.93 7.38
C TRP F 91 -39.15 -23.37 6.95
N ALA F 92 -39.23 -23.62 5.63
CA ALA F 92 -39.60 -24.94 5.17
C ALA F 92 -38.52 -25.98 5.38
N GLN F 93 -37.24 -25.57 5.45
CA GLN F 93 -36.17 -26.55 5.56
C GLN F 93 -36.17 -27.25 6.90
N ASN F 94 -36.83 -26.69 7.91
CA ASN F 94 -36.94 -27.31 9.22
C ASN F 94 -38.23 -28.10 9.40
N GLN F 95 -38.96 -28.30 8.31
CA GLN F 95 -40.20 -29.07 8.33
C GLN F 95 -39.96 -30.31 7.49
N GLU F 96 -40.23 -31.49 8.05
CA GLU F 96 -39.98 -32.71 7.31
C GLU F 96 -40.87 -32.79 6.06
N THR F 97 -42.15 -32.47 6.21
CA THR F 97 -43.10 -32.52 5.11
C THR F 97 -43.90 -31.23 5.08
N VAL F 98 -43.95 -30.58 3.92
CA VAL F 98 -44.67 -29.33 3.74
C VAL F 98 -45.75 -29.54 2.68
N ASN F 99 -47.01 -29.33 3.07
CA ASN F 99 -48.12 -29.32 2.13
C ASN F 99 -48.47 -27.88 1.76
N VAL F 100 -48.32 -27.55 0.48
CA VAL F 100 -48.53 -26.20 -0.01
C VAL F 100 -49.86 -26.14 -0.73
N ASP F 101 -50.71 -25.21 -0.31
CA ASP F 101 -51.97 -24.94 -1.00
C ASP F 101 -51.78 -23.69 -1.85
N VAL F 102 -52.05 -23.82 -3.14
CA VAL F 102 -51.89 -22.71 -4.08
C VAL F 102 -53.19 -22.51 -4.85
N HIS F 103 -54.32 -22.79 -4.19
CA HIS F 103 -55.63 -22.72 -4.84
C HIS F 103 -56.07 -21.29 -5.13
N ALA F 104 -55.40 -20.29 -4.57
CA ALA F 104 -55.79 -18.91 -4.78
C ALA F 104 -55.30 -18.34 -6.09
N PHE F 105 -54.81 -19.16 -7.01
CA PHE F 105 -54.19 -18.70 -8.25
C PHE F 105 -54.72 -19.50 -9.43
N ASP F 106 -54.72 -18.86 -10.60
CA ASP F 106 -55.10 -19.53 -11.84
C ASP F 106 -53.99 -20.49 -12.27
N GLU F 107 -54.22 -21.15 -13.41
CA GLU F 107 -53.28 -22.18 -13.88
C GLU F 107 -51.88 -21.62 -14.06
N ALA F 108 -51.76 -20.47 -14.71
CA ALA F 108 -50.43 -19.96 -15.02
C ALA F 108 -49.69 -19.52 -13.77
N GLN F 109 -50.39 -18.80 -12.87
CA GLN F 109 -49.77 -18.36 -11.64
C GLN F 109 -49.48 -19.53 -10.72
N ALA F 110 -50.36 -20.54 -10.70
CA ALA F 110 -50.13 -21.69 -9.85
C ALA F 110 -48.87 -22.44 -10.27
N ALA F 111 -48.66 -22.58 -11.57
CA ALA F 111 -47.43 -23.21 -12.05
C ALA F 111 -46.22 -22.36 -11.67
N ALA F 112 -46.33 -21.04 -11.79
CA ALA F 112 -45.22 -20.18 -11.44
C ALA F 112 -44.91 -20.25 -9.95
N VAL F 113 -45.95 -20.23 -9.11
CA VAL F 113 -45.73 -20.31 -7.67
C VAL F 113 -45.08 -21.64 -7.31
N ALA F 114 -45.56 -22.75 -7.88
CA ALA F 114 -45.00 -24.05 -7.57
C ALA F 114 -43.54 -24.14 -7.99
N GLU F 115 -43.22 -23.65 -9.19
CA GLU F 115 -41.84 -23.70 -9.66
C GLU F 115 -40.93 -22.91 -8.73
N ALA F 116 -41.32 -21.69 -8.38
CA ALA F 116 -40.46 -20.85 -7.56
C ALA F 116 -40.33 -21.40 -6.14
N PHE F 117 -41.41 -21.92 -5.57
CA PHE F 117 -41.36 -22.41 -4.21
C PHE F 117 -40.62 -23.75 -4.14
N ALA F 118 -40.80 -24.62 -5.13
CA ALA F 118 -40.04 -25.86 -5.15
C ALA F 118 -38.55 -25.61 -5.35
N ILE F 119 -38.19 -24.66 -6.22
CA ILE F 119 -36.78 -24.33 -6.41
C ILE F 119 -36.18 -23.79 -5.12
N ALA F 120 -36.89 -22.87 -4.47
CA ALA F 120 -36.42 -22.32 -3.20
C ALA F 120 -36.30 -23.40 -2.12
N PHE F 121 -37.28 -24.30 -2.05
CA PHE F 121 -37.23 -25.37 -1.05
C PHE F 121 -36.00 -26.25 -1.24
N GLY F 122 -35.79 -26.73 -2.46
CA GLY F 122 -34.65 -27.61 -2.70
C GLY F 122 -33.33 -26.94 -2.42
N ASN F 123 -33.17 -25.68 -2.85
CA ASN F 123 -31.92 -24.98 -2.62
C ASN F 123 -31.72 -24.68 -1.14
N ALA F 124 -32.79 -24.46 -0.40
CA ALA F 124 -32.64 -24.19 1.02
C ALA F 124 -32.20 -25.43 1.78
N ALA F 125 -32.61 -26.61 1.32
CA ALA F 125 -32.24 -27.87 1.97
C ALA F 125 -30.81 -28.31 1.65
N TYR F 126 -30.14 -27.63 0.73
CA TYR F 126 -28.77 -27.99 0.36
C TYR F 126 -27.84 -27.84 1.57
N ARG F 127 -26.91 -28.80 1.71
CA ARG F 127 -25.85 -28.75 2.70
C ARG F 127 -24.56 -29.28 2.09
N PHE F 128 -23.44 -28.72 2.52
CA PHE F 128 -22.12 -29.23 2.15
C PHE F 128 -21.38 -29.62 3.44
N ASP F 129 -21.73 -30.79 3.98
CA ASP F 129 -21.14 -31.31 5.20
C ASP F 129 -20.04 -32.34 4.94
N ARG F 130 -19.51 -32.37 3.72
CA ARG F 130 -18.62 -33.45 3.31
C ARG F 130 -17.43 -33.61 4.26
N TYR F 131 -16.83 -32.49 4.68
CA TYR F 131 -15.61 -32.54 5.47
C TYR F 131 -15.84 -32.41 6.97
N LYS F 132 -17.09 -32.36 7.41
CA LYS F 132 -17.40 -32.07 8.80
C LYS F 132 -17.47 -33.37 9.60
N LYS F 133 -17.16 -33.27 10.91
CA LYS F 133 -17.21 -34.46 11.75
C LYS F 133 -18.62 -35.04 11.79
N GLU F 134 -19.60 -34.24 12.18
CA GLU F 134 -21.00 -34.66 12.17
C GLU F 134 -21.76 -33.93 11.08
N ALA F 135 -22.46 -34.69 10.24
CA ALA F 135 -23.32 -34.11 9.22
C ALA F 135 -24.59 -33.56 9.88
N LYS F 136 -24.97 -32.33 9.51
CA LYS F 136 -26.19 -31.68 10.00
C LYS F 136 -27.14 -31.41 8.84
N PRO F 137 -27.82 -32.43 8.32
CA PRO F 137 -28.72 -32.20 7.18
C PRO F 137 -30.02 -31.53 7.61
N ALA F 138 -30.71 -30.98 6.62
CA ALA F 138 -32.01 -30.36 6.86
C ALA F 138 -33.10 -31.43 6.97
N LYS F 139 -34.14 -31.11 7.73
CA LYS F 139 -35.24 -32.06 7.89
C LYS F 139 -36.11 -32.16 6.64
N PHE F 140 -36.09 -31.14 5.78
CA PHE F 140 -36.97 -31.10 4.62
C PHE F 140 -36.71 -32.27 3.68
N SER F 141 -37.77 -32.97 3.32
CA SER F 141 -37.70 -34.10 2.42
C SER F 141 -38.73 -34.03 1.29
N GLN F 142 -39.96 -33.60 1.59
CA GLN F 142 -41.05 -33.64 0.62
C GLN F 142 -41.92 -32.39 0.69
N ALA F 143 -42.33 -31.90 -0.47
CA ALA F 143 -43.30 -30.82 -0.60
C ALA F 143 -44.42 -31.30 -1.52
N VAL F 144 -45.66 -31.05 -1.11
CA VAL F 144 -46.85 -31.50 -1.83
C VAL F 144 -47.65 -30.26 -2.19
N PHE F 145 -47.88 -30.05 -3.49
CA PHE F 145 -48.55 -28.84 -3.97
C PHE F 145 -50.00 -29.15 -4.32
N HIS F 146 -50.93 -28.51 -3.62
CA HIS F 146 -52.35 -28.77 -3.82
C HIS F 146 -52.91 -27.74 -4.79
N SER F 147 -53.45 -28.22 -5.92
CA SER F 147 -53.90 -27.34 -6.99
C SER F 147 -54.87 -28.06 -7.90
N ALA F 148 -55.74 -27.29 -8.54
CA ALA F 148 -56.64 -27.78 -9.58
C ALA F 148 -56.01 -27.77 -10.97
N HIS F 149 -54.73 -27.44 -11.08
CA HIS F 149 -54.05 -27.39 -12.38
C HIS F 149 -52.90 -28.41 -12.38
N GLU F 150 -53.25 -29.70 -12.43
CA GLU F 150 -52.25 -30.75 -12.25
C GLU F 150 -51.19 -30.77 -13.34
N ALA F 151 -51.59 -30.60 -14.61
CA ALA F 151 -50.61 -30.66 -15.69
C ALA F 151 -49.58 -29.54 -15.56
N ALA F 152 -50.06 -28.31 -15.34
CA ALA F 152 -49.14 -27.17 -15.29
C ALA F 152 -48.25 -27.22 -14.07
N VAL F 153 -48.80 -27.65 -12.92
CA VAL F 153 -48.00 -27.73 -11.71
C VAL F 153 -46.98 -28.86 -11.83
N LYS F 154 -47.42 -30.00 -12.37
CA LYS F 154 -46.50 -31.13 -12.54
C LYS F 154 -45.31 -30.75 -13.39
N GLU F 155 -45.56 -30.03 -14.48
CA GLU F 155 -44.47 -29.64 -15.36
C GLU F 155 -43.56 -28.62 -14.68
N ALA F 156 -44.14 -27.71 -13.88
CA ALA F 156 -43.34 -26.76 -13.13
C ALA F 156 -42.41 -27.45 -12.15
N LEU F 157 -42.91 -28.50 -11.47
CA LEU F 157 -42.06 -29.23 -10.54
C LEU F 157 -40.97 -30.01 -11.27
N ARG F 158 -41.24 -30.43 -12.51
CA ARG F 158 -40.23 -31.12 -13.29
C ARG F 158 -39.09 -30.18 -13.65
N VAL F 159 -39.41 -28.95 -14.03
CA VAL F 159 -38.37 -27.95 -14.26
C VAL F 159 -37.63 -27.66 -12.96
N ALA F 160 -38.37 -27.51 -11.87
CA ALA F 160 -37.75 -27.21 -10.59
C ALA F 160 -36.77 -28.30 -10.17
N GLU F 161 -37.16 -29.57 -10.33
CA GLU F 161 -36.25 -30.66 -9.97
C GLU F 161 -34.98 -30.62 -10.80
N ALA F 162 -35.08 -30.22 -12.07
CA ALA F 162 -33.89 -30.17 -12.90
C ALA F 162 -33.00 -29.02 -12.49
N GLN F 163 -33.58 -27.85 -12.19
CA GLN F 163 -32.76 -26.71 -11.81
C GLN F 163 -32.10 -26.94 -10.45
N VAL F 164 -32.84 -27.47 -9.48
CA VAL F 164 -32.24 -27.77 -8.18
C VAL F 164 -31.15 -28.82 -8.33
N TYR F 165 -31.40 -29.83 -9.17
CA TYR F 165 -30.37 -30.84 -9.45
C TYR F 165 -29.09 -30.20 -9.97
N GLY F 166 -29.22 -29.26 -10.91
CA GLY F 166 -28.05 -28.62 -11.48
C GLY F 166 -27.33 -27.72 -10.49
N GLN F 167 -28.08 -26.89 -9.77
CA GLN F 167 -27.46 -25.97 -8.83
C GLN F 167 -26.77 -26.71 -7.69
N SER F 168 -27.35 -27.82 -7.22
CA SER F 168 -26.70 -28.59 -6.17
C SER F 168 -25.40 -29.19 -6.66
N LEU F 169 -25.39 -29.76 -7.87
CA LEU F 169 -24.15 -30.26 -8.47
C LEU F 169 -23.15 -29.13 -8.63
N CYS F 170 -23.62 -27.99 -9.11
CA CYS F 170 -22.76 -26.82 -9.29
C CYS F 170 -22.19 -26.36 -7.96
N ARG F 171 -23.01 -26.31 -6.92
CA ARG F 171 -22.52 -25.89 -5.61
C ARG F 171 -21.56 -26.92 -5.01
N ASP F 172 -21.81 -28.21 -5.21
CA ASP F 172 -20.89 -29.23 -4.70
C ASP F 172 -19.51 -29.08 -5.33
N LEU F 173 -19.45 -28.75 -6.61
CA LEU F 173 -18.18 -28.61 -7.28
C LEU F 173 -17.48 -27.33 -6.85
N GLY F 174 -18.24 -26.25 -6.68
CA GLY F 174 -17.64 -24.99 -6.28
C GLY F 174 -17.20 -24.97 -4.83
N ASN F 175 -17.99 -25.59 -3.94
CA ASN F 175 -17.68 -25.57 -2.51
C ASN F 175 -16.49 -26.45 -2.15
N ALA F 176 -16.21 -27.49 -2.94
CA ALA F 176 -15.16 -28.44 -2.60
C ALA F 176 -13.80 -27.76 -2.46
N ALA F 177 -12.99 -28.27 -1.53
CA ALA F 177 -11.66 -27.74 -1.31
C ALA F 177 -10.77 -28.00 -2.53
N PRO F 178 -9.84 -27.09 -2.83
CA PRO F 178 -9.03 -27.24 -4.06
C PRO F 178 -8.17 -28.49 -4.07
N ASN F 179 -7.78 -29.01 -2.90
CA ASN F 179 -7.02 -30.25 -2.87
C ASN F 179 -7.89 -31.49 -3.04
N GLU F 180 -9.22 -31.37 -2.97
CA GLU F 180 -10.06 -32.46 -3.42
C GLU F 180 -10.49 -32.25 -4.88
N CYS F 181 -11.08 -31.09 -5.17
CA CYS F 181 -11.54 -30.77 -6.53
C CYS F 181 -10.34 -30.31 -7.36
N THR F 182 -9.45 -31.26 -7.62
CA THR F 182 -8.34 -31.07 -8.54
C THR F 182 -8.86 -31.14 -9.97
N PRO F 183 -8.05 -30.76 -10.95
CA PRO F 183 -8.50 -30.93 -12.35
C PRO F 183 -8.93 -32.35 -12.66
N GLU F 184 -8.21 -33.35 -12.16
CA GLU F 184 -8.63 -34.73 -12.38
C GLU F 184 -10.00 -34.99 -11.76
N PHE F 185 -10.19 -34.55 -10.51
CA PHE F 185 -11.48 -34.71 -9.84
C PHE F 185 -12.61 -34.08 -10.64
N LEU F 186 -12.41 -32.83 -11.09
CA LEU F 186 -13.43 -32.14 -11.87
C LEU F 186 -13.73 -32.89 -13.16
N ALA F 187 -12.69 -33.33 -13.86
CA ALA F 187 -12.88 -34.02 -15.14
C ALA F 187 -13.62 -35.34 -14.97
N ARG F 188 -13.18 -36.16 -14.01
CA ARG F 188 -13.79 -37.46 -13.78
C ARG F 188 -15.20 -37.34 -13.21
N THR F 189 -15.44 -36.30 -12.39
CA THR F 189 -16.78 -36.09 -11.87
C THR F 189 -17.73 -35.70 -12.99
N ALA F 190 -17.25 -34.86 -13.91
CA ALA F 190 -18.07 -34.48 -15.06
C ALA F 190 -18.41 -35.68 -15.91
N LYS F 191 -17.45 -36.58 -16.12
CA LYS F 191 -17.70 -37.77 -16.93
C LYS F 191 -18.75 -38.67 -16.28
N ALA F 192 -18.67 -38.86 -14.97
CA ALA F 192 -19.59 -39.78 -14.31
C ALA F 192 -21.01 -39.21 -14.29
N GLU F 193 -21.14 -37.91 -14.07
CA GLU F 193 -22.48 -37.34 -14.03
C GLU F 193 -23.15 -37.43 -15.38
N ALA F 194 -22.41 -37.14 -16.46
CA ALA F 194 -23.01 -37.23 -17.78
C ALA F 194 -23.40 -38.66 -18.10
N GLU F 195 -22.53 -39.62 -17.74
CA GLU F 195 -22.81 -41.00 -18.09
C GLU F 195 -23.90 -41.59 -17.21
N LYS F 196 -24.07 -41.10 -15.98
CA LYS F 196 -25.17 -41.58 -15.15
C LYS F 196 -26.51 -41.22 -15.77
N LEU F 197 -26.56 -40.17 -16.59
CA LEU F 197 -27.77 -39.74 -17.26
C LEU F 197 -27.89 -40.26 -18.68
N GLY F 198 -26.94 -41.06 -19.14
CA GLY F 198 -26.98 -41.63 -20.47
C GLY F 198 -26.34 -40.78 -21.56
N ALA F 199 -25.66 -39.69 -21.21
CA ALA F 199 -24.96 -38.90 -22.21
C ALA F 199 -23.55 -39.46 -22.37
N HIS F 200 -22.77 -38.85 -23.24
CA HIS F 200 -21.44 -39.36 -23.51
C HIS F 200 -20.39 -38.33 -23.10
N ALA F 201 -19.20 -38.80 -22.80
CA ALA F 201 -18.16 -37.94 -22.28
C ALA F 201 -16.81 -38.50 -22.71
N LYS F 202 -15.91 -37.61 -23.10
CA LYS F 202 -14.53 -37.99 -23.40
C LYS F 202 -13.58 -37.01 -22.72
N ILE F 203 -12.47 -37.54 -22.22
CA ILE F 203 -11.48 -36.77 -21.48
C ILE F 203 -10.21 -36.69 -22.29
N ILE F 204 -9.84 -35.51 -22.72
CA ILE F 204 -8.55 -35.29 -23.35
C ILE F 204 -7.52 -35.02 -22.26
N GLU F 205 -6.35 -35.61 -22.40
CA GLU F 205 -5.32 -35.56 -21.37
C GLU F 205 -4.16 -34.70 -21.84
N LYS F 206 -3.11 -34.64 -21.03
CA LYS F 206 -2.10 -33.58 -21.16
C LYS F 206 -1.32 -33.69 -22.47
N ASP F 207 -1.19 -34.89 -23.04
CA ASP F 207 -0.43 -35.02 -24.28
C ASP F 207 -1.00 -34.14 -25.39
N TYR F 208 -2.30 -34.26 -25.67
CA TYR F 208 -2.93 -33.45 -26.70
C TYR F 208 -2.88 -31.97 -26.35
N ILE F 209 -3.02 -31.64 -25.06
CA ILE F 209 -3.07 -30.25 -24.65
C ILE F 209 -1.72 -29.58 -24.89
N LYS F 210 -0.64 -30.23 -24.44
CA LYS F 210 0.69 -29.67 -24.62
C LYS F 210 1.03 -29.52 -26.10
N GLU F 211 0.53 -30.43 -26.93
CA GLU F 211 0.90 -30.43 -28.35
C GLU F 211 0.06 -29.45 -29.16
N ASN F 212 -1.23 -29.33 -28.85
CA ASN F 212 -2.14 -28.58 -29.70
C ASN F 212 -2.77 -27.36 -29.03
N MET F 213 -2.65 -27.21 -27.72
CA MET F 213 -3.28 -26.12 -26.99
C MET F 213 -2.20 -25.39 -26.17
N GLY F 214 -1.30 -24.70 -26.88
CA GLY F 214 -0.15 -24.11 -26.21
C GLY F 214 -0.50 -23.04 -25.20
N SER F 215 -1.56 -22.27 -25.47
CA SER F 215 -1.99 -21.26 -24.51
C SER F 215 -2.55 -21.91 -23.25
N PHE F 216 -3.46 -22.88 -23.43
CA PHE F 216 -3.95 -23.69 -22.30
C PHE F 216 -2.78 -24.28 -21.52
N TRP F 217 -1.81 -24.86 -22.23
CA TRP F 217 -0.74 -25.58 -21.56
C TRP F 217 0.14 -24.66 -20.73
N SER F 218 0.41 -23.44 -21.21
CA SER F 218 1.34 -22.57 -20.48
C SER F 218 0.80 -22.20 -19.11
N VAL F 219 -0.53 -22.19 -18.94
CA VAL F 219 -1.09 -21.91 -17.63
C VAL F 219 -0.94 -23.11 -16.70
N ALA F 220 -1.02 -24.32 -17.26
CA ALA F 220 -1.04 -25.53 -16.45
C ALA F 220 0.33 -26.04 -16.04
N LYS F 221 1.39 -25.70 -16.81
CA LYS F 221 2.71 -26.27 -16.59
C LYS F 221 3.26 -25.96 -15.19
N GLY F 222 2.83 -24.86 -14.59
CA GLY F 222 3.41 -24.48 -13.31
C GLY F 222 2.93 -25.24 -12.11
N SER F 223 2.00 -26.17 -12.28
CA SER F 223 1.48 -26.99 -11.20
C SER F 223 1.86 -28.46 -11.40
N VAL F 224 1.83 -29.21 -10.30
CA VAL F 224 2.03 -30.66 -10.37
C VAL F 224 0.76 -31.39 -10.79
N GLU F 225 -0.37 -30.68 -10.84
CA GLU F 225 -1.63 -31.28 -11.25
C GLU F 225 -1.73 -31.28 -12.77
N ASP F 226 -2.07 -32.43 -13.35
CA ASP F 226 -2.22 -32.52 -14.79
C ASP F 226 -3.46 -31.77 -15.26
N PRO F 227 -3.42 -31.21 -16.48
CA PRO F 227 -4.61 -30.58 -17.04
C PRO F 227 -5.50 -31.59 -17.74
N TYR F 228 -6.76 -31.20 -17.94
CA TYR F 228 -7.72 -32.02 -18.66
C TYR F 228 -8.66 -31.13 -19.46
N LEU F 229 -9.11 -31.66 -20.60
CA LEU F 229 -10.19 -31.07 -21.37
C LEU F 229 -11.32 -32.09 -21.48
N VAL F 230 -12.50 -31.74 -21.00
CA VAL F 230 -13.64 -32.64 -20.93
C VAL F 230 -14.64 -32.22 -21.99
N GLU F 231 -15.16 -33.21 -22.72
CA GLU F 231 -16.15 -33.01 -23.77
C GLU F 231 -17.39 -33.81 -23.43
N LEU F 232 -18.50 -33.13 -23.14
CA LEU F 232 -19.77 -33.78 -22.85
C LEU F 232 -20.70 -33.61 -24.07
N SER F 233 -21.35 -34.71 -24.47
CA SER F 233 -22.15 -34.74 -25.70
C SER F 233 -23.53 -35.31 -25.39
N TYR F 234 -24.57 -34.62 -25.90
CA TYR F 234 -25.95 -35.06 -25.79
C TYR F 234 -26.66 -34.67 -27.07
N PHE F 235 -27.27 -35.65 -27.74
CA PHE F 235 -27.93 -35.41 -29.02
C PHE F 235 -29.40 -35.78 -28.85
N GLY F 236 -30.20 -34.82 -28.39
CA GLY F 236 -31.59 -35.07 -28.12
C GLY F 236 -32.54 -34.44 -29.13
N ALA F 237 -31.99 -33.80 -30.16
CA ALA F 237 -32.81 -33.26 -31.23
C ALA F 237 -33.20 -34.39 -32.20
N ALA F 238 -34.27 -34.15 -32.96
CA ALA F 238 -34.71 -35.13 -33.95
C ALA F 238 -33.57 -35.47 -34.90
N ASP F 239 -32.91 -34.46 -35.45
CA ASP F 239 -31.72 -34.65 -36.28
C ASP F 239 -30.52 -34.67 -35.34
N LYS F 240 -29.94 -35.85 -35.12
CA LYS F 240 -28.81 -35.95 -34.20
C LYS F 240 -27.55 -35.33 -34.78
N GLU F 241 -27.58 -34.88 -36.03
CA GLU F 241 -26.44 -34.22 -36.67
C GLU F 241 -26.65 -32.73 -36.88
N ALA F 242 -27.76 -32.18 -36.38
CA ALA F 242 -28.01 -30.74 -36.49
C ALA F 242 -27.02 -29.95 -35.64
N ALA F 243 -26.84 -28.68 -36.00
CA ALA F 243 -25.81 -27.86 -35.38
C ALA F 243 -26.06 -27.75 -33.87
N PRO F 244 -25.06 -28.03 -33.04
CA PRO F 244 -25.26 -28.03 -31.59
C PRO F 244 -25.04 -26.67 -30.94
N VAL F 245 -25.58 -26.54 -29.75
CA VAL F 245 -25.23 -25.47 -28.82
C VAL F 245 -24.04 -25.96 -28.00
N VAL F 246 -23.02 -25.12 -27.86
CA VAL F 246 -21.80 -25.49 -27.16
C VAL F 246 -21.63 -24.60 -25.95
N LEU F 247 -21.45 -25.23 -24.79
CA LEU F 247 -21.18 -24.53 -23.54
C LEU F 247 -19.72 -24.74 -23.19
N VAL F 248 -19.00 -23.65 -22.93
CA VAL F 248 -17.57 -23.66 -22.67
C VAL F 248 -17.33 -23.12 -21.27
N GLY F 249 -16.58 -23.86 -20.45
CA GLY F 249 -16.41 -23.46 -19.08
C GLY F 249 -14.97 -23.37 -18.61
N LYS F 250 -14.64 -22.29 -17.89
CA LYS F 250 -13.31 -22.12 -17.31
C LYS F 250 -13.21 -22.91 -16.01
N GLY F 251 -12.26 -23.83 -15.95
CA GLY F 251 -12.10 -24.68 -14.78
C GLY F 251 -10.78 -24.57 -14.03
N ILE F 252 -10.34 -23.35 -13.74
CA ILE F 252 -9.16 -23.16 -12.88
C ILE F 252 -9.53 -23.58 -11.47
N THR F 253 -9.12 -24.80 -11.07
CA THR F 253 -9.58 -25.33 -9.79
C THR F 253 -8.99 -24.57 -8.62
N PHE F 254 -7.83 -23.95 -8.79
CA PHE F 254 -7.39 -22.90 -7.90
C PHE F 254 -6.43 -21.97 -8.63
N ASP F 255 -6.59 -20.67 -8.37
CA ASP F 255 -5.81 -19.62 -9.01
C ASP F 255 -5.06 -18.82 -7.95
N THR F 256 -3.74 -19.04 -7.86
CA THR F 256 -2.89 -18.21 -7.02
C THR F 256 -2.43 -16.95 -7.72
N GLY F 257 -2.57 -16.87 -9.04
CA GLY F 257 -2.02 -15.82 -9.85
C GLY F 257 -0.71 -16.17 -10.54
N GLY F 258 0.00 -17.20 -10.08
CA GLY F 258 1.28 -17.56 -10.65
C GLY F 258 2.39 -16.62 -10.23
N ILE F 259 3.28 -16.27 -11.17
CA ILE F 259 4.34 -15.32 -10.86
C ILE F 259 3.75 -13.95 -10.54
N SER F 260 2.69 -13.57 -11.26
CA SER F 260 1.88 -12.39 -10.94
C SER F 260 0.97 -12.74 -9.77
N LEU F 261 1.60 -12.99 -8.62
CA LEU F 261 0.92 -13.60 -7.48
C LEU F 261 -0.09 -12.66 -6.85
N LYS F 262 -1.20 -13.25 -6.35
CA LYS F 262 -2.33 -12.57 -5.73
C LYS F 262 -2.03 -12.23 -4.28
N PRO F 263 -2.67 -11.20 -3.73
CA PRO F 263 -2.58 -10.98 -2.29
C PRO F 263 -3.18 -12.15 -1.53
N GLY F 264 -2.72 -12.33 -0.28
CA GLY F 264 -3.16 -13.45 0.52
C GLY F 264 -4.57 -13.32 1.05
N LEU F 265 -5.07 -12.08 1.18
CA LEU F 265 -6.38 -11.85 1.76
C LEU F 265 -7.48 -12.41 0.87
N ASN F 266 -8.33 -13.25 1.46
CA ASN F 266 -9.52 -13.84 0.82
C ASN F 266 -9.18 -14.70 -0.39
N MET F 267 -7.94 -15.19 -0.49
CA MET F 267 -7.57 -16.02 -1.62
C MET F 267 -8.24 -17.38 -1.60
N ASP F 268 -8.67 -17.86 -0.42
CA ASP F 268 -9.43 -19.10 -0.35
C ASP F 268 -10.60 -19.09 -1.32
N GLU F 269 -11.24 -17.93 -1.49
CA GLU F 269 -12.36 -17.79 -2.41
C GLU F 269 -11.96 -18.02 -3.86
N MET F 270 -10.67 -18.18 -4.16
CA MET F 270 -10.24 -18.56 -5.51
C MET F 270 -10.48 -20.03 -5.82
N LYS F 271 -10.97 -20.82 -4.85
CA LYS F 271 -11.47 -22.15 -5.15
C LYS F 271 -12.74 -22.12 -6.00
N PHE F 272 -13.38 -20.95 -6.13
CA PHE F 272 -14.57 -20.78 -6.93
C PHE F 272 -14.25 -20.41 -8.38
N ASP F 273 -12.97 -20.42 -8.76
CA ASP F 273 -12.60 -20.03 -10.11
C ASP F 273 -12.85 -21.12 -11.14
N MET F 274 -13.43 -22.25 -10.72
CA MET F 274 -13.91 -23.26 -11.65
C MET F 274 -15.44 -23.29 -11.73
N CYS F 275 -16.11 -22.29 -11.17
CA CYS F 275 -17.57 -22.26 -11.18
C CYS F 275 -18.11 -22.14 -12.59
N GLY F 276 -17.37 -21.50 -13.50
CA GLY F 276 -17.77 -21.51 -14.89
C GLY F 276 -17.84 -22.91 -15.45
N ALA F 277 -16.84 -23.74 -15.14
CA ALA F 277 -16.89 -25.15 -15.50
C ALA F 277 -18.05 -25.84 -14.80
N ALA F 278 -18.23 -25.58 -13.50
CA ALA F 278 -19.32 -26.18 -12.76
C ALA F 278 -20.68 -25.77 -13.34
N THR F 279 -20.82 -24.49 -13.73
CA THR F 279 -22.04 -24.07 -14.39
C THR F 279 -22.30 -24.87 -15.66
N VAL F 280 -21.26 -25.02 -16.48
CA VAL F 280 -21.41 -25.71 -17.75
C VAL F 280 -21.73 -27.18 -17.54
N ILE F 281 -21.01 -27.84 -16.63
CA ILE F 281 -21.27 -29.25 -16.35
C ILE F 281 -22.69 -29.43 -15.81
N SER F 282 -23.11 -28.57 -14.88
CA SER F 282 -24.42 -28.75 -14.25
C SER F 282 -25.56 -28.40 -15.20
N THR F 283 -25.42 -27.31 -15.95
CA THR F 283 -26.44 -26.97 -16.94
C THR F 283 -26.57 -28.09 -17.97
N PHE F 284 -25.43 -28.64 -18.41
CA PHE F 284 -25.48 -29.78 -19.32
C PHE F 284 -26.28 -30.92 -18.72
N CYS F 285 -25.95 -31.31 -17.49
CA CYS F 285 -26.64 -32.43 -16.84
C CYS F 285 -28.12 -32.13 -16.60
N ALA F 286 -28.44 -30.88 -16.23
CA ALA F 286 -29.84 -30.53 -16.06
C ALA F 286 -30.60 -30.68 -17.37
N ALA F 287 -29.99 -30.25 -18.48
CA ALA F 287 -30.64 -30.36 -19.78
C ALA F 287 -30.90 -31.83 -20.14
N VAL F 288 -29.92 -32.70 -19.88
CA VAL F 288 -30.11 -34.12 -20.15
C VAL F 288 -31.20 -34.67 -19.25
N LYS F 289 -31.20 -34.26 -17.98
CA LYS F 289 -32.23 -34.71 -17.05
C LYS F 289 -33.62 -34.28 -17.51
N LEU F 290 -33.73 -33.08 -18.08
CA LEU F 290 -35.00 -32.63 -18.63
C LEU F 290 -35.34 -33.29 -19.96
N GLN F 291 -34.42 -34.01 -20.58
CA GLN F 291 -34.61 -34.58 -21.90
C GLN F 291 -35.03 -33.51 -22.91
N LEU F 292 -34.29 -32.40 -22.91
CA LEU F 292 -34.63 -31.34 -23.86
C LEU F 292 -34.31 -31.79 -25.28
N PRO F 293 -35.14 -31.43 -26.25
CA PRO F 293 -34.94 -31.87 -27.64
C PRO F 293 -33.89 -31.06 -28.39
N ILE F 294 -32.67 -31.03 -27.84
CA ILE F 294 -31.59 -30.22 -28.35
C ILE F 294 -30.33 -31.07 -28.47
N ASN F 295 -29.41 -30.60 -29.31
CA ASN F 295 -28.05 -31.12 -29.36
C ASN F 295 -27.14 -30.19 -28.57
N LEU F 296 -26.48 -30.72 -27.55
CA LEU F 296 -25.74 -29.90 -26.60
C LEU F 296 -24.34 -30.44 -26.41
N ILE F 297 -23.35 -29.55 -26.46
CA ILE F 297 -21.95 -29.87 -26.21
C ILE F 297 -21.47 -29.04 -25.04
N ALA F 298 -20.81 -29.68 -24.09
CA ALA F 298 -20.18 -28.99 -22.98
C ALA F 298 -18.68 -29.23 -23.06
N ILE F 299 -17.91 -28.15 -23.02
CA ILE F 299 -16.45 -28.22 -23.07
C ILE F 299 -15.90 -27.57 -21.82
N VAL F 300 -15.05 -28.29 -21.10
CA VAL F 300 -14.44 -27.77 -19.87
C VAL F 300 -12.93 -27.96 -19.97
N ALA F 301 -12.19 -26.87 -19.90
CA ALA F 301 -10.74 -26.90 -19.74
C ALA F 301 -10.41 -26.61 -18.29
N THR F 302 -9.63 -27.49 -17.67
CA THR F 302 -9.35 -27.40 -16.26
C THR F 302 -7.87 -27.64 -15.99
N CYS F 303 -7.31 -26.84 -15.08
CA CYS F 303 -5.94 -26.96 -14.64
C CYS F 303 -5.77 -26.06 -13.42
N GLU F 304 -4.53 -26.01 -12.89
CA GLU F 304 -4.20 -25.18 -11.75
C GLU F 304 -3.22 -24.10 -12.19
N ASN F 305 -3.38 -22.89 -11.62
CA ASN F 305 -2.45 -21.79 -11.88
C ASN F 305 -1.59 -21.59 -10.64
N MET F 306 -0.40 -22.20 -10.64
CA MET F 306 0.47 -22.19 -9.48
C MET F 306 1.79 -21.49 -9.82
N PRO F 307 2.47 -20.93 -8.83
CA PRO F 307 3.83 -20.44 -9.04
C PRO F 307 4.83 -21.57 -8.85
N SER F 308 5.86 -21.59 -9.69
CA SER F 308 6.89 -22.61 -9.60
C SER F 308 8.09 -22.15 -10.40
N GLY F 309 9.17 -22.94 -10.33
CA GLY F 309 10.34 -22.72 -11.15
C GLY F 309 10.13 -22.98 -12.62
N ALA F 310 8.94 -23.44 -13.00
CA ALA F 310 8.60 -23.74 -14.39
C ALA F 310 7.31 -23.07 -14.82
N ALA F 311 6.84 -22.07 -14.07
CA ALA F 311 5.56 -21.44 -14.34
C ALA F 311 5.68 -20.39 -15.44
N ASN F 312 4.53 -19.98 -15.97
CA ASN F 312 4.44 -18.87 -16.90
C ASN F 312 5.12 -17.62 -16.33
N LYS F 313 5.98 -16.98 -17.15
CA LYS F 313 6.61 -15.74 -16.71
C LYS F 313 6.02 -14.56 -17.45
N PRO F 314 5.87 -13.41 -16.78
CA PRO F 314 5.44 -12.21 -17.51
C PRO F 314 6.40 -11.88 -18.65
N GLY F 315 5.84 -11.65 -19.83
CA GLY F 315 6.61 -11.43 -21.03
C GLY F 315 6.74 -12.63 -21.93
N ASP F 316 6.43 -13.83 -21.44
CA ASP F 316 6.37 -15.01 -22.31
C ASP F 316 5.40 -14.78 -23.47
N VAL F 317 5.75 -15.33 -24.62
CA VAL F 317 4.88 -15.31 -25.79
C VAL F 317 4.57 -16.75 -26.15
N VAL F 318 3.29 -17.09 -26.17
CA VAL F 318 2.84 -18.47 -26.40
C VAL F 318 1.98 -18.51 -27.65
N LYS F 319 1.97 -19.65 -28.32
CA LYS F 319 1.18 -19.81 -29.54
C LYS F 319 -0.13 -20.52 -29.20
N SER F 320 -1.24 -19.81 -29.38
CA SER F 320 -2.56 -20.36 -29.08
C SER F 320 -2.90 -21.48 -30.04
N MET F 321 -4.00 -22.19 -29.73
CA MET F 321 -4.48 -23.23 -30.64
C MET F 321 -4.86 -22.65 -31.98
N LYS F 322 -5.52 -21.48 -31.99
CA LYS F 322 -5.84 -20.84 -33.25
C LYS F 322 -4.59 -20.51 -34.06
N GLY F 323 -3.50 -20.13 -33.39
CA GLY F 323 -2.27 -19.75 -34.06
C GLY F 323 -1.78 -18.37 -33.72
N LEU F 324 -2.65 -17.50 -33.22
CA LEU F 324 -2.20 -16.18 -32.77
C LEU F 324 -1.20 -16.35 -31.64
N THR F 325 -0.19 -15.49 -31.62
CA THR F 325 0.73 -15.47 -30.49
C THR F 325 0.23 -14.47 -29.46
N ILE F 326 0.27 -14.88 -28.20
CA ILE F 326 -0.22 -14.08 -27.07
C ILE F 326 0.96 -13.73 -26.19
N GLU F 327 1.10 -12.45 -25.86
CA GLU F 327 2.10 -12.04 -24.88
C GLU F 327 1.47 -12.08 -23.50
N VAL F 328 1.99 -12.95 -22.64
CA VAL F 328 1.47 -13.08 -21.29
C VAL F 328 2.10 -11.95 -20.47
N LEU F 329 1.45 -10.79 -20.47
CA LEU F 329 1.99 -9.66 -19.72
C LEU F 329 1.80 -9.84 -18.22
N ASN F 330 0.69 -10.46 -17.83
CA ASN F 330 0.35 -10.68 -16.43
C ASN F 330 -0.16 -12.10 -16.26
N THR F 331 0.53 -12.89 -15.45
CA THR F 331 0.17 -14.31 -15.32
C THR F 331 -1.08 -14.53 -14.47
N ASP F 332 -1.62 -13.49 -13.86
CA ASP F 332 -2.90 -13.61 -13.17
C ASP F 332 -4.08 -13.51 -14.12
N ALA F 333 -3.87 -13.05 -15.35
CA ALA F 333 -4.92 -13.08 -16.37
C ALA F 333 -4.82 -14.37 -17.19
N GLU F 334 -5.02 -15.49 -16.50
CA GLU F 334 -4.79 -16.80 -17.09
C GLU F 334 -6.06 -17.50 -17.55
N GLY F 335 -7.22 -17.12 -17.04
CA GLY F 335 -8.46 -17.70 -17.50
C GLY F 335 -8.71 -17.43 -18.98
N ARG F 336 -8.33 -16.24 -19.46
CA ARG F 336 -8.36 -15.98 -20.89
C ARG F 336 -7.57 -17.05 -21.64
N LEU F 337 -6.44 -17.47 -21.08
CA LEU F 337 -5.49 -18.31 -21.79
C LEU F 337 -5.93 -19.76 -21.92
N ILE F 338 -6.84 -20.23 -21.06
CA ILE F 338 -7.36 -21.58 -21.22
C ILE F 338 -8.68 -21.50 -21.98
N LEU F 339 -9.37 -20.36 -21.87
CA LEU F 339 -10.63 -20.19 -22.59
C LEU F 339 -10.40 -20.08 -24.09
N CYS F 340 -9.40 -19.30 -24.51
CA CYS F 340 -9.22 -19.05 -25.93
C CYS F 340 -8.93 -20.34 -26.68
N ASP F 341 -8.20 -21.28 -26.06
CA ASP F 341 -7.95 -22.56 -26.70
C ASP F 341 -9.19 -23.44 -26.68
N ALA F 342 -9.98 -23.38 -25.60
CA ALA F 342 -11.23 -24.13 -25.58
C ALA F 342 -12.20 -23.60 -26.64
N LEU F 343 -12.21 -22.28 -26.86
CA LEU F 343 -13.08 -21.69 -27.86
C LEU F 343 -12.66 -22.09 -29.26
N THR F 344 -11.35 -22.17 -29.51
CA THR F 344 -10.87 -22.67 -30.79
C THR F 344 -11.27 -24.14 -30.97
N TYR F 345 -11.14 -24.93 -29.90
CA TYR F 345 -11.57 -26.32 -29.94
C TYR F 345 -13.05 -26.43 -30.29
N ALA F 346 -13.85 -25.45 -29.88
CA ALA F 346 -15.30 -25.54 -30.05
C ALA F 346 -15.71 -25.43 -31.51
N GLU F 347 -14.91 -24.76 -32.34
CA GLU F 347 -15.37 -24.48 -33.69
C GLU F 347 -15.31 -25.72 -34.59
N GLN F 348 -14.67 -26.80 -34.14
CA GLN F 348 -14.74 -28.04 -34.91
C GLN F 348 -16.13 -28.64 -34.91
N PHE F 349 -17.00 -28.24 -33.97
CA PHE F 349 -18.36 -28.75 -33.89
C PHE F 349 -19.34 -27.97 -34.77
N LYS F 350 -18.86 -26.97 -35.51
CA LYS F 350 -19.69 -26.09 -36.34
C LYS F 350 -20.94 -25.66 -35.58
N PRO F 351 -20.79 -24.96 -34.45
CA PRO F 351 -21.91 -24.79 -33.53
C PRO F 351 -22.94 -23.78 -34.02
N LYS F 352 -24.18 -23.99 -33.56
CA LYS F 352 -25.25 -23.01 -33.75
C LYS F 352 -25.04 -21.79 -32.87
N ALA F 353 -24.49 -22.00 -31.67
CA ALA F 353 -24.22 -20.93 -30.74
C ALA F 353 -23.21 -21.44 -29.72
N VAL F 354 -22.30 -20.57 -29.28
CA VAL F 354 -21.32 -20.90 -28.27
C VAL F 354 -21.48 -19.94 -27.12
N ILE F 355 -21.69 -20.46 -25.91
CA ILE F 355 -21.73 -19.65 -24.71
C ILE F 355 -20.65 -20.15 -23.77
N ASP F 356 -19.73 -19.27 -23.41
CA ASP F 356 -18.72 -19.60 -22.41
C ASP F 356 -19.08 -18.95 -21.09
N VAL F 357 -18.75 -19.63 -19.99
CA VAL F 357 -19.05 -19.17 -18.65
C VAL F 357 -17.76 -19.17 -17.86
N ALA F 358 -17.44 -18.04 -17.22
CA ALA F 358 -16.16 -17.93 -16.51
C ALA F 358 -16.27 -16.87 -15.42
N THR F 359 -15.64 -17.15 -14.28
CA THR F 359 -15.33 -16.15 -13.26
C THR F 359 -14.07 -15.42 -13.71
N LEU F 360 -14.25 -14.45 -14.61
CA LEU F 360 -13.12 -13.96 -15.40
C LEU F 360 -12.41 -12.76 -14.79
N THR F 361 -13.16 -11.71 -14.44
CA THR F 361 -12.54 -10.46 -14.02
C THR F 361 -13.16 -9.96 -12.73
N GLY F 362 -12.32 -9.47 -11.82
CA GLY F 362 -12.84 -8.72 -10.70
C GLY F 362 -13.48 -7.41 -11.11
N ALA F 363 -13.14 -6.93 -12.32
CA ALA F 363 -13.72 -5.69 -12.82
C ALA F 363 -15.22 -5.81 -13.07
N CYS F 364 -15.71 -7.02 -13.36
CA CYS F 364 -17.15 -7.20 -13.57
C CYS F 364 -17.92 -6.87 -12.30
N ILE F 365 -17.35 -7.22 -11.14
CA ILE F 365 -17.97 -6.87 -9.87
C ILE F 365 -18.02 -5.36 -9.71
N VAL F 366 -16.94 -4.67 -10.12
CA VAL F 366 -16.93 -3.21 -10.06
C VAL F 366 -17.99 -2.63 -11.00
N ALA F 367 -18.17 -3.26 -12.16
CA ALA F 367 -19.10 -2.72 -13.14
C ALA F 367 -20.54 -2.98 -12.73
N LEU F 368 -20.87 -4.23 -12.39
CA LEU F 368 -22.25 -4.64 -12.20
C LEU F 368 -22.59 -5.16 -10.81
N GLY F 369 -21.60 -5.42 -9.95
CA GLY F 369 -21.86 -5.83 -8.60
C GLY F 369 -21.82 -7.35 -8.42
N HIS F 370 -22.40 -7.78 -7.31
CA HIS F 370 -22.39 -9.18 -6.92
C HIS F 370 -23.67 -9.92 -7.28
N ASP F 371 -24.66 -9.25 -7.84
CA ASP F 371 -25.97 -9.83 -8.07
C ASP F 371 -26.38 -9.83 -9.53
N VAL F 372 -25.55 -9.29 -10.43
CA VAL F 372 -25.85 -9.21 -11.86
C VAL F 372 -24.64 -9.73 -12.61
N SER F 373 -24.84 -10.77 -13.43
CA SER F 373 -23.78 -11.27 -14.28
C SER F 373 -23.63 -10.38 -15.50
N GLY F 374 -22.41 -10.34 -16.05
CA GLY F 374 -22.16 -9.61 -17.29
C GLY F 374 -22.30 -10.52 -18.50
N VAL F 375 -22.89 -9.98 -19.57
CA VAL F 375 -23.02 -10.68 -20.83
C VAL F 375 -22.33 -9.88 -21.92
N MET F 376 -21.47 -10.53 -22.70
CA MET F 376 -20.84 -9.93 -23.86
C MET F 376 -20.77 -10.97 -24.96
N GLY F 377 -20.76 -10.51 -26.21
CA GLY F 377 -20.72 -11.44 -27.32
C GLY F 377 -20.68 -10.71 -28.64
N ASN F 378 -20.62 -11.50 -29.71
CA ASN F 378 -20.57 -10.95 -31.05
C ASN F 378 -21.88 -11.10 -31.81
N ASN F 379 -22.89 -11.68 -31.20
CA ASN F 379 -24.16 -11.95 -31.86
C ASN F 379 -25.28 -11.43 -30.97
N GLN F 380 -25.96 -10.37 -31.43
CA GLN F 380 -26.94 -9.71 -30.57
C GLN F 380 -28.16 -10.58 -30.32
N ASP F 381 -28.54 -11.45 -31.27
CA ASP F 381 -29.65 -12.37 -31.01
C ASP F 381 -29.30 -13.35 -29.90
N LEU F 382 -28.07 -13.85 -29.89
CA LEU F 382 -27.67 -14.76 -28.82
C LEU F 382 -27.66 -14.03 -27.47
N ILE F 383 -27.18 -12.79 -27.45
CA ILE F 383 -27.17 -12.01 -26.21
C ILE F 383 -28.59 -11.73 -25.74
N ASP F 384 -29.48 -11.37 -26.67
CA ASP F 384 -30.86 -11.07 -26.30
C ASP F 384 -31.57 -12.30 -25.74
N SER F 385 -31.26 -13.49 -26.29
CA SER F 385 -31.81 -14.73 -25.75
C SER F 385 -31.37 -14.97 -24.31
N LEU F 386 -30.08 -14.75 -24.03
CA LEU F 386 -29.59 -14.96 -22.67
C LEU F 386 -30.20 -13.94 -21.72
N LEU F 387 -30.37 -12.70 -22.16
CA LEU F 387 -31.03 -11.70 -21.35
C LEU F 387 -32.50 -12.05 -21.12
N ALA F 388 -33.16 -12.61 -22.14
CA ALA F 388 -34.54 -13.04 -21.97
C ALA F 388 -34.65 -14.11 -20.91
N ALA F 389 -33.78 -15.13 -21.00
CA ALA F 389 -33.77 -16.16 -19.96
C ALA F 389 -33.42 -15.57 -18.60
N SER F 390 -32.48 -14.61 -18.60
CA SER F 390 -32.15 -13.89 -17.38
C SER F 390 -33.40 -13.31 -16.74
N TYR F 391 -34.27 -12.70 -17.54
CA TYR F 391 -35.48 -12.10 -17.01
C TYR F 391 -36.53 -13.16 -16.64
N ASN F 392 -36.55 -14.30 -17.35
CA ASN F 392 -37.57 -15.32 -17.09
C ASN F 392 -37.46 -15.89 -15.68
N VAL F 393 -36.24 -16.09 -15.19
CA VAL F 393 -36.03 -16.72 -13.90
C VAL F 393 -35.50 -15.75 -12.86
N ASP F 394 -35.35 -14.47 -13.21
CA ASP F 394 -34.83 -13.43 -12.31
C ASP F 394 -33.42 -13.78 -11.83
N ASP F 395 -32.61 -14.34 -12.74
CA ASP F 395 -31.18 -14.51 -12.56
C ASP F 395 -30.53 -13.39 -13.37
N LYS F 396 -30.30 -12.24 -12.72
CA LYS F 396 -30.11 -11.00 -13.45
C LYS F 396 -28.79 -10.99 -14.23
N ALA F 397 -28.82 -10.36 -15.40
CA ALA F 397 -27.66 -10.22 -16.25
C ALA F 397 -27.78 -8.92 -17.03
N TRP F 398 -26.64 -8.43 -17.52
CA TRP F 398 -26.64 -7.19 -18.28
C TRP F 398 -25.55 -7.24 -19.33
N GLN F 399 -25.81 -6.61 -20.48
CA GLN F 399 -24.87 -6.62 -21.58
C GLN F 399 -23.86 -5.49 -21.43
N LEU F 400 -22.59 -5.80 -21.71
CA LEU F 400 -21.59 -4.77 -21.89
C LEU F 400 -21.13 -4.76 -23.34
N PRO F 401 -20.81 -3.60 -23.92
CA PRO F 401 -20.61 -3.54 -25.37
C PRO F 401 -19.25 -4.06 -25.77
N LEU F 402 -19.22 -4.74 -26.91
CA LEU F 402 -17.96 -5.15 -27.52
C LEU F 402 -17.66 -4.26 -28.73
N PHE F 403 -17.58 -2.96 -28.44
CA PHE F 403 -17.19 -1.98 -29.45
C PHE F 403 -15.81 -2.28 -29.99
N GLU F 404 -15.58 -1.87 -31.25
CA GLU F 404 -14.28 -2.12 -31.86
C GLU F 404 -13.18 -1.27 -31.26
N THR F 405 -13.52 -0.15 -30.61
CA THR F 405 -12.48 0.70 -30.04
C THR F 405 -11.78 0.05 -28.86
N TYR F 406 -12.39 -0.94 -28.21
CA TYR F 406 -11.72 -1.64 -27.12
C TYR F 406 -10.54 -2.46 -27.63
N LYS F 407 -10.59 -2.93 -28.88
CA LYS F 407 -9.45 -3.64 -29.42
C LYS F 407 -8.21 -2.76 -29.49
N ASP F 408 -8.38 -1.44 -29.52
CA ASP F 408 -7.24 -0.53 -29.51
C ASP F 408 -6.46 -0.59 -28.19
N GLN F 409 -7.06 -1.12 -27.13
CA GLN F 409 -6.38 -1.27 -25.85
C GLN F 409 -5.53 -2.52 -25.79
N LEU F 410 -5.58 -3.37 -26.82
CA LEU F 410 -4.88 -4.65 -26.85
C LEU F 410 -3.86 -4.60 -27.99
N LYS F 411 -2.71 -4.00 -27.71
CA LYS F 411 -1.62 -3.93 -28.66
C LYS F 411 -0.35 -4.45 -28.01
N SER F 412 0.49 -5.09 -28.82
CA SER F 412 1.78 -5.59 -28.37
C SER F 412 2.81 -5.39 -29.46
N ASN F 413 4.02 -4.98 -29.07
CA ASN F 413 5.12 -4.88 -30.00
C ASN F 413 5.85 -6.20 -30.18
N PHE F 414 5.35 -7.28 -29.61
CA PHE F 414 6.07 -8.54 -29.62
C PHE F 414 5.23 -9.72 -30.09
N ALA F 415 3.95 -9.75 -29.75
CA ALA F 415 3.06 -10.83 -30.14
C ALA F 415 1.89 -10.26 -30.92
N ASP F 416 1.04 -11.18 -31.41
CA ASP F 416 -0.15 -10.73 -32.14
C ASP F 416 -1.09 -9.98 -31.23
N ILE F 417 -1.32 -10.46 -30.02
CA ILE F 417 -2.16 -9.76 -29.04
C ILE F 417 -1.61 -9.96 -27.65
N PRO F 418 -1.69 -8.95 -26.77
CA PRO F 418 -1.33 -9.16 -25.36
C PRO F 418 -2.51 -9.75 -24.61
N ASN F 419 -2.21 -10.41 -23.48
CA ASN F 419 -3.31 -11.03 -22.75
C ASN F 419 -4.05 -10.05 -21.86
N ILE F 420 -3.51 -8.86 -21.59
CA ILE F 420 -4.23 -7.80 -20.89
C ILE F 420 -4.12 -6.53 -21.71
N GLY F 421 -5.05 -5.61 -21.46
CA GLY F 421 -5.07 -4.34 -22.15
C GLY F 421 -4.65 -3.18 -21.27
N THR F 422 -4.57 -2.00 -21.90
CA THR F 422 -4.35 -0.76 -21.18
C THR F 422 -5.46 -0.56 -20.16
N PRO F 423 -5.21 0.21 -19.10
CA PRO F 423 -6.17 0.30 -17.99
C PRO F 423 -7.53 0.80 -18.43
N GLY F 424 -8.57 0.31 -17.77
CA GLY F 424 -9.92 0.73 -18.04
C GLY F 424 -10.71 -0.39 -18.70
N ALA F 425 -11.98 -0.51 -18.33
CA ALA F 425 -12.89 -1.45 -18.98
C ALA F 425 -12.35 -2.88 -18.92
N GLY F 426 -11.95 -3.29 -17.72
CA GLY F 426 -11.29 -4.58 -17.57
C GLY F 426 -12.12 -5.77 -18.07
N THR F 427 -13.41 -5.78 -17.76
CA THR F 427 -14.25 -6.89 -18.20
C THR F 427 -14.42 -6.88 -19.71
N ILE F 428 -14.66 -5.71 -20.30
CA ILE F 428 -14.83 -5.64 -21.74
C ILE F 428 -13.54 -6.00 -22.45
N THR F 429 -12.41 -5.53 -21.92
CA THR F 429 -11.10 -5.83 -22.51
C THR F 429 -10.86 -7.34 -22.59
N ALA F 430 -11.17 -8.07 -21.50
CA ALA F 430 -10.98 -9.52 -21.50
C ALA F 430 -11.87 -10.21 -22.53
N ALA F 431 -13.14 -9.80 -22.61
CA ALA F 431 -14.03 -10.35 -23.63
C ALA F 431 -13.49 -10.05 -25.02
N THR F 432 -12.92 -8.87 -25.21
CA THR F 432 -12.33 -8.51 -26.50
C THR F 432 -11.18 -9.43 -26.86
N PHE F 433 -10.30 -9.70 -25.89
CA PHE F 433 -9.28 -10.72 -26.11
C PHE F 433 -9.89 -12.03 -26.60
N LEU F 434 -10.92 -12.50 -25.90
CA LEU F 434 -11.58 -13.75 -26.27
C LEU F 434 -12.21 -13.66 -27.66
N SER F 435 -12.69 -12.48 -28.04
CA SER F 435 -13.42 -12.33 -29.29
C SER F 435 -12.55 -12.64 -30.51
N TYR F 436 -11.22 -12.54 -30.37
CA TYR F 436 -10.35 -12.91 -31.47
C TYR F 436 -10.43 -14.39 -31.81
N PHE F 437 -10.95 -15.20 -30.89
CA PHE F 437 -11.01 -16.64 -31.06
C PHE F 437 -12.41 -17.17 -31.33
N THR F 438 -13.43 -16.29 -31.40
CA THR F 438 -14.82 -16.72 -31.56
C THR F 438 -15.47 -16.09 -32.78
N GLU F 439 -14.68 -15.61 -33.73
CA GLU F 439 -15.25 -14.89 -34.85
C GLU F 439 -16.01 -15.78 -35.82
N GLY F 440 -15.91 -17.10 -35.67
CA GLY F 440 -16.47 -18.05 -36.59
C GLY F 440 -17.81 -18.63 -36.24
N TYR F 441 -18.43 -18.18 -35.15
CA TYR F 441 -19.73 -18.70 -34.76
C TYR F 441 -20.42 -17.66 -33.87
N PRO F 442 -21.75 -17.73 -33.74
CA PRO F 442 -22.43 -16.85 -32.79
C PRO F 442 -21.99 -17.17 -31.37
N TRP F 443 -21.53 -16.14 -30.67
CA TRP F 443 -20.85 -16.34 -29.41
C TRP F 443 -21.28 -15.30 -28.39
N ALA F 444 -21.42 -15.73 -27.15
CA ALA F 444 -21.67 -14.84 -26.03
C ALA F 444 -20.87 -15.34 -24.83
N HIS F 445 -20.60 -14.42 -23.92
CA HIS F 445 -19.69 -14.64 -22.80
C HIS F 445 -20.37 -14.20 -21.50
N LEU F 446 -20.39 -15.09 -20.51
CA LEU F 446 -20.98 -14.80 -19.21
C LEU F 446 -19.87 -14.67 -18.18
N ASP F 447 -19.67 -13.44 -17.68
CA ASP F 447 -18.72 -13.19 -16.61
C ASP F 447 -19.47 -13.30 -15.28
N ILE F 448 -19.22 -14.38 -14.56
CA ILE F 448 -19.93 -14.70 -13.33
C ILE F 448 -19.05 -14.51 -12.10
N ALA F 449 -18.00 -13.71 -12.23
CA ALA F 449 -17.05 -13.51 -11.12
C ALA F 449 -17.72 -12.94 -9.88
N GLY F 450 -18.87 -12.29 -10.02
CA GLY F 450 -19.57 -11.75 -8.88
C GLY F 450 -20.76 -12.55 -8.39
N THR F 451 -21.38 -13.31 -9.29
CA THR F 451 -22.62 -14.01 -8.98
C THR F 451 -22.41 -15.47 -8.62
N ALA F 452 -21.23 -16.03 -8.85
CA ALA F 452 -21.04 -17.45 -8.62
C ALA F 452 -20.91 -17.82 -7.15
N TRP F 453 -20.62 -16.88 -6.27
CA TRP F 453 -20.47 -17.22 -4.86
C TRP F 453 -20.77 -16.00 -3.98
N LYS F 454 -20.96 -16.28 -2.69
CA LYS F 454 -21.20 -15.29 -1.64
C LYS F 454 -20.04 -15.36 -0.65
N SER F 455 -19.96 -14.35 0.21
CA SER F 455 -18.88 -14.23 1.19
C SER F 455 -19.45 -14.11 2.60
N GLY F 456 -18.54 -14.00 3.57
CA GLY F 456 -18.97 -13.76 4.92
C GLY F 456 -19.57 -14.99 5.58
N ALA F 457 -20.56 -14.74 6.45
CA ALA F 457 -21.17 -15.82 7.21
C ALA F 457 -21.82 -16.86 6.30
N GLU F 458 -22.29 -16.45 5.13
CA GLU F 458 -22.97 -17.35 4.22
C GLU F 458 -22.07 -17.74 3.05
N LYS F 459 -20.75 -17.71 3.28
CA LYS F 459 -19.79 -17.98 2.21
C LYS F 459 -20.06 -19.34 1.59
N GLY F 460 -20.17 -19.36 0.27
CA GLY F 460 -20.39 -20.59 -0.46
C GLY F 460 -20.74 -20.29 -1.89
N ALA F 461 -20.77 -21.35 -2.69
CA ALA F 461 -21.19 -21.22 -4.08
C ALA F 461 -22.70 -21.02 -4.16
N THR F 462 -23.12 -20.24 -5.16
CA THR F 462 -24.54 -19.95 -5.35
C THR F 462 -25.21 -20.86 -6.38
N GLY F 463 -24.43 -21.45 -7.28
CA GLY F 463 -25.00 -22.21 -8.38
C GLY F 463 -25.42 -21.37 -9.56
N ARG F 464 -25.26 -20.06 -9.51
CA ARG F 464 -25.58 -19.22 -10.65
C ARG F 464 -24.41 -19.21 -11.63
N PRO F 465 -24.67 -19.02 -12.92
CA PRO F 465 -25.96 -18.76 -13.56
C PRO F 465 -26.65 -20.01 -14.10
N VAL F 466 -26.65 -21.14 -13.38
CA VAL F 466 -27.39 -22.31 -13.85
C VAL F 466 -28.85 -21.99 -14.11
N PRO F 467 -29.57 -21.24 -13.26
CA PRO F 467 -30.96 -20.89 -13.61
C PRO F 467 -31.08 -20.17 -14.94
N LEU F 468 -30.20 -19.18 -15.20
CA LEU F 468 -30.23 -18.48 -16.48
C LEU F 468 -29.96 -19.42 -17.65
N LEU F 469 -28.84 -20.15 -17.58
CA LEU F 469 -28.45 -21.01 -18.72
C LEU F 469 -29.50 -22.07 -19.00
N MET F 470 -30.07 -22.69 -17.97
CA MET F 470 -31.03 -23.76 -18.20
C MET F 470 -32.28 -23.22 -18.88
N ASN F 471 -32.70 -22.01 -18.52
CA ASN F 471 -33.86 -21.43 -19.19
C ASN F 471 -33.54 -21.13 -20.66
N TYR F 472 -32.32 -20.67 -20.95
CA TYR F 472 -31.94 -20.44 -22.34
C TYR F 472 -32.09 -21.72 -23.15
N LEU F 473 -31.71 -22.87 -22.57
CA LEU F 473 -31.82 -24.13 -23.31
C LEU F 473 -33.28 -24.51 -23.49
N ARG F 474 -34.11 -24.31 -22.46
CA ARG F 474 -35.52 -24.65 -22.58
C ARG F 474 -36.24 -23.82 -23.64
N ASN F 475 -35.73 -22.63 -23.94
CA ASN F 475 -36.35 -21.72 -24.90
C ASN F 475 -35.71 -21.79 -26.27
N LEU F 476 -34.83 -22.76 -26.49
CA LEU F 476 -34.22 -22.91 -27.81
C LEU F 476 -35.30 -23.23 -28.84
#